data_1DDM
#
_entry.id   1DDM
#
_cell.length_a   1.000
_cell.length_b   1.000
_cell.length_c   1.000
_cell.angle_alpha   90.00
_cell.angle_beta   90.00
_cell.angle_gamma   90.00
#
_symmetry.space_group_name_H-M   'P 1'
#
loop_
_entity.id
_entity.type
_entity.pdbx_description
1 polymer 'NUMB PROTEIN'
2 polymer 'NUMB ASSOCIATE KINASE'
#
loop_
_entity_poly.entity_id
_entity_poly.type
_entity_poly.pdbx_seq_one_letter_code
_entity_poly.pdbx_strand_id
1 'polypeptide(L)'
;HQWQADEEAVRSATCSFSVKYLGCVEVFESRGMQVCEEALKVLRQSRRRPVRGLLHVSGDGLRVVDDETKGLIVDQTIEK
VSFCAPDRNHERGFSYICRDGTTRRWMCHGFLACKDSGERLSHAVGCAFAVCLER
;
A
2 'polypeptide(L)' GFSNMSFEDFP B
#
# COMPACT_ATOMS: atom_id res chain seq x y z
N HIS A 1 -20.93 7.85 7.40
CA HIS A 1 -20.80 8.12 5.98
C HIS A 1 -19.55 7.45 5.40
N GLN A 2 -18.40 8.10 5.56
CA GLN A 2 -17.15 7.56 5.05
C GLN A 2 -16.84 6.21 5.68
N TRP A 3 -16.82 6.17 7.01
CA TRP A 3 -16.55 4.94 7.74
C TRP A 3 -17.72 3.98 7.63
N GLN A 4 -18.90 4.53 7.38
CA GLN A 4 -20.10 3.72 7.24
C GLN A 4 -20.06 2.93 5.93
N ALA A 5 -19.09 3.28 5.08
CA ALA A 5 -18.92 2.62 3.80
C ALA A 5 -17.59 1.88 3.74
N ASP A 6 -16.66 2.30 4.58
CA ASP A 6 -15.34 1.69 4.64
C ASP A 6 -15.34 0.46 5.55
N GLU A 7 -16.35 0.40 6.42
CA GLU A 7 -16.48 -0.71 7.36
C GLU A 7 -16.65 -2.03 6.61
N GLU A 8 -17.49 -2.02 5.58
CA GLU A 8 -17.75 -3.20 4.78
C GLU A 8 -16.90 -3.20 3.51
N ALA A 9 -16.20 -2.10 3.29
CA ALA A 9 -15.36 -1.95 2.11
C ALA A 9 -14.22 -2.96 2.11
N VAL A 10 -13.43 -2.96 3.18
CA VAL A 10 -12.30 -3.88 3.30
C VAL A 10 -12.79 -5.33 3.30
N ARG A 11 -13.94 -5.55 3.92
CA ARG A 11 -14.53 -6.90 3.98
C ARG A 11 -14.84 -7.39 2.57
N SER A 12 -15.11 -6.46 1.66
CA SER A 12 -15.43 -6.80 0.29
C SER A 12 -14.15 -6.94 -0.54
N ALA A 13 -13.73 -5.86 -1.18
CA ALA A 13 -12.52 -5.88 -2.00
C ALA A 13 -12.19 -4.48 -2.54
N THR A 14 -12.48 -3.46 -1.75
CA THR A 14 -12.21 -2.08 -2.15
C THR A 14 -12.51 -1.11 -1.02
N CYS A 15 -11.46 -0.72 -0.29
CA CYS A 15 -11.61 0.20 0.83
C CYS A 15 -10.76 1.44 0.66
N SER A 16 -10.11 1.56 -0.49
CA SER A 16 -9.25 2.71 -0.76
C SER A 16 -9.84 3.59 -1.88
N PHE A 17 -8.97 4.30 -2.59
CA PHE A 17 -9.39 5.19 -3.65
C PHE A 17 -8.27 5.39 -4.67
N SER A 18 -8.45 6.35 -5.58
CA SER A 18 -7.45 6.63 -6.61
C SER A 18 -6.06 6.78 -6.00
N VAL A 19 -5.05 6.21 -6.65
CA VAL A 19 -3.68 6.27 -6.15
C VAL A 19 -2.71 6.65 -7.25
N LYS A 20 -1.43 6.74 -6.89
CA LYS A 20 -0.38 7.10 -7.83
C LYS A 20 0.80 6.16 -7.70
N TYR A 21 0.59 4.89 -8.06
CA TYR A 21 1.64 3.89 -7.99
C TYR A 21 2.84 4.30 -8.84
N LEU A 22 3.88 4.82 -8.18
CA LEU A 22 5.08 5.26 -8.87
C LEU A 22 5.85 4.09 -9.44
N GLY A 23 5.89 2.99 -8.69
CA GLY A 23 6.61 1.80 -9.15
C GLY A 23 7.22 1.03 -8.01
N CYS A 24 8.49 0.67 -8.14
CA CYS A 24 9.20 -0.08 -7.12
C CYS A 24 10.67 0.27 -7.10
N VAL A 25 11.22 0.43 -5.89
CA VAL A 25 12.63 0.76 -5.72
C VAL A 25 13.28 -0.17 -4.70
N GLU A 26 14.61 -0.15 -4.65
CA GLU A 26 15.34 -0.99 -3.71
C GLU A 26 15.71 -0.23 -2.45
N VAL A 27 15.68 -0.92 -1.32
CA VAL A 27 16.01 -0.32 -0.03
C VAL A 27 17.07 -1.14 0.70
N PHE A 28 17.33 -0.79 1.95
CA PHE A 28 18.34 -1.50 2.75
C PHE A 28 17.97 -1.47 4.24
N GLU A 29 16.83 -2.06 4.57
CA GLU A 29 16.39 -2.12 5.96
C GLU A 29 15.22 -3.08 6.12
N SER A 30 14.06 -2.71 5.56
CA SER A 30 12.86 -3.54 5.64
C SER A 30 12.56 -3.91 7.09
N ARG A 31 12.76 -2.97 8.00
CA ARG A 31 12.51 -3.20 9.42
C ARG A 31 12.03 -1.93 10.11
N GLY A 32 11.42 -1.04 9.34
CA GLY A 32 10.93 0.21 9.89
C GLY A 32 9.86 0.85 9.02
N MET A 33 9.10 1.76 9.60
CA MET A 33 8.02 2.44 8.88
C MET A 33 8.56 3.69 8.17
N GLN A 34 9.75 4.13 8.58
CA GLN A 34 10.37 5.31 8.00
C GLN A 34 11.05 4.97 6.67
N VAL A 35 11.29 3.69 6.46
CA VAL A 35 11.92 3.23 5.22
C VAL A 35 11.07 3.58 4.00
N CYS A 36 9.77 3.68 4.22
CA CYS A 36 8.84 4.02 3.14
C CYS A 36 8.82 5.52 2.88
N GLU A 37 9.14 6.29 3.91
CA GLU A 37 9.17 7.75 3.80
C GLU A 37 10.31 8.19 2.90
N GLU A 38 11.25 7.30 2.66
CA GLU A 38 12.40 7.60 1.82
C GLU A 38 12.22 7.05 0.41
N ALA A 39 11.71 5.82 0.33
CA ALA A 39 11.47 5.18 -0.95
C ALA A 39 10.51 6.01 -1.80
N LEU A 40 9.49 6.57 -1.16
CA LEU A 40 8.51 7.39 -1.87
C LEU A 40 9.19 8.55 -2.60
N LYS A 41 10.29 9.03 -2.03
CA LYS A 41 11.02 10.13 -2.64
C LYS A 41 11.84 9.65 -3.83
N VAL A 42 12.42 8.47 -3.70
CA VAL A 42 13.24 7.89 -4.76
C VAL A 42 12.44 7.74 -6.05
N LEU A 43 11.20 7.26 -5.92
CA LEU A 43 10.33 7.08 -7.08
C LEU A 43 9.83 8.42 -7.60
N ARG A 44 9.97 9.45 -6.77
CA ARG A 44 9.56 10.79 -7.14
C ARG A 44 10.66 11.49 -7.92
N GLN A 45 11.85 10.89 -7.90
CA GLN A 45 12.99 11.44 -8.62
C GLN A 45 12.84 11.25 -10.12
N SER A 46 12.81 9.99 -10.55
CA SER A 46 12.66 9.68 -11.97
C SER A 46 12.62 8.17 -12.20
N ARG A 47 12.70 7.78 -13.49
CA ARG A 47 12.68 6.37 -13.88
C ARG A 47 11.30 5.76 -13.66
N ARG A 48 10.95 5.55 -12.40
CA ARG A 48 9.66 4.95 -12.06
C ARG A 48 8.54 5.98 -12.21
N ARG A 49 7.82 5.90 -13.33
CA ARG A 49 6.73 6.83 -13.61
C ARG A 49 5.46 6.43 -12.86
N PRO A 50 4.78 7.40 -12.23
CA PRO A 50 3.54 7.15 -11.48
C PRO A 50 2.39 6.75 -12.39
N VAL A 51 1.41 6.06 -11.83
CA VAL A 51 0.25 5.61 -12.59
C VAL A 51 -1.05 5.98 -11.87
N ARG A 52 -2.06 6.39 -12.64
CA ARG A 52 -3.34 6.78 -12.07
C ARG A 52 -4.30 5.59 -12.06
N GLY A 53 -4.40 4.93 -10.90
CA GLY A 53 -5.28 3.79 -10.77
C GLY A 53 -6.26 3.93 -9.62
N LEU A 54 -6.84 2.80 -9.21
CA LEU A 54 -7.80 2.79 -8.12
C LEU A 54 -7.44 1.71 -7.10
N LEU A 55 -6.86 2.13 -5.99
CA LEU A 55 -6.46 1.20 -4.94
C LEU A 55 -7.69 0.63 -4.25
N HIS A 56 -7.74 -0.71 -4.16
CA HIS A 56 -8.85 -1.40 -3.52
C HIS A 56 -8.36 -2.25 -2.35
N VAL A 57 -8.28 -1.65 -1.17
CA VAL A 57 -7.83 -2.36 0.02
C VAL A 57 -8.78 -3.51 0.37
N SER A 58 -8.46 -4.69 -0.11
CA SER A 58 -9.26 -5.88 0.18
C SER A 58 -8.65 -6.67 1.32
N GLY A 59 -9.50 -7.27 2.14
CA GLY A 59 -9.02 -8.04 3.28
C GLY A 59 -8.14 -9.21 2.88
N ASP A 60 -8.06 -9.47 1.57
CA ASP A 60 -7.25 -10.56 1.06
C ASP A 60 -6.18 -10.04 0.10
N GLY A 61 -5.66 -8.85 0.39
CA GLY A 61 -4.62 -8.27 -0.45
C GLY A 61 -5.12 -7.09 -1.25
N LEU A 62 -4.25 -6.09 -1.43
CA LEU A 62 -4.61 -4.90 -2.18
C LEU A 62 -4.65 -5.19 -3.68
N ARG A 63 -5.27 -4.29 -4.44
CA ARG A 63 -5.38 -4.45 -5.88
C ARG A 63 -5.63 -3.09 -6.54
N VAL A 64 -4.66 -2.64 -7.34
CA VAL A 64 -4.78 -1.35 -8.01
C VAL A 64 -5.22 -1.52 -9.47
N VAL A 65 -6.49 -1.23 -9.72
CA VAL A 65 -7.04 -1.32 -11.07
C VAL A 65 -6.97 0.04 -11.75
N ASP A 66 -6.09 0.17 -12.75
CA ASP A 66 -5.91 1.42 -13.48
C ASP A 66 -7.24 1.99 -13.91
N ASP A 67 -7.38 3.31 -13.80
CA ASP A 67 -8.62 3.98 -14.18
C ASP A 67 -8.50 4.58 -15.58
N GLU A 68 -7.45 4.19 -16.30
CA GLU A 68 -7.22 4.68 -17.65
C GLU A 68 -6.76 3.54 -18.55
N THR A 69 -6.68 2.34 -17.98
CA THR A 69 -6.25 1.16 -18.71
C THR A 69 -6.92 -0.08 -18.16
N LYS A 70 -7.29 -0.02 -16.88
CA LYS A 70 -7.95 -1.14 -16.21
C LYS A 70 -7.18 -2.43 -16.45
N GLY A 71 -5.86 -2.33 -16.51
CA GLY A 71 -5.02 -3.48 -16.74
C GLY A 71 -4.41 -4.02 -15.47
N LEU A 72 -4.64 -3.31 -14.36
CA LEU A 72 -4.10 -3.71 -13.06
C LEU A 72 -2.57 -3.60 -13.05
N ILE A 73 -2.01 -3.32 -11.88
CA ILE A 73 -0.56 -3.17 -11.75
C ILE A 73 -0.05 -3.82 -10.46
N VAL A 74 -0.85 -3.74 -9.40
CA VAL A 74 -0.46 -4.32 -8.12
C VAL A 74 -1.38 -5.47 -7.74
N ASP A 75 -0.94 -6.69 -8.05
CA ASP A 75 -1.71 -7.88 -7.72
C ASP A 75 -1.12 -8.58 -6.50
N GLN A 76 -0.44 -7.81 -5.66
CA GLN A 76 0.19 -8.34 -4.46
C GLN A 76 -0.84 -8.60 -3.36
N THR A 77 -0.35 -8.79 -2.13
CA THR A 77 -1.22 -9.05 -0.99
C THR A 77 -0.71 -8.32 0.25
N ILE A 78 -1.60 -8.10 1.21
CA ILE A 78 -1.25 -7.43 2.45
C ILE A 78 -0.41 -8.34 3.35
N GLU A 79 -0.80 -9.61 3.42
CA GLU A 79 -0.07 -10.58 4.22
C GLU A 79 1.19 -11.04 3.51
N LYS A 80 1.34 -10.61 2.25
CA LYS A 80 2.51 -10.97 1.45
C LYS A 80 3.64 -9.97 1.68
N VAL A 81 3.29 -8.69 1.75
CA VAL A 81 4.28 -7.65 1.98
C VAL A 81 4.75 -7.64 3.43
N SER A 82 5.98 -7.18 3.64
CA SER A 82 6.55 -7.13 4.98
C SER A 82 5.60 -6.43 5.95
N PHE A 83 5.37 -5.15 5.71
CA PHE A 83 4.47 -4.36 6.55
C PHE A 83 4.28 -2.95 5.97
N CYS A 84 3.06 -2.44 6.07
CA CYS A 84 2.75 -1.11 5.55
C CYS A 84 3.45 -0.04 6.37
N ALA A 85 3.47 1.18 5.83
CA ALA A 85 4.12 2.31 6.50
C ALA A 85 3.79 3.63 5.81
N PRO A 86 3.26 4.61 6.55
CA PRO A 86 2.91 5.92 6.01
C PRO A 86 4.11 6.86 5.93
N ASP A 87 3.84 8.16 5.87
CA ASP A 87 4.89 9.16 5.79
C ASP A 87 4.66 10.26 6.82
N ARG A 88 5.56 11.24 6.83
CA ARG A 88 5.45 12.36 7.77
C ARG A 88 5.61 13.70 7.05
N ASN A 89 5.37 13.68 5.74
CA ASN A 89 5.47 14.88 4.93
C ASN A 89 4.16 15.64 4.90
N HIS A 90 3.11 14.97 4.45
CA HIS A 90 1.78 15.58 4.37
C HIS A 90 0.69 14.52 4.44
N GLU A 91 1.06 13.31 4.86
CA GLU A 91 0.13 12.20 4.98
C GLU A 91 -0.57 11.92 3.65
N ARG A 92 0.04 12.35 2.56
CA ARG A 92 -0.53 12.13 1.23
C ARG A 92 0.31 11.13 0.44
N GLY A 93 1.14 10.37 1.16
CA GLY A 93 1.99 9.39 0.52
C GLY A 93 2.26 8.19 1.40
N PHE A 94 1.93 7.00 0.88
CA PHE A 94 2.14 5.76 1.62
C PHE A 94 2.95 4.78 0.79
N SER A 95 3.47 3.74 1.43
CA SER A 95 4.27 2.74 0.74
C SER A 95 4.42 1.46 1.57
N TYR A 96 4.73 0.36 0.90
CA TYR A 96 4.92 -0.92 1.56
C TYR A 96 6.22 -1.56 1.09
N ILE A 97 6.85 -2.34 1.96
CA ILE A 97 8.12 -2.99 1.64
C ILE A 97 7.94 -4.48 1.42
N CYS A 98 8.80 -5.05 0.57
CA CYS A 98 8.76 -6.48 0.28
C CYS A 98 10.17 -7.01 0.03
N ARG A 99 10.76 -7.64 1.04
CA ARG A 99 12.11 -8.17 0.93
C ARG A 99 12.14 -9.41 0.04
N ASP A 100 13.11 -10.28 0.28
CA ASP A 100 13.27 -11.50 -0.51
C ASP A 100 12.02 -12.38 -0.45
N GLY A 101 12.09 -13.53 -1.12
CA GLY A 101 10.95 -14.42 -1.18
C GLY A 101 10.18 -14.24 -2.47
N THR A 102 10.62 -13.27 -3.26
CA THR A 102 9.99 -12.97 -4.54
C THR A 102 10.83 -11.96 -5.32
N THR A 103 11.83 -11.39 -4.65
CA THR A 103 12.70 -10.39 -5.26
C THR A 103 14.16 -10.68 -4.95
N ARG A 104 14.40 -11.68 -4.10
CA ARG A 104 15.77 -12.06 -3.72
C ARG A 104 16.51 -10.89 -3.09
N ARG A 105 15.77 -9.87 -2.67
CA ARG A 105 16.35 -8.69 -2.04
C ARG A 105 15.28 -7.78 -1.48
N TRP A 106 15.69 -6.66 -0.89
CA TRP A 106 14.75 -5.71 -0.31
C TRP A 106 14.25 -4.73 -1.36
N MET A 107 12.95 -4.81 -1.66
CA MET A 107 12.33 -3.93 -2.64
C MET A 107 11.04 -3.34 -2.09
N CYS A 108 11.03 -2.01 -1.93
CA CYS A 108 9.86 -1.32 -1.40
C CYS A 108 9.14 -0.52 -2.48
N HIS A 109 7.84 -0.73 -2.58
CA HIS A 109 7.03 -0.02 -3.57
C HIS A 109 6.35 1.20 -2.93
N GLY A 110 6.27 2.30 -3.69
CA GLY A 110 5.69 3.51 -3.16
C GLY A 110 4.53 4.03 -4.00
N PHE A 111 3.66 4.82 -3.37
CA PHE A 111 2.52 5.41 -4.05
C PHE A 111 1.98 6.60 -3.26
N LEU A 112 1.03 7.32 -3.84
CA LEU A 112 0.45 8.48 -3.19
C LEU A 112 -1.06 8.53 -3.39
N ALA A 113 -1.77 9.08 -2.40
CA ALA A 113 -3.22 9.18 -2.47
C ALA A 113 -3.65 10.35 -3.36
N CYS A 114 -4.41 10.05 -4.40
CA CYS A 114 -4.90 11.07 -5.33
C CYS A 114 -6.13 11.77 -4.77
N LYS A 115 -6.44 11.49 -3.51
CA LYS A 115 -7.59 12.09 -2.85
C LYS A 115 -7.17 13.22 -1.91
N ASP A 116 -5.96 13.10 -1.38
CA ASP A 116 -5.42 14.10 -0.47
C ASP A 116 -6.35 14.30 0.73
N SER A 117 -6.23 13.41 1.71
CA SER A 117 -7.06 13.49 2.91
C SER A 117 -6.43 12.69 4.06
N GLY A 118 -5.76 11.60 3.71
CA GLY A 118 -5.12 10.78 4.72
C GLY A 118 -6.13 10.04 5.58
N GLU A 119 -7.22 9.59 4.97
CA GLU A 119 -8.26 8.87 5.70
C GLU A 119 -9.00 7.91 4.78
N ARG A 120 -9.11 8.27 3.51
CA ARG A 120 -9.80 7.43 2.53
C ARG A 120 -8.96 6.21 2.15
N LEU A 121 -7.68 6.24 2.56
CA LEU A 121 -6.77 5.14 2.25
C LEU A 121 -5.95 4.77 3.48
N SER A 122 -5.45 5.77 4.19
CA SER A 122 -4.63 5.55 5.37
C SER A 122 -5.36 4.71 6.41
N HIS A 123 -6.31 5.33 7.12
CA HIS A 123 -7.07 4.64 8.15
C HIS A 123 -7.74 3.39 7.61
N ALA A 124 -8.07 3.41 6.31
CA ALA A 124 -8.71 2.27 5.68
C ALA A 124 -7.83 1.03 5.75
N VAL A 125 -6.55 1.20 5.40
CA VAL A 125 -5.60 0.10 5.43
C VAL A 125 -5.30 -0.33 6.87
N GLY A 126 -5.26 0.65 7.76
CA GLY A 126 -4.99 0.37 9.17
C GLY A 126 -6.07 -0.50 9.79
N CYS A 127 -7.17 -0.68 9.07
CA CYS A 127 -8.26 -1.51 9.55
C CYS A 127 -8.33 -2.82 8.76
N ALA A 128 -7.65 -2.85 7.61
CA ALA A 128 -7.63 -4.02 6.76
C ALA A 128 -6.97 -5.20 7.47
N PHE A 129 -5.78 -4.98 8.00
CA PHE A 129 -5.04 -6.03 8.69
C PHE A 129 -5.82 -6.53 9.92
N ALA A 130 -6.47 -5.60 10.62
CA ALA A 130 -7.25 -5.95 11.80
C ALA A 130 -8.34 -6.96 11.45
N VAL A 131 -8.77 -6.93 10.20
CA VAL A 131 -9.81 -7.85 9.73
C VAL A 131 -9.18 -9.05 9.02
N CYS A 132 -7.96 -8.88 8.55
CA CYS A 132 -7.24 -9.95 7.85
C CYS A 132 -6.95 -11.11 8.80
N LEU A 133 -6.78 -10.80 10.08
CA LEU A 133 -6.50 -11.81 11.09
C LEU A 133 -7.73 -12.09 11.96
N GLU A 134 -8.91 -11.91 11.37
CA GLU A 134 -10.16 -12.13 12.09
C GLU A 134 -10.35 -13.61 12.39
N ARG A 135 -9.80 -14.46 11.52
CA ARG A 135 -9.91 -15.91 11.70
C ARG A 135 -8.57 -16.50 12.12
N GLY B 1 1.15 5.73 11.18
CA GLY B 1 2.18 4.77 11.65
C GLY B 1 1.59 3.42 12.03
N PHE B 2 1.35 2.59 11.02
CA PHE B 2 0.79 1.26 11.23
C PHE B 2 1.50 0.22 10.36
N SER B 3 1.09 -1.03 10.52
CA SER B 3 1.68 -2.13 9.75
C SER B 3 0.86 -3.40 9.91
N ASN B 4 0.78 -4.20 8.85
CA ASN B 4 0.01 -5.44 8.87
C ASN B 4 0.55 -6.39 9.94
N MET B 5 -0.31 -7.28 10.42
CA MET B 5 0.07 -8.25 11.44
C MET B 5 -0.30 -9.67 11.04
N SER B 6 -1.17 -9.79 10.04
CA SER B 6 -1.61 -11.09 9.56
C SER B 6 -0.63 -11.66 8.54
N PHE B 7 0.61 -11.16 8.58
CA PHE B 7 1.64 -11.62 7.66
C PHE B 7 1.96 -13.09 7.88
N GLU B 8 2.55 -13.73 6.87
CA GLU B 8 2.92 -15.14 6.95
C GLU B 8 4.35 -15.30 7.47
N ASP B 9 4.99 -14.18 7.77
CA ASP B 9 6.36 -14.18 8.27
C ASP B 9 7.30 -14.85 7.29
N PHE B 10 7.74 -14.09 6.28
CA PHE B 10 8.65 -14.62 5.26
C PHE B 10 10.07 -14.75 5.83
N PRO B 11 10.86 -15.70 5.31
CA PRO B 11 12.24 -15.93 5.77
C PRO B 11 13.08 -14.66 5.70
N HIS A 1 -21.83 8.24 4.76
CA HIS A 1 -22.13 7.95 3.37
C HIS A 1 -20.98 7.17 2.72
N GLN A 2 -19.83 7.81 2.62
CA GLN A 2 -18.65 7.17 2.02
C GLN A 2 -17.98 6.23 3.00
N TRP A 3 -17.93 6.64 4.27
CA TRP A 3 -17.31 5.84 5.32
C TRP A 3 -18.20 4.66 5.68
N GLN A 4 -19.51 4.86 5.56
CA GLN A 4 -20.46 3.81 5.88
C GLN A 4 -20.35 2.65 4.89
N ALA A 5 -19.58 2.87 3.83
CA ALA A 5 -19.39 1.85 2.81
C ALA A 5 -17.95 1.35 2.79
N ASP A 6 -17.05 2.16 3.35
CA ASP A 6 -15.63 1.81 3.41
C ASP A 6 -15.36 0.82 4.53
N GLU A 7 -16.20 0.86 5.57
CA GLU A 7 -16.05 -0.04 6.70
C GLU A 7 -16.19 -1.49 6.26
N GLU A 8 -17.22 -1.78 5.47
CA GLU A 8 -17.47 -3.12 4.97
C GLU A 8 -16.62 -3.41 3.74
N ALA A 9 -16.08 -2.35 3.14
CA ALA A 9 -15.26 -2.48 1.95
C ALA A 9 -14.11 -3.47 2.16
N VAL A 10 -13.36 -3.26 3.24
CA VAL A 10 -12.24 -4.14 3.56
C VAL A 10 -12.72 -5.56 3.80
N ARG A 11 -13.82 -5.69 4.54
CA ARG A 11 -14.40 -6.99 4.83
C ARG A 11 -14.69 -7.75 3.54
N SER A 12 -15.07 -7.00 2.51
CA SER A 12 -15.36 -7.59 1.21
C SER A 12 -14.07 -7.91 0.47
N ALA A 13 -13.60 -6.96 -0.35
CA ALA A 13 -12.36 -7.16 -1.10
C ALA A 13 -12.05 -5.94 -1.96
N THR A 14 -12.37 -4.74 -1.47
CA THR A 14 -12.11 -3.51 -2.21
C THR A 14 -12.39 -2.28 -1.37
N CYS A 15 -11.33 -1.67 -0.84
CA CYS A 15 -11.45 -0.46 -0.05
C CYS A 15 -10.57 0.65 -0.64
N SER A 16 -10.07 1.54 0.22
CA SER A 16 -9.20 2.64 -0.21
C SER A 16 -9.84 3.46 -1.33
N PHE A 17 -8.99 4.08 -2.15
CA PHE A 17 -9.46 4.92 -3.25
C PHE A 17 -8.38 5.08 -4.30
N SER A 18 -8.58 6.01 -5.23
CA SER A 18 -7.63 6.25 -6.31
C SER A 18 -6.22 6.49 -5.78
N VAL A 19 -5.22 6.00 -6.50
CA VAL A 19 -3.83 6.16 -6.10
C VAL A 19 -2.96 6.52 -7.30
N LYS A 20 -1.65 6.53 -7.10
CA LYS A 20 -0.71 6.85 -8.17
C LYS A 20 0.54 5.98 -8.07
N TYR A 21 0.51 4.83 -8.73
CA TYR A 21 1.63 3.90 -8.72
C TYR A 21 2.89 4.56 -9.26
N LEU A 22 3.84 4.84 -8.35
CA LEU A 22 5.09 5.48 -8.73
C LEU A 22 5.97 4.51 -9.54
N GLY A 23 6.32 3.40 -8.92
CA GLY A 23 7.15 2.41 -9.59
C GLY A 23 7.70 1.36 -8.64
N CYS A 24 8.99 1.07 -8.76
CA CYS A 24 9.64 0.08 -7.91
C CYS A 24 11.12 0.39 -7.74
N VAL A 25 11.60 0.39 -6.50
CA VAL A 25 12.99 0.65 -6.21
C VAL A 25 13.55 -0.37 -5.21
N GLU A 26 14.87 -0.43 -5.10
CA GLU A 26 15.52 -1.36 -4.19
C GLU A 26 15.97 -0.65 -2.91
N VAL A 27 15.72 -1.28 -1.78
CA VAL A 27 16.11 -0.73 -0.49
C VAL A 27 16.65 -1.81 0.44
N PHE A 28 17.69 -1.47 1.19
CA PHE A 28 18.30 -2.42 2.11
C PHE A 28 17.86 -2.14 3.56
N GLU A 29 16.57 -2.32 3.83
CA GLU A 29 16.03 -2.09 5.16
C GLU A 29 14.86 -3.02 5.44
N SER A 30 13.68 -2.65 4.95
CA SER A 30 12.47 -3.44 5.16
C SER A 30 12.32 -3.83 6.63
N ARG A 31 12.49 -2.85 7.51
CA ARG A 31 12.38 -3.08 8.95
C ARG A 31 11.90 -1.82 9.65
N GLY A 32 10.63 -1.48 9.45
CA GLY A 32 10.06 -0.29 10.06
C GLY A 32 9.06 0.41 9.15
N MET A 33 8.48 1.50 9.64
CA MET A 33 7.51 2.26 8.86
C MET A 33 8.15 3.49 8.25
N GLN A 34 9.39 3.76 8.63
CA GLN A 34 10.13 4.91 8.11
C GLN A 34 10.76 4.60 6.75
N VAL A 35 10.41 3.44 6.20
CA VAL A 35 10.95 3.02 4.91
C VAL A 35 10.23 3.71 3.75
N CYS A 36 9.03 4.23 4.03
CA CYS A 36 8.24 4.92 3.02
C CYS A 36 8.68 6.37 2.87
N GLU A 37 9.04 6.98 4.00
CA GLU A 37 9.47 8.38 4.00
C GLU A 37 10.80 8.54 3.25
N GLU A 38 11.38 7.42 2.82
CA GLU A 38 12.64 7.44 2.10
C GLU A 38 12.48 6.84 0.70
N ALA A 39 11.95 5.62 0.64
CA ALA A 39 11.75 4.92 -0.62
C ALA A 39 10.86 5.73 -1.56
N LEU A 40 9.69 6.13 -1.07
CA LEU A 40 8.75 6.90 -1.88
C LEU A 40 9.41 8.17 -2.40
N LYS A 41 10.28 8.76 -1.57
CA LYS A 41 10.99 9.97 -1.95
C LYS A 41 11.91 9.71 -3.15
N VAL A 42 12.53 8.53 -3.16
CA VAL A 42 13.42 8.14 -4.26
C VAL A 42 12.65 8.08 -5.58
N LEU A 43 11.48 7.46 -5.54
CA LEU A 43 10.65 7.32 -6.73
C LEU A 43 10.23 8.70 -7.24
N ARG A 44 9.96 9.61 -6.31
CA ARG A 44 9.57 10.97 -6.66
C ARG A 44 10.75 11.74 -7.24
N GLN A 45 11.96 11.37 -6.81
CA GLN A 45 13.17 12.02 -7.27
C GLN A 45 13.81 11.26 -8.43
N SER A 46 13.16 10.18 -8.85
CA SER A 46 13.67 9.36 -9.94
C SER A 46 12.80 9.52 -11.19
N ARG A 47 12.95 8.59 -12.13
CA ARG A 47 12.19 8.63 -13.37
C ARG A 47 10.95 7.74 -13.28
N ARG A 48 10.60 7.37 -12.06
CA ARG A 48 9.43 6.52 -11.82
C ARG A 48 8.15 7.26 -12.18
N ARG A 49 7.59 6.94 -13.35
CA ARG A 49 6.36 7.57 -13.82
C ARG A 49 5.15 7.07 -13.03
N PRO A 50 4.35 7.98 -12.45
CA PRO A 50 3.16 7.61 -11.69
C PRO A 50 1.98 7.25 -12.58
N VAL A 51 1.07 6.42 -12.06
CA VAL A 51 -0.10 6.00 -12.81
C VAL A 51 -1.38 6.20 -12.01
N ARG A 52 -2.30 6.99 -12.56
CA ARG A 52 -3.56 7.26 -11.88
C ARG A 52 -4.53 6.09 -12.04
N GLY A 53 -4.76 5.38 -10.94
CA GLY A 53 -5.66 4.24 -10.97
C GLY A 53 -6.56 4.17 -9.75
N LEU A 54 -6.98 2.96 -9.40
CA LEU A 54 -7.84 2.75 -8.24
C LEU A 54 -7.27 1.67 -7.33
N LEU A 55 -7.11 2.00 -6.06
CA LEU A 55 -6.59 1.07 -5.07
C LEU A 55 -7.72 0.50 -4.22
N HIS A 56 -7.94 -0.80 -4.32
CA HIS A 56 -8.99 -1.46 -3.54
C HIS A 56 -8.39 -2.29 -2.42
N VAL A 57 -8.27 -1.70 -1.24
CA VAL A 57 -7.72 -2.41 -0.09
C VAL A 57 -8.58 -3.63 0.25
N SER A 58 -8.17 -4.78 -0.26
CA SER A 58 -8.89 -6.02 -0.02
C SER A 58 -8.27 -6.76 1.15
N GLY A 59 -9.10 -7.16 2.10
CA GLY A 59 -8.61 -7.85 3.28
C GLY A 59 -8.01 -9.21 2.97
N ASP A 60 -7.89 -9.54 1.70
CA ASP A 60 -7.31 -10.80 1.27
C ASP A 60 -6.32 -10.60 0.12
N GLY A 61 -5.72 -9.42 0.08
CA GLY A 61 -4.77 -9.12 -0.98
C GLY A 61 -5.11 -7.84 -1.72
N LEU A 62 -4.34 -6.80 -1.47
CA LEU A 62 -4.58 -5.50 -2.12
C LEU A 62 -4.45 -5.60 -3.63
N ARG A 63 -5.19 -4.75 -4.33
CA ARG A 63 -5.17 -4.72 -5.79
C ARG A 63 -5.27 -3.28 -6.31
N VAL A 64 -4.69 -3.04 -7.48
CA VAL A 64 -4.72 -1.70 -8.06
C VAL A 64 -4.93 -1.76 -9.58
N VAL A 65 -6.10 -1.32 -10.02
CA VAL A 65 -6.44 -1.30 -11.45
C VAL A 65 -6.35 0.10 -12.01
N ASP A 66 -5.57 0.27 -13.08
CA ASP A 66 -5.39 1.56 -13.72
C ASP A 66 -6.74 2.17 -14.08
N ASP A 67 -6.81 3.50 -14.11
CA ASP A 67 -8.05 4.20 -14.44
C ASP A 67 -8.00 4.77 -15.86
N GLU A 68 -6.96 4.39 -16.60
CA GLU A 68 -6.79 4.84 -17.98
C GLU A 68 -6.50 3.66 -18.89
N THR A 69 -6.36 2.49 -18.28
CA THR A 69 -6.09 1.26 -19.01
C THR A 69 -6.86 0.10 -18.38
N LYS A 70 -7.24 0.29 -17.12
CA LYS A 70 -8.00 -0.73 -16.38
C LYS A 70 -7.31 -2.08 -16.45
N GLY A 71 -5.98 -2.07 -16.42
CA GLY A 71 -5.21 -3.30 -16.46
C GLY A 71 -4.93 -3.86 -15.09
N LEU A 72 -3.67 -3.85 -14.70
CA LEU A 72 -3.24 -4.34 -13.39
C LEU A 72 -1.79 -3.98 -13.12
N ILE A 73 -1.56 -3.21 -12.05
CA ILE A 73 -0.21 -2.80 -11.70
C ILE A 73 0.23 -3.42 -10.37
N VAL A 74 -0.61 -3.29 -9.35
CA VAL A 74 -0.31 -3.84 -8.03
C VAL A 74 -1.27 -4.98 -7.67
N ASP A 75 -0.76 -6.20 -7.73
CA ASP A 75 -1.56 -7.37 -7.40
C ASP A 75 -0.94 -8.13 -6.21
N GLN A 76 -0.35 -7.37 -5.29
CA GLN A 76 0.28 -7.95 -4.11
C GLN A 76 -0.76 -8.45 -3.12
N THR A 77 -0.32 -8.74 -1.90
CA THR A 77 -1.21 -9.23 -0.85
C THR A 77 -0.79 -8.69 0.51
N ILE A 78 -1.75 -8.62 1.43
CA ILE A 78 -1.48 -8.12 2.78
C ILE A 78 -0.51 -9.05 3.52
N GLU A 79 -0.83 -10.33 3.57
CA GLU A 79 0.00 -11.31 4.23
C GLU A 79 1.30 -11.52 3.46
N LYS A 80 1.38 -10.95 2.26
CA LYS A 80 2.56 -11.08 1.43
C LYS A 80 3.59 -10.01 1.77
N VAL A 81 3.15 -8.76 1.80
CA VAL A 81 4.05 -7.65 2.12
C VAL A 81 4.48 -7.70 3.58
N SER A 82 5.71 -7.29 3.83
CA SER A 82 6.26 -7.28 5.19
C SER A 82 5.33 -6.52 6.14
N PHE A 83 5.17 -5.23 5.89
CA PHE A 83 4.30 -4.39 6.71
C PHE A 83 4.03 -3.05 6.02
N CYS A 84 2.81 -2.55 6.17
CA CYS A 84 2.42 -1.29 5.56
C CYS A 84 3.08 -0.12 6.27
N ALA A 85 3.06 1.05 5.63
CA ALA A 85 3.66 2.26 6.19
C ALA A 85 3.26 3.49 5.39
N PRO A 86 2.30 4.27 5.89
CA PRO A 86 1.82 5.48 5.20
C PRO A 86 2.88 6.58 5.17
N ASP A 87 2.86 7.44 6.18
CA ASP A 87 3.82 8.54 6.29
C ASP A 87 3.68 9.26 7.62
N ARG A 88 4.24 10.46 7.70
CA ARG A 88 4.18 11.25 8.92
C ARG A 88 2.83 11.99 9.00
N ASN A 89 2.74 13.14 8.35
CA ASN A 89 1.50 13.93 8.36
C ASN A 89 1.63 15.15 7.45
N HIS A 90 2.12 14.93 6.24
CA HIS A 90 2.30 16.02 5.28
C HIS A 90 2.61 15.49 3.88
N GLU A 91 3.03 14.23 3.81
CA GLU A 91 3.38 13.61 2.54
C GLU A 91 2.14 13.09 1.82
N ARG A 92 1.16 12.63 2.60
CA ARG A 92 -0.08 12.10 2.04
C ARG A 92 0.20 10.91 1.12
N GLY A 93 1.41 10.37 1.22
CA GLY A 93 1.79 9.23 0.40
C GLY A 93 2.03 7.98 1.22
N PHE A 94 1.91 6.82 0.58
CA PHE A 94 2.11 5.54 1.26
C PHE A 94 3.06 4.65 0.46
N SER A 95 3.68 3.70 1.16
CA SER A 95 4.61 2.77 0.52
C SER A 95 4.67 1.45 1.27
N TYR A 96 4.68 0.36 0.51
CA TYR A 96 4.74 -0.98 1.10
C TYR A 96 6.04 -1.67 0.73
N ILE A 97 6.58 -2.46 1.66
CA ILE A 97 7.83 -3.16 1.44
C ILE A 97 7.63 -4.66 1.30
N CYS A 98 8.59 -5.31 0.65
CA CYS A 98 8.54 -6.76 0.43
C CYS A 98 9.92 -7.31 0.11
N ARG A 99 10.28 -8.43 0.72
CA ARG A 99 11.58 -9.04 0.51
C ARG A 99 11.55 -10.01 -0.66
N ASP A 100 12.41 -11.03 -0.63
CA ASP A 100 12.50 -12.02 -1.70
C ASP A 100 11.22 -12.85 -1.80
N GLY A 101 11.35 -14.10 -2.23
CA GLY A 101 10.19 -14.94 -2.43
C GLY A 101 9.56 -14.70 -3.78
N THR A 102 10.05 -13.66 -4.44
CA THR A 102 9.56 -13.28 -5.77
C THR A 102 10.55 -12.35 -6.45
N THR A 103 11.09 -11.41 -5.68
CA THR A 103 12.06 -10.46 -6.20
C THR A 103 13.49 -10.92 -5.91
N ARG A 104 13.61 -11.94 -5.06
CA ARG A 104 14.91 -12.47 -4.69
C ARG A 104 15.74 -11.43 -3.95
N ARG A 105 15.06 -10.43 -3.40
CA ARG A 105 15.73 -9.36 -2.66
C ARG A 105 14.70 -8.42 -2.02
N TRP A 106 15.18 -7.49 -1.21
CA TRP A 106 14.30 -6.54 -0.54
C TRP A 106 14.01 -5.33 -1.42
N MET A 107 12.81 -5.28 -1.98
CA MET A 107 12.40 -4.17 -2.82
C MET A 107 11.15 -3.50 -2.26
N CYS A 108 11.12 -2.17 -2.32
CA CYS A 108 9.99 -1.41 -1.81
C CYS A 108 9.31 -0.62 -2.92
N HIS A 109 7.98 -0.55 -2.87
CA HIS A 109 7.21 0.18 -3.85
C HIS A 109 6.58 1.42 -3.24
N GLY A 110 6.37 2.44 -4.05
CA GLY A 110 5.78 3.67 -3.55
C GLY A 110 4.59 4.13 -4.38
N PHE A 111 3.72 4.91 -3.76
CA PHE A 111 2.53 5.41 -4.44
C PHE A 111 1.81 6.46 -3.59
N LEU A 112 1.46 7.58 -4.22
CA LEU A 112 0.78 8.66 -3.51
C LEU A 112 -0.73 8.53 -3.66
N ALA A 113 -1.47 9.39 -2.96
CA ALA A 113 -2.93 9.37 -3.01
C ALA A 113 -3.45 10.42 -3.98
N CYS A 114 -4.39 10.03 -4.82
CA CYS A 114 -4.98 10.94 -5.80
C CYS A 114 -5.89 11.95 -5.11
N LYS A 115 -6.40 11.57 -3.94
CA LYS A 115 -7.30 12.44 -3.19
C LYS A 115 -6.51 13.47 -2.38
N ASP A 116 -5.28 13.11 -2.02
CA ASP A 116 -4.42 14.00 -1.24
C ASP A 116 -5.11 14.43 0.05
N SER A 117 -5.00 13.60 1.08
CA SER A 117 -5.60 13.89 2.37
C SER A 117 -5.12 12.92 3.44
N GLY A 118 -4.95 11.65 3.05
CA GLY A 118 -4.49 10.64 3.97
C GLY A 118 -5.57 10.19 4.93
N GLU A 119 -6.83 10.31 4.49
CA GLU A 119 -7.96 9.92 5.32
C GLU A 119 -8.94 9.06 4.53
N ARG A 120 -8.93 9.20 3.21
CA ARG A 120 -9.81 8.45 2.34
C ARG A 120 -9.22 7.09 1.98
N LEU A 121 -7.91 6.95 2.17
CA LEU A 121 -7.23 5.70 1.84
C LEU A 121 -6.46 5.17 3.04
N SER A 122 -5.68 6.03 3.68
CA SER A 122 -4.89 5.65 4.84
C SER A 122 -5.76 5.10 5.97
N HIS A 123 -6.85 5.81 6.26
CA HIS A 123 -7.77 5.41 7.31
C HIS A 123 -8.62 4.22 6.89
N ALA A 124 -8.40 3.74 5.68
CA ALA A 124 -9.14 2.60 5.15
C ALA A 124 -8.33 1.32 5.24
N VAL A 125 -7.07 1.38 4.82
CA VAL A 125 -6.19 0.23 4.86
C VAL A 125 -5.79 -0.12 6.29
N GLY A 126 -5.92 0.86 7.19
CA GLY A 126 -5.56 0.65 8.57
C GLY A 126 -6.51 -0.31 9.27
N CYS A 127 -7.65 -0.57 8.65
CA CYS A 127 -8.64 -1.49 9.22
C CYS A 127 -8.60 -2.84 8.53
N ALA A 128 -7.70 -2.98 7.57
CA ALA A 128 -7.56 -4.24 6.82
C ALA A 128 -6.79 -5.26 7.64
N PHE A 129 -5.72 -4.82 8.30
CA PHE A 129 -4.90 -5.70 9.12
C PHE A 129 -5.73 -6.31 10.24
N ALA A 130 -6.63 -5.51 10.80
CA ALA A 130 -7.50 -5.95 11.89
C ALA A 130 -8.26 -7.22 11.52
N VAL A 131 -8.62 -7.33 10.24
CA VAL A 131 -9.38 -8.47 9.74
C VAL A 131 -8.44 -9.56 9.22
N CYS A 132 -7.16 -9.22 9.09
CA CYS A 132 -6.16 -10.15 8.60
C CYS A 132 -5.63 -11.04 9.72
N LEU A 133 -5.87 -10.64 10.96
CA LEU A 133 -5.42 -11.39 12.12
C LEU A 133 -6.57 -11.76 13.04
N GLU A 134 -7.67 -12.21 12.46
CA GLU A 134 -8.85 -12.59 13.23
C GLU A 134 -8.53 -13.76 14.16
N ARG A 135 -7.58 -14.60 13.74
CA ARG A 135 -7.16 -15.74 14.53
C ARG A 135 -5.84 -15.46 15.23
N GLY B 1 0.85 6.28 11.08
CA GLY B 1 1.88 5.27 10.73
C GLY B 1 1.55 3.90 11.30
N PHE B 2 0.98 3.04 10.46
CA PHE B 2 0.61 1.69 10.88
C PHE B 2 1.39 0.65 10.07
N SER B 3 1.20 -0.62 10.41
CA SER B 3 1.89 -1.71 9.71
C SER B 3 1.16 -3.03 9.93
N ASN B 4 1.15 -3.87 8.90
CA ASN B 4 0.50 -5.17 8.98
C ASN B 4 1.15 -6.05 10.04
N MET B 5 0.48 -6.21 11.17
CA MET B 5 0.99 -7.03 12.26
C MET B 5 0.56 -8.48 12.10
N SER B 6 -0.33 -8.72 11.15
CA SER B 6 -0.84 -10.07 10.89
C SER B 6 0.13 -10.86 10.03
N PHE B 7 1.34 -10.33 9.86
CA PHE B 7 2.37 -11.00 9.06
C PHE B 7 2.65 -12.40 9.57
N GLU B 8 2.88 -13.33 8.65
CA GLU B 8 3.16 -14.71 9.02
C GLU B 8 4.64 -14.91 9.32
N ASP B 9 5.36 -13.80 9.41
CA ASP B 9 6.80 -13.83 9.70
C ASP B 9 7.54 -14.69 8.68
N PHE B 10 7.78 -14.13 7.50
CA PHE B 10 8.48 -14.84 6.44
C PHE B 10 9.90 -15.20 6.88
N PRO B 11 10.36 -16.42 6.54
CA PRO B 11 11.71 -16.87 6.89
C PRO B 11 12.80 -15.95 6.38
N HIS A 1 -22.51 6.73 8.41
CA HIS A 1 -22.72 7.45 7.15
C HIS A 1 -21.41 7.66 6.40
N GLN A 2 -20.40 6.88 6.77
CA GLN A 2 -19.09 6.97 6.14
C GLN A 2 -18.26 5.72 6.43
N TRP A 3 -17.84 5.58 7.67
CA TRP A 3 -17.05 4.42 8.08
C TRP A 3 -17.86 3.14 7.96
N GLN A 4 -19.17 3.26 8.10
CA GLN A 4 -20.05 2.11 8.01
C GLN A 4 -20.07 1.57 6.59
N ALA A 5 -19.49 2.33 5.66
CA ALA A 5 -19.43 1.93 4.26
C ALA A 5 -18.01 1.53 3.87
N ASP A 6 -17.04 2.03 4.62
CA ASP A 6 -15.63 1.72 4.36
C ASP A 6 -15.22 0.43 5.06
N GLU A 7 -15.89 0.12 6.17
CA GLU A 7 -15.60 -1.10 6.92
C GLU A 7 -15.99 -2.33 6.12
N GLU A 8 -17.20 -2.30 5.56
CA GLU A 8 -17.69 -3.41 4.75
C GLU A 8 -16.94 -3.49 3.43
N ALA A 9 -16.42 -2.34 2.99
CA ALA A 9 -15.66 -2.27 1.75
C ALA A 9 -14.45 -3.19 1.80
N VAL A 10 -13.69 -3.11 2.89
CA VAL A 10 -12.52 -3.96 3.08
C VAL A 10 -12.93 -5.42 3.06
N ARG A 11 -14.09 -5.73 3.62
CA ARG A 11 -14.61 -7.09 3.64
C ARG A 11 -14.91 -7.54 2.21
N SER A 12 -15.41 -6.62 1.40
CA SER A 12 -15.73 -6.92 0.01
C SER A 12 -14.45 -6.99 -0.82
N ALA A 13 -13.32 -6.66 -0.19
CA ALA A 13 -12.02 -6.70 -0.83
C ALA A 13 -11.89 -5.58 -1.86
N THR A 14 -12.26 -4.36 -1.47
CA THR A 14 -12.16 -3.21 -2.35
C THR A 14 -12.48 -1.92 -1.62
N CYS A 15 -11.46 -1.33 -0.98
CA CYS A 15 -11.62 -0.08 -0.27
C CYS A 15 -10.71 0.99 -0.87
N SER A 16 -10.25 1.93 -0.03
CA SER A 16 -9.36 2.99 -0.48
C SER A 16 -9.98 3.81 -1.61
N PHE A 17 -9.12 4.42 -2.43
CA PHE A 17 -9.57 5.26 -3.54
C PHE A 17 -8.46 5.39 -4.58
N SER A 18 -8.67 6.28 -5.56
CA SER A 18 -7.68 6.49 -6.62
C SER A 18 -6.30 6.78 -6.03
N VAL A 19 -5.26 6.48 -6.81
CA VAL A 19 -3.90 6.70 -6.36
C VAL A 19 -2.97 7.04 -7.52
N LYS A 20 -1.67 7.06 -7.24
CA LYS A 20 -0.65 7.35 -8.25
C LYS A 20 0.57 6.47 -8.05
N TYR A 21 0.48 5.22 -8.51
CA TYR A 21 1.58 4.27 -8.36
C TYR A 21 2.86 4.80 -8.99
N LEU A 22 3.81 5.17 -8.14
CA LEU A 22 5.09 5.69 -8.60
C LEU A 22 5.93 4.59 -9.25
N GLY A 23 6.08 3.48 -8.53
CA GLY A 23 6.87 2.37 -9.06
C GLY A 23 7.48 1.52 -7.97
N CYS A 24 8.77 1.24 -8.09
CA CYS A 24 9.49 0.44 -7.11
C CYS A 24 10.97 0.77 -7.10
N VAL A 25 11.52 0.95 -5.90
CA VAL A 25 12.94 1.28 -5.75
C VAL A 25 13.63 0.33 -4.79
N GLU A 26 14.91 0.05 -5.06
CA GLU A 26 15.68 -0.87 -4.22
C GLU A 26 16.00 -0.23 -2.87
N VAL A 27 15.78 -0.99 -1.80
CA VAL A 27 16.06 -0.51 -0.45
C VAL A 27 17.13 -1.35 0.23
N PHE A 28 17.43 -1.01 1.48
CA PHE A 28 18.45 -1.74 2.23
C PHE A 28 18.01 -1.95 3.68
N GLU A 29 16.88 -2.64 3.85
CA GLU A 29 16.35 -2.92 5.18
C GLU A 29 15.19 -3.90 5.11
N SER A 30 14.11 -3.47 4.44
CA SER A 30 12.92 -4.30 4.28
C SER A 30 12.31 -4.69 5.62
N ARG A 31 12.46 -3.80 6.61
CA ARG A 31 11.91 -4.06 7.94
C ARG A 31 11.90 -2.77 8.76
N GLY A 32 10.80 -2.00 8.64
CA GLY A 32 10.68 -0.77 9.40
C GLY A 32 9.70 0.19 8.77
N MET A 33 9.19 1.12 9.58
CA MET A 33 8.23 2.11 9.12
C MET A 33 8.92 3.20 8.30
N GLN A 34 10.12 3.58 8.73
CA GLN A 34 10.89 4.62 8.05
C GLN A 34 11.33 4.16 6.66
N VAL A 35 11.39 2.84 6.48
CA VAL A 35 11.80 2.27 5.21
C VAL A 35 10.84 2.68 4.08
N CYS A 36 9.57 2.85 4.42
CA CYS A 36 8.56 3.24 3.45
C CYS A 36 8.61 4.75 3.21
N GLU A 37 8.82 5.51 4.27
CA GLU A 37 8.89 6.96 4.18
C GLU A 37 10.07 7.40 3.32
N GLU A 38 11.12 6.59 3.31
CA GLU A 38 12.32 6.90 2.54
C GLU A 38 12.15 6.53 1.08
N ALA A 39 11.72 5.29 0.84
CA ALA A 39 11.52 4.80 -0.52
C ALA A 39 10.51 5.65 -1.28
N LEU A 40 9.48 6.12 -0.57
CA LEU A 40 8.45 6.96 -1.16
C LEU A 40 9.05 8.20 -1.80
N LYS A 41 10.05 8.78 -1.11
CA LYS A 41 10.71 9.98 -1.61
C LYS A 41 11.62 9.65 -2.79
N VAL A 42 12.28 8.51 -2.73
CA VAL A 42 13.18 8.07 -3.79
C VAL A 42 12.42 7.97 -5.12
N LEU A 43 11.18 7.49 -5.05
CA LEU A 43 10.35 7.34 -6.24
C LEU A 43 9.88 8.71 -6.74
N ARG A 44 9.65 9.63 -5.80
CA ARG A 44 9.21 10.97 -6.13
C ARG A 44 10.39 11.84 -6.56
N GLN A 45 11.60 11.27 -6.49
CA GLN A 45 12.81 11.97 -6.88
C GLN A 45 13.48 11.28 -8.06
N SER A 46 13.05 10.07 -8.35
CA SER A 46 13.60 9.31 -9.46
C SER A 46 12.77 9.51 -10.73
N ARG A 47 13.00 8.66 -11.72
CA ARG A 47 12.28 8.75 -12.99
C ARG A 47 11.17 7.71 -13.06
N ARG A 48 10.66 7.32 -11.91
CA ARG A 48 9.57 6.35 -11.84
C ARG A 48 8.26 6.95 -12.30
N ARG A 49 7.75 6.46 -13.44
CA ARG A 49 6.51 6.98 -14.00
C ARG A 49 5.31 6.61 -13.13
N PRO A 50 4.44 7.60 -12.82
CA PRO A 50 3.26 7.37 -11.99
C PRO A 50 2.07 6.89 -12.83
N VAL A 51 1.25 6.03 -12.22
CA VAL A 51 0.08 5.49 -12.90
C VAL A 51 -1.21 6.07 -12.34
N ARG A 52 -2.26 6.08 -13.15
CA ARG A 52 -3.55 6.62 -12.72
C ARG A 52 -4.62 5.53 -12.70
N GLY A 53 -4.94 5.05 -11.50
CA GLY A 53 -5.95 4.02 -11.37
C GLY A 53 -6.66 4.05 -10.03
N LEU A 54 -7.36 2.98 -9.70
CA LEU A 54 -8.09 2.89 -8.44
C LEU A 54 -7.47 1.87 -7.50
N LEU A 55 -7.27 2.27 -6.25
CA LEU A 55 -6.70 1.37 -5.25
C LEU A 55 -7.82 0.78 -4.40
N HIS A 56 -7.92 -0.55 -4.40
CA HIS A 56 -8.95 -1.24 -3.64
C HIS A 56 -8.35 -1.98 -2.44
N VAL A 57 -8.43 -1.36 -1.26
CA VAL A 57 -7.90 -1.98 -0.05
C VAL A 57 -8.71 -3.22 0.31
N SER A 58 -8.17 -4.38 -0.04
CA SER A 58 -8.83 -5.64 0.26
C SER A 58 -8.24 -6.27 1.51
N GLY A 59 -9.09 -6.69 2.43
CA GLY A 59 -8.61 -7.30 3.65
C GLY A 59 -8.06 -8.70 3.43
N ASP A 60 -7.68 -9.00 2.19
CA ASP A 60 -7.13 -10.30 1.85
C ASP A 60 -6.15 -10.19 0.69
N GLY A 61 -5.74 -8.96 0.39
CA GLY A 61 -4.80 -8.74 -0.71
C GLY A 61 -5.15 -7.51 -1.52
N LEU A 62 -4.34 -6.47 -1.38
CA LEU A 62 -4.55 -5.22 -2.11
C LEU A 62 -4.72 -5.47 -3.60
N ARG A 63 -5.49 -4.62 -4.27
CA ARG A 63 -5.73 -4.75 -5.70
C ARG A 63 -5.85 -3.37 -6.34
N VAL A 64 -4.89 -3.03 -7.20
CA VAL A 64 -4.88 -1.74 -7.88
C VAL A 64 -5.15 -1.88 -9.37
N VAL A 65 -6.28 -1.33 -9.81
CA VAL A 65 -6.65 -1.36 -11.22
C VAL A 65 -6.26 -0.05 -11.91
N ASP A 66 -6.10 -0.11 -13.22
CA ASP A 66 -5.75 1.07 -14.00
C ASP A 66 -7.00 1.72 -14.58
N ASP A 67 -6.86 2.96 -15.05
CA ASP A 67 -7.98 3.67 -15.63
C ASP A 67 -7.86 3.76 -17.15
N GLU A 68 -6.73 3.30 -17.66
CA GLU A 68 -6.48 3.33 -19.11
C GLU A 68 -6.55 1.92 -19.70
N THR A 69 -6.07 0.94 -18.95
CA THR A 69 -6.09 -0.45 -19.39
C THR A 69 -6.92 -1.31 -18.45
N LYS A 70 -7.26 -0.74 -17.30
CA LYS A 70 -8.06 -1.46 -16.32
C LYS A 70 -7.36 -2.74 -15.88
N GLY A 71 -6.04 -2.77 -16.04
CA GLY A 71 -5.27 -3.94 -15.66
C GLY A 71 -4.84 -3.89 -14.20
N LEU A 72 -3.85 -4.69 -13.86
CA LEU A 72 -3.33 -4.71 -12.49
C LEU A 72 -1.88 -4.25 -12.45
N ILE A 73 -1.62 -3.23 -11.64
CA ILE A 73 -0.26 -2.68 -11.52
C ILE A 73 0.42 -3.15 -10.24
N VAL A 74 -0.38 -3.49 -9.23
CA VAL A 74 0.15 -3.96 -7.96
C VAL A 74 -0.58 -5.22 -7.49
N ASP A 75 -0.01 -6.37 -7.81
CA ASP A 75 -0.60 -7.65 -7.43
C ASP A 75 0.05 -8.18 -6.14
N GLN A 76 -0.26 -7.54 -5.03
CA GLN A 76 0.30 -7.94 -3.74
C GLN A 76 -0.80 -8.31 -2.75
N THR A 77 -0.40 -8.60 -1.52
CA THR A 77 -1.36 -8.96 -0.48
C THR A 77 -1.02 -8.26 0.84
N ILE A 78 -2.04 -8.02 1.65
CA ILE A 78 -1.86 -7.36 2.94
C ILE A 78 -0.95 -8.17 3.85
N GLU A 79 -1.12 -9.49 3.83
CA GLU A 79 -0.31 -10.38 4.65
C GLU A 79 1.01 -10.69 3.95
N LYS A 80 1.13 -10.23 2.71
CA LYS A 80 2.34 -10.46 1.93
C LYS A 80 3.36 -9.36 2.18
N VAL A 81 2.89 -8.12 2.23
CA VAL A 81 3.79 -6.99 2.45
C VAL A 81 4.40 -7.06 3.85
N SER A 82 5.72 -6.95 3.91
CA SER A 82 6.44 -7.01 5.18
C SER A 82 6.04 -5.86 6.09
N PHE A 83 5.77 -4.70 5.50
CA PHE A 83 5.38 -3.52 6.28
C PHE A 83 4.42 -2.64 5.49
N CYS A 84 3.55 -1.93 6.21
CA CYS A 84 2.60 -1.02 5.59
C CYS A 84 2.67 0.36 6.25
N ALA A 85 3.67 1.14 5.84
CA ALA A 85 3.87 2.46 6.41
C ALA A 85 3.53 3.56 5.40
N PRO A 86 2.70 4.54 5.82
CA PRO A 86 2.30 5.65 4.96
C PRO A 86 3.42 6.69 4.80
N ASP A 87 3.44 7.68 5.70
CA ASP A 87 4.45 8.72 5.67
C ASP A 87 4.65 9.31 7.06
N ARG A 88 5.51 10.33 7.16
CA ARG A 88 5.77 10.97 8.44
C ARG A 88 5.65 12.49 8.32
N ASN A 89 5.40 12.98 7.12
CA ASN A 89 5.26 14.41 6.89
C ASN A 89 3.78 14.78 6.80
N HIS A 90 3.22 14.66 5.59
CA HIS A 90 1.82 14.99 5.33
C HIS A 90 1.55 14.97 3.83
N GLU A 91 2.42 14.30 3.09
CA GLU A 91 2.29 14.22 1.64
C GLU A 91 1.17 13.28 1.21
N ARG A 92 0.43 12.78 2.20
CA ARG A 92 -0.68 11.87 1.93
C ARG A 92 -0.22 10.68 1.09
N GLY A 93 1.06 10.34 1.23
CA GLY A 93 1.62 9.23 0.48
C GLY A 93 1.90 8.02 1.35
N PHE A 94 1.66 6.83 0.80
CA PHE A 94 1.89 5.60 1.55
C PHE A 94 2.85 4.68 0.78
N SER A 95 3.32 3.63 1.45
CA SER A 95 4.25 2.69 0.84
C SER A 95 4.30 1.38 1.61
N TYR A 96 4.88 0.36 0.98
CA TYR A 96 5.03 -0.95 1.61
C TYR A 96 6.25 -1.68 1.04
N ILE A 97 6.97 -2.39 1.90
CA ILE A 97 8.17 -3.09 1.48
C ILE A 97 7.95 -4.60 1.42
N CYS A 98 8.62 -5.26 0.50
CA CYS A 98 8.51 -6.71 0.35
C CYS A 98 9.85 -7.31 -0.10
N ARG A 99 10.52 -7.98 0.83
CA ARG A 99 11.82 -8.59 0.54
C ARG A 99 11.65 -9.97 -0.09
N ASP A 100 12.39 -10.20 -1.18
CA ASP A 100 12.36 -11.47 -1.91
C ASP A 100 10.93 -11.97 -2.10
N GLY A 101 10.81 -13.27 -2.38
CA GLY A 101 9.49 -13.85 -2.63
C GLY A 101 9.05 -13.64 -4.06
N THR A 102 9.81 -12.81 -4.78
CA THR A 102 9.52 -12.51 -6.18
C THR A 102 10.60 -11.61 -6.77
N THR A 103 11.34 -10.95 -5.89
CA THR A 103 12.42 -10.07 -6.31
C THR A 103 13.78 -10.65 -5.94
N ARG A 104 13.77 -11.64 -5.05
CA ARG A 104 14.99 -12.28 -4.61
C ARG A 104 15.94 -11.28 -3.97
N ARG A 105 15.36 -10.20 -3.43
CA ARG A 105 16.15 -9.15 -2.78
C ARG A 105 15.25 -8.07 -2.21
N TRP A 106 15.85 -7.09 -1.56
CA TRP A 106 15.10 -5.98 -0.95
C TRP A 106 14.53 -5.06 -2.03
N MET A 107 13.25 -4.73 -1.89
CA MET A 107 12.57 -3.85 -2.82
C MET A 107 11.30 -3.26 -2.21
N CYS A 108 11.13 -1.96 -2.35
CA CYS A 108 9.97 -1.27 -1.79
C CYS A 108 9.10 -0.67 -2.88
N HIS A 109 7.84 -0.40 -2.54
CA HIS A 109 6.90 0.18 -3.48
C HIS A 109 6.29 1.46 -2.92
N GLY A 110 6.17 2.48 -3.76
CA GLY A 110 5.61 3.75 -3.31
C GLY A 110 4.40 4.18 -4.13
N PHE A 111 3.47 4.85 -3.48
CA PHE A 111 2.26 5.32 -4.14
C PHE A 111 1.57 6.41 -3.31
N LEU A 112 1.01 7.40 -3.99
CA LEU A 112 0.32 8.49 -3.32
C LEU A 112 -1.18 8.45 -3.57
N ALA A 113 -1.94 9.04 -2.64
CA ALA A 113 -3.40 9.07 -2.76
C ALA A 113 -3.84 10.24 -3.64
N CYS A 114 -4.69 9.93 -4.62
CA CYS A 114 -5.19 10.95 -5.53
C CYS A 114 -6.30 11.77 -4.88
N LYS A 115 -6.52 11.53 -3.59
CA LYS A 115 -7.54 12.26 -2.85
C LYS A 115 -6.92 13.32 -1.95
N ASP A 116 -5.66 13.09 -1.55
CA ASP A 116 -4.94 14.03 -0.70
C ASP A 116 -5.72 14.31 0.58
N SER A 117 -5.58 13.42 1.57
CA SER A 117 -6.27 13.57 2.83
C SER A 117 -5.74 12.57 3.87
N GLY A 118 -5.42 11.37 3.40
CA GLY A 118 -4.92 10.34 4.29
C GLY A 118 -5.96 9.88 5.29
N GLU A 119 -7.23 9.96 4.90
CA GLU A 119 -8.33 9.54 5.76
C GLU A 119 -9.24 8.56 5.04
N ARG A 120 -9.11 8.50 3.72
CA ARG A 120 -9.93 7.59 2.91
C ARG A 120 -9.10 6.41 2.43
N LEU A 121 -7.78 6.49 2.62
CA LEU A 121 -6.88 5.44 2.20
C LEU A 121 -6.01 4.95 3.36
N SER A 122 -5.45 5.90 4.11
CA SER A 122 -4.60 5.56 5.25
C SER A 122 -5.37 4.79 6.30
N HIS A 123 -6.41 5.42 6.86
CA HIS A 123 -7.23 4.80 7.89
C HIS A 123 -8.03 3.64 7.33
N ALA A 124 -8.00 3.49 6.00
CA ALA A 124 -8.73 2.42 5.34
C ALA A 124 -7.90 1.14 5.27
N VAL A 125 -6.61 1.29 4.97
CA VAL A 125 -5.71 0.15 4.88
C VAL A 125 -5.31 -0.35 6.26
N GLY A 126 -5.28 0.57 7.23
CA GLY A 126 -4.92 0.21 8.59
C GLY A 126 -5.99 -0.61 9.26
N CYS A 127 -7.10 -0.80 8.56
CA CYS A 127 -8.21 -1.58 9.10
C CYS A 127 -8.42 -2.85 8.28
N ALA A 128 -7.58 -3.04 7.26
CA ALA A 128 -7.68 -4.21 6.39
C ALA A 128 -7.10 -5.44 7.08
N PHE A 129 -5.95 -5.27 7.71
CA PHE A 129 -5.28 -6.37 8.39
C PHE A 129 -6.11 -6.87 9.57
N ALA A 130 -6.95 -5.99 10.10
CA ALA A 130 -7.81 -6.33 11.23
C ALA A 130 -8.77 -7.46 10.89
N VAL A 131 -8.96 -7.68 9.59
CA VAL A 131 -9.85 -8.73 9.11
C VAL A 131 -9.11 -10.05 8.97
N CYS A 132 -7.80 -9.97 8.74
CA CYS A 132 -6.98 -11.16 8.59
C CYS A 132 -6.73 -11.82 9.94
N LEU A 133 -6.69 -11.00 10.98
CA LEU A 133 -6.47 -11.50 12.34
C LEU A 133 -7.66 -11.19 13.24
N GLU A 134 -8.86 -11.33 12.68
CA GLU A 134 -10.09 -11.06 13.43
C GLU A 134 -10.21 -11.99 14.63
N ARG A 135 -10.04 -13.28 14.40
CA ARG A 135 -10.12 -14.27 15.46
C ARG A 135 -8.80 -14.38 16.21
N GLY B 1 2.91 6.56 11.31
CA GLY B 1 2.15 5.59 10.47
C GLY B 1 1.76 4.35 11.24
N PHE B 2 1.64 3.23 10.53
CA PHE B 2 1.28 1.96 11.15
C PHE B 2 1.89 0.79 10.40
N SER B 3 1.39 -0.41 10.67
CA SER B 3 1.89 -1.61 10.01
C SER B 3 0.98 -2.79 10.28
N ASN B 4 1.10 -3.83 9.45
CA ASN B 4 0.27 -5.02 9.60
C ASN B 4 0.78 -5.91 10.73
N MET B 5 -0.09 -6.79 11.23
CA MET B 5 0.26 -7.69 12.32
C MET B 5 -0.12 -9.13 11.98
N SER B 6 -0.89 -9.30 10.91
CA SER B 6 -1.33 -10.63 10.48
C SER B 6 -0.27 -11.31 9.63
N PHE B 7 0.91 -10.69 9.56
CA PHE B 7 2.02 -11.23 8.77
C PHE B 7 2.46 -12.59 9.32
N GLU B 8 3.00 -13.43 8.44
CA GLU B 8 3.48 -14.75 8.83
C GLU B 8 4.98 -14.75 9.04
N ASP B 9 5.56 -13.55 9.10
CA ASP B 9 7.00 -13.40 9.30
C ASP B 9 7.78 -14.15 8.22
N PHE B 10 7.83 -13.58 7.03
CA PHE B 10 8.54 -14.20 5.91
C PHE B 10 10.05 -14.12 6.12
N PRO B 11 10.78 -15.17 5.70
CA PRO B 11 12.25 -15.22 5.85
C PRO B 11 12.93 -14.04 5.18
N HIS A 1 -23.91 6.03 6.58
CA HIS A 1 -24.00 6.32 5.15
C HIS A 1 -22.66 6.79 4.59
N GLN A 2 -21.59 6.47 5.32
CA GLN A 2 -20.25 6.86 4.90
C GLN A 2 -19.22 5.88 5.45
N TRP A 3 -19.05 5.87 6.77
CA TRP A 3 -18.12 4.96 7.41
C TRP A 3 -18.66 3.54 7.38
N GLN A 4 -19.97 3.42 7.26
CA GLN A 4 -20.60 2.12 7.20
C GLN A 4 -20.23 1.41 5.91
N ALA A 5 -19.86 2.20 4.91
CA ALA A 5 -19.44 1.67 3.61
C ALA A 5 -17.93 1.55 3.55
N ASP A 6 -17.24 2.26 4.43
CA ASP A 6 -15.78 2.24 4.48
C ASP A 6 -15.29 1.07 5.33
N GLU A 7 -16.12 0.65 6.29
CA GLU A 7 -15.78 -0.46 7.16
C GLU A 7 -16.20 -1.79 6.53
N GLU A 8 -17.18 -1.72 5.64
CA GLU A 8 -17.67 -2.91 4.95
C GLU A 8 -16.90 -3.14 3.66
N ALA A 9 -16.18 -2.12 3.22
CA ALA A 9 -15.38 -2.21 2.00
C ALA A 9 -14.32 -3.29 2.12
N VAL A 10 -13.57 -3.27 3.22
CA VAL A 10 -12.54 -4.28 3.45
C VAL A 10 -13.16 -5.67 3.51
N ARG A 11 -14.32 -5.77 4.16
CA ARG A 11 -15.03 -7.04 4.27
C ARG A 11 -15.29 -7.63 2.88
N SER A 12 -15.52 -6.75 1.92
CA SER A 12 -15.79 -7.16 0.55
C SER A 12 -14.49 -7.48 -0.17
N ALA A 13 -13.92 -6.47 -0.86
CA ALA A 13 -12.67 -6.66 -1.59
C ALA A 13 -12.22 -5.36 -2.26
N THR A 14 -12.50 -4.23 -1.61
CA THR A 14 -12.13 -2.94 -2.15
C THR A 14 -12.39 -1.82 -1.14
N CYS A 15 -11.34 -1.41 -0.43
CA CYS A 15 -11.47 -0.37 0.58
C CYS A 15 -10.43 0.73 0.39
N SER A 16 -10.48 1.40 -0.76
CA SER A 16 -9.55 2.48 -1.05
C SER A 16 -10.09 3.37 -2.18
N PHE A 17 -9.17 4.07 -2.86
CA PHE A 17 -9.55 4.98 -3.93
C PHE A 17 -8.40 5.20 -4.90
N SER A 18 -8.56 6.16 -5.82
CA SER A 18 -7.54 6.47 -6.80
C SER A 18 -6.19 6.68 -6.14
N VAL A 19 -5.13 6.22 -6.78
CA VAL A 19 -3.77 6.36 -6.26
C VAL A 19 -2.79 6.79 -7.34
N LYS A 20 -1.52 6.86 -6.97
CA LYS A 20 -0.47 7.25 -7.91
C LYS A 20 0.72 6.30 -7.80
N TYR A 21 0.56 5.10 -8.33
CA TYR A 21 1.62 4.09 -8.31
C TYR A 21 2.84 4.59 -9.06
N LEU A 22 3.90 4.92 -8.32
CA LEU A 22 5.13 5.43 -8.91
C LEU A 22 5.98 4.28 -9.45
N GLY A 23 5.98 3.16 -8.76
CA GLY A 23 6.76 2.01 -9.18
C GLY A 23 7.36 1.25 -8.02
N CYS A 24 8.68 1.03 -8.08
CA CYS A 24 9.38 0.32 -7.02
C CYS A 24 10.88 0.53 -7.13
N VAL A 25 11.50 0.90 -6.00
CA VAL A 25 12.94 1.12 -5.96
C VAL A 25 13.63 0.10 -5.07
N GLU A 26 14.86 -0.27 -5.44
CA GLU A 26 15.62 -1.25 -4.68
C GLU A 26 16.10 -0.67 -3.36
N VAL A 27 15.85 -1.40 -2.26
CA VAL A 27 16.27 -0.97 -0.94
C VAL A 27 17.19 -2.00 -0.30
N PHE A 28 17.68 -1.68 0.90
CA PHE A 28 18.57 -2.58 1.62
C PHE A 28 18.27 -2.56 3.11
N GLU A 29 17.04 -2.91 3.48
CA GLU A 29 16.63 -2.93 4.87
C GLU A 29 15.37 -3.77 5.07
N SER A 30 14.28 -3.32 4.45
CA SER A 30 13.00 -4.02 4.57
C SER A 30 12.62 -4.24 6.03
N ARG A 31 12.98 -3.28 6.87
CA ARG A 31 12.69 -3.35 8.29
C ARG A 31 12.41 -1.97 8.87
N GLY A 32 11.44 -1.90 9.79
CA GLY A 32 11.10 -0.62 10.40
C GLY A 32 9.89 0.02 9.76
N MET A 33 9.95 1.34 9.59
CA MET A 33 8.84 2.07 9.00
C MET A 33 9.37 3.26 8.17
N GLN A 34 10.48 3.83 8.61
CA GLN A 34 11.08 4.96 7.92
C GLN A 34 11.56 4.57 6.52
N VAL A 35 11.73 3.27 6.31
CA VAL A 35 12.18 2.77 5.01
C VAL A 35 11.25 3.23 3.90
N CYS A 36 9.96 3.28 4.20
CA CYS A 36 8.96 3.72 3.23
C CYS A 36 9.10 5.21 2.95
N GLU A 37 9.59 5.95 3.94
CA GLU A 37 9.79 7.39 3.79
C GLU A 37 10.98 7.69 2.88
N GLU A 38 11.87 6.72 2.75
CA GLU A 38 13.05 6.88 1.91
C GLU A 38 12.74 6.48 0.47
N ALA A 39 12.21 5.27 0.30
CA ALA A 39 11.87 4.76 -1.02
C ALA A 39 10.88 5.69 -1.74
N LEU A 40 9.82 6.06 -1.04
CA LEU A 40 8.80 6.94 -1.60
C LEU A 40 9.43 8.22 -2.14
N LYS A 41 10.53 8.64 -1.54
CA LYS A 41 11.22 9.84 -1.97
C LYS A 41 11.97 9.60 -3.27
N VAL A 42 12.52 8.39 -3.42
CA VAL A 42 13.26 8.02 -4.62
C VAL A 42 12.36 8.10 -5.84
N LEU A 43 11.17 7.50 -5.73
CA LEU A 43 10.21 7.50 -6.82
C LEU A 43 9.63 8.89 -7.02
N ARG A 44 9.79 9.74 -6.02
CA ARG A 44 9.29 11.11 -6.08
C ARG A 44 10.33 12.03 -6.72
N GLN A 45 11.53 11.50 -6.91
CA GLN A 45 12.62 12.26 -7.52
C GLN A 45 12.48 12.28 -9.03
N SER A 46 12.58 11.09 -9.65
CA SER A 46 12.45 10.99 -11.10
C SER A 46 12.41 9.53 -11.54
N ARG A 47 12.38 9.32 -12.86
CA ARG A 47 12.32 7.99 -13.45
C ARG A 47 10.96 7.34 -13.20
N ARG A 48 10.71 6.96 -11.96
CA ARG A 48 9.46 6.33 -11.59
C ARG A 48 8.30 7.31 -11.73
N ARG A 49 7.43 7.05 -12.71
CA ARG A 49 6.27 7.91 -12.95
C ARG A 49 5.01 7.30 -12.35
N PRO A 50 4.11 8.14 -11.78
CA PRO A 50 2.87 7.67 -11.17
C PRO A 50 1.80 7.36 -12.21
N VAL A 51 0.94 6.38 -11.90
CA VAL A 51 -0.14 6.00 -12.80
C VAL A 51 -1.49 6.15 -12.13
N ARG A 52 -2.33 7.04 -12.67
CA ARG A 52 -3.65 7.28 -12.12
C ARG A 52 -4.53 6.04 -12.23
N GLY A 53 -4.61 5.28 -11.15
CA GLY A 53 -5.42 4.08 -11.13
C GLY A 53 -6.38 4.05 -9.96
N LEU A 54 -6.90 2.86 -9.64
CA LEU A 54 -7.83 2.71 -8.54
C LEU A 54 -7.38 1.59 -7.61
N LEU A 55 -7.09 1.95 -6.36
CA LEU A 55 -6.66 0.98 -5.37
C LEU A 55 -7.84 0.39 -4.63
N HIS A 56 -7.87 -0.94 -4.54
CA HIS A 56 -8.96 -1.64 -3.86
C HIS A 56 -8.41 -2.44 -2.66
N VAL A 57 -8.43 -1.82 -1.48
CA VAL A 57 -7.96 -2.49 -0.28
C VAL A 57 -8.86 -3.67 0.09
N SER A 58 -8.47 -4.85 -0.36
CA SER A 58 -9.22 -6.06 -0.07
C SER A 58 -8.59 -6.82 1.09
N GLY A 59 -9.41 -7.28 2.02
CA GLY A 59 -8.90 -7.99 3.18
C GLY A 59 -8.10 -9.23 2.81
N ASP A 60 -8.12 -9.59 1.54
CA ASP A 60 -7.39 -10.76 1.07
C ASP A 60 -6.28 -10.36 0.10
N GLY A 61 -5.71 -9.18 0.32
CA GLY A 61 -4.64 -8.70 -0.54
C GLY A 61 -5.07 -7.51 -1.38
N LEU A 62 -4.22 -6.49 -1.45
CA LEU A 62 -4.50 -5.29 -2.21
C LEU A 62 -4.56 -5.58 -3.71
N ARG A 63 -5.01 -4.59 -4.48
CA ARG A 63 -5.11 -4.72 -5.92
C ARG A 63 -5.34 -3.37 -6.58
N VAL A 64 -4.34 -2.89 -7.31
CA VAL A 64 -4.44 -1.60 -7.98
C VAL A 64 -4.61 -1.76 -9.48
N VAL A 65 -5.77 -1.34 -9.99
CA VAL A 65 -6.06 -1.43 -11.41
C VAL A 65 -6.01 -0.06 -12.06
N ASP A 66 -5.13 0.11 -13.04
CA ASP A 66 -4.98 1.38 -13.75
C ASP A 66 -6.33 1.87 -14.26
N ASP A 67 -6.46 3.17 -14.41
CA ASP A 67 -7.70 3.76 -14.89
C ASP A 67 -7.58 4.23 -16.33
N GLU A 68 -6.41 3.99 -16.93
CA GLU A 68 -6.16 4.37 -18.31
C GLU A 68 -5.85 3.15 -19.16
N THR A 69 -5.35 2.10 -18.50
CA THR A 69 -5.02 0.86 -19.18
C THR A 69 -5.67 -0.33 -18.49
N LYS A 70 -6.24 -0.08 -17.32
CA LYS A 70 -6.91 -1.13 -16.55
C LYS A 70 -5.98 -2.32 -16.34
N GLY A 71 -4.68 -2.05 -16.35
CA GLY A 71 -3.70 -3.10 -16.16
C GLY A 71 -3.33 -3.29 -14.70
N LEU A 72 -3.26 -4.54 -14.26
CA LEU A 72 -2.91 -4.85 -12.88
C LEU A 72 -1.45 -4.49 -12.61
N ILE A 73 -1.24 -3.43 -11.84
CA ILE A 73 0.10 -2.97 -11.51
C ILE A 73 0.53 -3.45 -10.14
N VAL A 74 -0.44 -3.71 -9.26
CA VAL A 74 -0.15 -4.18 -7.92
C VAL A 74 -1.09 -5.31 -7.51
N ASP A 75 -0.56 -6.53 -7.48
CA ASP A 75 -1.34 -7.70 -7.09
C ASP A 75 -0.76 -8.33 -5.84
N GLN A 76 -0.12 -7.50 -5.02
CA GLN A 76 0.49 -7.97 -3.78
C GLN A 76 -0.57 -8.35 -2.74
N THR A 77 -0.11 -8.66 -1.53
CA THR A 77 -1.01 -9.04 -0.46
C THR A 77 -0.70 -8.25 0.81
N ILE A 78 -1.63 -8.28 1.76
CA ILE A 78 -1.45 -7.57 3.02
C ILE A 78 -0.52 -8.36 3.95
N GLU A 79 -0.59 -9.68 3.85
CA GLU A 79 0.25 -10.56 4.66
C GLU A 79 1.60 -10.77 3.98
N LYS A 80 1.70 -10.34 2.73
CA LYS A 80 2.93 -10.48 1.96
C LYS A 80 3.88 -9.33 2.27
N VAL A 81 3.32 -8.13 2.44
CA VAL A 81 4.13 -6.97 2.73
C VAL A 81 4.56 -6.95 4.19
N SER A 82 5.81 -6.58 4.42
CA SER A 82 6.35 -6.50 5.78
C SER A 82 5.57 -5.50 6.62
N PHE A 83 5.70 -4.22 6.28
CA PHE A 83 4.97 -3.16 6.97
C PHE A 83 4.50 -2.09 6.01
N CYS A 84 3.25 -1.65 6.19
CA CYS A 84 2.67 -0.61 5.35
C CYS A 84 2.76 0.75 6.04
N ALA A 85 3.83 1.49 5.75
CA ALA A 85 4.05 2.79 6.36
C ALA A 85 3.76 3.92 5.37
N PRO A 86 3.39 5.11 5.89
CA PRO A 86 3.08 6.27 5.05
C PRO A 86 4.33 7.09 4.72
N ASP A 87 4.36 8.35 5.15
CA ASP A 87 5.51 9.21 4.90
C ASP A 87 5.70 10.22 6.03
N ARG A 88 4.77 10.20 7.00
CA ARG A 88 4.83 11.09 8.16
C ARG A 88 5.13 12.53 7.75
N ASN A 89 4.84 12.88 6.51
CA ASN A 89 5.08 14.23 6.01
C ASN A 89 3.77 15.01 5.92
N HIS A 90 2.82 14.46 5.19
CA HIS A 90 1.50 15.08 5.04
C HIS A 90 0.41 14.02 5.02
N GLU A 91 0.81 12.76 5.21
CA GLU A 91 -0.12 11.64 5.23
C GLU A 91 -0.86 11.53 3.90
N ARG A 92 -0.20 11.94 2.82
CA ARG A 92 -0.80 11.86 1.49
C ARG A 92 -0.02 10.91 0.59
N GLY A 93 0.94 10.21 1.19
CA GLY A 93 1.76 9.28 0.43
C GLY A 93 2.23 8.11 1.28
N PHE A 94 1.83 6.90 0.89
CA PHE A 94 2.21 5.70 1.62
C PHE A 94 3.18 4.84 0.81
N SER A 95 3.58 3.72 1.39
CA SER A 95 4.50 2.80 0.73
C SER A 95 4.53 1.46 1.46
N TYR A 96 5.16 0.47 0.84
CA TYR A 96 5.27 -0.85 1.43
C TYR A 96 6.54 -1.55 0.97
N ILE A 97 7.13 -2.34 1.86
CA ILE A 97 8.37 -3.03 1.54
C ILE A 97 8.20 -4.55 1.57
N CYS A 98 9.08 -5.25 0.86
CA CYS A 98 9.03 -6.70 0.80
C CYS A 98 10.40 -7.27 0.42
N ARG A 99 10.45 -8.58 0.23
CA ARG A 99 11.70 -9.24 -0.13
C ARG A 99 11.51 -10.10 -1.37
N ASP A 100 12.28 -11.19 -1.47
CA ASP A 100 12.21 -12.09 -2.61
C ASP A 100 10.82 -12.75 -2.71
N GLY A 101 10.75 -13.83 -3.49
CA GLY A 101 9.48 -14.51 -3.70
C GLY A 101 8.81 -14.08 -4.98
N THR A 102 9.29 -12.96 -5.51
CA THR A 102 8.78 -12.41 -6.76
C THR A 102 9.74 -11.37 -7.32
N THR A 103 10.79 -11.08 -6.54
CA THR A 103 11.79 -10.11 -6.94
C THR A 103 13.19 -10.67 -6.72
N ARG A 104 13.27 -11.78 -6.00
CA ARG A 104 14.56 -12.43 -5.71
C ARG A 104 15.47 -11.49 -4.93
N ARG A 105 14.89 -10.48 -4.31
CA ARG A 105 15.65 -9.51 -3.52
C ARG A 105 14.71 -8.58 -2.76
N TRP A 106 15.30 -7.75 -1.90
CA TRP A 106 14.52 -6.80 -1.11
C TRP A 106 14.21 -5.55 -1.93
N MET A 107 12.92 -5.33 -2.19
CA MET A 107 12.49 -4.17 -2.97
C MET A 107 11.35 -3.44 -2.27
N CYS A 108 11.32 -2.13 -2.41
CA CYS A 108 10.27 -1.31 -1.80
C CYS A 108 9.47 -0.57 -2.87
N HIS A 109 8.16 -0.44 -2.64
CA HIS A 109 7.29 0.26 -3.57
C HIS A 109 6.77 1.54 -2.95
N GLY A 110 6.37 2.49 -3.80
CA GLY A 110 5.86 3.75 -3.31
C GLY A 110 4.64 4.23 -4.10
N PHE A 111 3.73 4.90 -3.41
CA PHE A 111 2.52 5.41 -4.04
C PHE A 111 1.84 6.45 -3.16
N LEU A 112 0.96 7.25 -3.76
CA LEU A 112 0.25 8.29 -3.02
C LEU A 112 -1.25 8.19 -3.27
N ALA A 113 -2.02 8.92 -2.47
CA ALA A 113 -3.48 8.92 -2.61
C ALA A 113 -3.96 10.14 -3.38
N CYS A 114 -4.71 9.89 -4.45
CA CYS A 114 -5.25 10.97 -5.27
C CYS A 114 -6.20 11.84 -4.46
N LYS A 115 -6.61 11.33 -3.30
CA LYS A 115 -7.53 12.06 -2.44
C LYS A 115 -6.79 13.11 -1.62
N ASP A 116 -5.51 12.84 -1.34
CA ASP A 116 -4.68 13.76 -0.56
C ASP A 116 -5.31 14.05 0.80
N SER A 117 -5.93 13.03 1.39
CA SER A 117 -6.57 13.17 2.69
C SER A 117 -5.99 12.18 3.69
N GLY A 118 -5.82 10.94 3.26
CA GLY A 118 -5.27 9.92 4.13
C GLY A 118 -6.32 9.36 5.09
N GLU A 119 -7.57 9.33 4.65
CA GLU A 119 -8.66 8.82 5.48
C GLU A 119 -9.46 7.77 4.72
N ARG A 120 -9.52 7.91 3.40
CA ARG A 120 -10.26 6.96 2.56
C ARG A 120 -9.37 5.79 2.15
N LEU A 121 -8.07 5.91 2.44
CA LEU A 121 -7.11 4.88 2.09
C LEU A 121 -6.29 4.45 3.30
N SER A 122 -5.64 5.41 3.94
CA SER A 122 -4.80 5.14 5.11
C SER A 122 -5.62 4.51 6.24
N HIS A 123 -6.58 5.26 6.76
CA HIS A 123 -7.42 4.80 7.85
C HIS A 123 -8.18 3.53 7.45
N ALA A 124 -8.30 3.30 6.15
CA ALA A 124 -9.01 2.13 5.64
C ALA A 124 -8.14 0.88 5.71
N VAL A 125 -6.89 1.01 5.31
CA VAL A 125 -5.95 -0.11 5.35
C VAL A 125 -5.71 -0.56 6.79
N GLY A 126 -5.75 0.39 7.71
CA GLY A 126 -5.54 0.07 9.11
C GLY A 126 -6.62 -0.82 9.67
N CYS A 127 -7.66 -1.06 8.88
CA CYS A 127 -8.76 -1.92 9.31
C CYS A 127 -8.77 -3.23 8.54
N ALA A 128 -8.06 -3.25 7.42
CA ALA A 128 -7.99 -4.46 6.59
C ALA A 128 -7.50 -5.65 7.39
N PHE A 129 -6.45 -5.44 8.19
CA PHE A 129 -5.89 -6.51 9.00
C PHE A 129 -6.79 -6.80 10.21
N ALA A 130 -7.50 -5.77 10.67
CA ALA A 130 -8.40 -5.92 11.81
C ALA A 130 -9.48 -6.96 11.54
N VAL A 131 -9.67 -7.27 10.26
CA VAL A 131 -10.68 -8.24 9.85
C VAL A 131 -10.04 -9.55 9.42
N CYS A 132 -8.80 -9.47 8.94
CA CYS A 132 -8.08 -10.65 8.49
C CYS A 132 -7.57 -11.46 9.67
N LEU A 133 -7.78 -10.94 10.89
CA LEU A 133 -7.36 -11.63 12.09
C LEU A 133 -8.26 -12.83 12.39
N GLU A 134 -9.37 -12.93 11.65
CA GLU A 134 -10.31 -14.01 11.83
C GLU A 134 -9.65 -15.37 11.61
N ARG A 135 -8.89 -15.48 10.52
CA ARG A 135 -8.20 -16.72 10.19
C ARG A 135 -6.86 -16.82 10.92
N GLY B 1 4.31 5.97 10.38
CA GLY B 1 3.47 5.76 11.58
C GLY B 1 2.38 4.72 11.35
N PHE B 2 2.53 3.95 10.28
CA PHE B 2 1.55 2.91 9.95
C PHE B 2 2.23 1.56 9.79
N SER B 3 1.48 0.51 10.08
CA SER B 3 2.00 -0.87 9.97
C SER B 3 0.96 -1.88 10.42
N ASN B 4 0.86 -3.00 9.71
CA ASN B 4 -0.08 -4.05 10.05
C ASN B 4 0.38 -4.81 11.29
N MET B 5 -0.42 -5.77 11.72
CA MET B 5 -0.09 -6.57 12.89
C MET B 5 -0.55 -8.01 12.73
N SER B 6 -1.44 -8.24 11.77
CA SER B 6 -1.97 -9.57 11.50
C SER B 6 -0.99 -10.38 10.65
N PHE B 7 0.17 -9.79 10.37
CA PHE B 7 1.19 -10.46 9.56
C PHE B 7 1.84 -11.59 10.35
N GLU B 8 2.54 -12.47 9.64
CA GLU B 8 3.21 -13.61 10.26
C GLU B 8 4.72 -13.40 10.28
N ASP B 9 5.17 -12.29 9.71
CA ASP B 9 6.59 -11.96 9.67
C ASP B 9 7.38 -13.03 8.93
N PHE B 10 7.61 -12.80 7.64
CA PHE B 10 8.37 -13.75 6.82
C PHE B 10 9.76 -13.98 7.40
N PRO B 11 10.29 -15.21 7.24
CA PRO B 11 11.63 -15.56 7.76
C PRO B 11 12.72 -14.65 7.20
N HIS A 1 -23.00 8.86 4.27
CA HIS A 1 -23.68 8.17 3.18
C HIS A 1 -22.76 7.16 2.51
N GLN A 2 -21.46 7.48 2.49
CA GLN A 2 -20.48 6.60 1.88
C GLN A 2 -19.75 5.78 2.93
N TRP A 3 -19.53 6.38 4.11
CA TRP A 3 -18.87 5.69 5.20
C TRP A 3 -19.71 4.51 5.68
N GLN A 4 -21.01 4.62 5.47
CA GLN A 4 -21.93 3.57 5.88
C GLN A 4 -21.64 2.29 5.09
N ALA A 5 -20.93 2.45 3.98
CA ALA A 5 -20.57 1.33 3.13
C ALA A 5 -19.04 1.19 3.05
N ASP A 6 -18.34 2.17 3.61
CA ASP A 6 -16.89 2.16 3.61
C ASP A 6 -16.33 1.30 4.74
N GLU A 7 -17.00 1.35 5.89
CA GLU A 7 -16.57 0.56 7.04
C GLU A 7 -16.67 -0.93 6.73
N GLU A 8 -17.48 -1.27 5.73
CA GLU A 8 -17.65 -2.65 5.33
C GLU A 8 -16.88 -2.94 4.04
N ALA A 9 -16.44 -1.88 3.37
CA ALA A 9 -15.70 -2.01 2.13
C ALA A 9 -14.48 -2.91 2.30
N VAL A 10 -13.70 -2.67 3.35
CA VAL A 10 -12.52 -3.48 3.63
C VAL A 10 -12.93 -4.93 3.89
N ARG A 11 -14.07 -5.10 4.54
CA ARG A 11 -14.58 -6.44 4.83
C ARG A 11 -14.94 -7.18 3.55
N SER A 12 -15.33 -6.43 2.53
CA SER A 12 -15.70 -7.01 1.24
C SER A 12 -14.45 -7.33 0.42
N ALA A 13 -14.02 -6.37 -0.40
CA ALA A 13 -12.83 -6.56 -1.24
C ALA A 13 -12.49 -5.29 -2.02
N THR A 14 -12.73 -4.13 -1.41
CA THR A 14 -12.45 -2.86 -2.07
C THR A 14 -12.73 -1.69 -1.14
N CYS A 15 -11.67 -1.10 -0.58
CA CYS A 15 -11.81 0.04 0.32
C CYS A 15 -10.70 1.05 0.09
N SER A 16 -10.70 1.67 -1.09
CA SER A 16 -9.69 2.68 -1.41
C SER A 16 -10.12 3.52 -2.60
N PHE A 17 -9.15 4.18 -3.23
CA PHE A 17 -9.43 5.05 -4.38
C PHE A 17 -8.20 5.20 -5.25
N SER A 18 -8.27 6.11 -6.23
CA SER A 18 -7.15 6.35 -7.14
C SER A 18 -5.85 6.54 -6.38
N VAL A 19 -4.74 6.13 -7.02
CA VAL A 19 -3.42 6.25 -6.40
C VAL A 19 -2.40 6.77 -7.40
N LYS A 20 -1.11 6.66 -7.04
CA LYS A 20 -0.03 7.12 -7.90
C LYS A 20 1.17 6.17 -7.80
N TYR A 21 1.06 5.02 -8.44
CA TYR A 21 2.13 4.03 -8.42
C TYR A 21 3.38 4.57 -9.10
N LEU A 22 4.27 5.17 -8.30
CA LEU A 22 5.50 5.73 -8.83
C LEU A 22 6.37 4.64 -9.45
N GLY A 23 6.45 3.50 -8.78
CA GLY A 23 7.26 2.40 -9.28
C GLY A 23 7.82 1.54 -8.16
N CYS A 24 9.12 1.33 -8.18
CA CYS A 24 9.78 0.52 -7.16
C CYS A 24 11.27 0.86 -7.07
N VAL A 25 11.75 1.06 -5.84
CA VAL A 25 13.15 1.38 -5.61
C VAL A 25 13.77 0.41 -4.61
N GLU A 26 15.07 0.17 -4.75
CA GLU A 26 15.78 -0.74 -3.88
C GLU A 26 15.89 -0.18 -2.47
N VAL A 27 15.67 -1.04 -1.47
CA VAL A 27 15.75 -0.64 -0.07
C VAL A 27 16.82 -1.45 0.66
N PHE A 28 16.83 -1.33 1.98
CA PHE A 28 17.78 -2.07 2.81
C PHE A 28 17.05 -2.91 3.84
N GLU A 29 16.55 -4.06 3.40
CA GLU A 29 15.81 -4.97 4.27
C GLU A 29 14.51 -4.33 4.75
N SER A 30 13.39 -4.82 4.24
CA SER A 30 12.08 -4.30 4.59
C SER A 30 11.93 -4.12 6.10
N ARG A 31 12.64 -4.95 6.86
CA ARG A 31 12.59 -4.88 8.32
C ARG A 31 12.88 -3.46 8.81
N GLY A 32 11.98 -2.93 9.64
CA GLY A 32 12.15 -1.58 10.15
C GLY A 32 10.84 -0.84 10.30
N MET A 33 10.76 0.34 9.69
CA MET A 33 9.54 1.15 9.74
C MET A 33 9.64 2.32 8.77
N GLN A 34 10.75 3.06 8.84
CA GLN A 34 10.95 4.22 7.98
C GLN A 34 11.39 3.79 6.59
N VAL A 35 11.29 2.49 6.30
CA VAL A 35 11.67 1.97 5.00
C VAL A 35 10.79 2.56 3.90
N CYS A 36 9.67 3.15 4.30
CA CYS A 36 8.74 3.76 3.37
C CYS A 36 8.89 5.27 3.36
N GLU A 37 9.17 5.84 4.53
CA GLU A 37 9.34 7.27 4.67
C GLU A 37 10.51 7.77 3.83
N GLU A 38 11.41 6.86 3.47
CA GLU A 38 12.58 7.20 2.67
C GLU A 38 12.41 6.76 1.22
N ALA A 39 11.99 5.51 1.04
CA ALA A 39 11.80 4.95 -0.30
C ALA A 39 10.81 5.79 -1.11
N LEU A 40 9.79 6.31 -0.44
CA LEU A 40 8.77 7.14 -1.09
C LEU A 40 9.42 8.36 -1.74
N LYS A 41 10.45 8.89 -1.09
CA LYS A 41 11.16 10.06 -1.61
C LYS A 41 12.07 9.66 -2.76
N VAL A 42 12.64 8.46 -2.68
CA VAL A 42 13.53 7.97 -3.73
C VAL A 42 12.79 7.91 -5.07
N LEU A 43 11.49 7.63 -5.02
CA LEU A 43 10.67 7.58 -6.21
C LEU A 43 10.28 8.98 -6.66
N ARG A 44 10.26 9.91 -5.71
CA ARG A 44 9.91 11.30 -6.00
C ARG A 44 11.13 12.07 -6.50
N GLN A 45 12.31 11.47 -6.31
CA GLN A 45 13.56 12.09 -6.73
C GLN A 45 14.12 11.40 -7.97
N SER A 46 13.45 10.34 -8.39
CA SER A 46 13.87 9.59 -9.57
C SER A 46 12.92 9.82 -10.74
N ARG A 47 13.14 9.08 -11.83
CA ARG A 47 12.31 9.20 -13.02
C ARG A 47 11.09 8.29 -12.93
N ARG A 48 10.85 7.74 -11.75
CA ARG A 48 9.72 6.84 -11.53
C ARG A 48 8.40 7.57 -11.74
N ARG A 49 7.74 7.30 -12.86
CA ARG A 49 6.48 7.93 -13.18
C ARG A 49 5.31 7.21 -12.50
N PRO A 50 4.38 7.97 -11.89
CA PRO A 50 3.22 7.39 -11.21
C PRO A 50 2.17 6.89 -12.20
N VAL A 51 1.54 5.76 -11.86
CA VAL A 51 0.52 5.17 -12.71
C VAL A 51 -0.88 5.36 -12.12
N ARG A 52 -1.75 5.99 -12.87
CA ARG A 52 -3.12 6.23 -12.43
C ARG A 52 -3.90 4.92 -12.37
N GLY A 53 -4.26 4.50 -11.16
CA GLY A 53 -4.99 3.27 -10.99
C GLY A 53 -5.88 3.28 -9.75
N LEU A 54 -7.03 2.62 -9.85
CA LEU A 54 -7.98 2.56 -8.74
C LEU A 54 -7.59 1.47 -7.75
N LEU A 55 -7.14 1.87 -6.57
CA LEU A 55 -6.75 0.93 -5.53
C LEU A 55 -7.98 0.41 -4.80
N HIS A 56 -8.00 -0.89 -4.52
CA HIS A 56 -9.10 -1.53 -3.82
C HIS A 56 -8.61 -2.26 -2.57
N VAL A 57 -8.49 -1.53 -1.47
CA VAL A 57 -8.02 -2.12 -0.22
C VAL A 57 -8.98 -3.20 0.26
N SER A 58 -8.62 -4.44 -0.02
CA SER A 58 -9.43 -5.58 0.39
C SER A 58 -8.86 -6.20 1.67
N GLY A 59 -9.75 -6.65 2.55
CA GLY A 59 -9.31 -7.23 3.81
C GLY A 59 -8.76 -8.63 3.63
N ASP A 60 -8.43 -8.98 2.40
CA ASP A 60 -7.88 -10.30 2.08
C ASP A 60 -6.88 -10.19 0.93
N GLY A 61 -6.26 -9.03 0.81
CA GLY A 61 -5.29 -8.83 -0.26
C GLY A 61 -5.59 -7.58 -1.08
N LEU A 62 -4.71 -6.58 -0.99
CA LEU A 62 -4.89 -5.34 -1.72
C LEU A 62 -4.55 -5.52 -3.20
N ARG A 63 -5.33 -4.88 -4.06
CA ARG A 63 -5.11 -4.97 -5.50
C ARG A 63 -5.37 -3.63 -6.18
N VAL A 64 -4.44 -3.20 -7.02
CA VAL A 64 -4.57 -1.93 -7.72
C VAL A 64 -4.89 -2.15 -9.20
N VAL A 65 -6.10 -1.77 -9.60
CA VAL A 65 -6.53 -1.93 -10.98
C VAL A 65 -6.40 -0.60 -11.74
N ASP A 66 -5.45 -0.55 -12.66
CA ASP A 66 -5.22 0.66 -13.45
C ASP A 66 -6.51 1.15 -14.09
N ASP A 67 -6.63 2.46 -14.24
CA ASP A 67 -7.83 3.05 -14.84
C ASP A 67 -7.60 3.34 -16.31
N GLU A 68 -6.51 2.82 -16.85
CA GLU A 68 -6.16 3.02 -18.26
C GLU A 68 -6.23 1.71 -19.02
N THR A 69 -5.95 0.60 -18.34
CA THR A 69 -5.98 -0.71 -18.96
C THR A 69 -6.74 -1.70 -18.10
N LYS A 70 -7.08 -1.28 -16.88
CA LYS A 70 -7.83 -2.13 -15.96
C LYS A 70 -7.06 -3.42 -15.68
N GLY A 71 -5.75 -3.38 -15.89
CA GLY A 71 -4.92 -4.55 -15.67
C GLY A 71 -4.69 -4.81 -14.19
N LEU A 72 -3.44 -5.08 -13.84
CA LEU A 72 -3.06 -5.35 -12.45
C LEU A 72 -1.63 -4.92 -12.17
N ILE A 73 -1.46 -3.91 -11.35
CA ILE A 73 -0.12 -3.40 -11.01
C ILE A 73 0.38 -4.00 -9.71
N VAL A 74 -0.49 -4.02 -8.70
CA VAL A 74 -0.12 -4.56 -7.39
C VAL A 74 -1.01 -5.75 -7.01
N ASP A 75 -0.50 -6.95 -7.25
CA ASP A 75 -1.23 -8.17 -6.92
C ASP A 75 -0.66 -8.84 -5.68
N GLN A 76 -0.65 -8.11 -4.57
CA GLN A 76 -0.11 -8.62 -3.32
C GLN A 76 -1.21 -8.78 -2.27
N THR A 77 -0.81 -9.04 -1.03
CA THR A 77 -1.76 -9.22 0.06
C THR A 77 -1.30 -8.48 1.31
N ILE A 78 -2.24 -8.16 2.18
CA ILE A 78 -1.93 -7.45 3.43
C ILE A 78 -0.91 -8.23 4.24
N GLU A 79 -1.09 -9.55 4.31
CA GLU A 79 -0.17 -10.41 5.03
C GLU A 79 1.06 -10.72 4.20
N LYS A 80 0.96 -10.43 2.90
CA LYS A 80 2.06 -10.66 1.97
C LYS A 80 3.14 -9.59 2.14
N VAL A 81 2.71 -8.34 2.34
CA VAL A 81 3.64 -7.24 2.52
C VAL A 81 4.18 -7.21 3.95
N SER A 82 5.40 -6.70 4.11
CA SER A 82 6.03 -6.61 5.42
C SER A 82 5.15 -5.80 6.37
N PHE A 83 4.94 -4.53 6.04
CA PHE A 83 4.11 -3.65 6.85
C PHE A 83 3.90 -2.31 6.15
N CYS A 84 2.66 -1.83 6.17
CA CYS A 84 2.31 -0.57 5.52
C CYS A 84 2.71 0.62 6.39
N ALA A 85 3.30 1.63 5.76
CA ALA A 85 3.73 2.83 6.47
C ALA A 85 3.59 4.06 5.56
N PRO A 86 2.52 4.87 5.78
CA PRO A 86 2.28 6.07 4.97
C PRO A 86 3.48 7.02 4.96
N ASP A 87 3.58 7.86 5.99
CA ASP A 87 4.67 8.80 6.09
C ASP A 87 4.76 9.40 7.50
N ARG A 88 5.85 10.11 7.77
CA ARG A 88 6.06 10.73 9.08
C ARG A 88 4.90 11.65 9.43
N ASN A 89 4.50 12.48 8.47
CA ASN A 89 3.40 13.41 8.68
C ASN A 89 2.19 13.03 7.85
N HIS A 90 2.35 13.07 6.52
CA HIS A 90 1.28 12.72 5.61
C HIS A 90 1.76 12.82 4.16
N GLU A 91 1.91 14.05 3.68
CA GLU A 91 2.36 14.30 2.31
C GLU A 91 1.41 13.66 1.30
N ARG A 92 0.23 13.27 1.78
CA ARG A 92 -0.77 12.64 0.92
C ARG A 92 -0.16 11.51 0.10
N GLY A 93 0.83 10.85 0.69
CA GLY A 93 1.50 9.75 0.01
C GLY A 93 1.92 8.64 0.96
N PHE A 94 1.70 7.40 0.55
CA PHE A 94 2.04 6.25 1.38
C PHE A 94 3.00 5.32 0.63
N SER A 95 3.32 4.18 1.26
CA SER A 95 4.22 3.21 0.65
C SER A 95 4.14 1.86 1.37
N TYR A 96 4.81 0.88 0.81
CA TYR A 96 4.84 -0.46 1.38
C TYR A 96 6.05 -1.23 0.91
N ILE A 97 6.57 -2.11 1.78
CA ILE A 97 7.75 -2.88 1.43
C ILE A 97 7.45 -4.38 1.39
N CYS A 98 8.29 -5.13 0.68
CA CYS A 98 8.13 -6.57 0.56
C CYS A 98 9.46 -7.23 0.20
N ARG A 99 9.43 -8.53 -0.02
CA ARG A 99 10.64 -9.27 -0.36
C ARG A 99 10.42 -10.15 -1.59
N ASP A 100 11.38 -10.13 -2.51
CA ASP A 100 11.34 -10.94 -3.73
C ASP A 100 9.96 -10.89 -4.38
N GLY A 101 9.67 -11.89 -5.20
CA GLY A 101 8.40 -11.92 -5.91
C GLY A 101 8.57 -11.43 -7.34
N THR A 102 9.72 -10.82 -7.60
CA THR A 102 10.04 -10.30 -8.93
C THR A 102 11.44 -9.67 -8.91
N THR A 103 11.93 -9.38 -7.71
CA THR A 103 13.24 -8.78 -7.53
C THR A 103 14.19 -9.76 -6.85
N ARG A 104 13.62 -10.83 -6.29
CA ARG A 104 14.40 -11.85 -5.60
C ARG A 104 15.23 -11.26 -4.46
N ARG A 105 14.76 -10.15 -3.90
CA ARG A 105 15.45 -9.50 -2.79
C ARG A 105 14.65 -8.33 -2.24
N TRP A 106 15.27 -7.56 -1.35
CA TRP A 106 14.64 -6.41 -0.73
C TRP A 106 14.24 -5.36 -1.75
N MET A 107 13.02 -4.84 -1.61
CA MET A 107 12.50 -3.82 -2.53
C MET A 107 11.24 -3.19 -1.95
N CYS A 108 11.06 -1.90 -2.21
CA CYS A 108 9.90 -1.17 -1.72
C CYS A 108 9.19 -0.44 -2.85
N HIS A 109 7.87 -0.36 -2.77
CA HIS A 109 7.07 0.32 -3.77
C HIS A 109 6.38 1.54 -3.16
N GLY A 110 6.39 2.65 -3.91
CA GLY A 110 5.76 3.86 -3.42
C GLY A 110 4.50 4.23 -4.20
N PHE A 111 3.59 4.94 -3.54
CA PHE A 111 2.35 5.36 -4.17
C PHE A 111 1.63 6.40 -3.32
N LEU A 112 1.18 7.48 -3.97
CA LEU A 112 0.49 8.56 -3.26
C LEU A 112 -1.01 8.53 -3.58
N ALA A 113 -1.80 9.10 -2.67
CA ALA A 113 -3.24 9.14 -2.85
C ALA A 113 -3.65 10.27 -3.79
N CYS A 114 -4.32 9.91 -4.88
CA CYS A 114 -4.78 10.88 -5.86
C CYS A 114 -5.92 11.73 -5.30
N LYS A 115 -6.46 11.29 -4.17
CA LYS A 115 -7.57 12.00 -3.53
C LYS A 115 -7.06 13.10 -2.62
N ASP A 116 -5.84 12.93 -2.11
CA ASP A 116 -5.24 13.91 -1.22
C ASP A 116 -6.14 14.20 -0.02
N SER A 117 -6.24 13.23 0.88
CA SER A 117 -7.07 13.37 2.07
C SER A 117 -6.58 12.46 3.20
N GLY A 118 -5.99 11.33 2.82
CA GLY A 118 -5.48 10.40 3.80
C GLY A 118 -6.57 9.80 4.67
N GLU A 119 -7.73 9.54 4.06
CA GLU A 119 -8.85 8.97 4.77
C GLU A 119 -9.57 7.91 3.93
N ARG A 120 -9.53 8.09 2.61
CA ARG A 120 -10.16 7.16 1.69
C ARG A 120 -9.20 6.07 1.27
N LEU A 121 -7.97 6.15 1.75
CA LEU A 121 -6.94 5.18 1.41
C LEU A 121 -6.14 4.75 2.64
N SER A 122 -5.52 5.74 3.29
CA SER A 122 -4.69 5.48 4.47
C SER A 122 -5.55 4.96 5.62
N HIS A 123 -6.55 5.75 6.01
CA HIS A 123 -7.43 5.38 7.11
C HIS A 123 -8.15 4.07 6.81
N ALA A 124 -8.22 3.71 5.54
CA ALA A 124 -8.89 2.48 5.13
C ALA A 124 -8.00 1.27 5.38
N VAL A 125 -6.73 1.37 5.00
CA VAL A 125 -5.77 0.29 5.20
C VAL A 125 -5.58 -0.01 6.69
N GLY A 126 -5.71 1.02 7.51
CA GLY A 126 -5.55 0.86 8.94
C GLY A 126 -6.60 -0.05 9.54
N CYS A 127 -7.59 -0.43 8.73
CA CYS A 127 -8.65 -1.32 9.19
C CYS A 127 -8.67 -2.62 8.38
N ALA A 128 -7.81 -2.68 7.35
CA ALA A 128 -7.73 -3.85 6.50
C ALA A 128 -7.03 -5.01 7.21
N PHE A 129 -5.83 -4.73 7.73
CA PHE A 129 -5.05 -5.75 8.42
C PHE A 129 -5.75 -6.19 9.71
N ALA A 130 -6.49 -5.26 10.32
CA ALA A 130 -7.21 -5.56 11.55
C ALA A 130 -8.20 -6.71 11.34
N VAL A 131 -8.59 -6.90 10.09
CA VAL A 131 -9.54 -7.96 9.75
C VAL A 131 -8.80 -9.22 9.32
N CYS A 132 -7.54 -9.05 8.95
CA CYS A 132 -6.72 -10.18 8.51
C CYS A 132 -6.28 -11.03 9.69
N LEU A 133 -6.20 -10.41 10.87
CA LEU A 133 -5.81 -11.12 12.08
C LEU A 133 -6.98 -11.20 13.07
N GLU A 134 -8.19 -11.13 12.54
CA GLU A 134 -9.40 -11.21 13.37
C GLU A 134 -9.49 -12.56 14.05
N ARG A 135 -9.14 -13.62 13.32
CA ARG A 135 -9.18 -14.97 13.85
C ARG A 135 -7.82 -15.39 14.40
N GLY B 1 2.42 6.02 10.91
CA GLY B 1 2.07 4.73 10.25
C GLY B 1 1.40 3.75 11.19
N PHE B 2 0.92 2.64 10.64
CA PHE B 2 0.25 1.63 11.44
C PHE B 2 1.00 0.30 11.36
N SER B 3 1.35 -0.10 10.14
CA SER B 3 2.06 -1.35 9.90
C SER B 3 1.24 -2.56 10.33
N ASN B 4 0.92 -3.43 9.38
CA ASN B 4 0.14 -4.63 9.66
C ASN B 4 0.81 -5.48 10.73
N MET B 5 0.02 -6.32 11.38
CA MET B 5 0.54 -7.20 12.44
C MET B 5 0.19 -8.66 12.15
N SER B 6 -0.50 -8.88 11.03
CA SER B 6 -0.91 -10.23 10.64
C SER B 6 0.13 -10.87 9.73
N PHE B 7 1.37 -10.41 9.85
CA PHE B 7 2.47 -10.94 9.04
C PHE B 7 2.85 -12.34 9.48
N GLU B 8 3.56 -13.06 8.61
CA GLU B 8 4.00 -14.42 8.91
C GLU B 8 5.52 -14.47 8.98
N ASP B 9 6.15 -13.29 9.00
CA ASP B 9 7.60 -13.19 9.06
C ASP B 9 8.26 -13.91 7.90
N PHE B 10 8.26 -13.28 6.73
CA PHE B 10 8.85 -13.87 5.54
C PHE B 10 10.36 -14.05 5.73
N PRO B 11 10.93 -15.12 5.14
CA PRO B 11 12.36 -15.42 5.25
C PRO B 11 13.23 -14.40 4.50
N HIS A 1 -21.81 4.26 11.81
CA HIS A 1 -22.64 4.36 10.61
C HIS A 1 -21.78 4.36 9.35
N GLN A 2 -21.07 5.47 9.13
CA GLN A 2 -20.20 5.59 7.96
C GLN A 2 -19.10 4.53 8.00
N TRP A 3 -18.45 4.41 9.16
CA TRP A 3 -17.39 3.42 9.33
C TRP A 3 -17.98 2.03 9.42
N GLN A 4 -19.25 1.95 9.79
CA GLN A 4 -19.93 0.68 9.90
C GLN A 4 -20.10 0.05 8.51
N ALA A 5 -20.14 0.89 7.49
CA ALA A 5 -20.29 0.43 6.11
C ALA A 5 -18.93 0.28 5.45
N ASP A 6 -17.94 1.00 5.98
CA ASP A 6 -16.58 0.93 5.46
C ASP A 6 -15.89 -0.32 5.96
N GLU A 7 -16.31 -0.80 7.14
CA GLU A 7 -15.74 -2.00 7.72
C GLU A 7 -16.00 -3.19 6.81
N GLU A 8 -17.08 -3.13 6.06
CA GLU A 8 -17.45 -4.20 5.13
C GLU A 8 -16.68 -4.04 3.82
N ALA A 9 -16.25 -2.82 3.53
CA ALA A 9 -15.49 -2.53 2.32
C ALA A 9 -14.25 -3.42 2.23
N VAL A 10 -13.47 -3.46 3.30
CA VAL A 10 -12.27 -4.28 3.35
C VAL A 10 -12.63 -5.77 3.22
N ARG A 11 -13.70 -6.17 3.93
CA ARG A 11 -14.16 -7.55 3.88
C ARG A 11 -14.43 -7.97 2.44
N SER A 12 -14.94 -7.03 1.65
CA SER A 12 -15.23 -7.29 0.24
C SER A 12 -13.92 -7.38 -0.54
N ALA A 13 -13.48 -6.25 -1.07
CA ALA A 13 -12.23 -6.20 -1.84
C ALA A 13 -11.99 -4.80 -2.40
N THR A 14 -12.30 -3.76 -1.62
CA THR A 14 -12.11 -2.39 -2.06
C THR A 14 -12.41 -1.38 -0.96
N CYS A 15 -11.34 -0.85 -0.36
CA CYS A 15 -11.48 0.15 0.70
C CYS A 15 -10.39 1.21 0.59
N SER A 16 -10.30 1.86 -0.57
CA SER A 16 -9.30 2.89 -0.79
C SER A 16 -9.79 3.93 -1.81
N PHE A 17 -8.85 4.54 -2.53
CA PHE A 17 -9.17 5.56 -3.52
C PHE A 17 -8.08 5.66 -4.59
N SER A 18 -8.20 6.65 -5.47
CA SER A 18 -7.23 6.85 -6.55
C SER A 18 -5.81 6.94 -6.01
N VAL A 19 -4.86 6.44 -6.79
CA VAL A 19 -3.45 6.46 -6.40
C VAL A 19 -2.54 6.64 -7.61
N LYS A 20 -1.23 6.61 -7.38
CA LYS A 20 -0.25 6.75 -8.45
C LYS A 20 0.96 5.85 -8.20
N TYR A 21 0.82 4.57 -8.56
CA TYR A 21 1.89 3.61 -8.39
C TYR A 21 3.13 4.02 -9.19
N LEU A 22 4.10 4.62 -8.52
CA LEU A 22 5.31 5.07 -9.17
C LEU A 22 6.12 3.90 -9.71
N GLY A 23 6.31 2.89 -8.88
CA GLY A 23 7.06 1.72 -9.29
C GLY A 23 7.68 0.97 -8.12
N CYS A 24 8.96 0.65 -8.24
CA CYS A 24 9.68 -0.07 -7.19
C CYS A 24 11.13 0.41 -7.09
N VAL A 25 11.57 0.66 -5.86
CA VAL A 25 12.94 1.11 -5.64
C VAL A 25 13.65 0.20 -4.65
N GLU A 26 14.98 0.20 -4.69
CA GLU A 26 15.78 -0.64 -3.79
C GLU A 26 15.97 0.04 -2.44
N VAL A 27 15.96 -0.76 -1.38
CA VAL A 27 16.13 -0.25 -0.02
C VAL A 27 17.21 -1.02 0.71
N PHE A 28 17.45 -0.66 1.97
CA PHE A 28 18.47 -1.32 2.77
C PHE A 28 18.08 -1.33 4.24
N GLU A 29 16.94 -1.94 4.56
CA GLU A 29 16.46 -2.03 5.93
C GLU A 29 15.28 -2.98 6.03
N SER A 30 14.19 -2.63 5.36
CA SER A 30 12.97 -3.44 5.38
C SER A 30 12.58 -3.80 6.81
N ARG A 31 12.45 -2.77 7.65
CA ARG A 31 12.08 -2.96 9.04
C ARG A 31 11.61 -1.66 9.67
N GLY A 32 10.33 -1.61 10.04
CA GLY A 32 9.77 -0.41 10.65
C GLY A 32 8.64 0.18 9.83
N MET A 33 8.65 1.50 9.69
CA MET A 33 7.62 2.20 8.93
C MET A 33 8.19 3.45 8.27
N GLN A 34 9.33 3.91 8.77
CA GLN A 34 9.99 5.09 8.23
C GLN A 34 10.76 4.76 6.96
N VAL A 35 10.64 3.52 6.50
CA VAL A 35 11.32 3.06 5.30
C VAL A 35 10.46 3.35 4.06
N CYS A 36 9.19 3.64 4.29
CA CYS A 36 8.27 3.93 3.20
C CYS A 36 8.27 5.42 2.87
N GLU A 37 8.45 6.25 3.89
CA GLU A 37 8.48 7.70 3.72
C GLU A 37 9.69 8.11 2.89
N GLU A 38 10.72 7.27 2.88
CA GLU A 38 11.93 7.56 2.13
C GLU A 38 11.87 6.94 0.73
N ALA A 39 11.45 5.68 0.67
CA ALA A 39 11.33 4.97 -0.59
C ALA A 39 10.42 5.73 -1.55
N LEU A 40 9.42 6.40 -1.00
CA LEU A 40 8.48 7.17 -1.81
C LEU A 40 9.17 8.40 -2.41
N LYS A 41 10.02 9.04 -1.62
CA LYS A 41 10.74 10.21 -2.08
C LYS A 41 11.75 9.84 -3.17
N VAL A 42 12.17 8.59 -3.18
CA VAL A 42 13.12 8.10 -4.17
C VAL A 42 12.43 7.90 -5.52
N LEU A 43 11.26 7.27 -5.50
CA LEU A 43 10.51 7.03 -6.72
C LEU A 43 10.15 8.33 -7.42
N ARG A 44 9.87 9.36 -6.62
CA ARG A 44 9.53 10.67 -7.16
C ARG A 44 10.75 11.35 -7.77
N GLN A 45 11.89 11.20 -7.11
CA GLN A 45 13.14 11.80 -7.59
C GLN A 45 13.71 11.00 -8.74
N SER A 46 13.17 9.81 -8.97
CA SER A 46 13.63 8.95 -10.05
C SER A 46 12.72 9.06 -11.26
N ARG A 47 12.98 8.24 -12.28
CA ARG A 47 12.18 8.24 -13.49
C ARG A 47 10.98 7.31 -13.36
N ARG A 48 10.69 6.89 -12.12
CA ARG A 48 9.57 6.00 -11.86
C ARG A 48 8.25 6.65 -12.28
N ARG A 49 7.72 6.21 -13.42
CA ARG A 49 6.46 6.74 -13.93
C ARG A 49 5.27 6.18 -13.17
N PRO A 50 4.43 7.07 -12.58
CA PRO A 50 3.25 6.64 -11.84
C PRO A 50 2.12 6.19 -12.75
N VAL A 51 1.06 5.65 -12.15
CA VAL A 51 -0.09 5.17 -12.92
C VAL A 51 -1.40 5.72 -12.34
N ARG A 52 -2.32 6.10 -13.22
CA ARG A 52 -3.61 6.63 -12.80
C ARG A 52 -4.63 5.51 -12.62
N GLY A 53 -4.46 4.75 -11.55
CA GLY A 53 -5.36 3.64 -11.27
C GLY A 53 -6.00 3.74 -9.91
N LEU A 54 -7.22 3.23 -9.78
CA LEU A 54 -7.94 3.25 -8.52
C LEU A 54 -7.47 2.14 -7.59
N LEU A 55 -7.08 2.51 -6.38
CA LEU A 55 -6.63 1.53 -5.39
C LEU A 55 -7.80 1.01 -4.58
N HIS A 56 -7.82 -0.30 -4.35
CA HIS A 56 -8.89 -0.93 -3.60
C HIS A 56 -8.33 -1.77 -2.45
N VAL A 57 -8.26 -1.16 -1.26
CA VAL A 57 -7.75 -1.87 -0.09
C VAL A 57 -8.61 -3.08 0.24
N SER A 58 -8.16 -4.24 -0.21
CA SER A 58 -8.89 -5.49 0.03
C SER A 58 -8.20 -6.29 1.13
N GLY A 59 -9.00 -6.85 2.03
CA GLY A 59 -8.45 -7.61 3.14
C GLY A 59 -8.04 -9.01 2.74
N ASP A 60 -7.44 -9.12 1.55
CA ASP A 60 -6.98 -10.42 1.05
C ASP A 60 -5.97 -10.22 -0.08
N GLY A 61 -5.48 -9.00 -0.22
CA GLY A 61 -4.52 -8.71 -1.27
C GLY A 61 -4.84 -7.43 -2.01
N LEU A 62 -4.20 -6.33 -1.62
CA LEU A 62 -4.43 -5.04 -2.26
C LEU A 62 -4.23 -5.12 -3.76
N ARG A 63 -5.11 -4.46 -4.50
CA ARG A 63 -5.03 -4.46 -5.96
C ARG A 63 -5.30 -3.06 -6.51
N VAL A 64 -4.56 -2.70 -7.57
CA VAL A 64 -4.72 -1.39 -8.19
C VAL A 64 -5.25 -1.53 -9.61
N VAL A 65 -6.54 -1.25 -9.78
CA VAL A 65 -7.17 -1.35 -11.09
C VAL A 65 -7.16 0.01 -11.79
N ASP A 66 -6.43 0.08 -12.91
CA ASP A 66 -6.31 1.31 -13.67
C ASP A 66 -7.69 1.91 -13.96
N ASP A 67 -7.77 3.24 -13.96
CA ASP A 67 -9.03 3.93 -14.21
C ASP A 67 -9.20 4.24 -15.69
N GLU A 68 -8.26 3.77 -16.51
CA GLU A 68 -8.32 4.00 -17.96
C GLU A 68 -8.19 2.69 -18.71
N THR A 69 -7.42 1.76 -18.14
CA THR A 69 -7.20 0.46 -18.76
C THR A 69 -7.99 -0.62 -18.02
N LYS A 70 -8.38 -0.31 -16.78
CA LYS A 70 -9.14 -1.26 -15.96
C LYS A 70 -8.47 -2.63 -15.95
N GLY A 71 -7.15 -2.63 -15.87
CA GLY A 71 -6.40 -3.88 -15.86
C GLY A 71 -5.96 -4.27 -14.48
N LEU A 72 -4.67 -4.48 -14.30
CA LEU A 72 -4.11 -4.86 -13.02
C LEU A 72 -2.64 -4.44 -12.92
N ILE A 73 -2.36 -3.50 -12.02
CA ILE A 73 -1.00 -2.99 -11.84
C ILE A 73 -0.30 -3.70 -10.69
N VAL A 74 -0.93 -3.69 -9.51
CA VAL A 74 -0.35 -4.33 -8.33
C VAL A 74 -1.16 -5.55 -7.91
N ASP A 75 -0.56 -6.73 -8.07
CA ASP A 75 -1.21 -7.98 -7.68
C ASP A 75 -0.63 -8.51 -6.37
N GLN A 76 -0.09 -7.61 -5.57
CA GLN A 76 0.52 -7.97 -4.30
C GLN A 76 -0.53 -8.45 -3.30
N THR A 77 -0.12 -8.63 -2.05
CA THR A 77 -1.02 -9.08 -1.00
C THR A 77 -0.65 -8.46 0.34
N ILE A 78 -1.64 -8.35 1.23
CA ILE A 78 -1.42 -7.77 2.55
C ILE A 78 -0.59 -8.71 3.42
N GLU A 79 -0.91 -10.00 3.36
CA GLU A 79 -0.19 -10.99 4.13
C GLU A 79 1.14 -11.34 3.46
N LYS A 80 1.40 -10.71 2.32
CA LYS A 80 2.63 -10.93 1.57
C LYS A 80 3.66 -9.86 1.89
N VAL A 81 3.21 -8.61 1.95
CA VAL A 81 4.11 -7.51 2.24
C VAL A 81 4.66 -7.60 3.66
N SER A 82 5.91 -7.19 3.84
CA SER A 82 6.55 -7.22 5.15
C SER A 82 5.71 -6.45 6.17
N PHE A 83 5.59 -5.14 5.97
CA PHE A 83 4.81 -4.29 6.85
C PHE A 83 4.10 -3.19 6.07
N CYS A 84 3.39 -2.34 6.79
CA CYS A 84 2.67 -1.22 6.18
C CYS A 84 3.13 0.11 6.78
N ALA A 85 2.97 1.19 6.03
CA ALA A 85 3.36 2.51 6.52
C ALA A 85 2.99 3.61 5.51
N PRO A 86 2.26 4.64 5.97
CA PRO A 86 1.87 5.76 5.12
C PRO A 86 2.94 6.84 5.03
N ASP A 87 2.88 7.81 5.94
CA ASP A 87 3.85 8.91 5.97
C ASP A 87 3.62 9.79 7.20
N ARG A 88 4.36 10.89 7.27
CA ARG A 88 4.22 11.82 8.38
C ARG A 88 2.94 12.65 8.24
N ASN A 89 3.03 13.74 7.49
CA ASN A 89 1.88 14.62 7.25
C ASN A 89 2.26 15.79 6.36
N HIS A 90 2.94 15.49 5.26
CA HIS A 90 3.38 16.51 4.32
C HIS A 90 3.33 16.02 2.88
N GLU A 91 3.59 14.72 2.70
CA GLU A 91 3.59 14.12 1.37
C GLU A 91 2.26 13.42 1.07
N ARG A 92 1.57 12.99 2.12
CA ARG A 92 0.30 12.29 1.97
C ARG A 92 0.46 11.03 1.13
N GLY A 93 1.70 10.57 1.00
CA GLY A 93 1.97 9.38 0.21
C GLY A 93 2.26 8.17 1.08
N PHE A 94 1.81 7.00 0.64
CA PHE A 94 2.03 5.76 1.40
C PHE A 94 2.84 4.77 0.58
N SER A 95 3.28 3.69 1.23
CA SER A 95 4.06 2.66 0.57
C SER A 95 4.12 1.40 1.40
N TYR A 96 4.75 0.36 0.85
CA TYR A 96 4.88 -0.91 1.54
C TYR A 96 6.21 -1.58 1.16
N ILE A 97 6.81 -2.28 2.11
CA ILE A 97 8.08 -2.94 1.89
C ILE A 97 7.92 -4.45 1.78
N CYS A 98 8.84 -5.08 1.04
CA CYS A 98 8.81 -6.53 0.85
C CYS A 98 10.21 -7.08 0.68
N ARG A 99 10.56 -8.08 1.48
CA ARG A 99 11.88 -8.69 1.43
C ARG A 99 11.86 -10.00 0.63
N ASP A 100 12.53 -9.98 -0.52
CA ASP A 100 12.62 -11.15 -1.38
C ASP A 100 11.23 -11.74 -1.65
N GLY A 101 11.19 -13.04 -1.94
CA GLY A 101 9.92 -13.69 -2.25
C GLY A 101 9.53 -13.47 -3.71
N THR A 102 9.82 -12.28 -4.20
CA THR A 102 9.56 -11.91 -5.58
C THR A 102 10.54 -10.83 -6.00
N THR A 103 11.48 -10.53 -5.10
CA THR A 103 12.48 -9.51 -5.35
C THR A 103 13.89 -10.06 -5.08
N ARG A 104 13.94 -11.18 -4.35
CA ARG A 104 15.21 -11.78 -3.98
C ARG A 104 16.07 -10.79 -3.21
N ARG A 105 15.40 -9.84 -2.56
CA ARG A 105 16.07 -8.80 -1.77
C ARG A 105 15.06 -7.75 -1.31
N TRP A 106 15.53 -6.79 -0.52
CA TRP A 106 14.67 -5.73 0.00
C TRP A 106 14.31 -4.72 -1.08
N MET A 107 13.02 -4.52 -1.28
CA MET A 107 12.51 -3.58 -2.26
C MET A 107 11.12 -3.08 -1.86
N CYS A 108 10.97 -1.76 -1.76
CA CYS A 108 9.71 -1.17 -1.36
C CYS A 108 8.99 -0.52 -2.54
N HIS A 109 7.68 -0.66 -2.57
CA HIS A 109 6.86 -0.07 -3.64
C HIS A 109 6.15 1.16 -3.11
N GLY A 110 6.26 2.27 -3.84
CA GLY A 110 5.65 3.52 -3.40
C GLY A 110 4.50 3.96 -4.28
N PHE A 111 3.59 4.74 -3.69
CA PHE A 111 2.43 5.26 -4.41
C PHE A 111 1.87 6.48 -3.70
N LEU A 112 1.53 7.51 -4.47
CA LEU A 112 1.01 8.74 -3.90
C LEU A 112 -0.51 8.78 -3.97
N ALA A 113 -1.14 9.28 -2.91
CA ALA A 113 -2.59 9.37 -2.84
C ALA A 113 -3.08 10.56 -3.67
N CYS A 114 -3.85 10.26 -4.72
CA CYS A 114 -4.39 11.29 -5.60
C CYS A 114 -5.26 12.28 -4.82
N LYS A 115 -5.79 11.82 -3.68
CA LYS A 115 -6.64 12.65 -2.86
C LYS A 115 -5.82 13.56 -1.95
N ASP A 116 -4.61 13.11 -1.61
CA ASP A 116 -3.71 13.87 -0.75
C ASP A 116 -4.40 14.25 0.56
N SER A 117 -4.39 13.32 1.51
CA SER A 117 -5.01 13.55 2.82
C SER A 117 -4.48 12.56 3.84
N GLY A 118 -4.27 11.32 3.43
CA GLY A 118 -3.77 10.30 4.32
C GLY A 118 -4.84 9.77 5.25
N GLU A 119 -6.10 9.99 4.88
CA GLU A 119 -7.23 9.54 5.70
C GLU A 119 -8.29 8.89 4.81
N ARG A 120 -8.04 8.86 3.51
CA ARG A 120 -8.96 8.26 2.57
C ARG A 120 -8.56 6.83 2.22
N LEU A 121 -7.27 6.55 2.34
CA LEU A 121 -6.73 5.23 2.03
C LEU A 121 -5.99 4.65 3.23
N SER A 122 -5.07 5.44 3.79
CA SER A 122 -4.26 5.01 4.92
C SER A 122 -5.13 4.63 6.12
N HIS A 123 -6.07 5.50 6.46
CA HIS A 123 -6.95 5.26 7.61
C HIS A 123 -7.93 4.12 7.33
N ALA A 124 -7.87 3.56 6.14
CA ALA A 124 -8.75 2.45 5.77
C ALA A 124 -8.02 1.13 5.78
N VAL A 125 -6.78 1.13 5.29
CA VAL A 125 -5.97 -0.08 5.24
C VAL A 125 -5.59 -0.54 6.65
N GLY A 126 -5.76 0.36 7.62
CA GLY A 126 -5.42 0.04 9.00
C GLY A 126 -6.29 -1.09 9.55
N CYS A 127 -7.57 -1.07 9.20
CA CYS A 127 -8.51 -2.09 9.65
C CYS A 127 -8.44 -3.33 8.77
N ALA A 128 -7.77 -3.20 7.63
CA ALA A 128 -7.63 -4.31 6.69
C ALA A 128 -6.93 -5.50 7.33
N PHE A 129 -6.08 -5.22 8.31
CA PHE A 129 -5.34 -6.27 9.00
C PHE A 129 -6.21 -6.93 10.07
N ALA A 130 -7.02 -6.12 10.75
CA ALA A 130 -7.90 -6.61 11.81
C ALA A 130 -8.80 -7.73 11.30
N VAL A 131 -9.00 -7.77 9.99
CA VAL A 131 -9.83 -8.80 9.37
C VAL A 131 -9.11 -10.14 9.34
N CYS A 132 -7.82 -10.10 8.99
CA CYS A 132 -7.01 -11.30 8.94
C CYS A 132 -6.58 -11.71 10.34
N LEU A 133 -6.72 -10.79 11.28
CA LEU A 133 -6.35 -11.06 12.66
C LEU A 133 -7.51 -11.70 13.43
N GLU A 134 -8.73 -11.42 12.97
CA GLU A 134 -9.92 -11.98 13.59
C GLU A 134 -9.95 -13.50 13.44
N ARG A 135 -9.18 -14.00 12.48
CA ARG A 135 -9.12 -15.43 12.22
C ARG A 135 -7.96 -16.08 12.97
N GLY B 1 1.45 5.42 10.35
CA GLY B 1 1.88 5.07 11.74
C GLY B 1 1.37 3.72 12.18
N PHE B 2 1.35 2.77 11.27
CA PHE B 2 0.87 1.43 11.58
C PHE B 2 1.32 0.42 10.53
N SER B 3 1.29 -0.86 10.87
CA SER B 3 1.70 -1.91 9.95
C SER B 3 0.85 -3.17 10.17
N ASN B 4 1.00 -4.14 9.27
CA ASN B 4 0.25 -5.39 9.36
C ASN B 4 0.91 -6.35 10.34
N MET B 5 0.14 -7.33 10.80
CA MET B 5 0.65 -8.31 11.76
C MET B 5 0.25 -9.73 11.35
N SER B 6 -0.59 -9.83 10.32
CA SER B 6 -1.04 -11.12 9.84
C SER B 6 -0.15 -11.64 8.71
N PHE B 7 1.10 -11.21 8.71
CA PHE B 7 2.06 -11.62 7.70
C PHE B 7 2.29 -13.13 7.77
N GLU B 8 2.78 -13.70 6.67
CA GLU B 8 3.04 -15.13 6.60
C GLU B 8 4.43 -15.44 7.14
N ASP B 9 5.08 -14.44 7.71
CA ASP B 9 6.41 -14.61 8.28
C ASP B 9 7.38 -15.20 7.26
N PHE B 10 7.70 -14.43 6.23
CA PHE B 10 8.60 -14.88 5.18
C PHE B 10 10.03 -15.05 5.73
N PRO B 11 10.74 -16.10 5.30
CA PRO B 11 12.11 -16.37 5.76
C PRO B 11 13.10 -15.32 5.25
N HIS A 1 -21.50 8.50 5.31
CA HIS A 1 -21.47 8.36 3.86
C HIS A 1 -20.27 7.52 3.42
N GLN A 2 -19.07 8.03 3.71
CA GLN A 2 -17.84 7.34 3.34
C GLN A 2 -17.54 6.21 4.31
N TRP A 3 -17.53 6.53 5.61
CA TRP A 3 -17.26 5.54 6.64
C TRP A 3 -18.32 4.46 6.65
N GLN A 4 -19.51 4.81 6.17
CA GLN A 4 -20.61 3.87 6.12
C GLN A 4 -20.41 2.86 4.99
N ALA A 5 -19.67 3.27 3.96
CA ALA A 5 -19.39 2.41 2.83
C ALA A 5 -17.93 1.97 2.83
N ASP A 6 -17.25 2.23 3.94
CA ASP A 6 -15.84 1.87 4.07
C ASP A 6 -15.65 0.75 5.09
N GLU A 7 -16.50 0.72 6.11
CA GLU A 7 -16.43 -0.31 7.12
C GLU A 7 -16.63 -1.69 6.52
N GLU A 8 -17.57 -1.80 5.59
CA GLU A 8 -17.85 -3.07 4.92
C GLU A 8 -17.04 -3.18 3.63
N ALA A 9 -16.33 -2.10 3.28
CA ALA A 9 -15.53 -2.07 2.07
C ALA A 9 -14.36 -3.06 2.17
N VAL A 10 -13.67 -3.05 3.30
CA VAL A 10 -12.55 -3.96 3.50
C VAL A 10 -13.03 -5.40 3.54
N ARG A 11 -14.21 -5.62 4.10
CA ARG A 11 -14.80 -6.94 4.17
C ARG A 11 -14.99 -7.52 2.78
N SER A 12 -15.39 -6.66 1.84
CA SER A 12 -15.60 -7.07 0.46
C SER A 12 -14.25 -7.27 -0.24
N ALA A 13 -13.75 -6.21 -0.88
CA ALA A 13 -12.48 -6.27 -1.58
C ALA A 13 -12.10 -4.92 -2.20
N THR A 14 -12.43 -3.84 -1.49
CA THR A 14 -12.14 -2.50 -1.98
C THR A 14 -12.51 -1.43 -0.95
N CYS A 15 -11.52 -0.92 -0.24
CA CYS A 15 -11.77 0.10 0.79
C CYS A 15 -10.87 1.32 0.60
N SER A 16 -10.02 1.29 -0.43
CA SER A 16 -9.13 2.41 -0.70
C SER A 16 -9.69 3.32 -1.78
N PHE A 17 -8.84 4.16 -2.35
CA PHE A 17 -9.27 5.10 -3.39
C PHE A 17 -8.11 5.50 -4.30
N SER A 18 -8.34 6.51 -5.14
CA SER A 18 -7.34 6.98 -6.09
C SER A 18 -5.94 7.00 -5.50
N VAL A 19 -4.95 6.64 -6.32
CA VAL A 19 -3.56 6.62 -5.89
C VAL A 19 -2.63 7.09 -7.01
N LYS A 20 -1.34 6.83 -6.84
CA LYS A 20 -0.35 7.21 -7.83
C LYS A 20 0.87 6.30 -7.75
N TYR A 21 0.70 5.06 -8.18
CA TYR A 21 1.80 4.09 -8.15
C TYR A 21 2.96 4.57 -9.00
N LEU A 22 3.98 5.12 -8.33
CA LEU A 22 5.16 5.61 -9.01
C LEU A 22 6.03 4.46 -9.49
N GLY A 23 6.16 3.43 -8.66
CA GLY A 23 6.96 2.28 -9.01
C GLY A 23 7.50 1.55 -7.80
N CYS A 24 8.79 1.25 -7.82
CA CYS A 24 9.43 0.57 -6.70
C CYS A 24 10.95 0.73 -6.76
N VAL A 25 11.57 0.88 -5.60
CA VAL A 25 13.01 1.04 -5.51
C VAL A 25 13.63 0.04 -4.55
N GLU A 26 14.90 -0.29 -4.78
CA GLU A 26 15.60 -1.24 -3.92
C GLU A 26 15.99 -0.61 -2.60
N VAL A 27 15.91 -1.39 -1.53
CA VAL A 27 16.24 -0.91 -0.20
C VAL A 27 17.23 -1.85 0.49
N PHE A 28 17.60 -1.51 1.72
CA PHE A 28 18.54 -2.32 2.48
C PHE A 28 18.17 -2.38 3.96
N GLU A 29 16.97 -2.88 4.24
CA GLU A 29 16.48 -2.99 5.61
C GLU A 29 15.13 -3.67 5.67
N SER A 30 14.09 -2.93 5.28
CA SER A 30 12.72 -3.44 5.31
C SER A 30 12.30 -3.77 6.74
N ARG A 31 13.02 -3.21 7.70
CA ARG A 31 12.73 -3.45 9.12
C ARG A 31 12.39 -2.14 9.83
N GLY A 32 11.46 -1.38 9.26
CA GLY A 32 11.06 -0.11 9.85
C GLY A 32 10.04 0.62 9.01
N MET A 33 9.45 1.67 9.58
CA MET A 33 8.44 2.45 8.87
C MET A 33 9.09 3.52 8.00
N GLN A 34 10.29 3.95 8.39
CA GLN A 34 11.01 4.98 7.65
C GLN A 34 11.38 4.49 6.26
N VAL A 35 11.35 3.17 6.07
CA VAL A 35 11.67 2.58 4.77
C VAL A 35 10.74 3.12 3.68
N CYS A 36 9.50 3.39 4.06
CA CYS A 36 8.50 3.92 3.13
C CYS A 36 8.65 5.43 3.01
N GLU A 37 9.02 6.08 4.11
CA GLU A 37 9.20 7.52 4.13
C GLU A 37 10.36 7.95 3.24
N GLU A 38 11.26 7.01 2.94
CA GLU A 38 12.41 7.28 2.10
C GLU A 38 12.21 6.72 0.70
N ALA A 39 11.76 5.47 0.62
CA ALA A 39 11.53 4.82 -0.67
C ALA A 39 10.58 5.65 -1.53
N LEU A 40 9.49 6.09 -0.95
CA LEU A 40 8.50 6.90 -1.66
C LEU A 40 9.14 8.17 -2.22
N LYS A 41 10.13 8.69 -1.50
CA LYS A 41 10.82 9.90 -1.93
C LYS A 41 11.73 9.61 -3.11
N VAL A 42 12.40 8.46 -3.08
CA VAL A 42 13.30 8.07 -4.16
C VAL A 42 12.55 8.01 -5.49
N LEU A 43 11.33 7.49 -5.46
CA LEU A 43 10.51 7.40 -6.67
C LEU A 43 10.16 8.78 -7.20
N ARG A 44 10.08 9.75 -6.30
CA ARG A 44 9.75 11.12 -6.67
C ARG A 44 10.95 11.82 -7.30
N GLN A 45 12.15 11.38 -6.91
CA GLN A 45 13.38 11.96 -7.43
C GLN A 45 13.77 11.31 -8.74
N SER A 46 13.29 10.09 -8.96
CA SER A 46 13.58 9.35 -10.18
C SER A 46 12.38 9.30 -11.11
N ARG A 47 12.60 8.85 -12.33
CA ARG A 47 11.52 8.76 -13.32
C ARG A 47 11.01 7.32 -13.43
N ARG A 48 10.33 6.88 -12.38
CA ARG A 48 9.78 5.53 -12.35
C ARG A 48 8.57 5.41 -13.28
N ARG A 49 7.69 4.47 -12.98
CA ARG A 49 6.50 4.24 -13.80
C ARG A 49 5.23 4.64 -13.07
N PRO A 50 4.84 5.93 -13.15
CA PRO A 50 3.62 6.44 -12.51
C PRO A 50 2.37 6.12 -13.30
N VAL A 51 1.38 5.52 -12.65
CA VAL A 51 0.14 5.16 -13.31
C VAL A 51 -1.03 5.99 -12.77
N ARG A 52 -2.15 5.98 -13.49
CA ARG A 52 -3.34 6.72 -13.09
C ARG A 52 -4.47 5.78 -12.70
N GLY A 53 -4.33 5.14 -11.55
CA GLY A 53 -5.35 4.23 -11.08
C GLY A 53 -5.74 4.48 -9.63
N LEU A 54 -6.47 3.55 -9.05
CA LEU A 54 -6.90 3.68 -7.66
C LEU A 54 -6.71 2.37 -6.89
N LEU A 55 -6.29 2.49 -5.64
CA LEU A 55 -6.06 1.32 -4.79
C LEU A 55 -7.36 0.72 -4.29
N HIS A 56 -7.37 -0.59 -4.11
CA HIS A 56 -8.54 -1.29 -3.62
C HIS A 56 -8.19 -2.16 -2.41
N VAL A 57 -8.04 -1.53 -1.24
CA VAL A 57 -7.70 -2.24 -0.01
C VAL A 57 -8.67 -3.38 0.23
N SER A 58 -8.25 -4.58 -0.15
CA SER A 58 -9.07 -5.77 0.03
C SER A 58 -8.52 -6.62 1.17
N GLY A 59 -9.39 -7.04 2.07
CA GLY A 59 -8.96 -7.84 3.21
C GLY A 59 -8.23 -9.11 2.79
N ASP A 60 -8.34 -9.46 1.53
CA ASP A 60 -7.67 -10.65 1.01
C ASP A 60 -6.58 -10.27 0.02
N GLY A 61 -5.91 -9.16 0.28
CA GLY A 61 -4.85 -8.72 -0.59
C GLY A 61 -5.18 -7.41 -1.30
N LEU A 62 -4.30 -6.44 -1.17
CA LEU A 62 -4.51 -5.14 -1.80
C LEU A 62 -4.14 -5.17 -3.28
N ARG A 63 -4.95 -4.52 -4.10
CA ARG A 63 -4.70 -4.48 -5.55
C ARG A 63 -4.96 -3.09 -6.10
N VAL A 64 -4.12 -2.68 -7.06
CA VAL A 64 -4.26 -1.36 -7.67
C VAL A 64 -4.74 -1.49 -9.12
N VAL A 65 -5.95 -1.00 -9.37
CA VAL A 65 -6.53 -1.06 -10.72
C VAL A 65 -6.48 0.31 -11.39
N ASP A 66 -5.82 0.36 -12.55
CA ASP A 66 -5.70 1.61 -13.30
C ASP A 66 -7.07 2.11 -13.72
N ASP A 67 -7.13 3.36 -14.15
CA ASP A 67 -8.39 3.96 -14.59
C ASP A 67 -8.43 4.11 -16.11
N GLU A 68 -7.38 3.64 -16.76
CA GLU A 68 -7.29 3.71 -18.22
C GLU A 68 -7.14 2.32 -18.81
N THR A 69 -6.27 1.52 -18.21
CA THR A 69 -6.04 0.15 -18.66
C THR A 69 -6.94 -0.82 -17.92
N LYS A 70 -7.38 -0.42 -16.72
CA LYS A 70 -8.25 -1.24 -15.90
C LYS A 70 -7.68 -2.65 -15.76
N GLY A 71 -6.37 -2.74 -15.59
CA GLY A 71 -5.71 -4.03 -15.45
C GLY A 71 -5.37 -4.36 -14.01
N LEU A 72 -4.08 -4.45 -13.72
CA LEU A 72 -3.62 -4.76 -12.37
C LEU A 72 -2.11 -4.53 -12.25
N ILE A 73 -1.73 -3.64 -11.35
CA ILE A 73 -0.32 -3.31 -11.15
C ILE A 73 0.24 -4.01 -9.92
N VAL A 74 -0.41 -3.80 -8.78
CA VAL A 74 0.03 -4.40 -7.52
C VAL A 74 -0.84 -5.59 -7.15
N ASP A 75 -0.33 -6.80 -7.40
CA ASP A 75 -1.04 -8.02 -7.07
C ASP A 75 -0.58 -8.58 -5.73
N GLN A 76 0.00 -7.71 -4.91
CA GLN A 76 0.49 -8.10 -3.60
C GLN A 76 -0.66 -8.45 -2.66
N THR A 77 -0.32 -8.76 -1.42
CA THR A 77 -1.32 -9.11 -0.42
C THR A 77 -0.95 -8.52 0.95
N ILE A 78 -1.95 -8.35 1.81
CA ILE A 78 -1.74 -7.80 3.13
C ILE A 78 -0.76 -8.66 3.93
N GLU A 79 -0.97 -9.97 3.90
CA GLU A 79 -0.11 -10.90 4.62
C GLU A 79 1.21 -11.10 3.89
N LYS A 80 1.34 -10.45 2.74
CA LYS A 80 2.57 -10.55 1.94
C LYS A 80 3.46 -9.34 2.17
N VAL A 81 2.85 -8.17 2.32
CA VAL A 81 3.61 -6.94 2.53
C VAL A 81 4.14 -6.87 3.96
N SER A 82 5.42 -6.59 4.09
CA SER A 82 6.06 -6.48 5.40
C SER A 82 5.49 -5.31 6.20
N PHE A 83 5.46 -4.13 5.57
CA PHE A 83 4.95 -2.94 6.22
C PHE A 83 3.95 -2.19 5.34
N CYS A 84 3.54 -1.02 5.79
CA CYS A 84 2.59 -0.19 5.05
C CYS A 84 2.65 1.25 5.56
N ALA A 85 3.86 1.67 5.91
CA ALA A 85 4.08 3.01 6.46
C ALA A 85 3.77 4.10 5.44
N PRO A 86 3.31 5.27 5.93
CA PRO A 86 2.98 6.42 5.08
C PRO A 86 4.19 7.32 4.82
N ASP A 87 3.94 8.63 4.79
CA ASP A 87 5.02 9.60 4.58
C ASP A 87 4.88 10.78 5.54
N ARG A 88 5.28 10.54 6.79
CA ARG A 88 5.21 11.58 7.83
C ARG A 88 3.76 11.99 8.09
N ASN A 89 2.82 11.22 7.53
CA ASN A 89 1.40 11.50 7.71
C ASN A 89 1.07 12.95 7.39
N HIS A 90 1.75 13.51 6.39
CA HIS A 90 1.52 14.90 5.99
C HIS A 90 1.81 15.10 4.52
N GLU A 91 2.20 14.03 3.84
CA GLU A 91 2.50 14.09 2.41
C GLU A 91 1.49 13.30 1.60
N ARG A 92 0.50 12.72 2.28
CA ARG A 92 -0.54 11.94 1.62
C ARG A 92 0.07 10.87 0.72
N GLY A 93 1.10 10.19 1.24
CA GLY A 93 1.76 9.14 0.48
C GLY A 93 2.12 7.94 1.34
N PHE A 94 1.74 6.75 0.88
CA PHE A 94 2.03 5.53 1.62
C PHE A 94 2.84 4.57 0.75
N SER A 95 3.37 3.51 1.38
CA SER A 95 4.16 2.52 0.65
C SER A 95 4.20 1.19 1.39
N TYR A 96 4.76 0.18 0.75
CA TYR A 96 4.89 -1.15 1.36
C TYR A 96 6.18 -1.82 0.92
N ILE A 97 6.78 -2.59 1.82
CA ILE A 97 8.03 -3.27 1.52
C ILE A 97 7.84 -4.78 1.45
N CYS A 98 8.85 -5.48 0.98
CA CYS A 98 8.81 -6.94 0.86
C CYS A 98 10.19 -7.50 0.53
N ARG A 99 10.56 -8.59 1.20
CA ARG A 99 11.86 -9.20 0.98
C ARG A 99 11.74 -10.47 0.13
N ASP A 100 12.32 -10.43 -1.07
CA ASP A 100 12.30 -11.57 -1.98
C ASP A 100 10.88 -12.10 -2.15
N GLY A 101 10.77 -13.36 -2.61
CA GLY A 101 9.47 -13.96 -2.84
C GLY A 101 8.93 -13.62 -4.21
N THR A 102 9.53 -12.61 -4.83
CA THR A 102 9.13 -12.17 -6.15
C THR A 102 10.14 -11.15 -6.69
N THR A 103 11.12 -10.80 -5.85
CA THR A 103 12.15 -9.85 -6.22
C THR A 103 13.54 -10.36 -5.84
N ARG A 104 13.56 -11.42 -5.02
CA ARG A 104 14.83 -12.01 -4.58
C ARG A 104 15.67 -10.99 -3.83
N ARG A 105 15.03 -9.96 -3.29
CA ARG A 105 15.73 -8.91 -2.55
C ARG A 105 14.74 -7.93 -1.92
N TRP A 106 15.27 -7.05 -1.08
CA TRP A 106 14.45 -6.05 -0.40
C TRP A 106 14.02 -4.95 -1.36
N MET A 107 12.71 -4.79 -1.53
CA MET A 107 12.17 -3.76 -2.41
C MET A 107 10.90 -3.16 -1.82
N CYS A 108 10.69 -1.87 -2.08
CA CYS A 108 9.52 -1.18 -1.55
C CYS A 108 8.82 -0.37 -2.64
N HIS A 109 7.53 -0.63 -2.83
CA HIS A 109 6.73 0.08 -3.82
C HIS A 109 6.08 1.30 -3.21
N GLY A 110 6.11 2.41 -3.93
CA GLY A 110 5.54 3.65 -3.41
C GLY A 110 4.33 4.12 -4.20
N PHE A 111 3.47 4.88 -3.53
CA PHE A 111 2.27 5.42 -4.16
C PHE A 111 1.71 6.58 -3.34
N LEU A 112 1.18 7.59 -4.02
CA LEU A 112 0.62 8.75 -3.35
C LEU A 112 -0.89 8.83 -3.56
N ALA A 113 -1.62 9.16 -2.49
CA ALA A 113 -3.07 9.26 -2.55
C ALA A 113 -3.50 10.49 -3.35
N CYS A 114 -4.12 10.24 -4.49
CA CYS A 114 -4.60 11.33 -5.36
C CYS A 114 -5.68 12.15 -4.66
N LYS A 115 -6.47 11.47 -3.83
CA LYS A 115 -7.55 12.12 -3.10
C LYS A 115 -7.01 13.15 -2.10
N ASP A 116 -5.78 12.92 -1.64
CA ASP A 116 -5.13 13.82 -0.70
C ASP A 116 -5.99 14.01 0.56
N SER A 117 -5.76 13.17 1.55
CA SER A 117 -6.50 13.23 2.81
C SER A 117 -5.86 12.35 3.87
N GLY A 118 -5.47 11.15 3.47
CA GLY A 118 -4.85 10.22 4.40
C GLY A 118 -5.86 9.58 5.34
N GLU A 119 -7.09 9.41 4.84
CA GLU A 119 -8.16 8.80 5.63
C GLU A 119 -8.94 7.80 4.80
N ARG A 120 -9.23 8.16 3.55
CA ARG A 120 -9.99 7.28 2.66
C ARG A 120 -9.11 6.15 2.15
N LEU A 121 -7.82 6.21 2.48
CA LEU A 121 -6.87 5.19 2.05
C LEU A 121 -6.03 4.69 3.22
N SER A 122 -5.48 5.64 3.99
CA SER A 122 -4.65 5.30 5.14
C SER A 122 -5.47 4.66 6.24
N HIS A 123 -6.45 5.40 6.75
CA HIS A 123 -7.31 4.92 7.82
C HIS A 123 -8.11 3.69 7.39
N ALA A 124 -8.11 3.43 6.09
CA ALA A 124 -8.84 2.29 5.54
C ALA A 124 -7.98 1.03 5.54
N VAL A 125 -6.73 1.18 5.11
CA VAL A 125 -5.81 0.06 5.04
C VAL A 125 -5.40 -0.39 6.45
N GLY A 126 -5.50 0.53 7.40
CA GLY A 126 -5.14 0.21 8.78
C GLY A 126 -6.20 -0.64 9.47
N CYS A 127 -7.35 -0.80 8.81
CA CYS A 127 -8.43 -1.61 9.35
C CYS A 127 -8.61 -2.88 8.54
N ALA A 128 -7.61 -3.19 7.71
CA ALA A 128 -7.65 -4.37 6.87
C ALA A 128 -7.08 -5.59 7.60
N PHE A 129 -5.96 -5.38 8.29
CA PHE A 129 -5.30 -6.46 9.03
C PHE A 129 -6.23 -7.01 10.12
N ALA A 130 -7.05 -6.13 10.68
CA ALA A 130 -7.99 -6.52 11.72
C ALA A 130 -8.94 -7.60 11.23
N VAL A 131 -9.18 -7.60 9.92
CA VAL A 131 -10.07 -8.58 9.30
C VAL A 131 -9.27 -9.62 8.54
N CYS A 132 -7.96 -9.42 8.46
CA CYS A 132 -7.08 -10.35 7.77
C CYS A 132 -6.59 -11.44 8.71
N LEU A 133 -6.93 -11.32 9.98
CA LEU A 133 -6.52 -12.29 10.98
C LEU A 133 -7.43 -13.53 10.94
N GLU A 134 -8.54 -13.41 10.22
CA GLU A 134 -9.49 -14.51 10.09
C GLU A 134 -8.83 -15.72 9.42
N ARG A 135 -7.90 -15.45 8.50
CA ARG A 135 -7.20 -16.51 7.78
C ARG A 135 -5.89 -16.85 8.48
N GLY B 1 3.79 7.07 10.56
CA GLY B 1 3.87 5.70 11.13
C GLY B 1 2.58 4.92 10.97
N PHE B 2 2.68 3.71 10.41
CA PHE B 2 1.51 2.86 10.20
C PHE B 2 1.86 1.39 10.39
N SER B 3 1.98 0.66 9.27
CA SER B 3 2.32 -0.76 9.30
C SER B 3 1.22 -1.57 9.99
N ASN B 4 0.81 -2.66 9.36
CA ASN B 4 -0.22 -3.53 9.90
C ASN B 4 0.38 -4.87 10.34
N MET B 5 -0.48 -5.85 10.59
CA MET B 5 -0.02 -7.17 11.01
C MET B 5 -0.58 -8.26 10.09
N SER B 6 -1.03 -9.36 10.69
CA SER B 6 -1.60 -10.48 9.93
C SER B 6 -0.62 -11.00 8.88
N PHE B 7 0.66 -10.67 9.04
CA PHE B 7 1.68 -11.11 8.11
C PHE B 7 2.19 -12.50 8.49
N GLU B 8 2.65 -13.25 7.49
CA GLU B 8 3.16 -14.60 7.72
C GLU B 8 4.62 -14.56 8.19
N ASP B 9 5.11 -13.36 8.48
CA ASP B 9 6.48 -13.18 8.93
C ASP B 9 7.46 -13.81 7.94
N PHE B 10 7.58 -13.19 6.77
CA PHE B 10 8.47 -13.68 5.73
C PHE B 10 9.92 -13.72 6.23
N PRO B 11 10.67 -14.78 5.89
CA PRO B 11 12.07 -14.94 6.30
C PRO B 11 12.94 -13.78 5.84
N HIS A 1 -22.77 8.54 4.70
CA HIS A 1 -22.52 9.18 3.41
C HIS A 1 -21.17 8.76 2.84
N GLN A 2 -20.24 8.45 3.72
CA GLN A 2 -18.90 8.02 3.32
C GLN A 2 -18.45 6.81 4.14
N TRP A 3 -18.76 6.82 5.43
CA TRP A 3 -18.40 5.72 6.32
C TRP A 3 -19.15 4.47 5.94
N GLN A 4 -20.36 4.65 5.40
CA GLN A 4 -21.19 3.53 5.00
C GLN A 4 -20.56 2.80 3.82
N ALA A 5 -19.53 3.42 3.24
CA ALA A 5 -18.83 2.82 2.11
C ALA A 5 -17.32 2.76 2.37
N ASP A 6 -16.93 3.09 3.60
CA ASP A 6 -15.53 3.07 3.98
C ASP A 6 -15.26 2.05 5.08
N GLU A 7 -16.33 1.60 5.74
CA GLU A 7 -16.22 0.62 6.80
C GLU A 7 -16.68 -0.76 6.33
N GLU A 8 -17.35 -0.80 5.20
CA GLU A 8 -17.85 -2.05 4.63
C GLU A 8 -17.05 -2.43 3.39
N ALA A 9 -16.31 -1.47 2.85
CA ALA A 9 -15.50 -1.68 1.65
C ALA A 9 -14.37 -2.67 1.94
N VAL A 10 -13.61 -2.42 3.00
CA VAL A 10 -12.49 -3.28 3.38
C VAL A 10 -12.98 -4.70 3.66
N ARG A 11 -14.08 -4.80 4.40
CA ARG A 11 -14.65 -6.11 4.73
C ARG A 11 -15.00 -6.87 3.46
N SER A 12 -15.50 -6.15 2.47
CA SER A 12 -15.87 -6.76 1.20
C SER A 12 -14.62 -7.20 0.44
N ALA A 13 -14.10 -6.33 -0.43
CA ALA A 13 -12.91 -6.62 -1.21
C ALA A 13 -12.51 -5.45 -2.08
N THR A 14 -12.80 -4.23 -1.62
CA THR A 14 -12.47 -3.04 -2.39
C THR A 14 -12.71 -1.76 -1.59
N CYS A 15 -11.64 -1.20 -1.04
CA CYS A 15 -11.72 0.03 -0.27
C CYS A 15 -10.81 1.10 -0.89
N SER A 16 -10.25 1.97 -0.06
CA SER A 16 -9.35 3.01 -0.53
C SER A 16 -9.98 3.84 -1.66
N PHE A 17 -9.13 4.48 -2.46
CA PHE A 17 -9.59 5.32 -3.56
C PHE A 17 -8.47 5.51 -4.59
N SER A 18 -8.65 6.46 -5.49
CA SER A 18 -7.66 6.74 -6.53
C SER A 18 -6.25 6.82 -5.95
N VAL A 19 -5.26 6.47 -6.76
CA VAL A 19 -3.87 6.47 -6.32
C VAL A 19 -2.92 6.87 -7.45
N LYS A 20 -1.63 6.70 -7.20
CA LYS A 20 -0.60 7.01 -8.18
C LYS A 20 0.63 6.14 -7.95
N TYR A 21 0.50 4.85 -8.27
CA TYR A 21 1.59 3.89 -8.09
C TYR A 21 2.85 4.35 -8.82
N LEU A 22 3.87 4.71 -8.04
CA LEU A 22 5.13 5.17 -8.61
C LEU A 22 5.89 4.01 -9.26
N GLY A 23 6.56 3.21 -8.44
CA GLY A 23 7.31 2.08 -8.96
C GLY A 23 7.91 1.22 -7.86
N CYS A 24 9.21 0.97 -7.96
CA CYS A 24 9.91 0.16 -6.97
C CYS A 24 11.39 0.50 -6.94
N VAL A 25 11.95 0.59 -5.73
CA VAL A 25 13.37 0.90 -5.57
C VAL A 25 14.01 0.00 -4.52
N GLU A 26 15.33 -0.14 -4.58
CA GLU A 26 16.06 -0.97 -3.64
C GLU A 26 16.19 -0.29 -2.28
N VAL A 27 16.20 -1.09 -1.22
CA VAL A 27 16.32 -0.58 0.13
C VAL A 27 17.27 -1.45 0.95
N PHE A 28 17.41 -1.11 2.24
CA PHE A 28 18.29 -1.86 3.12
C PHE A 28 17.74 -1.92 4.54
N GLU A 29 16.60 -2.60 4.70
CA GLU A 29 15.97 -2.73 6.01
C GLU A 29 14.77 -3.66 5.96
N SER A 30 13.71 -3.21 5.27
CA SER A 30 12.48 -3.99 5.17
C SER A 30 11.90 -4.29 6.55
N ARG A 31 12.32 -3.50 7.55
CA ARG A 31 11.85 -3.68 8.91
C ARG A 31 11.78 -2.34 9.63
N GLY A 32 10.61 -2.03 10.18
CA GLY A 32 10.42 -0.78 10.89
C GLY A 32 9.20 -0.03 10.45
N MET A 33 9.41 1.13 9.82
CA MET A 33 8.31 1.96 9.33
C MET A 33 8.83 3.14 8.52
N GLN A 34 9.99 3.65 8.92
CA GLN A 34 10.59 4.81 8.25
C GLN A 34 11.23 4.41 6.93
N VAL A 35 11.34 3.11 6.69
CA VAL A 35 11.93 2.60 5.46
C VAL A 35 11.08 2.96 4.25
N CYS A 36 9.79 3.19 4.49
CA CYS A 36 8.86 3.55 3.43
C CYS A 36 8.87 5.06 3.18
N GLU A 37 9.06 5.82 4.25
CA GLU A 37 9.10 7.28 4.16
C GLU A 37 10.27 7.74 3.32
N GLU A 38 11.23 6.85 3.09
CA GLU A 38 12.41 7.16 2.30
C GLU A 38 12.25 6.69 0.86
N ALA A 39 11.83 5.45 0.68
CA ALA A 39 11.63 4.87 -0.64
C ALA A 39 10.60 5.68 -1.44
N LEU A 40 9.61 6.22 -0.74
CA LEU A 40 8.58 7.01 -1.39
C LEU A 40 9.15 8.29 -1.98
N LYS A 41 10.22 8.78 -1.37
CA LYS A 41 10.89 10.00 -1.84
C LYS A 41 11.73 9.71 -3.07
N VAL A 42 12.50 8.63 -3.02
CA VAL A 42 13.36 8.24 -4.13
C VAL A 42 12.55 8.00 -5.39
N LEU A 43 11.36 7.42 -5.24
CA LEU A 43 10.50 7.12 -6.37
C LEU A 43 9.92 8.40 -6.95
N ARG A 44 9.80 9.43 -6.11
CA ARG A 44 9.27 10.71 -6.55
C ARG A 44 10.35 11.55 -7.23
N GLN A 45 11.59 11.08 -7.13
CA GLN A 45 12.73 11.78 -7.72
C GLN A 45 13.37 10.96 -8.83
N SER A 46 12.78 9.80 -9.10
CA SER A 46 13.30 8.91 -10.13
C SER A 46 12.28 8.68 -11.24
N ARG A 47 11.01 8.98 -10.95
CA ARG A 47 9.94 8.82 -11.92
C ARG A 47 9.91 7.39 -12.47
N ARG A 48 9.54 6.45 -11.61
CA ARG A 48 9.48 5.04 -12.00
C ARG A 48 8.17 4.71 -12.68
N ARG A 49 7.73 5.58 -13.58
CA ARG A 49 6.48 5.38 -14.31
C ARG A 49 5.28 5.28 -13.38
N PRO A 50 4.63 6.42 -13.08
CA PRO A 50 3.45 6.45 -12.21
C PRO A 50 2.21 5.89 -12.89
N VAL A 51 1.21 5.55 -12.10
CA VAL A 51 -0.04 5.02 -12.64
C VAL A 51 -1.23 5.85 -12.18
N ARG A 52 -2.35 5.72 -12.90
CA ARG A 52 -3.56 6.46 -12.56
C ARG A 52 -4.77 5.51 -12.50
N GLY A 53 -4.90 4.79 -11.39
CA GLY A 53 -6.00 3.87 -11.24
C GLY A 53 -6.67 3.97 -9.87
N LEU A 54 -7.61 3.07 -9.61
CA LEU A 54 -8.32 3.05 -8.35
C LEU A 54 -7.79 1.95 -7.43
N LEU A 55 -7.34 2.35 -6.25
CA LEU A 55 -6.83 1.40 -5.27
C LEU A 55 -7.97 0.83 -4.43
N HIS A 56 -8.09 -0.48 -4.41
CA HIS A 56 -9.14 -1.15 -3.66
C HIS A 56 -8.56 -1.95 -2.50
N VAL A 57 -8.43 -1.32 -1.34
CA VAL A 57 -7.89 -1.98 -0.16
C VAL A 57 -8.82 -3.10 0.30
N SER A 58 -8.55 -4.31 -0.14
CA SER A 58 -9.34 -5.46 0.25
C SER A 58 -8.72 -6.12 1.48
N GLY A 59 -9.56 -6.57 2.40
CA GLY A 59 -9.07 -7.19 3.62
C GLY A 59 -8.60 -8.62 3.39
N ASP A 60 -8.03 -8.88 2.21
CA ASP A 60 -7.52 -10.20 1.87
C ASP A 60 -6.64 -10.14 0.63
N GLY A 61 -6.17 -8.94 0.31
CA GLY A 61 -5.32 -8.75 -0.85
C GLY A 61 -5.62 -7.46 -1.59
N LEU A 62 -4.73 -6.49 -1.47
CA LEU A 62 -4.91 -5.20 -2.12
C LEU A 62 -4.77 -5.33 -3.63
N ARG A 63 -5.67 -4.69 -4.37
CA ARG A 63 -5.65 -4.71 -5.82
C ARG A 63 -5.88 -3.33 -6.41
N VAL A 64 -5.11 -2.99 -7.44
CA VAL A 64 -5.24 -1.68 -8.08
C VAL A 64 -5.60 -1.82 -9.55
N VAL A 65 -6.76 -1.29 -9.93
CA VAL A 65 -7.23 -1.34 -11.30
C VAL A 65 -7.11 0.02 -11.98
N ASP A 66 -6.29 0.09 -13.01
CA ASP A 66 -6.09 1.33 -13.75
C ASP A 66 -7.42 1.95 -14.16
N ASP A 67 -7.47 3.28 -14.15
CA ASP A 67 -8.69 3.99 -14.52
C ASP A 67 -8.60 4.47 -15.97
N GLU A 68 -7.65 3.91 -16.71
CA GLU A 68 -7.46 4.27 -18.12
C GLU A 68 -7.25 3.02 -18.97
N THR A 69 -7.16 1.87 -18.29
CA THR A 69 -6.96 0.60 -18.97
C THR A 69 -7.76 -0.50 -18.27
N LYS A 70 -8.22 -0.19 -17.06
CA LYS A 70 -8.99 -1.15 -16.27
C LYS A 70 -8.26 -2.49 -16.19
N GLY A 71 -6.95 -2.42 -15.98
CA GLY A 71 -6.15 -3.62 -15.90
C GLY A 71 -5.78 -3.98 -14.47
N LEU A 72 -4.48 -3.99 -14.19
CA LEU A 72 -3.99 -4.31 -12.86
C LEU A 72 -2.49 -4.05 -12.76
N ILE A 73 -2.09 -3.28 -11.74
CA ILE A 73 -0.68 -2.94 -11.55
C ILE A 73 -0.13 -3.55 -10.26
N VAL A 74 -0.95 -3.54 -9.20
CA VAL A 74 -0.53 -4.10 -7.92
C VAL A 74 -1.49 -5.18 -7.46
N ASP A 75 -1.07 -6.44 -7.56
CA ASP A 75 -1.88 -7.57 -7.15
C ASP A 75 -1.28 -8.24 -5.92
N GLN A 76 -0.56 -7.46 -5.12
CA GLN A 76 0.07 -7.98 -3.91
C GLN A 76 -0.96 -8.32 -2.85
N THR A 77 -0.48 -8.74 -1.69
CA THR A 77 -1.35 -9.10 -0.57
C THR A 77 -0.93 -8.38 0.70
N ILE A 78 -1.87 -8.21 1.63
CA ILE A 78 -1.58 -7.54 2.89
C ILE A 78 -0.62 -8.36 3.75
N GLU A 79 -0.92 -9.65 3.88
CA GLU A 79 -0.09 -10.55 4.68
C GLU A 79 1.21 -10.85 3.95
N LYS A 80 1.24 -10.57 2.65
CA LYS A 80 2.43 -10.80 1.84
C LYS A 80 3.48 -9.75 2.13
N VAL A 81 3.10 -8.49 2.02
CA VAL A 81 4.02 -7.39 2.26
C VAL A 81 4.43 -7.32 3.72
N SER A 82 5.68 -6.95 3.97
CA SER A 82 6.20 -6.84 5.33
C SER A 82 5.23 -6.08 6.22
N PHE A 83 4.91 -4.84 5.84
CA PHE A 83 3.99 -4.01 6.60
C PHE A 83 3.67 -2.72 5.85
N CYS A 84 2.49 -2.17 6.09
CA CYS A 84 2.06 -0.93 5.43
C CYS A 84 2.44 0.28 6.29
N ALA A 85 3.36 1.09 5.78
CA ALA A 85 3.82 2.27 6.48
C ALA A 85 3.57 3.53 5.66
N PRO A 86 2.48 4.26 5.94
CA PRO A 86 2.14 5.50 5.21
C PRO A 86 3.29 6.50 5.22
N ASP A 87 3.31 7.38 6.22
CA ASP A 87 4.35 8.39 6.34
C ASP A 87 4.13 9.24 7.60
N ARG A 88 4.54 10.51 7.54
CA ARG A 88 4.37 11.42 8.66
C ARG A 88 2.95 11.98 8.69
N ASN A 89 2.06 11.37 7.92
CA ASN A 89 0.67 11.80 7.84
C ASN A 89 0.58 13.27 7.43
N HIS A 90 1.32 13.63 6.38
CA HIS A 90 1.32 15.00 5.88
C HIS A 90 1.71 15.04 4.41
N GLU A 91 2.66 14.20 4.03
CA GLU A 91 3.13 14.14 2.65
C GLU A 91 2.12 13.43 1.76
N ARG A 92 1.12 12.81 2.40
CA ARG A 92 0.08 12.09 1.67
C ARG A 92 0.68 11.02 0.76
N GLY A 93 1.59 10.23 1.32
CA GLY A 93 2.23 9.17 0.56
C GLY A 93 2.51 7.93 1.39
N PHE A 94 2.06 6.78 0.91
CA PHE A 94 2.26 5.52 1.61
C PHE A 94 3.12 4.58 0.79
N SER A 95 3.61 3.51 1.42
CA SER A 95 4.44 2.53 0.72
C SER A 95 4.43 1.19 1.45
N TYR A 96 4.82 0.14 0.73
CA TYR A 96 4.88 -1.20 1.29
C TYR A 96 6.16 -1.90 0.85
N ILE A 97 6.71 -2.73 1.72
CA ILE A 97 7.96 -3.42 1.42
C ILE A 97 7.75 -4.92 1.29
N CYS A 98 8.69 -5.58 0.61
CA CYS A 98 8.63 -7.02 0.42
C CYS A 98 10.04 -7.61 0.37
N ARG A 99 10.16 -8.88 0.73
CA ARG A 99 11.46 -9.55 0.74
C ARG A 99 11.50 -10.71 -0.24
N ASP A 100 12.41 -10.62 -1.20
CA ASP A 100 12.59 -11.66 -2.20
C ASP A 100 11.27 -11.97 -2.92
N GLY A 101 11.21 -13.15 -3.54
CA GLY A 101 10.02 -13.54 -4.28
C GLY A 101 10.12 -13.13 -5.73
N THR A 102 11.02 -12.19 -6.01
CA THR A 102 11.25 -11.69 -7.35
C THR A 102 12.53 -10.86 -7.38
N THR A 103 13.17 -10.74 -6.22
CA THR A 103 14.39 -9.96 -6.09
C THR A 103 15.44 -10.71 -5.27
N ARG A 104 14.98 -11.68 -4.47
CA ARG A 104 15.87 -12.47 -3.63
C ARG A 104 16.65 -11.58 -2.67
N ARG A 105 15.95 -10.61 -2.09
CA ARG A 105 16.57 -9.68 -1.15
C ARG A 105 15.54 -8.67 -0.62
N TRP A 106 15.95 -7.40 -0.49
CA TRP A 106 15.04 -6.37 0.01
C TRP A 106 14.68 -5.38 -1.09
N MET A 107 13.40 -5.02 -1.16
CA MET A 107 12.91 -4.07 -2.14
C MET A 107 11.60 -3.45 -1.66
N CYS A 108 11.52 -2.13 -1.71
CA CYS A 108 10.33 -1.43 -1.26
C CYS A 108 9.65 -0.67 -2.40
N HIS A 109 8.32 -0.76 -2.45
CA HIS A 109 7.55 -0.08 -3.47
C HIS A 109 6.80 1.11 -2.86
N GLY A 110 6.55 2.14 -3.67
CA GLY A 110 5.86 3.31 -3.17
C GLY A 110 4.69 3.74 -4.04
N PHE A 111 3.74 4.43 -3.43
CA PHE A 111 2.55 4.91 -4.14
C PHE A 111 1.90 6.07 -3.40
N LEU A 112 1.36 7.03 -4.14
CA LEU A 112 0.73 8.19 -3.55
C LEU A 112 -0.79 8.15 -3.74
N ALA A 113 -1.48 9.12 -3.17
CA ALA A 113 -2.93 9.19 -3.28
C ALA A 113 -3.35 10.38 -4.15
N CYS A 114 -4.20 10.11 -5.14
CA CYS A 114 -4.67 11.15 -6.05
C CYS A 114 -5.47 12.21 -5.28
N LYS A 115 -6.16 11.77 -4.23
CA LYS A 115 -6.96 12.68 -3.41
C LYS A 115 -6.14 13.25 -2.26
N ASP A 116 -5.04 12.56 -1.93
CA ASP A 116 -4.16 12.99 -0.85
C ASP A 116 -4.94 13.10 0.46
N SER A 117 -4.42 13.90 1.40
CA SER A 117 -5.04 14.10 2.70
C SER A 117 -4.90 12.86 3.60
N GLY A 118 -4.65 11.71 2.98
CA GLY A 118 -4.49 10.48 3.74
C GLY A 118 -5.67 10.20 4.66
N GLU A 119 -6.87 10.47 4.17
CA GLU A 119 -8.08 10.25 4.96
C GLU A 119 -9.06 9.34 4.21
N ARG A 120 -8.77 9.10 2.94
CA ARG A 120 -9.62 8.25 2.11
C ARG A 120 -8.87 6.99 1.67
N LEU A 121 -7.66 6.83 2.19
CA LEU A 121 -6.84 5.67 1.83
C LEU A 121 -6.04 5.17 3.03
N SER A 122 -5.33 6.09 3.68
CA SER A 122 -4.50 5.75 4.84
C SER A 122 -5.33 5.08 5.94
N HIS A 123 -6.30 5.82 6.47
CA HIS A 123 -7.14 5.30 7.54
C HIS A 123 -8.02 4.15 7.07
N ALA A 124 -7.95 3.84 5.77
CA ALA A 124 -8.75 2.76 5.20
C ALA A 124 -7.98 1.45 5.20
N VAL A 125 -6.73 1.49 4.75
CA VAL A 125 -5.89 0.30 4.69
C VAL A 125 -5.47 -0.15 6.09
N GLY A 126 -5.55 0.76 7.06
CA GLY A 126 -5.18 0.43 8.41
C GLY A 126 -6.18 -0.50 9.08
N CYS A 127 -7.27 -0.81 8.38
CA CYS A 127 -8.29 -1.71 8.91
C CYS A 127 -8.32 -3.02 8.12
N ALA A 128 -7.55 -3.06 7.03
CA ALA A 128 -7.48 -4.25 6.19
C ALA A 128 -6.83 -5.40 6.93
N PHE A 129 -5.58 -5.20 7.35
CA PHE A 129 -4.84 -6.23 8.06
C PHE A 129 -5.48 -6.50 9.42
N ALA A 130 -6.17 -5.51 9.96
CA ALA A 130 -6.83 -5.64 11.25
C ALA A 130 -7.97 -6.65 11.17
N VAL A 131 -8.43 -6.93 9.96
CA VAL A 131 -9.53 -7.86 9.75
C VAL A 131 -9.01 -9.19 9.19
N CYS A 132 -7.87 -9.13 8.49
CA CYS A 132 -7.27 -10.32 7.92
C CYS A 132 -6.57 -11.14 8.99
N LEU A 133 -6.44 -10.57 10.19
CA LEU A 133 -5.80 -11.25 11.30
C LEU A 133 -6.56 -12.50 11.70
N GLU A 134 -7.89 -12.39 11.74
CA GLU A 134 -8.74 -13.52 12.11
C GLU A 134 -8.52 -14.70 11.16
N ARG A 135 -8.16 -14.39 9.92
CA ARG A 135 -7.93 -15.42 8.92
C ARG A 135 -6.52 -16.01 9.05
N GLY B 1 1.10 5.80 9.41
CA GLY B 1 1.43 5.84 10.87
C GLY B 1 1.20 4.51 11.55
N PHE B 2 1.39 3.41 10.80
CA PHE B 2 1.22 2.09 11.36
C PHE B 2 1.94 1.04 10.51
N SER B 3 1.59 -0.23 10.74
CA SER B 3 2.22 -1.32 10.00
C SER B 3 1.41 -2.61 10.13
N ASN B 4 1.47 -3.44 9.10
CA ASN B 4 0.74 -4.71 9.12
C ASN B 4 1.32 -5.66 10.16
N MET B 5 0.46 -6.48 10.75
CA MET B 5 0.88 -7.43 11.77
C MET B 5 0.45 -8.85 11.42
N SER B 6 -0.30 -8.98 10.33
CA SER B 6 -0.78 -10.27 9.88
C SER B 6 0.17 -10.89 8.88
N PHE B 7 1.44 -10.49 8.94
CA PHE B 7 2.46 -10.99 8.02
C PHE B 7 2.97 -12.35 8.48
N GLU B 8 3.50 -13.13 7.54
CA GLU B 8 4.04 -14.45 7.84
C GLU B 8 5.53 -14.35 8.19
N ASP B 9 6.01 -13.13 8.36
CA ASP B 9 7.41 -12.88 8.70
C ASP B 9 8.34 -13.46 7.63
N PHE B 10 8.36 -12.83 6.47
CA PHE B 10 9.20 -13.28 5.37
C PHE B 10 10.68 -13.22 5.75
N PRO B 11 11.48 -14.21 5.31
CA PRO B 11 12.91 -14.27 5.61
C PRO B 11 13.66 -13.04 5.09
N HIS A 1 -22.47 8.42 6.06
CA HIS A 1 -23.06 8.08 4.77
C HIS A 1 -22.04 7.38 3.88
N GLN A 2 -20.80 7.84 3.92
CA GLN A 2 -19.74 7.26 3.11
C GLN A 2 -18.94 6.24 3.91
N TRP A 3 -18.78 6.49 5.20
CA TRP A 3 -18.04 5.58 6.06
C TRP A 3 -18.74 4.24 6.19
N GLN A 4 -20.03 4.23 5.84
CA GLN A 4 -20.81 3.01 5.91
C GLN A 4 -20.37 2.04 4.82
N ALA A 5 -19.73 2.59 3.78
CA ALA A 5 -19.25 1.79 2.67
C ALA A 5 -17.74 1.57 2.77
N ASP A 6 -17.06 2.49 3.45
CA ASP A 6 -15.61 2.40 3.63
C ASP A 6 -15.27 1.32 4.65
N GLU A 7 -15.99 1.31 5.77
CA GLU A 7 -15.76 0.33 6.82
C GLU A 7 -16.10 -1.08 6.34
N GLU A 8 -16.92 -1.15 5.29
CA GLU A 8 -17.32 -2.43 4.73
C GLU A 8 -16.62 -2.67 3.39
N ALA A 9 -15.83 -1.69 2.96
CA ALA A 9 -15.11 -1.80 1.70
C ALA A 9 -14.07 -2.92 1.76
N VAL A 10 -13.25 -2.91 2.82
CA VAL A 10 -12.22 -3.93 3.00
C VAL A 10 -12.86 -5.31 3.00
N ARG A 11 -14.05 -5.41 3.58
CA ARG A 11 -14.77 -6.68 3.61
C ARG A 11 -15.19 -7.09 2.20
N SER A 12 -15.54 -6.09 1.39
CA SER A 12 -15.93 -6.34 0.01
C SER A 12 -14.72 -6.53 -0.88
N ALA A 13 -13.52 -6.46 -0.27
CA ALA A 13 -12.27 -6.64 -1.00
C ALA A 13 -12.03 -5.49 -1.97
N THR A 14 -12.28 -4.26 -1.52
CA THR A 14 -12.06 -3.08 -2.35
C THR A 14 -12.24 -1.80 -1.53
N CYS A 15 -11.18 -1.37 -0.86
CA CYS A 15 -11.20 -0.15 -0.07
C CYS A 15 -10.30 0.91 -0.71
N SER A 16 -9.76 1.81 0.11
CA SER A 16 -8.87 2.85 -0.38
C SER A 16 -9.55 3.68 -1.46
N PHE A 17 -8.73 4.38 -2.25
CA PHE A 17 -9.22 5.23 -3.33
C PHE A 17 -8.14 5.45 -4.39
N SER A 18 -8.36 6.39 -5.29
CA SER A 18 -7.39 6.68 -6.35
C SER A 18 -5.98 6.85 -5.76
N VAL A 19 -4.97 6.48 -6.55
CA VAL A 19 -3.58 6.58 -6.12
C VAL A 19 -2.66 6.95 -7.26
N LYS A 20 -1.35 6.94 -6.99
CA LYS A 20 -0.35 7.27 -7.99
C LYS A 20 0.83 6.31 -7.92
N TYR A 21 0.57 5.05 -8.29
CA TYR A 21 1.62 4.03 -8.26
C TYR A 21 2.81 4.45 -9.11
N LEU A 22 3.93 4.74 -8.45
CA LEU A 22 5.13 5.17 -9.13
C LEU A 22 5.93 3.99 -9.64
N GLY A 23 6.23 3.05 -8.75
CA GLY A 23 6.99 1.87 -9.14
C GLY A 23 7.59 1.14 -7.96
N CYS A 24 8.85 0.72 -8.09
CA CYS A 24 9.53 -0.01 -7.03
C CYS A 24 11.03 0.22 -7.09
N VAL A 25 11.62 0.62 -5.96
CA VAL A 25 13.05 0.87 -5.88
C VAL A 25 13.70 -0.04 -4.85
N GLU A 26 15.02 -0.17 -4.93
CA GLU A 26 15.77 -1.01 -4.01
C GLU A 26 16.03 -0.27 -2.70
N VAL A 27 15.97 -1.01 -1.60
CA VAL A 27 16.20 -0.44 -0.28
C VAL A 27 16.90 -1.44 0.64
N PHE A 28 18.00 -1.00 1.25
CA PHE A 28 18.77 -1.86 2.15
C PHE A 28 18.32 -1.68 3.59
N GLU A 29 17.05 -1.97 3.86
CA GLU A 29 16.50 -1.82 5.21
C GLU A 29 15.39 -2.84 5.46
N SER A 30 14.20 -2.56 4.91
CA SER A 30 13.05 -3.44 5.09
C SER A 30 12.78 -3.69 6.57
N ARG A 31 13.08 -2.68 7.39
CA ARG A 31 12.86 -2.77 8.83
C ARG A 31 12.19 -1.50 9.36
N GLY A 32 11.15 -1.69 10.16
CA GLY A 32 10.43 -0.55 10.72
C GLY A 32 9.37 -0.03 9.78
N MET A 33 8.88 1.18 10.05
CA MET A 33 7.85 1.79 9.22
C MET A 33 8.40 3.03 8.50
N GLN A 34 9.58 3.47 8.91
CA GLN A 34 10.19 4.65 8.32
C GLN A 34 10.84 4.33 6.97
N VAL A 35 10.46 3.18 6.41
CA VAL A 35 10.99 2.76 5.11
C VAL A 35 10.21 3.41 3.98
N CYS A 36 9.01 3.91 4.30
CA CYS A 36 8.16 4.55 3.32
C CYS A 36 8.48 6.04 3.19
N GLU A 37 8.85 6.64 4.32
CA GLU A 37 9.16 8.08 4.36
C GLU A 37 10.41 8.42 3.54
N GLU A 38 11.02 7.41 2.94
CA GLU A 38 12.22 7.63 2.13
C GLU A 38 12.01 7.18 0.69
N ALA A 39 11.70 5.90 0.51
CA ALA A 39 11.49 5.34 -0.82
C ALA A 39 10.43 6.11 -1.60
N LEU A 40 9.38 6.53 -0.90
CA LEU A 40 8.30 7.28 -1.52
C LEU A 40 8.82 8.50 -2.27
N LYS A 41 9.85 9.13 -1.70
CA LYS A 41 10.45 10.31 -2.32
C LYS A 41 11.34 9.93 -3.50
N VAL A 42 12.05 8.81 -3.36
CA VAL A 42 12.93 8.32 -4.41
C VAL A 42 12.16 8.13 -5.73
N LEU A 43 10.99 7.50 -5.63
CA LEU A 43 10.16 7.27 -6.80
C LEU A 43 9.54 8.56 -7.31
N ARG A 44 9.54 9.58 -6.46
CA ARG A 44 8.99 10.88 -6.82
C ARG A 44 10.00 11.70 -7.59
N GLN A 45 11.25 11.23 -7.60
CA GLN A 45 12.32 11.92 -8.30
C GLN A 45 12.29 11.60 -9.79
N SER A 46 12.46 10.32 -10.13
CA SER A 46 12.44 9.89 -11.52
C SER A 46 12.50 8.37 -11.63
N ARG A 47 12.82 7.89 -12.82
CA ARG A 47 12.93 6.46 -13.11
C ARG A 47 11.56 5.78 -13.14
N ARG A 48 10.89 5.74 -11.99
CA ARG A 48 9.57 5.13 -11.90
C ARG A 48 8.46 6.16 -12.08
N ARG A 49 7.78 6.10 -13.22
CA ARG A 49 6.70 7.03 -13.51
C ARG A 49 5.40 6.59 -12.85
N PRO A 50 4.60 7.55 -12.35
CA PRO A 50 3.33 7.26 -11.67
C PRO A 50 2.22 6.91 -12.66
N VAL A 51 1.18 6.24 -12.16
CA VAL A 51 0.04 5.86 -13.00
C VAL A 51 -1.27 6.32 -12.37
N ARG A 52 -2.27 6.56 -13.21
CA ARG A 52 -3.58 6.98 -12.74
C ARG A 52 -4.53 5.79 -12.63
N GLY A 53 -4.70 5.29 -11.41
CA GLY A 53 -5.58 4.16 -11.19
C GLY A 53 -6.33 4.23 -9.87
N LEU A 54 -6.98 3.12 -9.51
CA LEU A 54 -7.74 3.05 -8.27
C LEU A 54 -7.16 1.99 -7.34
N LEU A 55 -6.90 2.37 -6.10
CA LEU A 55 -6.37 1.44 -5.12
C LEU A 55 -7.51 0.79 -4.34
N HIS A 56 -7.56 -0.53 -4.37
CA HIS A 56 -8.61 -1.28 -3.68
C HIS A 56 -8.05 -2.09 -2.52
N VAL A 57 -7.97 -1.48 -1.34
CA VAL A 57 -7.47 -2.18 -0.17
C VAL A 57 -8.42 -3.30 0.24
N SER A 58 -8.18 -4.49 -0.29
CA SER A 58 -9.01 -5.65 0.01
C SER A 58 -8.57 -6.29 1.32
N GLY A 59 -9.47 -7.02 1.96
CA GLY A 59 -9.14 -7.67 3.22
C GLY A 59 -8.11 -8.77 3.03
N ASP A 60 -7.78 -9.06 1.79
CA ASP A 60 -6.79 -10.10 1.48
C ASP A 60 -5.68 -9.54 0.61
N GLY A 61 -5.33 -8.27 0.85
CA GLY A 61 -4.28 -7.64 0.08
C GLY A 61 -4.74 -6.39 -0.63
N LEU A 62 -3.98 -5.96 -1.62
CA LEU A 62 -4.32 -4.76 -2.38
C LEU A 62 -4.43 -5.07 -3.87
N ARG A 63 -4.99 -4.14 -4.62
CA ARG A 63 -5.15 -4.31 -6.06
C ARG A 63 -5.35 -2.98 -6.75
N VAL A 64 -4.30 -2.50 -7.41
CA VAL A 64 -4.36 -1.22 -8.11
C VAL A 64 -4.81 -1.39 -9.56
N VAL A 65 -6.10 -1.16 -9.80
CA VAL A 65 -6.66 -1.29 -11.14
C VAL A 65 -6.62 0.04 -11.88
N ASP A 66 -5.83 0.09 -12.96
CA ASP A 66 -5.69 1.31 -13.75
C ASP A 66 -7.06 1.84 -14.18
N ASP A 67 -7.17 3.16 -14.28
CA ASP A 67 -8.42 3.80 -14.67
C ASP A 67 -8.43 4.09 -16.16
N GLU A 68 -7.57 3.41 -16.90
CA GLU A 68 -7.47 3.60 -18.35
C GLU A 68 -7.50 2.25 -19.06
N THR A 69 -7.17 1.19 -18.33
CA THR A 69 -7.15 -0.16 -18.89
C THR A 69 -7.84 -1.14 -17.96
N LYS A 70 -7.92 -0.77 -16.68
CA LYS A 70 -8.57 -1.62 -15.69
C LYS A 70 -7.92 -3.00 -15.65
N GLY A 71 -6.67 -3.06 -16.09
CA GLY A 71 -5.95 -4.33 -16.10
C GLY A 71 -5.46 -4.73 -14.73
N LEU A 72 -4.15 -4.58 -14.50
CA LEU A 72 -3.55 -4.93 -13.22
C LEU A 72 -2.14 -4.36 -13.12
N ILE A 73 -2.00 -3.26 -12.38
CA ILE A 73 -0.71 -2.60 -12.22
C ILE A 73 0.13 -3.32 -11.16
N VAL A 74 -0.53 -3.92 -10.18
CA VAL A 74 0.16 -4.64 -9.12
C VAL A 74 -0.75 -5.69 -8.47
N ASP A 75 -0.14 -6.78 -8.02
CA ASP A 75 -0.88 -7.85 -7.38
C ASP A 75 -0.26 -8.23 -6.03
N GLN A 76 0.02 -7.21 -5.22
CA GLN A 76 0.63 -7.43 -3.91
C GLN A 76 -0.42 -7.90 -2.90
N THR A 77 0.01 -8.03 -1.65
CA THR A 77 -0.88 -8.48 -0.58
C THR A 77 -0.46 -7.88 0.76
N ILE A 78 -1.36 -7.94 1.73
CA ILE A 78 -1.10 -7.41 3.07
C ILE A 78 -0.31 -8.42 3.90
N GLU A 79 -0.64 -9.70 3.74
CA GLU A 79 0.04 -10.76 4.45
C GLU A 79 1.38 -11.07 3.81
N LYS A 80 1.60 -10.54 2.60
CA LYS A 80 2.84 -10.75 1.88
C LYS A 80 3.88 -9.72 2.29
N VAL A 81 3.49 -8.46 2.30
CA VAL A 81 4.40 -7.38 2.65
C VAL A 81 4.83 -7.50 4.11
N SER A 82 6.10 -7.18 4.36
CA SER A 82 6.65 -7.24 5.72
C SER A 82 5.76 -6.48 6.69
N PHE A 83 5.66 -5.17 6.50
CA PHE A 83 4.82 -4.33 7.36
C PHE A 83 4.47 -3.03 6.67
N CYS A 84 3.17 -2.75 6.53
CA CYS A 84 2.72 -1.52 5.89
C CYS A 84 3.24 -0.30 6.63
N ALA A 85 3.18 0.86 5.98
CA ALA A 85 3.64 2.10 6.57
C ALA A 85 3.24 3.30 5.72
N PRO A 86 2.54 4.29 6.31
CA PRO A 86 2.09 5.49 5.60
C PRO A 86 3.23 6.48 5.35
N ASP A 87 3.37 7.46 6.26
CA ASP A 87 4.42 8.47 6.14
C ASP A 87 4.41 9.38 7.36
N ARG A 88 4.97 10.57 7.21
CA ARG A 88 5.02 11.54 8.29
C ARG A 88 3.61 12.04 8.62
N ASN A 89 3.19 13.11 7.95
CA ASN A 89 1.86 13.68 8.16
C ASN A 89 1.63 14.90 7.26
N HIS A 90 2.09 14.79 6.02
CA HIS A 90 1.93 15.89 5.06
C HIS A 90 2.18 15.43 3.64
N GLU A 91 2.82 14.27 3.50
CA GLU A 91 3.14 13.71 2.18
C GLU A 91 1.91 13.07 1.55
N ARG A 92 0.99 12.58 2.40
CA ARG A 92 -0.22 11.93 1.93
C ARG A 92 0.11 10.72 1.06
N GLY A 93 1.34 10.22 1.20
CA GLY A 93 1.77 9.08 0.42
C GLY A 93 2.24 7.93 1.29
N PHE A 94 1.90 6.71 0.91
CA PHE A 94 2.28 5.52 1.66
C PHE A 94 3.14 4.59 0.80
N SER A 95 3.75 3.62 1.45
CA SER A 95 4.60 2.65 0.76
C SER A 95 4.66 1.34 1.52
N TYR A 96 5.04 0.28 0.82
CA TYR A 96 5.14 -1.05 1.42
C TYR A 96 6.44 -1.73 1.04
N ILE A 97 6.92 -2.61 1.90
CA ILE A 97 8.18 -3.30 1.68
C ILE A 97 7.98 -4.81 1.53
N CYS A 98 8.94 -5.46 0.86
CA CYS A 98 8.89 -6.89 0.64
C CYS A 98 10.28 -7.43 0.34
N ARG A 99 10.64 -8.56 0.96
CA ARG A 99 11.96 -9.14 0.76
C ARG A 99 11.88 -10.53 0.14
N ASP A 100 12.49 -10.68 -1.02
CA ASP A 100 12.53 -11.95 -1.73
C ASP A 100 11.13 -12.54 -1.89
N GLY A 101 11.08 -13.83 -2.21
CA GLY A 101 9.81 -14.51 -2.42
C GLY A 101 9.24 -14.24 -3.80
N THR A 102 9.77 -13.20 -4.44
CA THR A 102 9.34 -12.81 -5.77
C THR A 102 10.22 -11.67 -6.29
N THR A 103 11.17 -11.25 -5.46
CA THR A 103 12.08 -10.18 -5.82
C THR A 103 13.53 -10.63 -5.67
N ARG A 104 13.73 -11.74 -4.97
CA ARG A 104 15.08 -12.28 -4.74
C ARG A 104 15.95 -11.26 -4.02
N ARG A 105 15.31 -10.31 -3.34
CA ARG A 105 16.02 -9.28 -2.60
C ARG A 105 15.05 -8.28 -1.96
N TRP A 106 15.59 -7.34 -1.20
CA TRP A 106 14.77 -6.33 -0.53
C TRP A 106 14.38 -5.22 -1.50
N MET A 107 13.08 -5.03 -1.66
CA MET A 107 12.55 -4.00 -2.56
C MET A 107 11.30 -3.37 -1.97
N CYS A 108 11.19 -2.04 -2.09
CA CYS A 108 10.03 -1.32 -1.56
C CYS A 108 9.34 -0.53 -2.66
N HIS A 109 8.01 -0.58 -2.66
CA HIS A 109 7.22 0.16 -3.65
C HIS A 109 6.63 1.41 -3.02
N GLY A 110 6.29 2.38 -3.88
CA GLY A 110 5.72 3.63 -3.39
C GLY A 110 4.49 4.05 -4.17
N PHE A 111 3.54 4.67 -3.46
CA PHE A 111 2.32 5.14 -4.09
C PHE A 111 1.73 6.31 -3.31
N LEU A 112 1.28 7.33 -4.03
CA LEU A 112 0.70 8.51 -3.39
C LEU A 112 -0.83 8.48 -3.48
N ALA A 113 -1.47 9.34 -2.71
CA ALA A 113 -2.93 9.42 -2.69
C ALA A 113 -3.42 10.55 -3.58
N CYS A 114 -4.15 10.20 -4.64
CA CYS A 114 -4.67 11.19 -5.57
C CYS A 114 -5.74 12.05 -4.91
N LYS A 115 -6.19 11.64 -3.73
CA LYS A 115 -7.21 12.36 -2.99
C LYS A 115 -6.59 13.49 -2.18
N ASP A 116 -5.31 13.35 -1.85
CA ASP A 116 -4.59 14.35 -1.07
C ASP A 116 -5.29 14.60 0.27
N SER A 117 -5.01 13.75 1.25
CA SER A 117 -5.60 13.89 2.57
C SER A 117 -4.89 13.00 3.58
N GLY A 118 -4.87 11.70 3.31
CA GLY A 118 -4.22 10.76 4.21
C GLY A 118 -5.19 10.18 5.22
N GLU A 119 -6.46 10.08 4.83
CA GLU A 119 -7.49 9.53 5.71
C GLU A 119 -8.37 8.53 4.96
N ARG A 120 -8.94 8.97 3.84
CA ARG A 120 -9.80 8.11 3.03
C ARG A 120 -9.06 6.87 2.55
N LEU A 121 -7.73 6.91 2.63
CA LEU A 121 -6.91 5.79 2.20
C LEU A 121 -6.17 5.17 3.38
N SER A 122 -5.44 6.02 4.11
CA SER A 122 -4.66 5.57 5.26
C SER A 122 -5.56 4.95 6.33
N HIS A 123 -6.63 5.66 6.69
CA HIS A 123 -7.55 5.17 7.71
C HIS A 123 -8.43 4.05 7.18
N ALA A 124 -8.10 3.56 5.98
CA ALA A 124 -8.86 2.48 5.37
C ALA A 124 -8.11 1.16 5.47
N VAL A 125 -6.88 1.15 4.97
CA VAL A 125 -6.05 -0.06 5.02
C VAL A 125 -5.74 -0.44 6.45
N GLY A 126 -5.77 0.54 7.35
CA GLY A 126 -5.49 0.29 8.76
C GLY A 126 -6.53 -0.63 9.38
N CYS A 127 -7.69 -0.75 8.75
CA CYS A 127 -8.75 -1.60 9.24
C CYS A 127 -8.85 -2.89 8.44
N ALA A 128 -7.83 -3.13 7.60
CA ALA A 128 -7.80 -4.32 6.76
C ALA A 128 -7.07 -5.46 7.47
N PHE A 129 -6.07 -5.13 8.26
CA PHE A 129 -5.30 -6.13 8.99
C PHE A 129 -6.18 -6.90 9.97
N ALA A 130 -7.01 -6.16 10.71
CA ALA A 130 -7.90 -6.76 11.69
C ALA A 130 -8.83 -7.78 11.06
N VAL A 131 -8.94 -7.74 9.73
CA VAL A 131 -9.81 -8.67 9.01
C VAL A 131 -9.04 -9.90 8.55
N CYS A 132 -7.74 -9.74 8.33
CA CYS A 132 -6.90 -10.83 7.89
C CYS A 132 -6.60 -11.80 9.03
N LEU A 133 -6.63 -11.29 10.25
CA LEU A 133 -6.37 -12.12 11.43
C LEU A 133 -7.63 -12.30 12.27
N GLU A 134 -8.78 -12.02 11.68
CA GLU A 134 -10.05 -12.16 12.37
C GLU A 134 -10.30 -13.61 12.75
N ARG A 135 -10.51 -14.45 11.75
CA ARG A 135 -10.76 -15.87 11.96
C ARG A 135 -9.50 -16.59 12.42
N GLY B 1 2.87 5.85 12.26
CA GLY B 1 2.01 5.09 11.30
C GLY B 1 1.53 3.78 11.86
N PHE B 2 1.22 2.84 10.98
CA PHE B 2 0.74 1.52 11.40
C PHE B 2 1.38 0.41 10.57
N SER B 3 0.94 -0.82 10.80
CA SER B 3 1.47 -1.97 10.08
C SER B 3 0.59 -3.20 10.30
N ASN B 4 0.60 -4.12 9.35
CA ASN B 4 -0.19 -5.34 9.45
C ASN B 4 0.30 -6.21 10.61
N MET B 5 -0.63 -6.92 11.24
CA MET B 5 -0.29 -7.79 12.37
C MET B 5 -0.49 -9.26 12.00
N SER B 6 -1.15 -9.49 10.86
CA SER B 6 -1.39 -10.85 10.38
C SER B 6 -0.27 -11.31 9.46
N PHE B 7 0.91 -10.74 9.65
CA PHE B 7 2.07 -11.08 8.83
C PHE B 7 2.44 -12.54 9.00
N GLU B 8 2.91 -13.15 7.91
CA GLU B 8 3.32 -14.56 7.95
C GLU B 8 4.81 -14.69 8.22
N ASP B 9 5.48 -13.55 8.39
CA ASP B 9 6.91 -13.52 8.66
C ASP B 9 7.69 -14.25 7.58
N PHE B 10 7.88 -13.57 6.44
CA PHE B 10 8.62 -14.16 5.32
C PHE B 10 10.13 -14.00 5.52
N PRO B 11 10.92 -14.93 4.97
CA PRO B 11 12.38 -14.89 5.08
C PRO B 11 12.97 -13.60 4.52
N HIS A 1 -22.00 9.10 5.03
CA HIS A 1 -22.40 8.96 3.63
C HIS A 1 -21.22 8.56 2.76
N GLN A 2 -20.16 8.05 3.40
CA GLN A 2 -18.97 7.63 2.67
C GLN A 2 -18.09 6.74 3.55
N TRP A 3 -17.87 7.17 4.80
CA TRP A 3 -17.05 6.41 5.73
C TRP A 3 -17.86 5.28 6.35
N GLN A 4 -19.16 5.47 6.44
CA GLN A 4 -20.04 4.47 7.01
C GLN A 4 -20.12 3.25 6.09
N ALA A 5 -19.61 3.41 4.88
CA ALA A 5 -19.62 2.33 3.90
C ALA A 5 -18.21 1.82 3.64
N ASP A 6 -17.22 2.70 3.82
CA ASP A 6 -15.82 2.34 3.61
C ASP A 6 -15.34 1.38 4.70
N GLU A 7 -15.95 1.47 5.87
CA GLU A 7 -15.59 0.60 6.98
C GLU A 7 -15.92 -0.85 6.65
N GLU A 8 -16.74 -1.05 5.62
CA GLU A 8 -17.11 -2.39 5.18
C GLU A 8 -16.38 -2.76 3.90
N ALA A 9 -15.82 -1.76 3.23
CA ALA A 9 -15.09 -1.97 1.98
C ALA A 9 -13.98 -3.00 2.17
N VAL A 10 -13.23 -2.86 3.25
CA VAL A 10 -12.14 -3.79 3.55
C VAL A 10 -12.69 -5.19 3.82
N ARG A 11 -13.75 -5.26 4.62
CA ARG A 11 -14.38 -6.52 4.94
C ARG A 11 -14.75 -7.27 3.66
N SER A 12 -15.08 -6.50 2.62
CA SER A 12 -15.43 -7.07 1.34
C SER A 12 -14.18 -7.49 0.57
N ALA A 13 -13.66 -6.58 -0.25
CA ALA A 13 -12.44 -6.85 -1.02
C ALA A 13 -12.08 -5.66 -1.91
N THR A 14 -12.32 -4.45 -1.42
CA THR A 14 -12.01 -3.24 -2.20
C THR A 14 -12.25 -1.97 -1.39
N CYS A 15 -11.17 -1.39 -0.88
CA CYS A 15 -11.25 -0.15 -0.11
C CYS A 15 -10.37 0.92 -0.76
N SER A 16 -9.83 1.82 0.07
CA SER A 16 -8.96 2.88 -0.42
C SER A 16 -9.62 3.71 -1.53
N PHE A 17 -8.79 4.34 -2.36
CA PHE A 17 -9.28 5.17 -3.46
C PHE A 17 -8.19 5.34 -4.52
N SER A 18 -8.43 6.26 -5.47
CA SER A 18 -7.47 6.51 -6.54
C SER A 18 -6.08 6.75 -5.98
N VAL A 19 -5.06 6.34 -6.73
CA VAL A 19 -3.68 6.51 -6.30
C VAL A 19 -2.78 6.89 -7.46
N LYS A 20 -1.48 6.95 -7.19
CA LYS A 20 -0.49 7.28 -8.21
C LYS A 20 0.79 6.49 -8.00
N TYR A 21 0.71 5.19 -8.26
CA TYR A 21 1.86 4.31 -8.10
C TYR A 21 3.07 4.86 -8.84
N LEU A 22 3.96 5.50 -8.10
CA LEU A 22 5.16 6.10 -8.69
C LEU A 22 6.15 5.03 -9.13
N GLY A 23 5.85 3.78 -8.81
CA GLY A 23 6.73 2.68 -9.20
C GLY A 23 7.35 1.98 -8.00
N CYS A 24 8.39 1.20 -8.25
CA CYS A 24 9.08 0.48 -7.19
C CYS A 24 10.57 0.79 -7.20
N VAL A 25 11.18 0.85 -6.02
CA VAL A 25 12.59 1.15 -5.91
C VAL A 25 13.30 0.15 -4.99
N GLU A 26 14.61 0.08 -5.08
CA GLU A 26 15.39 -0.83 -4.26
C GLU A 26 15.73 -0.19 -2.92
N VAL A 27 15.98 -1.03 -1.91
CA VAL A 27 16.30 -0.53 -0.58
C VAL A 27 17.31 -1.46 0.10
N PHE A 28 17.90 -0.97 1.19
CA PHE A 28 18.88 -1.75 1.94
C PHE A 28 18.62 -1.67 3.44
N GLU A 29 17.44 -2.10 3.85
CA GLU A 29 17.08 -2.08 5.26
C GLU A 29 16.00 -3.12 5.58
N SER A 30 14.79 -2.86 5.11
CA SER A 30 13.66 -3.77 5.35
C SER A 30 13.51 -4.05 6.85
N ARG A 31 13.66 -3.00 7.65
CA ARG A 31 13.54 -3.13 9.10
C ARG A 31 13.00 -1.85 9.72
N GLY A 32 11.75 -1.90 10.18
CA GLY A 32 11.14 -0.73 10.80
C GLY A 32 9.88 -0.29 10.09
N MET A 33 9.66 1.02 10.05
CA MET A 33 8.47 1.59 9.41
C MET A 33 8.84 2.82 8.58
N GLN A 34 9.88 3.53 9.02
CA GLN A 34 10.33 4.74 8.34
C GLN A 34 11.04 4.40 7.03
N VAL A 35 11.10 3.11 6.72
CA VAL A 35 11.75 2.66 5.49
C VAL A 35 11.04 3.19 4.26
N CYS A 36 9.73 3.43 4.40
CA CYS A 36 8.93 3.94 3.29
C CYS A 36 8.89 5.46 3.30
N GLU A 37 9.26 6.06 4.43
CA GLU A 37 9.28 7.51 4.57
C GLU A 37 10.38 8.13 3.71
N GLU A 38 11.22 7.28 3.13
CA GLU A 38 12.31 7.74 2.29
C GLU A 38 12.16 7.25 0.85
N ALA A 39 11.74 5.98 0.72
CA ALA A 39 11.55 5.39 -0.59
C ALA A 39 10.51 6.15 -1.40
N LEU A 40 9.46 6.60 -0.73
CA LEU A 40 8.39 7.35 -1.38
C LEU A 40 8.95 8.60 -2.07
N LYS A 41 9.90 9.25 -1.41
CA LYS A 41 10.51 10.46 -1.95
C LYS A 41 11.40 10.12 -3.14
N VAL A 42 12.12 9.00 -3.05
CA VAL A 42 12.99 8.57 -4.13
C VAL A 42 12.23 8.43 -5.43
N LEU A 43 10.97 8.02 -5.33
CA LEU A 43 10.11 7.86 -6.50
C LEU A 43 9.70 9.22 -7.04
N ARG A 44 9.65 10.22 -6.17
CA ARG A 44 9.29 11.57 -6.57
C ARG A 44 10.46 12.26 -7.26
N GLN A 45 11.64 11.64 -7.16
CA GLN A 45 12.85 12.18 -7.75
C GLN A 45 13.20 11.45 -9.05
N SER A 46 12.63 10.26 -9.22
CA SER A 46 12.89 9.46 -10.41
C SER A 46 11.61 9.21 -11.19
N ARG A 47 11.76 8.63 -12.38
CA ARG A 47 10.61 8.34 -13.23
C ARG A 47 10.44 6.82 -13.40
N ARG A 48 10.12 6.15 -12.31
CA ARG A 48 9.94 4.70 -12.33
C ARG A 48 8.78 4.30 -13.23
N ARG A 49 7.59 4.17 -12.66
CA ARG A 49 6.40 3.79 -13.42
C ARG A 49 5.13 4.38 -12.81
N PRO A 50 4.90 5.69 -13.02
CA PRO A 50 3.70 6.37 -12.50
C PRO A 50 2.44 6.01 -13.28
N VAL A 51 1.57 5.23 -12.64
CA VAL A 51 0.33 4.81 -13.28
C VAL A 51 -0.88 5.31 -12.50
N ARG A 52 -1.78 6.01 -13.19
CA ARG A 52 -2.98 6.55 -12.56
C ARG A 52 -4.11 5.52 -12.56
N GLY A 53 -4.39 4.94 -11.40
CA GLY A 53 -5.45 3.96 -11.30
C GLY A 53 -6.14 3.98 -9.95
N LEU A 54 -7.00 2.99 -9.73
CA LEU A 54 -7.75 2.88 -8.47
C LEU A 54 -7.12 1.86 -7.55
N LEU A 55 -7.05 2.18 -6.26
CA LEU A 55 -6.50 1.28 -5.26
C LEU A 55 -7.60 0.72 -4.38
N HIS A 56 -7.68 -0.60 -4.29
CA HIS A 56 -8.72 -1.26 -3.51
C HIS A 56 -8.12 -2.07 -2.37
N VAL A 57 -8.05 -1.48 -1.18
CA VAL A 57 -7.50 -2.17 -0.01
C VAL A 57 -8.42 -3.31 0.39
N SER A 58 -8.12 -4.51 -0.10
CA SER A 58 -8.90 -5.70 0.22
C SER A 58 -8.33 -6.42 1.44
N GLY A 59 -9.21 -6.95 2.27
CA GLY A 59 -8.76 -7.65 3.47
C GLY A 59 -8.31 -9.07 3.18
N ASP A 60 -7.65 -9.25 2.04
CA ASP A 60 -7.16 -10.57 1.66
C ASP A 60 -6.21 -10.46 0.46
N GLY A 61 -5.67 -9.25 0.25
CA GLY A 61 -4.76 -9.03 -0.85
C GLY A 61 -5.06 -7.74 -1.58
N LEU A 62 -4.29 -6.70 -1.30
CA LEU A 62 -4.49 -5.40 -1.93
C LEU A 62 -4.34 -5.49 -3.45
N ARG A 63 -5.29 -4.90 -4.17
CA ARG A 63 -5.26 -4.90 -5.63
C ARG A 63 -5.26 -3.47 -6.16
N VAL A 64 -4.59 -3.26 -7.29
CA VAL A 64 -4.52 -1.94 -7.91
C VAL A 64 -4.79 -2.01 -9.41
N VAL A 65 -6.03 -1.72 -9.79
CA VAL A 65 -6.40 -1.74 -11.20
C VAL A 65 -6.38 -0.34 -11.80
N ASP A 66 -5.63 -0.17 -12.87
CA ASP A 66 -5.51 1.13 -13.54
C ASP A 66 -6.89 1.68 -13.89
N ASP A 67 -6.96 2.99 -14.11
CA ASP A 67 -8.22 3.65 -14.43
C ASP A 67 -8.37 3.88 -15.92
N GLU A 68 -7.34 3.50 -16.69
CA GLU A 68 -7.37 3.66 -18.14
C GLU A 68 -7.14 2.33 -18.84
N THR A 69 -6.17 1.57 -18.34
CA THR A 69 -5.86 0.27 -18.92
C THR A 69 -6.68 -0.83 -18.23
N LYS A 70 -7.11 -0.54 -17.01
CA LYS A 70 -7.92 -1.48 -16.23
C LYS A 70 -7.25 -2.86 -16.19
N GLY A 71 -5.93 -2.88 -16.33
CA GLY A 71 -5.21 -4.13 -16.30
C GLY A 71 -4.87 -4.57 -14.90
N LEU A 72 -3.58 -4.50 -14.56
CA LEU A 72 -3.11 -4.89 -13.23
C LEU A 72 -1.76 -4.27 -12.92
N ILE A 73 -1.72 -3.42 -11.91
CA ILE A 73 -0.49 -2.75 -11.50
C ILE A 73 0.19 -3.49 -10.36
N VAL A 74 -0.54 -3.67 -9.27
CA VAL A 74 -0.01 -4.36 -8.10
C VAL A 74 -0.92 -5.49 -7.65
N ASP A 75 -0.41 -6.73 -7.72
CA ASP A 75 -1.18 -7.89 -7.30
C ASP A 75 -0.57 -8.51 -6.04
N GLN A 76 -0.15 -7.64 -5.12
CA GLN A 76 0.47 -8.10 -3.88
C GLN A 76 -0.58 -8.60 -2.89
N THR A 77 -0.15 -8.80 -1.65
CA THR A 77 -1.05 -9.27 -0.60
C THR A 77 -0.67 -8.68 0.75
N ILE A 78 -1.62 -8.66 1.68
CA ILE A 78 -1.39 -8.12 3.01
C ILE A 78 -0.41 -8.99 3.80
N GLU A 79 -0.49 -10.30 3.58
CA GLU A 79 0.40 -11.24 4.26
C GLU A 79 1.76 -11.30 3.57
N LYS A 80 1.83 -10.69 2.38
CA LYS A 80 3.08 -10.66 1.61
C LYS A 80 3.91 -9.44 1.96
N VAL A 81 3.23 -8.30 2.12
CA VAL A 81 3.93 -7.06 2.45
C VAL A 81 4.58 -7.15 3.82
N SER A 82 5.88 -6.87 3.86
CA SER A 82 6.65 -6.92 5.10
C SER A 82 5.92 -6.18 6.22
N PHE A 83 5.92 -4.85 6.14
CA PHE A 83 5.26 -4.03 7.15
C PHE A 83 4.68 -2.77 6.51
N CYS A 84 3.38 -2.56 6.71
CA CYS A 84 2.72 -1.38 6.16
C CYS A 84 3.25 -0.11 6.82
N ALA A 85 3.03 1.02 6.15
CA ALA A 85 3.49 2.31 6.67
C ALA A 85 2.92 3.46 5.85
N PRO A 86 1.98 4.23 6.41
CA PRO A 86 1.37 5.37 5.72
C PRO A 86 2.26 6.60 5.72
N ASP A 87 3.51 6.42 6.15
CA ASP A 87 4.46 7.53 6.22
C ASP A 87 3.89 8.67 7.04
N ARG A 88 4.28 9.91 6.72
CA ARG A 88 3.78 11.08 7.44
C ARG A 88 4.04 12.35 6.64
N ASN A 89 5.08 13.10 7.02
CA ASN A 89 5.44 14.33 6.34
C ASN A 89 4.22 15.24 6.17
N HIS A 90 3.61 15.20 4.98
CA HIS A 90 2.43 16.01 4.69
C HIS A 90 2.00 15.85 3.24
N GLU A 91 2.72 15.00 2.49
CA GLU A 91 2.43 14.79 1.08
C GLU A 91 1.30 13.78 0.90
N ARG A 92 0.75 13.29 2.01
CA ARG A 92 -0.34 12.32 1.97
C ARG A 92 0.07 11.09 1.16
N GLY A 93 1.33 10.69 1.32
CA GLY A 93 1.83 9.54 0.59
C GLY A 93 1.99 8.32 1.47
N PHE A 94 1.73 7.15 0.90
CA PHE A 94 1.85 5.88 1.62
C PHE A 94 2.65 4.88 0.80
N SER A 95 3.34 3.97 1.48
CA SER A 95 4.16 2.98 0.80
C SER A 95 4.33 1.73 1.64
N TYR A 96 4.52 0.60 0.96
CA TYR A 96 4.73 -0.68 1.63
C TYR A 96 6.00 -1.34 1.11
N ILE A 97 6.49 -2.32 1.85
CA ILE A 97 7.70 -3.03 1.46
C ILE A 97 7.46 -4.53 1.33
N CYS A 98 8.37 -5.21 0.62
CA CYS A 98 8.26 -6.65 0.43
C CYS A 98 9.63 -7.25 0.14
N ARG A 99 10.06 -8.16 1.00
CA ARG A 99 11.36 -8.80 0.85
C ARG A 99 11.25 -10.07 -0.01
N ASP A 100 11.95 -10.09 -1.13
CA ASP A 100 11.96 -11.23 -2.03
C ASP A 100 10.53 -11.69 -2.35
N GLY A 101 10.39 -12.98 -2.64
CA GLY A 101 9.08 -13.53 -2.99
C GLY A 101 8.74 -13.27 -4.44
N THR A 102 9.25 -12.17 -4.98
CA THR A 102 9.02 -11.79 -6.36
C THR A 102 10.13 -10.87 -6.84
N THR A 103 11.06 -10.57 -5.93
CA THR A 103 12.18 -9.70 -6.24
C THR A 103 13.51 -10.35 -5.85
N ARG A 104 13.42 -11.33 -4.95
CA ARG A 104 14.60 -12.06 -4.48
C ARG A 104 15.53 -11.16 -3.68
N ARG A 105 14.99 -10.08 -3.12
CA ARG A 105 15.77 -9.14 -2.31
C ARG A 105 14.89 -7.98 -1.83
N TRP A 106 15.52 -7.04 -1.13
CA TRP A 106 14.79 -5.88 -0.59
C TRP A 106 14.26 -4.99 -1.71
N MET A 107 12.98 -4.62 -1.61
CA MET A 107 12.34 -3.76 -2.59
C MET A 107 11.06 -3.17 -2.03
N CYS A 108 10.96 -1.85 -2.05
CA CYS A 108 9.79 -1.16 -1.52
C CYS A 108 9.05 -0.41 -2.62
N HIS A 109 7.73 -0.44 -2.55
CA HIS A 109 6.89 0.25 -3.54
C HIS A 109 6.23 1.47 -2.91
N GLY A 110 6.06 2.52 -3.70
CA GLY A 110 5.46 3.74 -3.18
C GLY A 110 4.32 4.26 -4.04
N PHE A 111 3.40 4.97 -3.41
CA PHE A 111 2.26 5.55 -4.11
C PHE A 111 1.70 6.75 -3.36
N LEU A 112 1.05 7.66 -4.07
CA LEU A 112 0.47 8.85 -3.47
C LEU A 112 -1.05 8.80 -3.53
N ALA A 113 -1.71 9.55 -2.66
CA ALA A 113 -3.16 9.60 -2.62
C ALA A 113 -3.70 10.67 -3.57
N CYS A 114 -4.47 10.25 -4.56
CA CYS A 114 -5.03 11.19 -5.54
C CYS A 114 -6.09 12.08 -4.89
N LYS A 115 -6.38 11.81 -3.63
CA LYS A 115 -7.38 12.59 -2.90
C LYS A 115 -6.72 13.61 -1.98
N ASP A 116 -5.52 13.27 -1.51
CA ASP A 116 -4.77 14.15 -0.61
C ASP A 116 -5.57 14.47 0.64
N SER A 117 -5.37 13.67 1.68
CA SER A 117 -6.07 13.86 2.95
C SER A 117 -5.43 13.03 4.07
N GLY A 118 -4.97 11.84 3.71
CA GLY A 118 -4.35 10.97 4.68
C GLY A 118 -5.36 10.27 5.57
N GLU A 119 -6.61 10.22 5.11
CA GLU A 119 -7.68 9.57 5.86
C GLU A 119 -8.55 8.73 4.95
N ARG A 120 -8.52 9.01 3.65
CA ARG A 120 -9.32 8.28 2.68
C ARG A 120 -8.67 6.94 2.34
N LEU A 121 -7.35 6.87 2.50
CA LEU A 121 -6.60 5.65 2.20
C LEU A 121 -5.86 5.15 3.44
N SER A 122 -5.25 6.07 4.17
CA SER A 122 -4.50 5.71 5.36
C SER A 122 -5.39 5.01 6.39
N HIS A 123 -6.52 5.63 6.71
CA HIS A 123 -7.45 5.07 7.67
C HIS A 123 -8.25 3.92 7.06
N ALA A 124 -7.88 3.52 5.85
CA ALA A 124 -8.55 2.42 5.17
C ALA A 124 -7.80 1.10 5.36
N VAL A 125 -6.52 1.09 4.96
CA VAL A 125 -5.69 -0.09 5.07
C VAL A 125 -5.45 -0.45 6.54
N GLY A 126 -5.60 0.53 7.42
CA GLY A 126 -5.39 0.30 8.84
C GLY A 126 -6.38 -0.70 9.42
N CYS A 127 -7.49 -0.90 8.71
CA CYS A 127 -8.52 -1.83 9.15
C CYS A 127 -8.47 -3.11 8.32
N ALA A 128 -7.59 -3.13 7.33
CA ALA A 128 -7.45 -4.29 6.45
C ALA A 128 -6.97 -5.50 7.22
N PHE A 129 -5.94 -5.31 8.04
CA PHE A 129 -5.38 -6.40 8.83
C PHE A 129 -6.34 -6.84 9.93
N ALA A 130 -7.02 -5.87 10.54
CA ALA A 130 -7.97 -6.14 11.62
C ALA A 130 -9.08 -7.10 11.16
N VAL A 131 -9.26 -7.18 9.85
CA VAL A 131 -10.29 -8.04 9.28
C VAL A 131 -9.67 -9.29 8.66
N CYS A 132 -8.40 -9.18 8.27
CA CYS A 132 -7.68 -10.29 7.67
C CYS A 132 -7.34 -11.34 8.73
N LEU A 133 -7.67 -11.04 9.98
CA LEU A 133 -7.39 -11.95 11.08
C LEU A 133 -8.54 -12.93 11.30
N GLU A 134 -9.57 -12.82 10.46
CA GLU A 134 -10.73 -13.70 10.56
C GLU A 134 -10.61 -14.87 9.59
N ARG A 135 -9.54 -14.86 8.79
CA ARG A 135 -9.33 -15.92 7.82
C ARG A 135 -8.09 -16.75 8.17
N GLY B 1 3.74 5.78 11.54
CA GLY B 1 2.59 5.08 10.90
C GLY B 1 2.24 3.77 11.60
N PHE B 2 1.39 2.98 10.96
CA PHE B 2 0.97 1.70 11.52
C PHE B 2 1.59 0.55 10.73
N SER B 3 1.04 -0.65 10.93
CA SER B 3 1.52 -1.84 10.23
C SER B 3 0.62 -3.04 10.53
N ASN B 4 0.39 -3.87 9.52
CA ASN B 4 -0.45 -5.05 9.67
C ASN B 4 0.12 -6.00 10.72
N MET B 5 -0.72 -6.89 11.22
CA MET B 5 -0.31 -7.86 12.23
C MET B 5 -0.59 -9.28 11.77
N SER B 6 -1.19 -9.41 10.58
CA SER B 6 -1.53 -10.71 10.03
C SER B 6 -0.42 -11.22 9.10
N PHE B 7 0.76 -10.61 9.23
CA PHE B 7 1.91 -11.00 8.41
C PHE B 7 2.35 -12.43 8.71
N GLU B 8 2.83 -13.13 7.69
CA GLU B 8 3.28 -14.50 7.85
C GLU B 8 4.75 -14.54 8.23
N ASP B 9 5.37 -13.37 8.31
CA ASP B 9 6.78 -13.26 8.67
C ASP B 9 7.64 -14.10 7.73
N PHE B 10 7.87 -13.59 6.53
CA PHE B 10 8.68 -14.29 5.53
C PHE B 10 10.10 -14.53 6.05
N PRO B 11 10.68 -15.69 5.74
CA PRO B 11 12.04 -16.03 6.18
C PRO B 11 13.07 -15.02 5.71
N HIS A 1 -22.96 6.56 8.08
CA HIS A 1 -23.37 6.93 6.72
C HIS A 1 -22.25 6.63 5.73
N GLN A 2 -21.04 7.08 6.05
CA GLN A 2 -19.89 6.87 5.18
C GLN A 2 -19.06 5.68 5.65
N TRP A 3 -18.77 5.66 6.95
CA TRP A 3 -17.98 4.58 7.53
C TRP A 3 -18.73 3.26 7.44
N GLN A 4 -20.05 3.34 7.39
CA GLN A 4 -20.87 2.14 7.31
C GLN A 4 -20.68 1.45 5.95
N ALA A 5 -19.97 2.12 5.06
CA ALA A 5 -19.70 1.59 3.72
C ALA A 5 -18.20 1.42 3.49
N ASP A 6 -17.40 2.21 4.21
CA ASP A 6 -15.96 2.16 4.08
C ASP A 6 -15.40 0.93 4.80
N GLU A 7 -15.96 0.63 5.97
CA GLU A 7 -15.52 -0.52 6.75
C GLU A 7 -15.88 -1.83 6.04
N GLU A 8 -17.07 -1.86 5.46
CA GLU A 8 -17.54 -3.05 4.75
C GLU A 8 -16.83 -3.19 3.41
N ALA A 9 -16.19 -2.11 2.96
CA ALA A 9 -15.45 -2.12 1.71
C ALA A 9 -14.29 -3.12 1.76
N VAL A 10 -13.50 -3.04 2.83
CA VAL A 10 -12.37 -3.95 3.01
C VAL A 10 -12.85 -5.40 3.01
N ARG A 11 -13.98 -5.64 3.67
CA ARG A 11 -14.56 -6.96 3.73
C ARG A 11 -15.02 -7.41 2.35
N SER A 12 -15.43 -6.45 1.53
CA SER A 12 -15.88 -6.73 0.18
C SER A 12 -14.68 -6.89 -0.76
N ALA A 13 -13.49 -6.73 -0.20
CA ALA A 13 -12.25 -6.85 -0.97
C ALA A 13 -12.08 -5.71 -1.96
N THR A 14 -12.45 -4.50 -1.54
CA THR A 14 -12.32 -3.32 -2.40
C THR A 14 -12.61 -2.03 -1.62
N CYS A 15 -11.56 -1.50 -1.00
CA CYS A 15 -11.67 -0.25 -0.26
C CYS A 15 -10.78 0.82 -0.89
N SER A 16 -10.21 1.69 -0.06
CA SER A 16 -9.32 2.75 -0.54
C SER A 16 -9.98 3.59 -1.63
N PHE A 17 -9.16 4.23 -2.46
CA PHE A 17 -9.65 5.08 -3.55
C PHE A 17 -8.56 5.31 -4.59
N SER A 18 -8.79 6.26 -5.49
CA SER A 18 -7.81 6.58 -6.53
C SER A 18 -6.43 6.82 -5.94
N VAL A 19 -5.39 6.52 -6.71
CA VAL A 19 -4.02 6.68 -6.25
C VAL A 19 -3.10 7.20 -7.34
N LYS A 20 -1.80 7.22 -7.05
CA LYS A 20 -0.79 7.67 -8.00
C LYS A 20 0.51 6.91 -7.81
N TYR A 21 0.57 5.70 -8.37
CA TYR A 21 1.74 4.85 -8.23
C TYR A 21 3.00 5.59 -8.69
N LEU A 22 4.15 5.02 -8.36
CA LEU A 22 5.43 5.61 -8.74
C LEU A 22 6.30 4.59 -9.47
N GLY A 23 6.38 3.39 -8.93
CA GLY A 23 7.18 2.35 -9.55
C GLY A 23 7.76 1.37 -8.54
N CYS A 24 9.07 1.17 -8.59
CA CYS A 24 9.73 0.26 -7.66
C CYS A 24 11.18 0.67 -7.45
N VAL A 25 11.61 0.67 -6.19
CA VAL A 25 12.98 1.04 -5.84
C VAL A 25 13.57 0.07 -4.83
N GLU A 26 14.89 0.03 -4.75
CA GLU A 26 15.58 -0.86 -3.81
C GLU A 26 15.76 -0.20 -2.45
N VAL A 27 15.55 -0.96 -1.39
CA VAL A 27 15.70 -0.46 -0.03
C VAL A 27 16.59 -1.37 0.80
N PHE A 28 17.62 -0.79 1.42
CA PHE A 28 18.55 -1.55 2.24
C PHE A 28 18.11 -1.54 3.69
N GLU A 29 16.97 -2.16 3.98
CA GLU A 29 16.44 -2.22 5.34
C GLU A 29 15.37 -3.30 5.48
N SER A 30 14.25 -3.11 4.79
CA SER A 30 13.13 -4.06 4.85
C SER A 30 12.63 -4.20 6.29
N ARG A 31 12.89 -3.19 7.11
CA ARG A 31 12.45 -3.20 8.49
C ARG A 31 12.24 -1.78 9.00
N GLY A 32 10.99 -1.47 9.37
CA GLY A 32 10.67 -0.14 9.86
C GLY A 32 9.71 0.60 8.94
N MET A 33 9.03 1.59 9.49
CA MET A 33 8.07 2.38 8.72
C MET A 33 8.74 3.61 8.10
N GLN A 34 10.01 3.82 8.45
CA GLN A 34 10.76 4.95 7.93
C GLN A 34 11.36 4.64 6.57
N VAL A 35 11.50 3.34 6.28
CA VAL A 35 12.06 2.90 5.00
C VAL A 35 11.19 3.39 3.84
N CYS A 36 9.89 3.48 4.07
CA CYS A 36 8.95 3.92 3.06
C CYS A 36 8.86 5.44 3.03
N GLU A 37 9.12 6.06 4.17
CA GLU A 37 9.07 7.53 4.28
C GLU A 37 10.16 8.18 3.46
N GLU A 38 11.16 7.38 3.05
CA GLU A 38 12.27 7.89 2.26
C GLU A 38 12.20 7.35 0.84
N ALA A 39 11.96 6.05 0.71
CA ALA A 39 11.86 5.41 -0.60
C ALA A 39 10.78 6.05 -1.45
N LEU A 40 9.71 6.52 -0.78
CA LEU A 40 8.61 7.16 -1.47
C LEU A 40 9.09 8.38 -2.25
N LYS A 41 9.97 9.16 -1.64
CA LYS A 41 10.52 10.35 -2.27
C LYS A 41 11.52 9.98 -3.35
N VAL A 42 12.22 8.87 -3.13
CA VAL A 42 13.21 8.40 -4.09
C VAL A 42 12.57 8.19 -5.46
N LEU A 43 11.37 7.62 -5.47
CA LEU A 43 10.64 7.39 -6.70
C LEU A 43 10.19 8.71 -7.31
N ARG A 44 9.84 9.66 -6.45
CA ARG A 44 9.41 10.97 -6.91
C ARG A 44 10.57 11.74 -7.52
N GLN A 45 11.79 11.35 -7.14
CA GLN A 45 12.99 11.99 -7.64
C GLN A 45 13.55 11.22 -8.84
N SER A 46 13.06 9.99 -9.02
CA SER A 46 13.50 9.16 -10.13
C SER A 46 12.59 9.30 -11.33
N ARG A 47 12.91 8.59 -12.41
CA ARG A 47 12.12 8.64 -13.63
C ARG A 47 11.03 7.57 -13.63
N ARG A 48 10.81 6.96 -12.47
CA ARG A 48 9.80 5.92 -12.33
C ARG A 48 8.43 6.44 -12.74
N ARG A 49 7.93 5.92 -13.86
CA ARG A 49 6.63 6.34 -14.39
C ARG A 49 5.50 6.02 -13.41
N PRO A 50 4.57 6.97 -13.22
CA PRO A 50 3.44 6.79 -12.30
C PRO A 50 2.26 6.08 -12.97
N VAL A 51 1.46 5.39 -12.16
CA VAL A 51 0.29 4.68 -12.65
C VAL A 51 -0.96 5.06 -11.87
N ARG A 52 -1.74 5.98 -12.42
CA ARG A 52 -2.96 6.44 -11.76
C ARG A 52 -4.11 5.47 -11.99
N GLY A 53 -4.77 5.09 -10.90
CA GLY A 53 -5.89 4.17 -10.99
C GLY A 53 -6.68 4.10 -9.71
N LEU A 54 -7.50 3.06 -9.56
CA LEU A 54 -8.31 2.89 -8.36
C LEU A 54 -7.75 1.79 -7.48
N LEU A 55 -7.36 2.15 -6.25
CA LEU A 55 -6.83 1.20 -5.30
C LEU A 55 -7.96 0.60 -4.47
N HIS A 56 -8.01 -0.74 -4.44
CA HIS A 56 -9.04 -1.45 -3.68
C HIS A 56 -8.43 -2.21 -2.50
N VAL A 57 -8.47 -1.60 -1.32
CA VAL A 57 -7.93 -2.25 -0.13
C VAL A 57 -8.76 -3.49 0.21
N SER A 58 -8.29 -4.64 -0.24
CA SER A 58 -8.97 -5.90 0.03
C SER A 58 -8.38 -6.56 1.26
N GLY A 59 -9.23 -6.90 2.22
CA GLY A 59 -8.76 -7.52 3.44
C GLY A 59 -8.11 -8.88 3.21
N ASP A 60 -8.08 -9.31 1.96
CA ASP A 60 -7.47 -10.59 1.60
C ASP A 60 -6.54 -10.43 0.41
N GLY A 61 -5.90 -9.27 0.32
CA GLY A 61 -4.98 -9.01 -0.77
C GLY A 61 -5.27 -7.72 -1.49
N LEU A 62 -4.50 -6.68 -1.20
CA LEU A 62 -4.70 -5.38 -1.81
C LEU A 62 -4.36 -5.40 -3.29
N ARG A 63 -5.32 -4.97 -4.12
CA ARG A 63 -5.12 -4.93 -5.57
C ARG A 63 -5.30 -3.51 -6.08
N VAL A 64 -4.51 -3.13 -7.08
CA VAL A 64 -4.58 -1.78 -7.64
C VAL A 64 -4.84 -1.83 -9.15
N VAL A 65 -6.00 -1.32 -9.54
CA VAL A 65 -6.38 -1.26 -10.95
C VAL A 65 -6.00 0.09 -11.54
N ASP A 66 -5.65 0.10 -12.82
CA ASP A 66 -5.27 1.33 -13.50
C ASP A 66 -6.50 2.08 -13.99
N ASP A 67 -6.34 3.37 -14.27
CA ASP A 67 -7.44 4.20 -14.75
C ASP A 67 -7.21 4.62 -16.19
N GLU A 68 -6.14 4.10 -16.78
CA GLU A 68 -5.81 4.39 -18.17
C GLU A 68 -5.57 3.10 -18.94
N THR A 69 -5.65 1.98 -18.22
CA THR A 69 -5.46 0.67 -18.80
C THR A 69 -6.27 -0.38 -18.05
N LYS A 70 -6.74 0.00 -16.86
CA LYS A 70 -7.53 -0.89 -16.03
C LYS A 70 -6.81 -2.22 -15.80
N GLY A 71 -5.48 -2.16 -15.80
CA GLY A 71 -4.69 -3.36 -15.58
C GLY A 71 -4.20 -3.47 -14.15
N LEU A 72 -4.06 -4.70 -13.67
CA LEU A 72 -3.59 -4.94 -12.30
C LEU A 72 -2.08 -4.73 -12.21
N ILE A 73 -1.68 -3.80 -11.34
CA ILE A 73 -0.26 -3.49 -11.16
C ILE A 73 0.25 -4.00 -9.81
N VAL A 74 -0.68 -4.31 -8.91
CA VAL A 74 -0.33 -4.81 -7.59
C VAL A 74 -1.09 -6.09 -7.26
N ASP A 75 -0.48 -7.23 -7.52
CA ASP A 75 -1.09 -8.52 -7.24
C ASP A 75 -0.61 -9.06 -5.89
N GLN A 76 -0.05 -8.19 -5.08
CA GLN A 76 0.46 -8.57 -3.77
C GLN A 76 -0.68 -8.86 -2.79
N THR A 77 -0.33 -9.10 -1.54
CA THR A 77 -1.31 -9.39 -0.50
C THR A 77 -0.90 -8.75 0.82
N ILE A 78 -1.87 -8.59 1.72
CA ILE A 78 -1.62 -7.99 3.03
C ILE A 78 -0.58 -8.79 3.81
N GLU A 79 -0.85 -10.08 4.00
CA GLU A 79 0.07 -10.96 4.71
C GLU A 79 1.34 -11.18 3.91
N LYS A 80 1.27 -10.90 2.61
CA LYS A 80 2.43 -11.06 1.73
C LYS A 80 3.47 -9.99 2.00
N VAL A 81 3.09 -8.74 1.81
CA VAL A 81 4.00 -7.63 2.02
C VAL A 81 4.48 -7.58 3.47
N SER A 82 5.76 -7.28 3.65
CA SER A 82 6.36 -7.20 4.98
C SER A 82 5.45 -6.45 5.94
N PHE A 83 5.29 -5.15 5.71
CA PHE A 83 4.43 -4.32 6.56
C PHE A 83 4.22 -2.95 5.94
N CYS A 84 3.00 -2.42 6.09
CA CYS A 84 2.67 -1.10 5.55
C CYS A 84 3.42 -0.01 6.31
N ALA A 85 3.45 1.19 5.74
CA ALA A 85 4.13 2.31 6.38
C ALA A 85 3.75 3.64 5.73
N PRO A 86 3.26 4.61 6.52
CA PRO A 86 2.87 5.92 6.02
C PRO A 86 4.06 6.87 5.89
N ASP A 87 3.90 8.11 6.30
CA ASP A 87 4.95 9.11 6.22
C ASP A 87 5.13 9.82 7.56
N ARG A 88 5.81 10.97 7.53
CA ARG A 88 6.05 11.75 8.75
C ARG A 88 5.79 13.23 8.50
N ASN A 89 5.80 13.63 7.22
CA ASN A 89 5.57 15.02 6.86
C ASN A 89 4.10 15.28 6.62
N HIS A 90 3.52 14.57 5.66
CA HIS A 90 2.11 14.73 5.33
C HIS A 90 1.54 13.42 4.77
N GLU A 91 0.42 12.99 5.32
CA GLU A 91 -0.21 11.75 4.89
C GLU A 91 -0.85 11.91 3.51
N ARG A 92 -0.01 11.95 2.48
CA ARG A 92 -0.49 12.07 1.11
C ARG A 92 0.21 11.08 0.21
N GLY A 93 1.17 10.34 0.78
CA GLY A 93 1.90 9.35 0.03
C GLY A 93 2.34 8.17 0.88
N PHE A 94 1.79 7.00 0.58
CA PHE A 94 2.10 5.79 1.33
C PHE A 94 2.98 4.84 0.51
N SER A 95 3.47 3.80 1.17
CA SER A 95 4.33 2.81 0.51
C SER A 95 4.46 1.54 1.35
N TYR A 96 4.74 0.43 0.68
CA TYR A 96 4.89 -0.85 1.37
C TYR A 96 6.18 -1.55 0.93
N ILE A 97 6.62 -2.50 1.75
CA ILE A 97 7.84 -3.24 1.45
C ILE A 97 7.57 -4.73 1.32
N CYS A 98 8.39 -5.42 0.53
CA CYS A 98 8.24 -6.85 0.32
C CYS A 98 9.60 -7.54 0.28
N ARG A 99 9.89 -8.33 1.31
CA ARG A 99 11.16 -9.04 1.38
C ARG A 99 11.10 -10.35 0.59
N ASP A 100 11.62 -10.31 -0.64
CA ASP A 100 11.63 -11.48 -1.51
C ASP A 100 10.24 -12.09 -1.61
N GLY A 101 10.18 -13.36 -2.02
CA GLY A 101 8.89 -14.03 -2.18
C GLY A 101 8.15 -13.52 -3.39
N THR A 102 8.73 -12.53 -4.05
CA THR A 102 8.15 -11.93 -5.24
C THR A 102 9.13 -10.95 -5.87
N THR A 103 10.23 -10.69 -5.17
CA THR A 103 11.26 -9.78 -5.64
C THR A 103 12.64 -10.42 -5.56
N ARG A 104 12.73 -11.51 -4.78
CA ARG A 104 13.99 -12.22 -4.60
C ARG A 104 15.06 -11.30 -4.03
N ARG A 105 14.63 -10.30 -3.26
CA ARG A 105 15.55 -9.34 -2.65
C ARG A 105 14.78 -8.34 -1.79
N TRP A 106 15.46 -7.26 -1.40
CA TRP A 106 14.83 -6.23 -0.58
C TRP A 106 14.43 -5.03 -1.43
N MET A 107 13.14 -4.98 -1.78
CA MET A 107 12.62 -3.88 -2.60
C MET A 107 11.26 -3.42 -2.08
N CYS A 108 10.98 -2.14 -2.24
CA CYS A 108 9.71 -1.57 -1.78
C CYS A 108 9.07 -0.72 -2.88
N HIS A 109 7.74 -0.70 -2.89
CA HIS A 109 7.00 0.08 -3.87
C HIS A 109 6.37 1.31 -3.22
N GLY A 110 6.30 2.39 -3.98
CA GLY A 110 5.73 3.63 -3.46
C GLY A 110 4.54 4.11 -4.27
N PHE A 111 3.69 4.91 -3.63
CA PHE A 111 2.50 5.45 -4.29
C PHE A 111 1.92 6.60 -3.47
N LEU A 112 0.89 7.24 -3.99
CA LEU A 112 0.24 8.34 -3.30
C LEU A 112 -1.27 8.28 -3.47
N ALA A 113 -1.96 9.32 -3.01
CA ALA A 113 -3.41 9.39 -3.10
C ALA A 113 -3.85 10.53 -4.00
N CYS A 114 -4.75 10.24 -4.94
CA CYS A 114 -5.25 11.24 -5.87
C CYS A 114 -6.08 12.29 -5.16
N LYS A 115 -6.71 11.88 -4.06
CA LYS A 115 -7.56 12.78 -3.28
C LYS A 115 -6.74 13.62 -2.33
N ASP A 116 -5.76 13.00 -1.68
CA ASP A 116 -4.92 13.71 -0.72
C ASP A 116 -5.74 14.34 0.40
N SER A 117 -5.96 13.58 1.47
CA SER A 117 -6.74 14.07 2.60
C SER A 117 -6.38 13.30 3.87
N GLY A 118 -5.92 12.07 3.71
CA GLY A 118 -5.55 11.25 4.84
C GLY A 118 -6.73 10.51 5.44
N GLU A 119 -7.89 10.62 4.79
CA GLU A 119 -9.11 9.97 5.26
C GLU A 119 -9.79 9.21 4.13
N ARG A 120 -9.09 9.05 3.01
CA ARG A 120 -9.64 8.35 1.86
C ARG A 120 -8.88 7.06 1.58
N LEU A 121 -7.75 6.88 2.26
CA LEU A 121 -6.93 5.69 2.07
C LEU A 121 -6.21 5.30 3.36
N SER A 122 -5.62 6.29 4.03
CA SER A 122 -4.89 6.05 5.26
C SER A 122 -5.71 5.27 6.26
N HIS A 123 -6.81 5.85 6.72
CA HIS A 123 -7.68 5.21 7.70
C HIS A 123 -8.46 4.04 7.09
N ALA A 124 -8.17 3.72 5.84
CA ALA A 124 -8.85 2.63 5.16
C ALA A 124 -8.01 1.34 5.20
N VAL A 125 -6.76 1.45 4.77
CA VAL A 125 -5.87 0.30 4.76
C VAL A 125 -5.48 -0.11 6.17
N GLY A 126 -5.67 0.81 7.12
CA GLY A 126 -5.33 0.53 8.50
C GLY A 126 -6.34 -0.41 9.15
N CYS A 127 -7.32 -0.85 8.37
CA CYS A 127 -8.34 -1.76 8.87
C CYS A 127 -8.29 -3.08 8.10
N ALA A 128 -7.45 -3.13 7.08
CA ALA A 128 -7.31 -4.32 6.25
C ALA A 128 -6.72 -5.48 7.06
N PHE A 129 -5.58 -5.23 7.71
CA PHE A 129 -4.93 -6.26 8.51
C PHE A 129 -5.79 -6.65 9.70
N ALA A 130 -6.66 -5.74 10.12
CA ALA A 130 -7.55 -5.98 11.25
C ALA A 130 -8.57 -7.07 10.92
N VAL A 131 -8.60 -7.48 9.66
CA VAL A 131 -9.54 -8.51 9.21
C VAL A 131 -8.85 -9.85 9.06
N CYS A 132 -7.51 -9.84 9.10
CA CYS A 132 -6.73 -11.06 8.97
C CYS A 132 -6.08 -11.41 10.30
N LEU A 133 -6.39 -10.62 11.34
CA LEU A 133 -5.83 -10.85 12.66
C LEU A 133 -6.70 -11.81 13.46
N GLU A 134 -8.00 -11.55 13.48
CA GLU A 134 -8.94 -12.40 14.21
C GLU A 134 -8.93 -13.82 13.67
N ARG A 135 -8.44 -13.98 12.44
CA ARG A 135 -8.37 -15.28 11.80
C ARG A 135 -7.04 -15.98 12.10
N GLY B 1 2.82 5.14 12.57
CA GLY B 1 1.75 4.77 11.59
C GLY B 1 1.18 3.40 11.84
N PHE B 2 0.95 2.65 10.76
CA PHE B 2 0.40 1.30 10.88
C PHE B 2 1.19 0.31 10.02
N SER B 3 0.95 -0.97 10.27
CA SER B 3 1.63 -2.03 9.52
C SER B 3 0.93 -3.37 9.74
N ASN B 4 0.75 -4.13 8.66
CA ASN B 4 0.09 -5.42 8.74
C ASN B 4 0.81 -6.35 9.71
N MET B 5 0.16 -6.64 10.83
CA MET B 5 0.73 -7.51 11.86
C MET B 5 0.30 -8.97 11.64
N SER B 6 -0.38 -9.22 10.52
CA SER B 6 -0.83 -10.57 10.20
C SER B 6 0.14 -11.27 9.27
N PHE B 7 1.36 -10.76 9.22
CA PHE B 7 2.40 -11.34 8.37
C PHE B 7 2.80 -12.72 8.87
N GLU B 8 3.22 -13.58 7.95
CA GLU B 8 3.64 -14.93 8.30
C GLU B 8 5.15 -15.00 8.45
N ASP B 9 5.79 -13.83 8.49
CA ASP B 9 7.24 -13.74 8.64
C ASP B 9 7.96 -14.51 7.54
N PHE B 10 8.07 -13.89 6.37
CA PHE B 10 8.74 -14.51 5.24
C PHE B 10 10.26 -14.49 5.42
N PRO B 11 10.98 -15.46 4.82
CA PRO B 11 12.43 -15.53 4.92
C PRO B 11 13.12 -14.25 4.45
N HIS A 1 -21.23 9.09 5.41
CA HIS A 1 -21.89 8.86 4.12
C HIS A 1 -21.10 7.86 3.29
N GLN A 2 -19.84 8.18 3.02
CA GLN A 2 -18.98 7.31 2.23
C GLN A 2 -18.26 6.29 3.11
N TRP A 3 -17.87 6.73 4.31
CA TRP A 3 -17.19 5.85 5.25
C TRP A 3 -18.12 4.74 5.72
N GLN A 4 -19.41 5.02 5.70
CA GLN A 4 -20.39 4.04 6.11
C GLN A 4 -20.36 2.83 5.19
N ALA A 5 -19.83 3.06 3.98
CA ALA A 5 -19.70 1.99 3.00
C ALA A 5 -18.24 1.58 2.84
N ASP A 6 -17.34 2.45 3.29
CA ASP A 6 -15.91 2.18 3.21
C ASP A 6 -15.52 1.12 4.23
N GLU A 7 -16.17 1.16 5.40
CA GLU A 7 -15.90 0.18 6.45
C GLU A 7 -16.25 -1.22 5.98
N GLU A 8 -17.13 -1.30 4.97
CA GLU A 8 -17.54 -2.58 4.42
C GLU A 8 -16.73 -2.90 3.18
N ALA A 9 -16.02 -1.91 2.64
CA ALA A 9 -15.18 -2.09 1.47
C ALA A 9 -14.14 -3.17 1.72
N VAL A 10 -13.41 -3.05 2.83
CA VAL A 10 -12.38 -4.02 3.18
C VAL A 10 -13.02 -5.39 3.43
N ARG A 11 -14.18 -5.38 4.09
CA ARG A 11 -14.90 -6.62 4.37
C ARG A 11 -15.22 -7.36 3.08
N SER A 12 -15.50 -6.60 2.03
CA SER A 12 -15.82 -7.18 0.73
C SER A 12 -14.54 -7.63 0.01
N ALA A 13 -13.96 -6.72 -0.78
CA ALA A 13 -12.73 -7.03 -1.50
C ALA A 13 -12.28 -5.84 -2.35
N THR A 14 -12.55 -4.62 -1.88
CA THR A 14 -12.16 -3.42 -2.62
C THR A 14 -12.34 -2.16 -1.79
N CYS A 15 -11.25 -1.67 -1.22
CA CYS A 15 -11.27 -0.43 -0.45
C CYS A 15 -10.33 0.60 -1.07
N SER A 16 -9.80 1.49 -0.25
CA SER A 16 -8.87 2.52 -0.72
C SER A 16 -9.49 3.34 -1.85
N PHE A 17 -8.64 3.92 -2.69
CA PHE A 17 -9.08 4.76 -3.80
C PHE A 17 -7.94 4.97 -4.80
N SER A 18 -8.14 5.92 -5.72
CA SER A 18 -7.12 6.21 -6.74
C SER A 18 -5.76 6.45 -6.10
N VAL A 19 -4.70 6.14 -6.84
CA VAL A 19 -3.34 6.30 -6.33
C VAL A 19 -2.36 6.64 -7.45
N LYS A 20 -1.09 6.80 -7.07
CA LYS A 20 -0.03 7.11 -8.01
C LYS A 20 1.16 6.18 -7.84
N TYR A 21 1.09 5.02 -8.49
CA TYR A 21 2.15 4.02 -8.42
C TYR A 21 3.48 4.61 -8.86
N LEU A 22 4.27 5.07 -7.91
CA LEU A 22 5.57 5.66 -8.21
C LEU A 22 6.54 4.61 -8.74
N GLY A 23 6.21 3.34 -8.51
CA GLY A 23 7.05 2.26 -8.98
C GLY A 23 7.62 1.42 -7.85
N CYS A 24 8.93 1.18 -7.89
CA CYS A 24 9.59 0.40 -6.86
C CYS A 24 11.08 0.75 -6.79
N VAL A 25 11.62 0.78 -5.57
CA VAL A 25 13.03 1.10 -5.37
C VAL A 25 13.70 0.10 -4.44
N GLU A 26 15.02 0.06 -4.48
CA GLU A 26 15.78 -0.87 -3.65
C GLU A 26 16.00 -0.31 -2.24
N VAL A 27 15.73 -1.13 -1.24
CA VAL A 27 15.89 -0.75 0.15
C VAL A 27 16.42 -1.90 0.99
N PHE A 28 17.45 -1.63 1.78
CA PHE A 28 18.05 -2.66 2.63
C PHE A 28 17.61 -2.51 4.08
N GLU A 29 16.36 -2.86 4.35
CA GLU A 29 15.82 -2.79 5.70
C GLU A 29 14.53 -3.58 5.82
N SER A 30 13.46 -3.08 5.20
CA SER A 30 12.15 -3.74 5.24
C SER A 30 11.82 -4.20 6.65
N ARG A 31 12.26 -3.42 7.64
CA ARG A 31 12.03 -3.76 9.05
C ARG A 31 11.28 -2.65 9.76
N GLY A 32 11.64 -1.40 9.47
CA GLY A 32 11.00 -0.27 10.12
C GLY A 32 10.05 0.47 9.21
N MET A 33 9.11 1.20 9.80
CA MET A 33 8.13 1.98 9.04
C MET A 33 8.76 3.24 8.47
N GLN A 34 9.91 3.63 9.03
CA GLN A 34 10.61 4.82 8.58
C GLN A 34 11.26 4.61 7.21
N VAL A 35 11.54 3.35 6.89
CA VAL A 35 12.16 3.00 5.62
C VAL A 35 11.30 3.45 4.45
N CYS A 36 9.98 3.47 4.66
CA CYS A 36 9.05 3.88 3.62
C CYS A 36 8.99 5.40 3.53
N GLU A 37 9.25 6.07 4.65
CA GLU A 37 9.23 7.52 4.70
C GLU A 37 10.34 8.12 3.83
N GLU A 38 11.29 7.29 3.45
CA GLU A 38 12.41 7.73 2.63
C GLU A 38 12.30 7.19 1.19
N ALA A 39 11.96 5.91 1.08
CA ALA A 39 11.82 5.27 -0.22
C ALA A 39 10.77 5.98 -1.07
N LEU A 40 9.75 6.52 -0.41
CA LEU A 40 8.68 7.23 -1.10
C LEU A 40 9.21 8.48 -1.79
N LYS A 41 10.14 9.17 -1.12
CA LYS A 41 10.73 10.38 -1.67
C LYS A 41 11.59 10.07 -2.88
N VAL A 42 12.34 8.97 -2.81
CA VAL A 42 13.21 8.57 -3.91
C VAL A 42 12.39 8.23 -5.15
N LEU A 43 11.31 7.49 -4.96
CA LEU A 43 10.45 7.07 -6.06
C LEU A 43 9.85 8.28 -6.79
N ARG A 44 9.55 9.33 -6.03
CA ARG A 44 8.99 10.54 -6.60
C ARG A 44 10.05 11.33 -7.36
N GLN A 45 11.29 11.24 -6.90
CA GLN A 45 12.39 11.94 -7.52
C GLN A 45 13.00 11.13 -8.66
N SER A 46 12.65 9.85 -8.73
CA SER A 46 13.17 8.97 -9.78
C SER A 46 12.09 8.60 -10.77
N ARG A 47 10.85 9.00 -10.48
CA ARG A 47 9.70 8.72 -11.34
C ARG A 47 9.81 7.34 -11.99
N ARG A 48 9.63 6.30 -11.18
CA ARG A 48 9.70 4.93 -11.68
C ARG A 48 8.37 4.50 -12.30
N ARG A 49 8.04 5.13 -13.44
CA ARG A 49 6.80 4.81 -14.16
C ARG A 49 5.57 5.03 -13.28
N PRO A 50 5.10 6.28 -13.18
CA PRO A 50 3.91 6.62 -12.38
C PRO A 50 2.61 6.30 -13.12
N VAL A 51 1.67 5.69 -12.40
CA VAL A 51 0.39 5.33 -12.98
C VAL A 51 -0.77 5.79 -12.11
N ARG A 52 -1.95 5.92 -12.72
CA ARG A 52 -3.14 6.35 -12.00
C ARG A 52 -4.23 5.28 -12.05
N GLY A 53 -4.32 4.50 -10.99
CA GLY A 53 -5.31 3.44 -10.93
C GLY A 53 -6.10 3.44 -9.63
N LEU A 54 -7.16 2.65 -9.58
CA LEU A 54 -7.99 2.55 -8.39
C LEU A 54 -7.52 1.41 -7.49
N LEU A 55 -6.85 1.77 -6.41
CA LEU A 55 -6.36 0.79 -5.45
C LEU A 55 -7.51 0.24 -4.61
N HIS A 56 -7.61 -1.09 -4.54
CA HIS A 56 -8.66 -1.74 -3.78
C HIS A 56 -8.09 -2.52 -2.60
N VAL A 57 -8.06 -1.89 -1.43
CA VAL A 57 -7.56 -2.56 -0.24
C VAL A 57 -8.51 -3.66 0.21
N SER A 58 -8.29 -4.86 -0.30
CA SER A 58 -9.13 -6.01 0.05
C SER A 58 -8.56 -6.72 1.28
N GLY A 59 -9.44 -7.16 2.16
CA GLY A 59 -8.99 -7.84 3.38
C GLY A 59 -8.33 -9.17 3.09
N ASP A 60 -8.22 -9.52 1.81
CA ASP A 60 -7.59 -10.77 1.41
C ASP A 60 -6.54 -10.54 0.33
N GLY A 61 -5.89 -9.38 0.38
CA GLY A 61 -4.87 -9.06 -0.59
C GLY A 61 -5.20 -7.81 -1.38
N LEU A 62 -4.30 -6.83 -1.35
CA LEU A 62 -4.50 -5.58 -2.06
C LEU A 62 -4.26 -5.75 -3.55
N ARG A 63 -5.07 -5.09 -4.37
CA ARG A 63 -4.94 -5.15 -5.82
C ARG A 63 -5.30 -3.82 -6.46
N VAL A 64 -4.36 -3.26 -7.21
CA VAL A 64 -4.57 -1.97 -7.86
C VAL A 64 -4.88 -2.14 -9.34
N VAL A 65 -6.07 -1.70 -9.75
CA VAL A 65 -6.49 -1.79 -11.14
C VAL A 65 -6.45 -0.41 -11.81
N ASP A 66 -5.59 -0.28 -12.82
CA ASP A 66 -5.44 0.97 -13.54
C ASP A 66 -6.80 1.51 -13.99
N ASP A 67 -6.89 2.84 -14.11
CA ASP A 67 -8.14 3.48 -14.51
C ASP A 67 -8.22 3.64 -16.02
N GLU A 68 -7.13 3.32 -16.71
CA GLU A 68 -7.08 3.43 -18.17
C GLU A 68 -6.81 2.06 -18.79
N THR A 69 -5.77 1.40 -18.30
CA THR A 69 -5.39 0.08 -18.79
C THR A 69 -6.23 -1.00 -18.14
N LYS A 70 -6.79 -0.67 -16.98
CA LYS A 70 -7.63 -1.60 -16.22
C LYS A 70 -6.92 -2.94 -16.02
N GLY A 71 -5.59 -2.90 -15.99
CA GLY A 71 -4.81 -4.11 -15.81
C GLY A 71 -4.60 -4.45 -14.35
N LEU A 72 -3.34 -4.43 -13.93
CA LEU A 72 -2.99 -4.73 -12.54
C LEU A 72 -1.52 -4.45 -12.29
N ILE A 73 -1.24 -3.45 -11.46
CA ILE A 73 0.13 -3.07 -11.15
C ILE A 73 0.63 -3.75 -9.88
N VAL A 74 -0.23 -3.82 -8.87
CA VAL A 74 0.13 -4.44 -7.61
C VAL A 74 -0.82 -5.58 -7.25
N ASP A 75 -0.36 -6.81 -7.44
CA ASP A 75 -1.18 -7.98 -7.13
C ASP A 75 -0.59 -8.75 -5.97
N GLN A 76 -0.26 -8.05 -4.89
CA GLN A 76 0.32 -8.66 -3.71
C GLN A 76 -0.76 -8.91 -2.65
N THR A 77 -0.33 -9.20 -1.43
CA THR A 77 -1.25 -9.47 -0.33
C THR A 77 -0.83 -8.71 0.92
N ILE A 78 -1.79 -8.51 1.83
CA ILE A 78 -1.53 -7.81 3.07
C ILE A 78 -0.57 -8.60 3.95
N GLU A 79 -0.80 -9.90 4.04
CA GLU A 79 0.05 -10.78 4.83
C GLU A 79 1.35 -11.08 4.09
N LYS A 80 1.33 -10.87 2.78
CA LYS A 80 2.50 -11.11 1.95
C LYS A 80 3.58 -10.07 2.23
N VAL A 81 3.17 -8.81 2.30
CA VAL A 81 4.10 -7.73 2.58
C VAL A 81 4.51 -7.72 4.05
N SER A 82 5.72 -7.25 4.32
CA SER A 82 6.21 -7.17 5.69
C SER A 82 5.24 -6.40 6.57
N PHE A 83 4.91 -5.18 6.14
CA PHE A 83 3.99 -4.33 6.87
C PHE A 83 3.68 -3.05 6.09
N CYS A 84 2.94 -2.15 6.71
CA CYS A 84 2.59 -0.89 6.07
C CYS A 84 3.30 0.28 6.75
N ALA A 85 3.44 1.39 6.04
CA ALA A 85 4.10 2.57 6.57
C ALA A 85 3.90 3.79 5.66
N PRO A 86 3.20 4.82 6.16
CA PRO A 86 2.95 6.04 5.38
C PRO A 86 4.16 6.98 5.39
N ASP A 87 3.97 8.20 5.90
CA ASP A 87 5.06 9.18 5.97
C ASP A 87 4.73 10.26 7.00
N ARG A 88 5.66 11.19 7.17
CA ARG A 88 5.48 12.28 8.13
C ARG A 88 5.53 13.63 7.43
N ASN A 89 5.77 13.62 6.13
CA ASN A 89 5.82 14.85 5.34
C ASN A 89 4.47 15.54 5.34
N HIS A 90 3.49 14.90 4.71
CA HIS A 90 2.14 15.44 4.64
C HIS A 90 1.12 14.38 5.00
N GLU A 91 1.61 13.20 5.36
CA GLU A 91 0.75 12.08 5.73
C GLU A 91 -0.16 11.68 4.57
N ARG A 92 0.17 12.15 3.37
CA ARG A 92 -0.61 11.84 2.18
C ARG A 92 0.11 10.81 1.33
N GLY A 93 1.26 10.36 1.81
CA GLY A 93 2.03 9.36 1.09
C GLY A 93 2.21 8.08 1.87
N PHE A 94 1.99 6.95 1.21
CA PHE A 94 2.14 5.65 1.86
C PHE A 94 3.07 4.75 1.05
N SER A 95 3.55 3.68 1.67
CA SER A 95 4.44 2.75 1.01
C SER A 95 4.56 1.43 1.77
N TYR A 96 4.69 0.34 1.04
CA TYR A 96 4.82 -0.98 1.63
C TYR A 96 6.06 -1.69 1.09
N ILE A 97 6.79 -2.37 1.97
CA ILE A 97 7.99 -3.08 1.57
C ILE A 97 7.74 -4.57 1.39
N CYS A 98 8.34 -5.15 0.37
CA CYS A 98 8.17 -6.57 0.08
C CYS A 98 9.43 -7.14 -0.56
N ARG A 99 9.92 -8.25 -0.01
CA ARG A 99 11.12 -8.89 -0.54
C ARG A 99 10.78 -9.97 -1.55
N ASP A 100 11.32 -9.81 -2.77
CA ASP A 100 11.09 -10.77 -3.84
C ASP A 100 9.59 -11.05 -4.03
N GLY A 101 9.28 -12.18 -4.65
CA GLY A 101 7.89 -12.54 -4.90
C GLY A 101 7.45 -12.08 -6.28
N THR A 102 8.06 -11.00 -6.74
CA THR A 102 7.78 -10.45 -8.06
C THR A 102 8.88 -9.47 -8.44
N THR A 103 9.91 -9.41 -7.60
CA THR A 103 11.05 -8.53 -7.82
C THR A 103 12.36 -9.25 -7.54
N ARG A 104 12.26 -10.36 -6.80
CA ARG A 104 13.45 -11.14 -6.44
C ARG A 104 14.44 -10.27 -5.68
N ARG A 105 13.92 -9.32 -4.91
CA ARG A 105 14.76 -8.40 -4.15
C ARG A 105 13.97 -7.69 -3.06
N TRP A 106 14.67 -7.34 -1.98
CA TRP A 106 14.04 -6.62 -0.88
C TRP A 106 13.83 -5.16 -1.25
N MET A 107 12.78 -4.91 -2.03
CA MET A 107 12.46 -3.55 -2.47
C MET A 107 11.20 -3.03 -1.81
N CYS A 108 10.97 -1.72 -1.93
CA CYS A 108 9.80 -1.10 -1.35
C CYS A 108 8.99 -0.37 -2.41
N HIS A 109 7.69 -0.67 -2.46
CA HIS A 109 6.80 -0.03 -3.43
C HIS A 109 6.17 1.22 -2.82
N GLY A 110 6.33 2.34 -3.52
CA GLY A 110 5.79 3.60 -3.03
C GLY A 110 4.59 4.06 -3.85
N PHE A 111 3.75 4.89 -3.24
CA PHE A 111 2.57 5.40 -3.92
C PHE A 111 1.90 6.49 -3.08
N LEU A 112 1.21 7.40 -3.75
CA LEU A 112 0.51 8.50 -3.07
C LEU A 112 -0.98 8.47 -3.38
N ALA A 113 -1.75 9.22 -2.60
CA ALA A 113 -3.20 9.28 -2.80
C ALA A 113 -3.56 10.37 -3.80
N CYS A 114 -4.31 10.00 -4.83
CA CYS A 114 -4.74 10.95 -5.86
C CYS A 114 -5.61 12.04 -5.26
N LYS A 115 -6.18 11.76 -4.09
CA LYS A 115 -7.04 12.72 -3.40
C LYS A 115 -6.20 13.68 -2.57
N ASP A 116 -4.99 13.24 -2.21
CA ASP A 116 -4.07 14.05 -1.41
C ASP A 116 -4.74 14.50 -0.11
N SER A 117 -4.73 13.64 0.89
CA SER A 117 -5.33 13.93 2.19
C SER A 117 -4.76 13.02 3.27
N GLY A 118 -5.01 11.73 3.13
CA GLY A 118 -4.52 10.77 4.11
C GLY A 118 -5.63 10.20 4.98
N GLU A 119 -6.76 9.90 4.36
CA GLU A 119 -7.91 9.35 5.08
C GLU A 119 -8.74 8.44 4.18
N ARG A 120 -8.80 8.79 2.90
CA ARG A 120 -9.56 8.00 1.93
C ARG A 120 -8.86 6.69 1.63
N LEU A 121 -7.61 6.57 2.09
CA LEU A 121 -6.83 5.36 1.86
C LEU A 121 -6.06 4.96 3.11
N SER A 122 -5.58 5.96 3.85
CA SER A 122 -4.82 5.71 5.08
C SER A 122 -5.64 4.89 6.07
N HIS A 123 -6.82 5.38 6.42
CA HIS A 123 -7.70 4.69 7.36
C HIS A 123 -8.36 3.48 6.71
N ALA A 124 -8.05 3.25 5.44
CA ALA A 124 -8.61 2.11 4.71
C ALA A 124 -7.75 0.88 4.88
N VAL A 125 -6.46 1.01 4.55
CA VAL A 125 -5.53 -0.10 4.68
C VAL A 125 -5.14 -0.33 6.13
N GLY A 126 -5.15 0.74 6.92
CA GLY A 126 -4.82 0.63 8.33
C GLY A 126 -5.83 -0.19 9.09
N CYS A 127 -6.95 -0.50 8.43
CA CYS A 127 -8.00 -1.29 9.05
C CYS A 127 -8.09 -2.68 8.41
N ALA A 128 -7.37 -2.85 7.31
CA ALA A 128 -7.35 -4.13 6.60
C ALA A 128 -6.73 -5.22 7.45
N PHE A 129 -5.63 -4.91 8.12
CA PHE A 129 -4.95 -5.87 8.98
C PHE A 129 -5.86 -6.32 10.11
N ALA A 130 -6.72 -5.43 10.57
CA ALA A 130 -7.65 -5.74 11.65
C ALA A 130 -8.60 -6.86 11.24
N VAL A 131 -8.95 -6.89 9.97
CA VAL A 131 -9.84 -7.91 9.44
C VAL A 131 -9.05 -9.06 8.84
N CYS A 132 -7.73 -9.01 9.01
CA CYS A 132 -6.86 -10.06 8.51
C CYS A 132 -6.59 -11.12 9.59
N LEU A 133 -6.32 -10.65 10.81
CA LEU A 133 -6.05 -11.56 11.92
C LEU A 133 -7.34 -12.22 12.40
N GLU A 134 -8.46 -11.84 11.81
CA GLU A 134 -9.76 -12.40 12.17
C GLU A 134 -9.77 -13.91 11.95
N ARG A 135 -8.97 -14.35 10.98
CA ARG A 135 -8.86 -15.77 10.68
C ARG A 135 -7.56 -16.36 11.20
N GLY B 1 0.89 6.33 10.43
CA GLY B 1 1.82 5.60 11.34
C GLY B 1 1.22 4.29 11.84
N PHE B 2 1.06 3.34 10.93
CA PHE B 2 0.52 2.04 11.29
C PHE B 2 1.20 0.92 10.50
N SER B 3 0.86 -0.32 10.81
CA SER B 3 1.43 -1.48 10.12
C SER B 3 0.68 -2.75 10.48
N ASN B 4 0.61 -3.69 9.54
CA ASN B 4 -0.08 -4.96 9.76
C ASN B 4 0.61 -5.76 10.86
N MET B 5 -0.14 -6.67 11.48
CA MET B 5 0.40 -7.49 12.54
C MET B 5 0.16 -8.98 12.27
N SER B 6 -0.77 -9.26 11.37
CA SER B 6 -1.11 -10.64 11.02
C SER B 6 -0.05 -11.23 10.09
N PHE B 7 0.97 -10.45 9.77
CA PHE B 7 2.04 -10.89 8.88
C PHE B 7 2.80 -12.06 9.51
N GLU B 8 3.32 -12.95 8.66
CA GLU B 8 4.07 -14.11 9.12
C GLU B 8 5.57 -13.84 9.07
N ASP B 9 5.94 -12.61 8.71
CA ASP B 9 7.34 -12.21 8.62
C ASP B 9 8.10 -13.12 7.66
N PHE B 10 7.92 -12.88 6.36
CA PHE B 10 8.59 -13.66 5.34
C PHE B 10 10.09 -13.36 5.32
N PRO B 11 10.92 -14.34 4.90
CA PRO B 11 12.37 -14.16 4.83
C PRO B 11 12.77 -12.94 4.00
N HIS A 1 -22.35 5.40 10.47
CA HIS A 1 -22.98 5.85 9.24
C HIS A 1 -21.99 5.87 8.08
N GLN A 2 -21.06 6.81 8.12
CA GLN A 2 -20.04 6.92 7.08
C GLN A 2 -19.02 5.78 7.21
N TRP A 3 -18.37 5.71 8.36
CA TRP A 3 -17.40 4.65 8.62
C TRP A 3 -18.08 3.29 8.60
N GLN A 4 -19.40 3.30 8.70
CA GLN A 4 -20.17 2.08 8.67
C GLN A 4 -20.11 1.46 7.27
N ALA A 5 -20.03 2.32 6.27
CA ALA A 5 -19.95 1.89 4.88
C ALA A 5 -18.50 1.74 4.45
N ASP A 6 -17.60 2.37 5.21
CA ASP A 6 -16.17 2.32 4.91
C ASP A 6 -15.56 1.05 5.51
N GLU A 7 -16.09 0.62 6.64
CA GLU A 7 -15.62 -0.59 7.30
C GLU A 7 -16.03 -1.82 6.51
N GLU A 8 -17.22 -1.76 5.93
CA GLU A 8 -17.74 -2.86 5.11
C GLU A 8 -16.94 -2.98 3.82
N ALA A 9 -16.25 -1.89 3.46
CA ALA A 9 -15.44 -1.86 2.25
C ALA A 9 -14.33 -2.89 2.32
N VAL A 10 -13.56 -2.86 3.41
CA VAL A 10 -12.47 -3.82 3.60
C VAL A 10 -13.00 -5.24 3.58
N ARG A 11 -14.17 -5.45 4.17
CA ARG A 11 -14.79 -6.76 4.21
C ARG A 11 -14.97 -7.30 2.80
N SER A 12 -15.35 -6.42 1.88
CA SER A 12 -15.54 -6.80 0.49
C SER A 12 -14.20 -6.97 -0.21
N ALA A 13 -13.71 -5.89 -0.83
CA ALA A 13 -12.42 -5.91 -1.52
C ALA A 13 -12.11 -4.57 -2.15
N THR A 14 -12.45 -3.48 -1.45
CA THR A 14 -12.21 -2.14 -1.97
C THR A 14 -12.54 -1.08 -0.92
N CYS A 15 -11.50 -0.64 -0.20
CA CYS A 15 -11.67 0.38 0.83
C CYS A 15 -10.79 1.60 0.57
N SER A 16 -10.19 1.65 -0.62
CA SER A 16 -9.31 2.76 -0.98
C SER A 16 -9.91 3.58 -2.12
N PHE A 17 -9.05 4.38 -2.77
CA PHE A 17 -9.49 5.23 -3.87
C PHE A 17 -8.35 5.45 -4.86
N SER A 18 -8.54 6.39 -5.79
CA SER A 18 -7.52 6.68 -6.81
C SER A 18 -6.14 6.84 -6.17
N VAL A 19 -5.10 6.53 -6.96
CA VAL A 19 -3.73 6.61 -6.49
C VAL A 19 -2.77 7.05 -7.58
N LYS A 20 -1.48 6.95 -7.30
CA LYS A 20 -0.44 7.33 -8.25
C LYS A 20 0.80 6.45 -8.05
N TYR A 21 0.69 5.20 -8.46
CA TYR A 21 1.79 4.24 -8.31
C TYR A 21 3.06 4.76 -8.97
N LEU A 22 3.95 5.32 -8.15
CA LEU A 22 5.21 5.86 -8.65
C LEU A 22 6.04 4.74 -9.27
N GLY A 23 6.20 3.64 -8.54
CA GLY A 23 6.95 2.51 -9.04
C GLY A 23 7.56 1.69 -7.92
N CYS A 24 8.86 1.45 -8.00
CA CYS A 24 9.56 0.68 -6.98
C CYS A 24 11.06 0.92 -7.04
N VAL A 25 11.64 1.31 -5.92
CA VAL A 25 13.07 1.58 -5.84
C VAL A 25 13.79 0.51 -5.02
N GLU A 26 15.12 0.47 -5.12
CA GLU A 26 15.91 -0.51 -4.38
C GLU A 26 16.35 0.05 -3.03
N VAL A 27 15.88 -0.58 -1.96
CA VAL A 27 16.23 -0.15 -0.61
C VAL A 27 17.16 -1.17 0.05
N PHE A 28 17.31 -1.05 1.37
CA PHE A 28 18.16 -1.96 2.12
C PHE A 28 17.68 -2.11 3.56
N GLU A 29 16.49 -2.69 3.71
CA GLU A 29 15.90 -2.88 5.03
C GLU A 29 14.73 -3.85 4.97
N SER A 30 13.65 -3.43 4.30
CA SER A 30 12.46 -4.25 4.16
C SER A 30 11.86 -4.60 5.51
N ARG A 31 11.99 -3.68 6.47
CA ARG A 31 11.45 -3.87 7.80
C ARG A 31 11.51 -2.59 8.61
N GLY A 32 10.54 -1.70 8.38
CA GLY A 32 10.49 -0.44 9.08
C GLY A 32 9.50 0.52 8.47
N MET A 33 8.87 1.35 9.30
CA MET A 33 7.89 2.31 8.83
C MET A 33 8.55 3.46 8.08
N GLN A 34 9.79 3.77 8.45
CA GLN A 34 10.53 4.86 7.83
C GLN A 34 11.08 4.42 6.47
N VAL A 35 11.20 3.10 6.28
CA VAL A 35 11.70 2.55 5.03
C VAL A 35 10.79 2.94 3.87
N CYS A 36 9.49 3.02 4.14
CA CYS A 36 8.51 3.39 3.13
C CYS A 36 8.60 4.88 2.80
N GLU A 37 8.59 5.71 3.84
CA GLU A 37 8.65 7.15 3.67
C GLU A 37 9.89 7.56 2.88
N GLU A 38 10.95 6.77 2.99
CA GLU A 38 12.20 7.05 2.29
C GLU A 38 12.08 6.67 0.81
N ALA A 39 11.65 5.44 0.56
CA ALA A 39 11.49 4.95 -0.82
C ALA A 39 10.51 5.83 -1.60
N LEU A 40 9.53 6.39 -0.90
CA LEU A 40 8.54 7.25 -1.53
C LEU A 40 9.19 8.51 -2.09
N LYS A 41 10.08 9.10 -1.30
CA LYS A 41 10.78 10.32 -1.71
C LYS A 41 11.63 10.06 -2.95
N VAL A 42 12.34 8.93 -2.94
CA VAL A 42 13.20 8.56 -4.07
C VAL A 42 12.38 8.38 -5.34
N LEU A 43 11.20 7.76 -5.20
CA LEU A 43 10.33 7.53 -6.35
C LEU A 43 9.82 8.84 -6.92
N ARG A 44 9.57 9.80 -6.05
CA ARG A 44 9.10 11.12 -6.47
C ARG A 44 10.25 11.92 -7.05
N GLN A 45 11.47 11.45 -6.81
CA GLN A 45 12.67 12.13 -7.30
C GLN A 45 13.14 11.49 -8.60
N SER A 46 12.64 10.29 -8.89
CA SER A 46 13.00 9.59 -10.11
C SER A 46 11.81 9.47 -11.04
N ARG A 47 12.00 8.79 -12.17
CA ARG A 47 10.94 8.60 -13.15
C ARG A 47 10.58 7.13 -13.30
N ARG A 48 9.94 6.57 -12.28
CA ARG A 48 9.55 5.17 -12.30
C ARG A 48 8.21 4.98 -13.01
N ARG A 49 7.87 5.93 -13.86
CA ARG A 49 6.63 5.89 -14.64
C ARG A 49 5.41 5.70 -13.75
N PRO A 50 4.82 6.80 -13.24
CA PRO A 50 3.62 6.75 -12.41
C PRO A 50 2.40 6.25 -13.18
N VAL A 51 1.61 5.38 -12.56
CA VAL A 51 0.43 4.82 -13.20
C VAL A 51 -0.84 5.27 -12.49
N ARG A 52 -1.65 6.08 -13.17
CA ARG A 52 -2.90 6.56 -12.61
C ARG A 52 -3.96 5.46 -12.59
N GLY A 53 -4.25 4.95 -11.40
CA GLY A 53 -5.24 3.89 -11.28
C GLY A 53 -6.09 4.02 -10.04
N LEU A 54 -6.83 2.97 -9.72
CA LEU A 54 -7.69 2.95 -8.55
C LEU A 54 -7.27 1.86 -7.57
N LEU A 55 -6.97 2.26 -6.34
CA LEU A 55 -6.55 1.30 -5.31
C LEU A 55 -7.76 0.76 -4.57
N HIS A 56 -7.79 -0.55 -4.38
CA HIS A 56 -8.90 -1.20 -3.68
C HIS A 56 -8.40 -2.00 -2.49
N VAL A 57 -8.41 -1.39 -1.30
CA VAL A 57 -7.99 -2.06 -0.09
C VAL A 57 -8.88 -3.27 0.21
N SER A 58 -8.43 -4.44 -0.23
CA SER A 58 -9.19 -5.66 -0.03
C SER A 58 -8.64 -6.43 1.16
N GLY A 59 -9.53 -6.84 2.05
CA GLY A 59 -9.12 -7.57 3.24
C GLY A 59 -8.50 -8.92 2.92
N ASP A 60 -8.43 -9.24 1.64
CA ASP A 60 -7.83 -10.51 1.21
C ASP A 60 -6.74 -10.27 0.19
N GLY A 61 -6.08 -9.12 0.28
CA GLY A 61 -5.01 -8.79 -0.65
C GLY A 61 -5.35 -7.57 -1.48
N LEU A 62 -4.59 -6.50 -1.27
CA LEU A 62 -4.80 -5.26 -2.00
C LEU A 62 -4.72 -5.47 -3.50
N ARG A 63 -5.51 -4.72 -4.25
CA ARG A 63 -5.53 -4.83 -5.70
C ARG A 63 -5.61 -3.45 -6.34
N VAL A 64 -4.61 -3.13 -7.16
CA VAL A 64 -4.56 -1.84 -7.84
C VAL A 64 -4.78 -1.99 -9.35
N VAL A 65 -5.95 -1.57 -9.80
CA VAL A 65 -6.30 -1.65 -11.22
C VAL A 65 -6.23 -0.28 -11.89
N ASP A 66 -5.35 -0.15 -12.86
CA ASP A 66 -5.18 1.11 -13.59
C ASP A 66 -6.51 1.59 -14.16
N ASP A 67 -6.60 2.89 -14.40
CA ASP A 67 -7.82 3.49 -14.95
C ASP A 67 -7.65 3.82 -16.42
N GLU A 68 -6.48 3.50 -16.96
CA GLU A 68 -6.19 3.77 -18.37
C GLU A 68 -5.95 2.46 -19.12
N THR A 69 -5.41 1.48 -18.41
CA THR A 69 -5.12 0.18 -18.99
C THR A 69 -5.89 -0.92 -18.26
N LYS A 70 -6.54 -0.55 -17.16
CA LYS A 70 -7.31 -1.49 -16.36
C LYS A 70 -6.47 -2.71 -16.00
N GLY A 71 -5.16 -2.52 -15.98
CA GLY A 71 -4.25 -3.61 -15.65
C GLY A 71 -3.93 -3.68 -14.17
N LEU A 72 -3.34 -4.78 -13.73
CA LEU A 72 -2.96 -4.94 -12.33
C LEU A 72 -1.48 -4.64 -12.13
N ILE A 73 -1.20 -3.60 -11.35
CA ILE A 73 0.19 -3.21 -11.09
C ILE A 73 0.71 -3.84 -9.80
N VAL A 74 -0.06 -3.69 -8.72
CA VAL A 74 0.33 -4.24 -7.43
C VAL A 74 -0.57 -5.42 -7.04
N ASP A 75 -0.12 -6.62 -7.35
CA ASP A 75 -0.88 -7.82 -7.03
C ASP A 75 -0.27 -8.56 -5.84
N GLN A 76 -0.34 -7.93 -4.67
CA GLN A 76 0.22 -8.51 -3.45
C GLN A 76 -0.86 -8.84 -2.44
N THR A 77 -0.45 -9.22 -1.24
CA THR A 77 -1.39 -9.55 -0.17
C THR A 77 -1.02 -8.84 1.12
N ILE A 78 -2.01 -8.58 1.95
CA ILE A 78 -1.79 -7.89 3.22
C ILE A 78 -0.85 -8.69 4.12
N GLU A 79 -0.92 -10.01 3.99
CA GLU A 79 -0.08 -10.90 4.78
C GLU A 79 1.22 -11.20 4.04
N LYS A 80 1.30 -10.72 2.80
CA LYS A 80 2.48 -10.93 1.97
C LYS A 80 3.48 -9.80 2.14
N VAL A 81 2.97 -8.57 2.29
CA VAL A 81 3.83 -7.41 2.46
C VAL A 81 4.72 -7.58 3.69
N SER A 82 5.99 -7.27 3.53
CA SER A 82 6.96 -7.39 4.62
C SER A 82 6.71 -6.32 5.67
N PHE A 83 6.03 -5.25 5.27
CA PHE A 83 5.75 -4.15 6.19
C PHE A 83 4.76 -3.16 5.59
N CYS A 84 4.01 -2.50 6.46
CA CYS A 84 3.05 -1.49 6.04
C CYS A 84 3.35 -0.17 6.73
N ALA A 85 3.28 0.93 5.97
CA ALA A 85 3.56 2.25 6.52
C ALA A 85 3.14 3.36 5.56
N PRO A 86 2.22 4.24 6.00
CA PRO A 86 1.77 5.37 5.18
C PRO A 86 2.86 6.41 5.01
N ASP A 87 2.86 7.43 5.86
CA ASP A 87 3.86 8.49 5.82
C ASP A 87 4.45 8.73 7.21
N ARG A 88 5.10 9.87 7.38
CA ARG A 88 5.70 10.21 8.67
C ARG A 88 5.22 11.56 9.17
N ASN A 89 4.15 12.06 8.56
CA ASN A 89 3.58 13.34 8.95
C ASN A 89 2.18 13.51 8.38
N HIS A 90 2.11 13.79 7.07
CA HIS A 90 0.84 13.97 6.38
C HIS A 90 1.06 14.38 4.93
N GLU A 91 2.09 13.79 4.31
CA GLU A 91 2.41 14.11 2.91
C GLU A 91 1.61 13.23 1.95
N ARG A 92 0.42 12.82 2.39
CA ARG A 92 -0.47 11.98 1.58
C ARG A 92 0.31 10.95 0.78
N GLY A 93 1.35 10.37 1.39
CA GLY A 93 2.16 9.38 0.72
C GLY A 93 2.26 8.09 1.50
N PHE A 94 1.99 6.97 0.82
CA PHE A 94 2.05 5.66 1.45
C PHE A 94 2.95 4.71 0.65
N SER A 95 3.49 3.71 1.32
CA SER A 95 4.38 2.74 0.66
C SER A 95 4.49 1.46 1.47
N TYR A 96 4.92 0.39 0.80
CA TYR A 96 5.08 -0.91 1.45
C TYR A 96 6.32 -1.61 0.90
N ILE A 97 7.04 -2.32 1.76
CA ILE A 97 8.24 -3.02 1.34
C ILE A 97 8.00 -4.52 1.23
N CYS A 98 8.70 -5.16 0.31
CA CYS A 98 8.57 -6.60 0.10
C CYS A 98 9.94 -7.27 -0.04
N ARG A 99 10.03 -8.51 0.39
CA ARG A 99 11.28 -9.25 0.33
C ARG A 99 11.19 -10.43 -0.63
N ASP A 100 11.73 -10.25 -1.83
CA ASP A 100 11.73 -11.28 -2.85
C ASP A 100 10.31 -11.78 -3.13
N GLY A 101 10.19 -13.03 -3.56
CA GLY A 101 8.89 -13.59 -3.88
C GLY A 101 8.43 -13.16 -5.26
N THR A 102 9.09 -12.14 -5.80
CA THR A 102 8.78 -11.61 -7.11
C THR A 102 9.84 -10.60 -7.54
N THR A 103 10.81 -10.38 -6.65
CA THR A 103 11.89 -9.43 -6.92
C THR A 103 13.26 -10.07 -6.72
N ARG A 104 13.27 -11.19 -5.99
CA ARG A 104 14.51 -11.91 -5.72
C ARG A 104 15.51 -11.03 -4.97
N ARG A 105 14.98 -10.11 -4.16
CA ARG A 105 15.82 -9.21 -3.38
C ARG A 105 14.97 -8.28 -2.53
N TRP A 106 15.60 -7.26 -1.96
CA TRP A 106 14.89 -6.29 -1.13
C TRP A 106 14.56 -5.03 -1.92
N MET A 107 13.27 -4.82 -2.15
CA MET A 107 12.79 -3.64 -2.89
C MET A 107 11.53 -3.08 -2.25
N CYS A 108 11.35 -1.77 -2.36
CA CYS A 108 10.19 -1.11 -1.78
C CYS A 108 9.32 -0.47 -2.87
N HIS A 109 8.02 -0.44 -2.62
CA HIS A 109 7.08 0.15 -3.57
C HIS A 109 6.41 1.37 -2.94
N GLY A 110 6.28 2.45 -3.73
CA GLY A 110 5.68 3.66 -3.22
C GLY A 110 4.57 4.20 -4.11
N PHE A 111 3.67 4.97 -3.51
CA PHE A 111 2.54 5.55 -4.24
C PHE A 111 1.86 6.64 -3.43
N LEU A 112 1.19 7.56 -4.13
CA LEU A 112 0.48 8.64 -3.46
C LEU A 112 -1.03 8.48 -3.63
N ALA A 113 -1.80 9.39 -3.04
CA ALA A 113 -3.25 9.34 -3.14
C ALA A 113 -3.78 10.53 -3.93
N CYS A 114 -4.57 10.23 -4.96
CA CYS A 114 -5.14 11.27 -5.81
C CYS A 114 -6.24 12.03 -5.05
N LYS A 115 -6.54 11.56 -3.84
CA LYS A 115 -7.57 12.19 -3.02
C LYS A 115 -6.96 13.25 -2.12
N ASP A 116 -5.76 12.98 -1.61
CA ASP A 116 -5.06 13.91 -0.74
C ASP A 116 -5.88 14.22 0.51
N SER A 117 -5.77 13.38 1.52
CA SER A 117 -6.52 13.56 2.77
C SER A 117 -5.92 12.72 3.88
N GLY A 118 -5.51 11.50 3.55
CA GLY A 118 -4.93 10.61 4.53
C GLY A 118 -5.98 9.99 5.44
N GLU A 119 -7.24 10.04 5.02
CA GLU A 119 -8.33 9.48 5.79
C GLU A 119 -9.24 8.62 4.92
N ARG A 120 -8.87 8.50 3.65
CA ARG A 120 -9.65 7.70 2.71
C ARG A 120 -8.91 6.42 2.33
N LEU A 121 -7.58 6.51 2.28
CA LEU A 121 -6.75 5.37 1.93
C LEU A 121 -5.87 4.95 3.11
N SER A 122 -5.29 5.93 3.78
CA SER A 122 -4.40 5.67 4.92
C SER A 122 -5.12 4.89 6.01
N HIS A 123 -6.11 5.52 6.64
CA HIS A 123 -6.87 4.90 7.71
C HIS A 123 -7.62 3.67 7.21
N ALA A 124 -7.75 3.55 5.90
CA ALA A 124 -8.45 2.42 5.29
C ALA A 124 -7.62 1.15 5.39
N VAL A 125 -6.40 1.19 4.86
CA VAL A 125 -5.52 0.03 4.90
C VAL A 125 -5.13 -0.33 6.33
N GLY A 126 -5.29 0.63 7.23
CA GLY A 126 -4.96 0.40 8.63
C GLY A 126 -6.03 -0.40 9.34
N CYS A 127 -7.08 -0.76 8.60
CA CYS A 127 -8.18 -1.53 9.17
C CYS A 127 -8.35 -2.86 8.42
N ALA A 128 -7.50 -3.07 7.43
CA ALA A 128 -7.55 -4.31 6.63
C ALA A 128 -6.96 -5.48 7.40
N PHE A 129 -5.86 -5.24 8.10
CA PHE A 129 -5.20 -6.29 8.87
C PHE A 129 -6.07 -6.72 10.05
N ALA A 130 -6.85 -5.78 10.58
CA ALA A 130 -7.72 -6.08 11.71
C ALA A 130 -8.75 -7.14 11.35
N VAL A 131 -9.11 -7.19 10.07
CA VAL A 131 -10.09 -8.15 9.59
C VAL A 131 -9.39 -9.35 8.93
N CYS A 132 -8.07 -9.33 8.93
CA CYS A 132 -7.29 -10.41 8.34
C CYS A 132 -6.92 -11.46 9.39
N LEU A 133 -6.61 -11.01 10.60
CA LEU A 133 -6.24 -11.93 11.67
C LEU A 133 -7.48 -12.39 12.43
N GLU A 134 -8.64 -12.21 11.83
CA GLU A 134 -9.89 -12.63 12.43
C GLU A 134 -9.92 -14.15 12.61
N ARG A 135 -9.32 -14.84 11.65
CA ARG A 135 -9.24 -16.30 11.69
C ARG A 135 -7.89 -16.75 12.23
N GLY B 1 2.37 6.87 11.63
CA GLY B 1 2.18 5.70 10.73
C GLY B 1 1.83 4.44 11.49
N PHE B 2 1.71 3.32 10.76
CA PHE B 2 1.37 2.05 11.38
C PHE B 2 1.72 0.89 10.47
N SER B 3 1.97 -0.28 11.06
CA SER B 3 2.33 -1.47 10.28
C SER B 3 1.36 -2.62 10.57
N ASN B 4 1.36 -3.61 9.68
CA ASN B 4 0.48 -4.77 9.83
C ASN B 4 0.87 -5.59 11.05
N MET B 5 0.00 -6.51 11.45
CA MET B 5 0.26 -7.36 12.61
C MET B 5 -0.08 -8.82 12.30
N SER B 6 -0.94 -9.02 11.31
CA SER B 6 -1.35 -10.36 10.92
C SER B 6 -0.31 -11.02 10.01
N PHE B 7 0.89 -10.44 9.98
CA PHE B 7 1.96 -10.97 9.15
C PHE B 7 2.35 -12.37 9.59
N GLU B 8 2.89 -13.16 8.65
CA GLU B 8 3.32 -14.52 8.95
C GLU B 8 4.78 -14.56 9.38
N ASP B 9 5.40 -13.39 9.42
CA ASP B 9 6.81 -13.29 9.82
C ASP B 9 7.70 -14.18 8.95
N PHE B 10 8.00 -13.70 7.73
CA PHE B 10 8.84 -14.45 6.81
C PHE B 10 10.28 -14.55 7.35
N PRO B 11 10.91 -13.42 7.73
CA PRO B 11 12.28 -13.42 8.26
C PRO B 11 12.42 -14.26 9.52
N HIS A 1 -23.33 6.25 7.90
CA HIS A 1 -23.89 6.26 6.54
C HIS A 1 -22.85 5.86 5.52
N GLN A 2 -21.64 6.38 5.67
CA GLN A 2 -20.55 6.08 4.77
C GLN A 2 -19.62 5.03 5.36
N TRP A 3 -19.25 5.21 6.62
CA TRP A 3 -18.38 4.27 7.32
C TRP A 3 -19.08 2.95 7.53
N GLN A 4 -20.41 2.97 7.48
CA GLN A 4 -21.20 1.76 7.66
C GLN A 4 -21.03 0.84 6.47
N ALA A 5 -20.57 1.40 5.35
CA ALA A 5 -20.35 0.63 4.14
C ALA A 5 -18.86 0.41 3.89
N ASP A 6 -18.04 1.28 4.48
CA ASP A 6 -16.59 1.18 4.34
C ASP A 6 -16.02 0.09 5.24
N GLU A 7 -16.65 -0.09 6.40
CA GLU A 7 -16.23 -1.12 7.34
C GLU A 7 -16.42 -2.51 6.76
N GLU A 8 -17.30 -2.60 5.78
CA GLU A 8 -17.59 -3.87 5.12
C GLU A 8 -16.86 -3.96 3.78
N ALA A 9 -16.35 -2.82 3.32
CA ALA A 9 -15.62 -2.77 2.05
C ALA A 9 -14.41 -3.68 2.09
N VAL A 10 -13.65 -3.59 3.18
CA VAL A 10 -12.46 -4.42 3.35
C VAL A 10 -12.85 -5.90 3.38
N ARG A 11 -13.94 -6.20 4.08
CA ARG A 11 -14.43 -7.57 4.16
C ARG A 11 -14.66 -8.13 2.77
N SER A 12 -15.08 -7.26 1.85
CA SER A 12 -15.30 -7.65 0.46
C SER A 12 -13.97 -7.75 -0.28
N ALA A 13 -13.55 -6.63 -0.87
CA ALA A 13 -12.28 -6.59 -1.60
C ALA A 13 -12.06 -5.24 -2.28
N THR A 14 -12.44 -4.15 -1.61
CA THR A 14 -12.28 -2.82 -2.17
C THR A 14 -12.64 -1.73 -1.16
N CYS A 15 -11.62 -1.18 -0.52
CA CYS A 15 -11.83 -0.11 0.47
C CYS A 15 -10.77 0.97 0.34
N SER A 16 -10.74 1.66 -0.80
CA SER A 16 -9.77 2.73 -1.04
C SER A 16 -10.24 3.67 -2.14
N PHE A 17 -9.29 4.34 -2.79
CA PHE A 17 -9.59 5.28 -3.85
C PHE A 17 -8.40 5.42 -4.81
N SER A 18 -8.49 6.36 -5.74
CA SER A 18 -7.43 6.58 -6.73
C SER A 18 -6.07 6.73 -6.04
N VAL A 19 -5.01 6.36 -6.76
CA VAL A 19 -3.66 6.44 -6.21
C VAL A 19 -2.67 7.01 -7.24
N LYS A 20 -1.38 6.87 -6.95
CA LYS A 20 -0.34 7.36 -7.85
C LYS A 20 0.90 6.48 -7.76
N TYR A 21 0.78 5.23 -8.18
CA TYR A 21 1.89 4.30 -8.14
C TYR A 21 3.02 4.77 -9.05
N LEU A 22 4.17 5.05 -8.45
CA LEU A 22 5.32 5.55 -9.21
C LEU A 22 6.48 4.57 -9.15
N GLY A 23 6.27 3.36 -9.68
CA GLY A 23 7.33 2.37 -9.71
C GLY A 23 7.80 1.94 -8.32
N CYS A 24 8.91 1.22 -8.30
CA CYS A 24 9.51 0.76 -7.05
C CYS A 24 11.03 0.91 -7.09
N VAL A 25 11.63 1.21 -5.95
CA VAL A 25 13.08 1.39 -5.88
C VAL A 25 13.72 0.31 -5.00
N GLU A 26 15.03 0.17 -5.13
CA GLU A 26 15.77 -0.83 -4.36
C GLU A 26 16.09 -0.30 -2.97
N VAL A 27 16.09 -1.21 -1.99
CA VAL A 27 16.40 -0.84 -0.61
C VAL A 27 17.29 -1.92 0.04
N PHE A 28 17.66 -1.69 1.29
CA PHE A 28 18.51 -2.62 2.00
C PHE A 28 18.17 -2.66 3.49
N GLU A 29 16.96 -3.13 3.80
CA GLU A 29 16.50 -3.22 5.18
C GLU A 29 15.22 -4.03 5.28
N SER A 30 14.11 -3.44 4.83
CA SER A 30 12.80 -4.08 4.88
C SER A 30 12.32 -4.26 6.32
N ARG A 31 13.12 -3.80 7.26
CA ARG A 31 12.78 -3.90 8.68
C ARG A 31 13.49 -2.82 9.49
N GLY A 32 12.71 -1.90 10.04
CA GLY A 32 13.28 -0.82 10.83
C GLY A 32 12.57 0.49 10.58
N MET A 33 12.02 1.09 11.63
CA MET A 33 11.28 2.34 11.52
C MET A 33 10.09 2.18 10.58
N GLN A 34 10.32 2.39 9.30
CA GLN A 34 9.27 2.27 8.29
C GLN A 34 9.85 1.94 6.93
N VAL A 35 11.09 2.36 6.69
CA VAL A 35 11.76 2.12 5.42
C VAL A 35 10.88 2.50 4.23
N CYS A 36 9.92 3.40 4.47
CA CYS A 36 9.00 3.83 3.43
C CYS A 36 9.13 5.32 3.18
N GLU A 37 9.60 6.05 4.18
CA GLU A 37 9.77 7.49 4.07
C GLU A 37 10.96 7.84 3.17
N GLU A 38 11.75 6.82 2.83
CA GLU A 38 12.93 7.00 1.99
C GLU A 38 12.66 6.52 0.57
N ALA A 39 12.23 5.27 0.45
CA ALA A 39 11.95 4.68 -0.86
C ALA A 39 10.90 5.50 -1.62
N LEU A 40 9.79 5.78 -0.96
CA LEU A 40 8.71 6.55 -1.58
C LEU A 40 9.21 7.92 -2.02
N LYS A 41 10.18 8.46 -1.29
CA LYS A 41 10.75 9.76 -1.61
C LYS A 41 11.53 9.71 -2.92
N VAL A 42 12.31 8.64 -3.10
CA VAL A 42 13.10 8.45 -4.30
C VAL A 42 12.22 8.42 -5.54
N LEU A 43 11.17 7.60 -5.49
CA LEU A 43 10.23 7.49 -6.59
C LEU A 43 9.47 8.78 -6.79
N ARG A 44 9.36 9.56 -5.72
CA ARG A 44 8.67 10.84 -5.76
C ARG A 44 9.54 11.91 -6.42
N GLN A 45 10.86 11.71 -6.34
CA GLN A 45 11.81 12.64 -6.91
C GLN A 45 12.17 12.28 -8.35
N SER A 46 11.91 11.02 -8.71
CA SER A 46 12.22 10.54 -10.05
C SER A 46 10.95 10.19 -10.81
N ARG A 47 11.11 9.75 -12.06
CA ARG A 47 9.99 9.38 -12.90
C ARG A 47 9.95 7.87 -13.12
N ARG A 48 9.58 7.15 -12.07
CA ARG A 48 9.50 5.69 -12.13
C ARG A 48 8.19 5.23 -12.75
N ARG A 49 7.75 5.93 -13.79
CA ARG A 49 6.51 5.59 -14.49
C ARG A 49 5.31 5.62 -13.55
N PRO A 50 4.80 6.82 -13.23
CA PRO A 50 3.64 6.98 -12.35
C PRO A 50 2.32 6.77 -13.10
N VAL A 51 1.53 5.81 -12.63
CA VAL A 51 0.25 5.51 -13.26
C VAL A 51 -0.91 5.90 -12.34
N ARG A 52 -1.96 6.44 -12.94
CA ARG A 52 -3.14 6.86 -12.18
C ARG A 52 -4.23 5.81 -12.27
N GLY A 53 -4.41 5.05 -11.19
CA GLY A 53 -5.42 4.01 -11.18
C GLY A 53 -6.21 3.99 -9.88
N LEU A 54 -7.26 3.16 -9.85
CA LEU A 54 -8.10 3.04 -8.68
C LEU A 54 -7.62 1.92 -7.77
N LEU A 55 -7.42 2.24 -6.50
CA LEU A 55 -6.96 1.24 -5.53
C LEU A 55 -8.15 0.68 -4.75
N HIS A 56 -8.23 -0.64 -4.69
CA HIS A 56 -9.31 -1.32 -3.98
C HIS A 56 -8.78 -2.12 -2.80
N VAL A 57 -8.75 -1.50 -1.62
CA VAL A 57 -8.27 -2.18 -0.43
C VAL A 57 -9.07 -3.45 -0.16
N SER A 58 -8.48 -4.59 -0.47
CA SER A 58 -9.14 -5.87 -0.25
C SER A 58 -8.59 -6.53 1.01
N GLY A 59 -9.49 -7.05 1.84
CA GLY A 59 -9.09 -7.68 3.08
C GLY A 59 -8.37 -9.00 2.88
N ASP A 60 -8.05 -9.31 1.63
CA ASP A 60 -7.35 -10.55 1.29
C ASP A 60 -6.26 -10.28 0.26
N GLY A 61 -5.74 -9.06 0.25
CA GLY A 61 -4.71 -8.71 -0.70
C GLY A 61 -5.07 -7.48 -1.51
N LEU A 62 -4.33 -6.40 -1.30
CA LEU A 62 -4.60 -5.15 -2.02
C LEU A 62 -4.51 -5.35 -3.54
N ARG A 63 -5.37 -4.64 -4.26
CA ARG A 63 -5.39 -4.73 -5.72
C ARG A 63 -5.53 -3.35 -6.35
N VAL A 64 -4.58 -3.01 -7.23
CA VAL A 64 -4.59 -1.71 -7.89
C VAL A 64 -4.91 -1.85 -9.37
N VAL A 65 -6.08 -1.34 -9.77
CA VAL A 65 -6.50 -1.40 -11.17
C VAL A 65 -6.35 -0.03 -11.83
N ASP A 66 -5.46 0.05 -12.81
CA ASP A 66 -5.21 1.30 -13.53
C ASP A 66 -6.54 1.91 -13.99
N ASP A 67 -6.58 3.24 -14.03
CA ASP A 67 -7.78 3.95 -14.46
C ASP A 67 -7.62 4.47 -15.88
N GLU A 68 -6.55 4.04 -16.54
CA GLU A 68 -6.28 4.44 -17.92
C GLU A 68 -5.94 3.23 -18.78
N THR A 69 -5.94 2.06 -18.14
CA THR A 69 -5.64 0.81 -18.83
C THR A 69 -6.33 -0.35 -18.14
N LYS A 70 -6.86 -0.10 -16.95
CA LYS A 70 -7.56 -1.12 -16.17
C LYS A 70 -6.68 -2.34 -15.97
N GLY A 71 -5.36 -2.12 -16.01
CA GLY A 71 -4.43 -3.21 -15.84
C GLY A 71 -4.21 -3.58 -14.38
N LEU A 72 -3.18 -4.37 -14.12
CA LEU A 72 -2.86 -4.79 -12.76
C LEU A 72 -1.47 -4.32 -12.36
N ILE A 73 -1.41 -3.46 -11.35
CA ILE A 73 -0.15 -2.91 -10.88
C ILE A 73 0.37 -3.68 -9.66
N VAL A 74 -0.45 -3.73 -8.61
CA VAL A 74 -0.08 -4.43 -7.39
C VAL A 74 -1.12 -5.48 -7.01
N ASP A 75 -0.70 -6.74 -7.01
CA ASP A 75 -1.59 -7.84 -6.68
C ASP A 75 -1.04 -8.63 -5.49
N GLN A 76 -0.42 -7.91 -4.55
CA GLN A 76 0.17 -8.54 -3.38
C GLN A 76 -0.89 -8.80 -2.31
N THR A 77 -0.44 -9.10 -1.09
CA THR A 77 -1.35 -9.38 0.01
C THR A 77 -0.99 -8.54 1.24
N ILE A 78 -2.00 -8.29 2.08
CA ILE A 78 -1.80 -7.51 3.30
C ILE A 78 -0.89 -8.24 4.28
N GLU A 79 -1.13 -9.53 4.45
CA GLU A 79 -0.33 -10.34 5.35
C GLU A 79 0.99 -10.73 4.69
N LYS A 80 1.18 -10.28 3.45
CA LYS A 80 2.40 -10.56 2.70
C LYS A 80 3.39 -9.40 2.83
N VAL A 81 2.88 -8.18 2.69
CA VAL A 81 3.72 -6.99 2.80
C VAL A 81 4.35 -6.88 4.19
N SER A 82 5.54 -6.32 4.25
CA SER A 82 6.25 -6.17 5.51
C SER A 82 5.79 -4.92 6.26
N PHE A 83 5.51 -3.85 5.51
CA PHE A 83 5.07 -2.60 6.11
C PHE A 83 3.94 -1.97 5.31
N CYS A 84 3.56 -0.74 5.69
CA CYS A 84 2.49 -0.02 5.02
C CYS A 84 2.47 1.44 5.46
N ALA A 85 3.65 1.92 5.88
CA ALA A 85 3.79 3.29 6.37
C ALA A 85 3.22 4.31 5.39
N PRO A 86 2.52 5.34 5.91
CA PRO A 86 1.93 6.40 5.10
C PRO A 86 2.82 7.62 4.99
N ASP A 87 4.09 7.47 5.40
CA ASP A 87 5.06 8.56 5.35
C ASP A 87 4.62 9.72 6.25
N ARG A 88 4.58 9.45 7.56
CA ARG A 88 4.20 10.46 8.55
C ARG A 88 2.78 10.97 8.33
N ASN A 89 2.06 10.33 7.41
CA ASN A 89 0.69 10.72 7.11
C ASN A 89 0.60 12.22 6.82
N HIS A 90 1.67 12.78 6.28
CA HIS A 90 1.71 14.21 5.96
C HIS A 90 2.07 14.41 4.49
N GLU A 91 2.71 13.41 3.90
CA GLU A 91 3.10 13.48 2.50
C GLU A 91 1.99 12.95 1.60
N ARG A 92 0.90 12.49 2.23
CA ARG A 92 -0.24 11.96 1.49
C ARG A 92 0.18 10.81 0.58
N GLY A 93 1.30 10.16 0.93
CA GLY A 93 1.79 9.05 0.14
C GLY A 93 2.18 7.86 1.00
N PHE A 94 1.66 6.69 0.64
CA PHE A 94 1.95 5.46 1.38
C PHE A 94 2.95 4.59 0.63
N SER A 95 3.47 3.56 1.30
CA SER A 95 4.44 2.66 0.68
C SER A 95 4.55 1.37 1.47
N TYR A 96 4.88 0.28 0.78
CA TYR A 96 5.05 -1.01 1.42
C TYR A 96 6.34 -1.67 0.96
N ILE A 97 6.97 -2.40 1.87
CA ILE A 97 8.24 -3.08 1.57
C ILE A 97 8.04 -4.59 1.44
N CYS A 98 8.79 -5.20 0.54
CA CYS A 98 8.71 -6.64 0.31
C CYS A 98 10.00 -7.18 -0.29
N ARG A 99 10.51 -8.26 0.30
CA ARG A 99 11.74 -8.87 -0.18
C ARG A 99 11.50 -9.67 -1.46
N ASP A 100 12.21 -10.78 -1.62
CA ASP A 100 12.06 -11.61 -2.82
C ASP A 100 10.66 -12.22 -2.90
N GLY A 101 10.50 -13.22 -3.78
CA GLY A 101 9.20 -13.84 -3.97
C GLY A 101 8.46 -13.23 -5.13
N THR A 102 8.98 -12.10 -5.61
CA THR A 102 8.39 -11.39 -6.74
C THR A 102 9.37 -10.35 -7.27
N THR A 103 10.46 -10.16 -6.53
CA THR A 103 11.49 -9.20 -6.91
C THR A 103 12.88 -9.85 -6.86
N ARG A 104 12.94 -11.07 -6.31
CA ARG A 104 14.19 -11.80 -6.20
C ARG A 104 15.21 -11.05 -5.35
N ARG A 105 14.71 -10.08 -4.58
CA ARG A 105 15.57 -9.29 -3.70
C ARG A 105 14.74 -8.32 -2.86
N TRP A 106 15.42 -7.62 -1.93
CA TRP A 106 14.75 -6.66 -1.07
C TRP A 106 14.47 -5.36 -1.81
N MET A 107 13.19 -5.10 -2.08
CA MET A 107 12.77 -3.89 -2.78
C MET A 107 11.51 -3.31 -2.15
N CYS A 108 11.28 -2.03 -2.39
CA CYS A 108 10.11 -1.36 -1.83
C CYS A 108 9.32 -0.62 -2.90
N HIS A 109 7.99 -0.69 -2.82
CA HIS A 109 7.13 -0.02 -3.78
C HIS A 109 6.52 1.24 -3.17
N GLY A 110 6.38 2.28 -3.98
CA GLY A 110 5.82 3.53 -3.50
C GLY A 110 4.65 4.02 -4.32
N PHE A 111 3.73 4.72 -3.67
CA PHE A 111 2.55 5.26 -4.35
C PHE A 111 1.85 6.30 -3.46
N LEU A 112 1.39 7.37 -4.09
CA LEU A 112 0.71 8.43 -3.37
C LEU A 112 -0.81 8.31 -3.51
N ALA A 113 -1.53 9.26 -2.92
CA ALA A 113 -2.99 9.27 -2.99
C ALA A 113 -3.49 10.41 -3.85
N CYS A 114 -4.38 10.08 -4.80
CA CYS A 114 -4.94 11.10 -5.70
C CYS A 114 -6.00 11.93 -4.99
N LYS A 115 -6.22 11.64 -3.71
CA LYS A 115 -7.20 12.37 -2.92
C LYS A 115 -6.52 13.42 -2.05
N ASP A 116 -5.24 13.21 -1.77
CA ASP A 116 -4.47 14.13 -0.95
C ASP A 116 -5.14 14.37 0.41
N SER A 117 -4.95 13.42 1.32
CA SER A 117 -5.53 13.52 2.65
C SER A 117 -4.88 12.51 3.60
N GLY A 118 -5.00 11.23 3.27
CA GLY A 118 -4.43 10.18 4.10
C GLY A 118 -5.45 9.54 5.00
N GLU A 119 -6.70 9.47 4.52
CA GLU A 119 -7.78 8.86 5.29
C GLU A 119 -8.72 8.06 4.38
N ARG A 120 -8.87 8.51 3.15
CA ARG A 120 -9.73 7.84 2.18
C ARG A 120 -9.09 6.54 1.69
N LEU A 121 -7.85 6.32 2.11
CA LEU A 121 -7.12 5.12 1.72
C LEU A 121 -6.33 4.55 2.89
N SER A 122 -5.57 5.42 3.55
CA SER A 122 -4.74 5.02 4.69
C SER A 122 -5.60 4.49 5.83
N HIS A 123 -6.47 5.34 6.35
CA HIS A 123 -7.35 4.97 7.45
C HIS A 123 -8.10 3.68 7.14
N ALA A 124 -8.51 3.53 5.88
CA ALA A 124 -9.22 2.34 5.44
C ALA A 124 -8.34 1.11 5.54
N VAL A 125 -7.08 1.26 5.14
CA VAL A 125 -6.12 0.15 5.18
C VAL A 125 -5.90 -0.31 6.63
N GLY A 126 -5.99 0.63 7.56
CA GLY A 126 -5.80 0.31 8.97
C GLY A 126 -6.79 -0.73 9.46
N CYS A 127 -7.90 -0.87 8.74
CA CYS A 127 -8.94 -1.83 9.11
C CYS A 127 -8.76 -3.14 8.35
N ALA A 128 -7.95 -3.12 7.30
CA ALA A 128 -7.71 -4.30 6.50
C ALA A 128 -7.03 -5.39 7.32
N PHE A 129 -6.23 -4.98 8.30
CA PHE A 129 -5.51 -5.93 9.15
C PHE A 129 -6.47 -6.61 10.12
N ALA A 130 -7.41 -5.83 10.66
CA ALA A 130 -8.38 -6.35 11.61
C ALA A 130 -9.14 -7.56 11.06
N VAL A 131 -9.15 -7.67 9.73
CA VAL A 131 -9.84 -8.77 9.06
C VAL A 131 -8.86 -9.81 8.54
N CYS A 132 -7.58 -9.44 8.52
CA CYS A 132 -6.54 -10.34 8.04
C CYS A 132 -6.17 -11.37 9.10
N LEU A 133 -6.36 -11.01 10.36
CA LEU A 133 -6.04 -11.90 11.48
C LEU A 133 -7.31 -12.55 12.01
N GLU A 134 -8.25 -12.85 11.13
CA GLU A 134 -9.51 -13.48 11.53
C GLU A 134 -9.24 -14.79 12.27
N ARG A 135 -8.26 -15.55 11.78
CA ARG A 135 -7.91 -16.82 12.40
C ARG A 135 -6.93 -16.61 13.54
N GLY B 1 4.04 5.70 11.95
CA GLY B 1 3.81 5.08 10.61
C GLY B 1 2.49 4.33 10.54
N PHE B 2 2.50 3.18 9.86
CA PHE B 2 1.31 2.36 9.72
C PHE B 2 1.65 0.88 9.86
N SER B 3 1.94 0.24 8.73
CA SER B 3 2.28 -1.18 8.70
C SER B 3 1.12 -2.05 9.17
N ASN B 4 1.14 -3.32 8.78
CA ASN B 4 0.09 -4.26 9.15
C ASN B 4 0.38 -4.92 10.49
N MET B 5 -0.45 -5.90 10.86
CA MET B 5 -0.29 -6.61 12.12
C MET B 5 -0.22 -8.12 11.88
N SER B 6 -0.90 -8.58 10.84
CA SER B 6 -0.91 -9.99 10.47
C SER B 6 0.26 -10.32 9.56
N PHE B 7 1.40 -9.68 9.81
CA PHE B 7 2.59 -9.87 9.00
C PHE B 7 3.12 -11.30 9.10
N GLU B 8 2.48 -12.11 9.93
CA GLU B 8 2.86 -13.50 10.11
C GLU B 8 4.32 -13.63 10.52
N ASP B 9 4.95 -12.50 10.81
CA ASP B 9 6.36 -12.47 11.23
C ASP B 9 7.23 -13.29 10.28
N PHE B 10 7.51 -12.73 9.11
CA PHE B 10 8.33 -13.40 8.11
C PHE B 10 9.71 -13.71 8.68
N PRO B 11 10.22 -14.93 8.43
CA PRO B 11 11.55 -15.35 8.92
C PRO B 11 12.68 -14.60 8.22
N HIS A 1 -20.69 7.45 11.05
CA HIS A 1 -20.21 8.55 10.20
C HIS A 1 -18.95 8.15 9.46
N GLN A 2 -19.09 7.85 8.17
CA GLN A 2 -17.96 7.46 7.31
C GLN A 2 -17.55 6.01 7.57
N TRP A 3 -17.22 5.69 8.80
CA TRP A 3 -16.80 4.32 9.15
C TRP A 3 -17.98 3.37 9.03
N GLN A 4 -19.18 3.91 8.87
CA GLN A 4 -20.37 3.09 8.71
C GLN A 4 -20.44 2.56 7.29
N ALA A 5 -19.50 3.00 6.45
CA ALA A 5 -19.45 2.60 5.06
C ALA A 5 -18.14 1.88 4.75
N ASP A 6 -17.08 2.28 5.44
CA ASP A 6 -15.76 1.67 5.25
C ASP A 6 -15.62 0.38 6.05
N GLU A 7 -16.47 0.23 7.06
CA GLU A 7 -16.43 -0.97 7.90
C GLU A 7 -16.78 -2.21 7.09
N GLU A 8 -17.59 -2.03 6.06
CA GLU A 8 -18.00 -3.14 5.20
C GLU A 8 -17.20 -3.15 3.91
N ALA A 9 -16.57 -2.02 3.60
CA ALA A 9 -15.77 -1.88 2.39
C ALA A 9 -14.66 -2.92 2.32
N VAL A 10 -13.86 -3.00 3.38
CA VAL A 10 -12.76 -3.96 3.42
C VAL A 10 -13.29 -5.38 3.46
N ARG A 11 -14.42 -5.59 4.14
CA ARG A 11 -15.04 -6.90 4.19
C ARG A 11 -15.29 -7.42 2.79
N SER A 12 -15.38 -6.49 1.83
CA SER A 12 -15.59 -6.85 0.44
C SER A 12 -14.28 -6.83 -0.32
N ALA A 13 -13.99 -5.73 -1.01
CA ALA A 13 -12.75 -5.60 -1.77
C ALA A 13 -12.62 -4.22 -2.40
N THR A 14 -12.85 -3.19 -1.60
CA THR A 14 -12.75 -1.80 -2.07
C THR A 14 -12.96 -0.81 -0.95
N CYS A 15 -11.89 -0.49 -0.23
CA CYS A 15 -11.95 0.45 0.89
C CYS A 15 -11.03 1.64 0.65
N SER A 16 -10.39 1.67 -0.52
CA SER A 16 -9.47 2.76 -0.85
C SER A 16 -10.02 3.63 -1.97
N PHE A 17 -9.13 4.32 -2.68
CA PHE A 17 -9.53 5.19 -3.78
C PHE A 17 -8.38 5.36 -4.77
N SER A 18 -8.55 6.27 -5.73
CA SER A 18 -7.52 6.52 -6.74
C SER A 18 -6.17 6.80 -6.09
N VAL A 19 -5.10 6.46 -6.78
CA VAL A 19 -3.75 6.67 -6.26
C VAL A 19 -2.75 6.97 -7.39
N LYS A 20 -1.47 6.94 -7.04
CA LYS A 20 -0.41 7.21 -8.01
C LYS A 20 0.80 6.31 -7.75
N TYR A 21 0.73 5.08 -8.23
CA TYR A 21 1.83 4.13 -8.06
C TYR A 21 3.09 4.64 -8.77
N LEU A 22 3.94 5.32 -8.00
CA LEU A 22 5.18 5.86 -8.55
C LEU A 22 6.04 4.77 -9.15
N GLY A 23 6.10 3.63 -8.46
CA GLY A 23 6.90 2.52 -8.93
C GLY A 23 7.47 1.70 -7.79
N CYS A 24 8.76 1.42 -7.85
CA CYS A 24 9.43 0.65 -6.81
C CYS A 24 10.95 0.80 -6.91
N VAL A 25 11.60 0.88 -5.74
CA VAL A 25 13.04 1.03 -5.69
C VAL A 25 13.66 0.00 -4.74
N GLU A 26 14.99 -0.06 -4.72
CA GLU A 26 15.69 -1.00 -3.85
C GLU A 26 16.09 -0.35 -2.54
N VAL A 27 16.00 -1.12 -1.45
CA VAL A 27 16.36 -0.62 -0.13
C VAL A 27 17.24 -1.62 0.62
N PHE A 28 17.90 -1.15 1.66
CA PHE A 28 18.78 -2.00 2.46
C PHE A 28 18.33 -2.04 3.92
N GLU A 29 17.16 -2.61 4.15
CA GLU A 29 16.61 -2.73 5.50
C GLU A 29 15.30 -3.52 5.49
N SER A 30 14.25 -2.90 4.94
CA SER A 30 12.94 -3.53 4.89
C SER A 30 12.44 -3.88 6.29
N ARG A 31 12.92 -3.14 7.28
CA ARG A 31 12.52 -3.37 8.66
C ARG A 31 12.33 -2.05 9.40
N GLY A 32 11.38 -1.25 8.93
CA GLY A 32 11.09 0.03 9.56
C GLY A 32 10.03 0.82 8.82
N MET A 33 9.45 1.79 9.52
CA MET A 33 8.41 2.63 8.92
C MET A 33 9.02 3.68 8.00
N GLN A 34 10.24 4.10 8.34
CA GLN A 34 10.93 5.11 7.54
C GLN A 34 11.34 4.55 6.19
N VAL A 35 11.45 3.23 6.09
CA VAL A 35 11.81 2.58 4.84
C VAL A 35 10.81 2.92 3.75
N CYS A 36 9.55 3.10 4.15
CA CYS A 36 8.48 3.45 3.22
C CYS A 36 8.50 4.94 2.92
N GLU A 37 8.81 5.73 3.95
CA GLU A 37 8.87 7.18 3.80
C GLU A 37 10.01 7.59 2.86
N GLU A 38 11.10 6.82 2.90
CA GLU A 38 12.26 7.10 2.05
C GLU A 38 12.00 6.65 0.63
N ALA A 39 11.61 5.38 0.48
CA ALA A 39 11.34 4.81 -0.84
C ALA A 39 10.33 5.66 -1.60
N LEU A 40 9.33 6.18 -0.87
CA LEU A 40 8.30 7.00 -1.48
C LEU A 40 8.88 8.32 -2.00
N LYS A 41 9.85 8.85 -1.26
CA LYS A 41 10.49 10.11 -1.65
C LYS A 41 11.36 9.93 -2.89
N VAL A 42 12.17 8.87 -2.89
CA VAL A 42 13.04 8.58 -4.02
C VAL A 42 12.23 8.36 -5.29
N LEU A 43 11.09 7.70 -5.15
CA LEU A 43 10.21 7.42 -6.28
C LEU A 43 9.73 8.70 -6.93
N ARG A 44 9.56 9.75 -6.13
CA ARG A 44 9.11 11.04 -6.64
C ARG A 44 10.24 11.78 -7.32
N GLN A 45 11.46 11.59 -6.81
CA GLN A 45 12.63 12.24 -7.37
C GLN A 45 13.15 11.49 -8.59
N SER A 46 12.68 10.26 -8.75
CA SER A 46 13.08 9.42 -9.88
C SER A 46 11.97 9.34 -10.91
N ARG A 47 12.23 8.60 -12.00
CA ARG A 47 11.25 8.44 -13.07
C ARG A 47 10.83 6.97 -13.19
N ARG A 48 10.17 6.47 -12.14
CA ARG A 48 9.72 5.08 -12.13
C ARG A 48 8.33 4.95 -12.75
N ARG A 49 7.96 5.94 -13.55
CA ARG A 49 6.67 5.96 -14.24
C ARG A 49 5.49 5.79 -13.28
N PRO A 50 4.88 6.91 -12.83
CA PRO A 50 3.74 6.87 -11.92
C PRO A 50 2.43 6.59 -12.65
N VAL A 51 1.69 5.59 -12.19
CA VAL A 51 0.42 5.21 -12.81
C VAL A 51 -0.76 5.68 -11.98
N ARG A 52 -1.84 6.08 -12.64
CA ARG A 52 -3.04 6.54 -11.96
C ARG A 52 -4.11 5.46 -12.00
N GLY A 53 -4.22 4.69 -10.92
CA GLY A 53 -5.20 3.62 -10.87
C GLY A 53 -6.01 3.63 -9.59
N LEU A 54 -7.12 2.92 -9.60
CA LEU A 54 -8.00 2.84 -8.44
C LEU A 54 -7.57 1.71 -7.51
N LEU A 55 -7.32 2.04 -6.25
CA LEU A 55 -6.92 1.05 -5.27
C LEU A 55 -8.11 0.58 -4.44
N HIS A 56 -8.20 -0.73 -4.24
CA HIS A 56 -9.29 -1.32 -3.47
C HIS A 56 -8.76 -2.18 -2.33
N VAL A 57 -8.84 -1.67 -1.11
CA VAL A 57 -8.39 -2.41 0.06
C VAL A 57 -9.30 -3.58 0.35
N SER A 58 -8.84 -4.79 0.01
CA SER A 58 -9.62 -6.00 0.24
C SER A 58 -9.05 -6.78 1.42
N GLY A 59 -9.94 -7.38 2.20
CA GLY A 59 -9.50 -8.13 3.37
C GLY A 59 -8.89 -9.48 3.00
N ASP A 60 -8.30 -9.54 1.81
CA ASP A 60 -7.65 -10.78 1.36
C ASP A 60 -6.55 -10.46 0.36
N GLY A 61 -6.05 -9.22 0.41
CA GLY A 61 -4.98 -8.81 -0.49
C GLY A 61 -5.35 -7.57 -1.29
N LEU A 62 -4.44 -6.61 -1.31
CA LEU A 62 -4.66 -5.37 -2.05
C LEU A 62 -4.72 -5.61 -3.55
N ARG A 63 -5.14 -4.60 -4.29
CA ARG A 63 -5.24 -4.69 -5.74
C ARG A 63 -5.48 -3.32 -6.37
N VAL A 64 -4.52 -2.85 -7.16
CA VAL A 64 -4.64 -1.55 -7.82
C VAL A 64 -4.88 -1.70 -9.31
N VAL A 65 -6.10 -1.38 -9.74
CA VAL A 65 -6.47 -1.46 -11.15
C VAL A 65 -6.41 -0.09 -11.80
N ASP A 66 -5.50 0.06 -12.76
CA ASP A 66 -5.35 1.33 -13.48
C ASP A 66 -6.69 1.83 -14.00
N ASP A 67 -6.88 3.14 -13.99
CA ASP A 67 -8.13 3.74 -14.46
C ASP A 67 -7.97 4.27 -15.88
N GLU A 68 -6.92 3.82 -16.56
CA GLU A 68 -6.66 4.25 -17.94
C GLU A 68 -6.48 3.05 -18.85
N THR A 69 -6.41 1.87 -18.25
CA THR A 69 -6.24 0.63 -19.01
C THR A 69 -6.85 -0.55 -18.25
N LYS A 70 -7.26 -0.30 -17.02
CA LYS A 70 -7.86 -1.34 -16.19
C LYS A 70 -6.90 -2.51 -16.02
N GLY A 71 -5.61 -2.22 -16.15
CA GLY A 71 -4.60 -3.26 -16.02
C GLY A 71 -4.44 -3.73 -14.59
N LEU A 72 -3.20 -3.94 -14.17
CA LEU A 72 -2.90 -4.39 -12.82
C LEU A 72 -1.46 -4.06 -12.45
N ILE A 73 -1.28 -3.20 -11.46
CA ILE A 73 0.06 -2.79 -11.04
C ILE A 73 0.44 -3.42 -9.70
N VAL A 74 -0.56 -3.70 -8.88
CA VAL A 74 -0.32 -4.31 -7.57
C VAL A 74 -1.34 -5.41 -7.28
N ASP A 75 -0.84 -6.63 -7.13
CA ASP A 75 -1.69 -7.78 -6.84
C ASP A 75 -1.14 -8.57 -5.66
N GLN A 76 -0.44 -7.87 -4.77
CA GLN A 76 0.16 -8.50 -3.61
C GLN A 76 -0.89 -8.82 -2.54
N THR A 77 -0.42 -9.15 -1.35
CA THR A 77 -1.31 -9.47 -0.24
C THR A 77 -1.03 -8.58 0.96
N ILE A 78 -1.89 -8.64 1.96
CA ILE A 78 -1.72 -7.84 3.17
C ILE A 78 -0.85 -8.58 4.18
N GLU A 79 -0.88 -9.91 4.13
CA GLU A 79 -0.08 -10.73 5.04
C GLU A 79 1.30 -11.01 4.45
N LYS A 80 1.47 -10.65 3.18
CA LYS A 80 2.75 -10.86 2.50
C LYS A 80 3.65 -9.63 2.61
N VAL A 81 3.04 -8.45 2.51
CA VAL A 81 3.80 -7.21 2.59
C VAL A 81 4.47 -7.07 3.95
N SER A 82 5.77 -6.85 3.93
CA SER A 82 6.55 -6.71 5.16
C SER A 82 6.00 -5.59 6.04
N PHE A 83 5.78 -4.42 5.45
CA PHE A 83 5.27 -3.28 6.20
C PHE A 83 4.10 -2.63 5.49
N CYS A 84 3.67 -1.48 6.01
CA CYS A 84 2.54 -0.74 5.45
C CYS A 84 2.56 0.70 5.95
N ALA A 85 3.75 1.25 6.10
CA ALA A 85 3.94 2.61 6.60
C ALA A 85 3.44 3.65 5.59
N PRO A 86 2.84 4.75 6.07
CA PRO A 86 2.35 5.81 5.21
C PRO A 86 3.42 6.85 4.90
N ASP A 87 3.52 7.87 5.74
CA ASP A 87 4.51 8.93 5.54
C ASP A 87 4.61 9.80 6.79
N ARG A 88 5.22 10.98 6.63
CA ARG A 88 5.39 11.91 7.75
C ARG A 88 4.13 12.75 7.95
N ASN A 89 2.98 12.19 7.58
CA ASN A 89 1.71 12.87 7.72
C ASN A 89 1.71 14.20 6.97
N HIS A 90 2.20 14.17 5.74
CA HIS A 90 2.25 15.38 4.91
C HIS A 90 2.51 15.02 3.45
N GLU A 91 3.17 13.88 3.23
CA GLU A 91 3.48 13.43 1.88
C GLU A 91 2.24 12.87 1.19
N ARG A 92 1.23 12.52 1.99
CA ARG A 92 -0.01 11.96 1.46
C ARG A 92 0.26 10.70 0.64
N GLY A 93 1.43 10.11 0.84
CA GLY A 93 1.79 8.92 0.10
C GLY A 93 2.25 7.79 1.00
N PHE A 94 1.66 6.61 0.81
CA PHE A 94 2.00 5.44 1.59
C PHE A 94 2.90 4.50 0.80
N SER A 95 3.48 3.50 1.48
CA SER A 95 4.36 2.54 0.82
C SER A 95 4.48 1.25 1.61
N TYR A 96 4.81 0.18 0.92
CA TYR A 96 4.99 -1.12 1.55
C TYR A 96 6.29 -1.76 1.07
N ILE A 97 6.80 -2.73 1.83
CA ILE A 97 8.06 -3.38 1.49
C ILE A 97 7.85 -4.87 1.22
N CYS A 98 8.74 -5.43 0.41
CA CYS A 98 8.69 -6.85 0.05
C CYS A 98 10.05 -7.33 -0.45
N ARG A 99 10.63 -8.28 0.27
CA ARG A 99 11.95 -8.81 -0.08
C ARG A 99 11.86 -9.72 -1.30
N ASP A 100 12.78 -10.68 -1.37
CA ASP A 100 12.85 -11.62 -2.49
C ASP A 100 11.53 -12.35 -2.70
N GLY A 101 11.49 -13.23 -3.70
CA GLY A 101 10.29 -13.95 -4.02
C GLY A 101 9.72 -13.50 -5.35
N THR A 102 10.30 -12.44 -5.88
CA THR A 102 9.90 -11.87 -7.17
C THR A 102 10.92 -10.83 -7.62
N THR A 103 11.88 -10.54 -6.75
CA THR A 103 12.92 -9.56 -7.03
C THR A 103 14.30 -10.10 -6.67
N ARG A 104 14.32 -11.21 -5.94
CA ARG A 104 15.58 -11.83 -5.52
C ARG A 104 16.36 -10.89 -4.61
N ARG A 105 15.64 -9.95 -3.98
CA ARG A 105 16.26 -8.98 -3.08
C ARG A 105 15.20 -8.09 -2.43
N TRP A 106 15.65 -7.16 -1.60
CA TRP A 106 14.74 -6.25 -0.91
C TRP A 106 14.34 -5.09 -1.82
N MET A 107 13.03 -4.92 -2.01
CA MET A 107 12.51 -3.85 -2.86
C MET A 107 11.24 -3.26 -2.27
N CYS A 108 11.23 -1.95 -2.10
CA CYS A 108 10.07 -1.26 -1.53
C CYS A 108 9.27 -0.54 -2.60
N HIS A 109 7.95 -0.66 -2.54
CA HIS A 109 7.07 -0.01 -3.50
C HIS A 109 6.37 1.19 -2.85
N GLY A 110 6.14 2.23 -3.64
CA GLY A 110 5.50 3.43 -3.11
C GLY A 110 4.38 3.96 -3.99
N PHE A 111 3.45 4.67 -3.38
CA PHE A 111 2.31 5.25 -4.10
C PHE A 111 1.66 6.36 -3.28
N LEU A 112 1.18 7.39 -3.97
CA LEU A 112 0.55 8.53 -3.30
C LEU A 112 -0.97 8.49 -3.48
N ALA A 113 -1.68 9.23 -2.63
CA ALA A 113 -3.14 9.29 -2.70
C ALA A 113 -3.60 10.39 -3.64
N CYS A 114 -4.37 10.01 -4.65
CA CYS A 114 -4.88 10.96 -5.64
C CYS A 114 -5.95 11.85 -5.02
N LYS A 115 -6.41 11.49 -3.82
CA LYS A 115 -7.43 12.26 -3.13
C LYS A 115 -6.78 13.33 -2.26
N ASP A 116 -5.49 13.16 -1.99
CA ASP A 116 -4.74 14.11 -1.17
C ASP A 116 -5.42 14.32 0.18
N SER A 117 -5.21 13.38 1.10
CA SER A 117 -5.79 13.46 2.43
C SER A 117 -5.03 12.60 3.43
N GLY A 118 -4.66 11.40 3.01
CA GLY A 118 -3.94 10.50 3.89
C GLY A 118 -4.83 9.86 4.93
N GLU A 119 -6.09 9.64 4.57
CA GLU A 119 -7.06 9.04 5.48
C GLU A 119 -8.05 8.17 4.72
N ARG A 120 -8.39 8.59 3.51
CA ARG A 120 -9.33 7.85 2.68
C ARG A 120 -8.80 6.44 2.40
N LEU A 121 -7.48 6.30 2.40
CA LEU A 121 -6.85 5.02 2.15
C LEU A 121 -6.05 4.55 3.37
N SER A 122 -5.39 5.51 4.02
CA SER A 122 -4.59 5.21 5.21
C SER A 122 -5.42 4.54 6.29
N HIS A 123 -6.42 5.25 6.80
CA HIS A 123 -7.28 4.73 7.86
C HIS A 123 -8.07 3.52 7.37
N ALA A 124 -8.13 3.34 6.05
CA ALA A 124 -8.87 2.23 5.48
C ALA A 124 -8.10 0.92 5.63
N VAL A 125 -6.84 0.92 5.19
CA VAL A 125 -6.00 -0.26 5.31
C VAL A 125 -5.76 -0.63 6.76
N GLY A 126 -5.99 0.33 7.65
CA GLY A 126 -5.81 0.10 9.07
C GLY A 126 -6.91 -0.76 9.66
N CYS A 127 -7.88 -1.13 8.82
CA CYS A 127 -8.99 -1.96 9.25
C CYS A 127 -9.04 -3.26 8.46
N ALA A 128 -8.16 -3.38 7.47
CA ALA A 128 -8.11 -4.57 6.63
C ALA A 128 -7.47 -5.75 7.38
N PHE A 129 -6.35 -5.48 8.05
CA PHE A 129 -5.65 -6.52 8.80
C PHE A 129 -6.47 -6.98 10.00
N ALA A 130 -7.17 -6.05 10.64
CA ALA A 130 -8.00 -6.36 11.79
C ALA A 130 -9.02 -7.44 11.44
N VAL A 131 -9.45 -7.44 10.18
CA VAL A 131 -10.42 -8.42 9.71
C VAL A 131 -9.72 -9.59 9.06
N CYS A 132 -8.47 -9.39 8.67
CA CYS A 132 -7.67 -10.45 8.06
C CYS A 132 -7.25 -11.48 9.10
N LEU A 133 -7.55 -11.18 10.36
CA LEU A 133 -7.21 -12.07 11.46
C LEU A 133 -8.32 -13.09 11.71
N GLU A 134 -9.23 -13.20 10.75
CA GLU A 134 -10.34 -14.13 10.86
C GLU A 134 -10.00 -15.47 10.23
N ARG A 135 -9.23 -15.44 9.14
CA ARG A 135 -8.85 -16.67 8.45
C ARG A 135 -7.35 -16.94 8.58
N GLY B 1 4.59 4.81 10.78
CA GLY B 1 3.67 4.76 11.96
C GLY B 1 2.38 4.05 11.65
N PHE B 2 2.47 2.92 10.96
CA PHE B 2 1.29 2.15 10.59
C PHE B 2 1.59 0.65 10.60
N SER B 3 1.85 0.09 9.42
CA SER B 3 2.14 -1.34 9.27
C SER B 3 0.95 -2.19 9.70
N ASN B 4 0.90 -3.43 9.20
CA ASN B 4 -0.18 -4.34 9.53
C ASN B 4 0.20 -5.22 10.72
N MET B 5 -0.74 -6.05 11.16
CA MET B 5 -0.51 -6.94 12.30
C MET B 5 -0.75 -8.39 11.90
N SER B 6 -1.27 -8.60 10.69
CA SER B 6 -1.54 -9.94 10.18
C SER B 6 -0.28 -10.56 9.60
N PHE B 7 0.85 -9.88 9.75
CA PHE B 7 2.12 -10.36 9.24
C PHE B 7 2.51 -11.68 9.90
N GLU B 8 3.16 -12.55 9.13
CA GLU B 8 3.58 -13.85 9.64
C GLU B 8 5.10 -13.88 9.84
N ASP B 9 5.73 -12.72 9.74
CA ASP B 9 7.17 -12.61 9.91
C ASP B 9 7.91 -13.57 8.98
N PHE B 10 7.87 -13.26 7.68
CA PHE B 10 8.53 -14.09 6.69
C PHE B 10 10.04 -14.16 6.94
N PRO B 11 10.62 -15.37 6.86
CA PRO B 11 12.06 -15.56 7.09
C PRO B 11 12.91 -15.01 5.94
N HIS A 1 -20.54 8.87 9.42
CA HIS A 1 -21.00 9.04 8.04
C HIS A 1 -20.11 8.26 7.07
N GLN A 2 -18.91 8.79 6.81
CA GLN A 2 -17.98 8.15 5.90
C GLN A 2 -17.53 6.80 6.44
N TRP A 3 -17.14 6.77 7.71
CA TRP A 3 -16.69 5.53 8.34
C TRP A 3 -17.82 4.51 8.40
N GLN A 4 -19.05 5.01 8.37
CA GLN A 4 -20.22 4.14 8.42
C GLN A 4 -20.36 3.37 7.10
N ALA A 5 -19.54 3.73 6.13
CA ALA A 5 -19.56 3.08 4.83
C ALA A 5 -18.17 2.56 4.46
N ASP A 6 -17.17 2.95 5.24
CA ASP A 6 -15.79 2.53 5.00
C ASP A 6 -15.48 1.23 5.74
N GLU A 7 -16.20 0.99 6.83
CA GLU A 7 -16.00 -0.22 7.63
C GLU A 7 -16.33 -1.46 6.82
N GLU A 8 -17.31 -1.35 5.94
CA GLU A 8 -17.72 -2.47 5.10
C GLU A 8 -16.99 -2.45 3.77
N ALA A 9 -16.27 -1.36 3.51
CA ALA A 9 -15.51 -1.23 2.27
C ALA A 9 -14.47 -2.33 2.15
N VAL A 10 -13.68 -2.51 3.20
CA VAL A 10 -12.65 -3.55 3.21
C VAL A 10 -13.27 -4.92 2.93
N ARG A 11 -14.44 -5.15 3.54
CA ARG A 11 -15.15 -6.40 3.35
C ARG A 11 -15.61 -6.55 1.90
N SER A 12 -15.90 -5.42 1.27
CA SER A 12 -16.32 -5.41 -0.12
C SER A 12 -15.12 -5.51 -1.05
N ALA A 13 -13.93 -5.65 -0.46
CA ALA A 13 -12.69 -5.76 -1.22
C ALA A 13 -12.40 -4.47 -1.97
N THR A 14 -12.62 -3.33 -1.32
CA THR A 14 -12.36 -2.03 -1.94
C THR A 14 -12.60 -0.90 -0.94
N CYS A 15 -11.58 -0.59 -0.15
CA CYS A 15 -11.68 0.48 0.84
C CYS A 15 -10.72 1.62 0.55
N SER A 16 -10.30 1.71 -0.71
CA SER A 16 -9.35 2.76 -1.12
C SER A 16 -9.98 3.69 -2.14
N PHE A 17 -9.13 4.42 -2.88
CA PHE A 17 -9.59 5.37 -3.89
C PHE A 17 -8.48 5.64 -4.89
N SER A 18 -8.69 6.65 -5.74
CA SER A 18 -7.70 7.02 -6.75
C SER A 18 -6.31 7.15 -6.12
N VAL A 19 -5.29 6.72 -6.86
CA VAL A 19 -3.92 6.77 -6.36
C VAL A 19 -2.94 7.23 -7.44
N LYS A 20 -1.65 7.13 -7.12
CA LYS A 20 -0.60 7.52 -8.05
C LYS A 20 0.58 6.55 -7.95
N TYR A 21 0.31 5.28 -8.25
CA TYR A 21 1.33 4.25 -8.18
C TYR A 21 2.55 4.64 -9.00
N LEU A 22 3.67 4.84 -8.32
CA LEU A 22 4.91 5.23 -8.98
C LEU A 22 5.63 4.01 -9.55
N GLY A 23 5.92 3.04 -8.68
CA GLY A 23 6.61 1.84 -9.12
C GLY A 23 7.17 1.04 -7.97
N CYS A 24 8.47 0.78 -8.03
CA CYS A 24 9.15 0.02 -6.98
C CYS A 24 10.66 0.17 -7.08
N VAL A 25 11.32 0.26 -5.93
CA VAL A 25 12.77 0.40 -5.89
C VAL A 25 13.39 -0.56 -4.88
N GLU A 26 14.69 -0.77 -4.98
CA GLU A 26 15.41 -1.66 -4.08
C GLU A 26 15.96 -0.88 -2.89
N VAL A 27 15.69 -1.37 -1.69
CA VAL A 27 16.13 -0.72 -0.47
C VAL A 27 16.81 -1.71 0.47
N PHE A 28 18.00 -1.38 0.94
CA PHE A 28 18.75 -2.23 1.85
C PHE A 28 18.43 -1.89 3.30
N GLU A 29 17.20 -2.18 3.71
CA GLU A 29 16.77 -1.89 5.07
C GLU A 29 15.51 -2.68 5.44
N SER A 30 14.41 -2.37 4.75
CA SER A 30 13.14 -3.04 4.99
C SER A 30 12.77 -2.98 6.48
N ARG A 31 13.33 -2.01 7.19
CA ARG A 31 13.07 -1.85 8.62
C ARG A 31 13.15 -0.38 9.05
N GLY A 32 14.30 0.24 8.78
CA GLY A 32 14.51 1.62 9.18
C GLY A 32 13.54 2.59 8.56
N MET A 33 13.02 3.52 9.38
CA MET A 33 12.09 4.55 8.93
C MET A 33 10.91 3.95 8.19
N GLN A 34 10.61 2.69 8.46
CA GLN A 34 9.49 2.00 7.83
C GLN A 34 9.65 1.93 6.31
N VAL A 35 10.81 2.39 5.82
CA VAL A 35 11.11 2.37 4.39
C VAL A 35 10.01 3.03 3.57
N CYS A 36 9.34 4.02 4.15
CA CYS A 36 8.27 4.73 3.45
C CYS A 36 8.61 6.21 3.28
N GLU A 37 9.05 6.83 4.36
CA GLU A 37 9.39 8.25 4.34
C GLU A 37 10.63 8.53 3.51
N GLU A 38 11.25 7.47 2.99
CA GLU A 38 12.45 7.61 2.17
C GLU A 38 12.23 7.08 0.77
N ALA A 39 11.85 5.81 0.68
CA ALA A 39 11.60 5.18 -0.61
C ALA A 39 10.59 5.96 -1.43
N LEU A 40 9.43 6.23 -0.84
CA LEU A 40 8.38 6.99 -1.52
C LEU A 40 8.93 8.27 -2.14
N LYS A 41 9.90 8.87 -1.47
CA LYS A 41 10.51 10.10 -1.95
C LYS A 41 11.30 9.85 -3.23
N VAL A 42 11.98 8.71 -3.29
CA VAL A 42 12.78 8.35 -4.46
C VAL A 42 11.90 8.18 -5.70
N LEU A 43 10.80 7.46 -5.54
CA LEU A 43 9.88 7.21 -6.66
C LEU A 43 9.11 8.47 -7.02
N ARG A 44 9.06 9.42 -6.08
CA ARG A 44 8.35 10.67 -6.31
C ARG A 44 9.30 11.75 -6.81
N GLN A 45 10.60 11.46 -6.75
CA GLN A 45 11.61 12.39 -7.20
C GLN A 45 11.73 12.34 -8.72
N SER A 46 12.30 11.25 -9.23
CA SER A 46 12.46 11.08 -10.67
C SER A 46 13.04 9.70 -11.00
N ARG A 47 12.16 8.72 -11.17
CA ARG A 47 12.58 7.36 -11.51
C ARG A 47 11.40 6.53 -11.99
N ARG A 48 10.42 6.34 -11.11
CA ARG A 48 9.25 5.55 -11.42
C ARG A 48 8.05 6.44 -11.77
N ARG A 49 7.66 6.43 -13.03
CA ARG A 49 6.54 7.23 -13.49
C ARG A 49 5.24 6.81 -12.81
N PRO A 50 4.44 7.78 -12.33
CA PRO A 50 3.17 7.50 -11.65
C PRO A 50 2.05 7.16 -12.63
N VAL A 51 1.00 6.53 -12.11
CA VAL A 51 -0.15 6.17 -12.93
C VAL A 51 -1.45 6.60 -12.27
N ARG A 52 -2.47 6.84 -13.08
CA ARG A 52 -3.78 7.26 -12.57
C ARG A 52 -4.77 6.10 -12.58
N GLY A 53 -4.93 5.46 -11.42
CA GLY A 53 -5.83 4.33 -11.32
C GLY A 53 -6.58 4.32 -9.99
N LEU A 54 -7.63 3.49 -9.93
CA LEU A 54 -8.43 3.38 -8.72
C LEU A 54 -7.99 2.19 -7.88
N LEU A 55 -7.46 2.47 -6.69
CA LEU A 55 -7.00 1.41 -5.78
C LEU A 55 -8.16 0.87 -4.96
N HIS A 56 -8.20 -0.44 -4.80
CA HIS A 56 -9.26 -1.10 -4.04
C HIS A 56 -8.67 -1.93 -2.89
N VAL A 57 -8.41 -1.28 -1.77
CA VAL A 57 -7.87 -1.97 -0.60
C VAL A 57 -8.79 -3.08 -0.14
N SER A 58 -8.44 -4.32 -0.48
CA SER A 58 -9.24 -5.48 -0.10
C SER A 58 -8.56 -6.24 1.04
N GLY A 59 -9.38 -6.78 1.93
CA GLY A 59 -8.85 -7.52 3.07
C GLY A 59 -8.32 -8.89 2.69
N ASP A 60 -8.03 -9.08 1.41
CA ASP A 60 -7.51 -10.35 0.91
C ASP A 60 -6.40 -10.11 -0.11
N GLY A 61 -5.79 -8.93 -0.05
CA GLY A 61 -4.73 -8.60 -0.98
C GLY A 61 -5.04 -7.36 -1.80
N LEU A 62 -4.21 -6.34 -1.67
CA LEU A 62 -4.40 -5.09 -2.38
C LEU A 62 -4.52 -5.33 -3.89
N ARG A 63 -5.35 -4.53 -4.54
CA ARG A 63 -5.55 -4.66 -5.99
C ARG A 63 -5.85 -3.30 -6.63
N VAL A 64 -4.92 -2.82 -7.44
CA VAL A 64 -5.08 -1.53 -8.11
C VAL A 64 -5.53 -1.72 -9.56
N VAL A 65 -6.54 -0.96 -9.97
CA VAL A 65 -7.05 -1.03 -11.32
C VAL A 65 -6.97 0.33 -12.01
N ASP A 66 -6.06 0.44 -12.98
CA ASP A 66 -5.86 1.69 -13.70
C ASP A 66 -7.18 2.21 -14.28
N ASP A 67 -7.23 3.51 -14.55
CA ASP A 67 -8.43 4.12 -15.10
C ASP A 67 -8.37 4.17 -16.62
N GLU A 68 -7.25 3.73 -17.18
CA GLU A 68 -7.07 3.70 -18.62
C GLU A 68 -6.92 2.28 -19.12
N THR A 69 -5.96 1.56 -18.54
CA THR A 69 -5.71 0.17 -18.90
C THR A 69 -6.70 -0.75 -18.20
N LYS A 70 -7.12 -0.35 -16.99
CA LYS A 70 -8.08 -1.11 -16.21
C LYS A 70 -7.62 -2.56 -16.07
N GLY A 71 -6.31 -2.76 -16.07
CA GLY A 71 -5.75 -4.10 -15.95
C GLY A 71 -5.49 -4.48 -14.51
N LEU A 72 -4.20 -4.56 -14.16
CA LEU A 72 -3.80 -4.91 -12.80
C LEU A 72 -2.37 -4.47 -12.53
N ILE A 73 -2.21 -3.52 -11.62
CA ILE A 73 -0.90 -2.99 -11.28
C ILE A 73 -0.31 -3.71 -10.06
N VAL A 74 -1.10 -3.82 -9.00
CA VAL A 74 -0.64 -4.48 -7.78
C VAL A 74 -1.55 -5.64 -7.41
N ASP A 75 -1.08 -6.86 -7.69
CA ASP A 75 -1.84 -8.06 -7.35
C ASP A 75 -1.17 -8.81 -6.20
N GLN A 76 -0.45 -8.06 -5.38
CA GLN A 76 0.27 -8.63 -4.24
C GLN A 76 -0.69 -8.94 -3.09
N THR A 77 -0.15 -9.00 -1.88
CA THR A 77 -0.95 -9.31 -0.71
C THR A 77 -0.60 -8.37 0.45
N ILE A 78 -1.50 -8.29 1.44
CA ILE A 78 -1.30 -7.44 2.60
C ILE A 78 -0.32 -8.09 3.58
N GLU A 79 -0.36 -9.42 3.64
CA GLU A 79 0.53 -10.17 4.52
C GLU A 79 1.86 -10.43 3.82
N LYS A 80 1.84 -10.42 2.49
CA LYS A 80 3.04 -10.65 1.70
C LYS A 80 4.10 -9.60 2.00
N VAL A 81 3.65 -8.35 2.14
CA VAL A 81 4.57 -7.26 2.44
C VAL A 81 5.06 -7.33 3.88
N SER A 82 6.31 -6.94 4.10
CA SER A 82 6.90 -6.96 5.44
C SER A 82 5.98 -6.27 6.44
N PHE A 83 5.62 -5.02 6.14
CA PHE A 83 4.72 -4.26 7.00
C PHE A 83 4.27 -2.98 6.30
N CYS A 84 2.96 -2.78 6.24
CA CYS A 84 2.40 -1.60 5.58
C CYS A 84 2.61 -0.35 6.42
N ALA A 85 3.38 0.59 5.88
CA ALA A 85 3.68 1.84 6.56
C ALA A 85 3.43 3.04 5.65
N PRO A 86 2.32 3.77 5.86
CA PRO A 86 1.97 4.94 5.04
C PRO A 86 3.01 6.05 5.15
N ASP A 87 2.82 6.93 6.13
CA ASP A 87 3.75 8.05 6.35
C ASP A 87 3.51 8.70 7.69
N ARG A 88 4.31 9.70 8.03
CA ARG A 88 4.19 10.40 9.30
C ARG A 88 4.52 11.87 9.15
N ASN A 89 4.23 12.44 7.99
CA ASN A 89 4.49 13.84 7.72
C ASN A 89 3.22 14.57 7.30
N HIS A 90 2.93 14.54 6.00
CA HIS A 90 1.73 15.20 5.46
C HIS A 90 1.66 15.03 3.95
N GLU A 91 2.61 14.28 3.39
CA GLU A 91 2.67 14.06 1.95
C GLU A 91 1.49 13.21 1.47
N ARG A 92 0.73 12.67 2.42
CA ARG A 92 -0.42 11.83 2.09
C ARG A 92 -0.02 10.66 1.22
N GLY A 93 1.27 10.29 1.28
CA GLY A 93 1.76 9.18 0.49
C GLY A 93 2.03 7.95 1.34
N PHE A 94 1.84 6.77 0.76
CA PHE A 94 2.06 5.52 1.46
C PHE A 94 3.04 4.64 0.70
N SER A 95 3.49 3.56 1.35
CA SER A 95 4.43 2.64 0.74
C SER A 95 4.57 1.36 1.56
N TYR A 96 4.89 0.27 0.88
CA TYR A 96 5.08 -1.02 1.55
C TYR A 96 6.33 -1.72 1.02
N ILE A 97 6.98 -2.47 1.89
CA ILE A 97 8.20 -3.18 1.53
C ILE A 97 7.94 -4.66 1.31
N CYS A 98 8.75 -5.28 0.45
CA CYS A 98 8.60 -6.70 0.15
C CYS A 98 9.97 -7.34 -0.09
N ARG A 99 10.43 -8.13 0.87
CA ARG A 99 11.72 -8.80 0.78
C ARG A 99 11.70 -9.88 -0.31
N ASP A 100 12.60 -10.85 -0.19
CA ASP A 100 12.71 -11.93 -1.16
C ASP A 100 11.45 -12.77 -1.20
N GLY A 101 11.55 -13.98 -1.76
CA GLY A 101 10.40 -14.83 -1.89
C GLY A 101 9.58 -14.46 -3.11
N THR A 102 9.93 -13.32 -3.71
CA THR A 102 9.25 -12.82 -4.90
C THR A 102 10.16 -11.90 -5.68
N THR A 103 11.20 -11.40 -5.01
CA THR A 103 12.16 -10.51 -5.65
C THR A 103 13.59 -10.98 -5.38
N ARG A 104 13.71 -12.05 -4.60
CA ARG A 104 15.01 -12.60 -4.24
C ARG A 104 15.84 -11.59 -3.44
N ARG A 105 15.19 -10.50 -3.04
CA ARG A 105 15.84 -9.46 -2.26
C ARG A 105 14.83 -8.43 -1.77
N TRP A 106 15.31 -7.39 -1.11
CA TRP A 106 14.44 -6.34 -0.59
C TRP A 106 14.02 -5.38 -1.71
N MET A 107 12.71 -5.26 -1.92
CA MET A 107 12.18 -4.38 -2.94
C MET A 107 10.83 -3.80 -2.51
N CYS A 108 10.82 -2.50 -2.23
CA CYS A 108 9.59 -1.83 -1.79
C CYS A 108 8.91 -1.12 -2.95
N HIS A 109 7.63 -0.84 -2.79
CA HIS A 109 6.85 -0.14 -3.81
C HIS A 109 6.24 1.13 -3.23
N GLY A 110 6.21 2.18 -4.03
CA GLY A 110 5.66 3.45 -3.58
C GLY A 110 4.37 3.82 -4.29
N PHE A 111 3.51 4.55 -3.58
CA PHE A 111 2.23 4.98 -4.14
C PHE A 111 1.55 5.99 -3.21
N LEU A 112 1.06 7.08 -3.80
CA LEU A 112 0.41 8.13 -3.02
C LEU A 112 -1.09 8.16 -3.29
N ALA A 113 -1.81 8.95 -2.51
CA ALA A 113 -3.25 9.08 -2.66
C ALA A 113 -3.62 10.26 -3.53
N CYS A 114 -4.45 10.02 -4.54
CA CYS A 114 -4.89 11.06 -5.45
C CYS A 114 -5.99 11.91 -4.81
N LYS A 115 -6.35 11.56 -3.58
CA LYS A 115 -7.39 12.27 -2.86
C LYS A 115 -6.79 13.34 -1.95
N ASP A 116 -5.50 13.17 -1.63
CA ASP A 116 -4.79 14.11 -0.76
C ASP A 116 -5.53 14.29 0.56
N SER A 117 -5.28 13.37 1.50
CA SER A 117 -5.90 13.43 2.81
C SER A 117 -5.26 12.44 3.77
N GLY A 118 -4.98 11.24 3.28
CA GLY A 118 -4.36 10.21 4.10
C GLY A 118 -5.34 9.62 5.11
N GLU A 119 -6.56 9.36 4.66
CA GLU A 119 -7.59 8.80 5.53
C GLU A 119 -8.49 7.85 4.75
N ARG A 120 -8.72 8.16 3.48
CA ARG A 120 -9.57 7.32 2.63
C ARG A 120 -8.81 6.07 2.20
N LEU A 121 -7.48 6.12 2.35
CA LEU A 121 -6.63 4.99 1.97
C LEU A 121 -5.73 4.58 3.13
N SER A 122 -5.14 5.56 3.79
CA SER A 122 -4.24 5.31 4.92
C SER A 122 -4.95 4.56 6.03
N HIS A 123 -5.88 5.23 6.69
CA HIS A 123 -6.63 4.63 7.79
C HIS A 123 -7.40 3.41 7.31
N ALA A 124 -7.63 3.32 6.01
CA ALA A 124 -8.34 2.18 5.43
C ALA A 124 -7.48 0.92 5.48
N VAL A 125 -6.27 1.02 4.96
CA VAL A 125 -5.34 -0.11 4.95
C VAL A 125 -5.03 -0.56 6.39
N GLY A 126 -5.05 0.40 7.31
CA GLY A 126 -4.78 0.09 8.71
C GLY A 126 -5.78 -0.91 9.27
N CYS A 127 -6.91 -1.04 8.59
CA CYS A 127 -7.96 -1.96 9.01
C CYS A 127 -7.96 -3.22 8.15
N ALA A 128 -7.20 -3.18 7.05
CA ALA A 128 -7.12 -4.32 6.15
C ALA A 128 -6.64 -5.57 6.88
N PHE A 129 -5.77 -5.38 7.87
CA PHE A 129 -5.26 -6.49 8.67
C PHE A 129 -6.30 -6.94 9.68
N ALA A 130 -7.06 -5.99 10.20
CA ALA A 130 -8.10 -6.27 11.19
C ALA A 130 -9.08 -7.29 10.64
N VAL A 131 -9.20 -7.36 9.31
CA VAL A 131 -10.10 -8.29 8.66
C VAL A 131 -9.32 -9.50 8.13
N CYS A 132 -8.02 -9.33 7.98
CA CYS A 132 -7.15 -10.41 7.51
C CYS A 132 -6.98 -11.47 8.59
N LEU A 133 -7.40 -11.13 9.81
CA LEU A 133 -7.30 -12.05 10.94
C LEU A 133 -8.44 -13.05 10.92
N GLU A 134 -9.19 -13.07 9.83
CA GLU A 134 -10.32 -14.00 9.69
C GLU A 134 -9.87 -15.44 9.89
N ARG A 135 -8.58 -15.68 9.72
CA ARG A 135 -8.02 -17.02 9.88
C ARG A 135 -7.54 -17.23 11.31
N GLY B 1 5.16 5.09 9.13
CA GLY B 1 3.81 4.47 9.10
C GLY B 1 3.68 3.35 10.11
N PHE B 2 2.51 2.71 10.14
CA PHE B 2 2.27 1.61 11.07
C PHE B 2 2.71 0.28 10.44
N SER B 3 2.02 -0.80 10.80
CA SER B 3 2.36 -2.12 10.27
C SER B 3 1.22 -3.10 10.51
N ASN B 4 1.25 -4.22 9.78
CA ASN B 4 0.22 -5.25 9.90
C ASN B 4 0.42 -6.07 11.17
N MET B 5 -0.52 -6.98 11.43
CA MET B 5 -0.45 -7.84 12.60
C MET B 5 -0.61 -9.31 12.21
N SER B 6 -1.25 -9.54 11.08
CA SER B 6 -1.49 -10.90 10.59
C SER B 6 -0.34 -11.36 9.70
N PHE B 7 0.83 -10.74 9.88
CA PHE B 7 2.01 -11.10 9.09
C PHE B 7 2.44 -12.53 9.39
N GLU B 8 3.04 -13.17 8.40
CA GLU B 8 3.51 -14.55 8.55
C GLU B 8 4.90 -14.58 9.19
N ASP B 9 5.43 -13.40 9.50
CA ASP B 9 6.74 -13.28 10.11
C ASP B 9 7.82 -13.93 9.25
N PHE B 10 8.47 -13.14 8.41
CA PHE B 10 9.51 -13.63 7.53
C PHE B 10 10.89 -13.56 8.19
N PRO B 11 11.28 -12.39 8.74
CA PRO B 11 12.59 -12.24 9.39
C PRO B 11 12.79 -13.22 10.53
N HIS A 1 -21.13 9.04 7.53
CA HIS A 1 -21.71 9.11 6.18
C HIS A 1 -20.87 8.30 5.19
N GLN A 2 -19.56 8.40 5.31
CA GLN A 2 -18.65 7.69 4.41
C GLN A 2 -17.95 6.53 5.12
N TRP A 3 -17.63 6.74 6.40
CA TRP A 3 -16.95 5.72 7.19
C TRP A 3 -17.82 4.48 7.34
N GLN A 4 -19.13 4.66 7.19
CA GLN A 4 -20.06 3.55 7.33
C GLN A 4 -19.94 2.59 6.15
N ALA A 5 -19.47 3.10 5.02
CA ALA A 5 -19.30 2.29 3.82
C ALA A 5 -17.86 1.78 3.71
N ASP A 6 -16.94 2.50 4.35
CA ASP A 6 -15.53 2.12 4.33
C ASP A 6 -15.24 1.04 5.36
N GLU A 7 -16.05 1.02 6.42
CA GLU A 7 -15.88 0.03 7.48
C GLU A 7 -16.12 -1.38 6.96
N GLU A 8 -16.97 -1.49 5.93
CA GLU A 8 -17.29 -2.77 5.33
C GLU A 8 -16.49 -2.98 4.05
N ALA A 9 -15.95 -1.89 3.51
CA ALA A 9 -15.18 -1.94 2.28
C ALA A 9 -14.05 -2.97 2.38
N VAL A 10 -13.27 -2.88 3.45
CA VAL A 10 -12.16 -3.81 3.66
C VAL A 10 -12.68 -5.25 3.72
N ARG A 11 -13.78 -5.45 4.44
CA ARG A 11 -14.38 -6.78 4.56
C ARG A 11 -14.67 -7.37 3.18
N SER A 12 -15.12 -6.52 2.27
CA SER A 12 -15.43 -6.97 0.91
C SER A 12 -14.14 -7.25 0.13
N ALA A 13 -13.64 -6.23 -0.57
CA ALA A 13 -12.41 -6.37 -1.35
C ALA A 13 -12.05 -5.07 -2.06
N THR A 14 -12.31 -3.94 -1.40
CA THR A 14 -12.02 -2.64 -1.98
C THR A 14 -12.25 -1.51 -0.99
N CYS A 15 -11.18 -1.01 -0.41
CA CYS A 15 -11.26 0.09 0.55
C CYS A 15 -10.20 1.15 0.26
N SER A 16 -10.20 1.66 -0.97
CA SER A 16 -9.24 2.68 -1.38
C SER A 16 -9.81 3.55 -2.49
N PHE A 17 -8.93 4.27 -3.18
CA PHE A 17 -9.34 5.16 -4.27
C PHE A 17 -8.19 5.41 -5.23
N SER A 18 -8.38 6.35 -6.16
CA SER A 18 -7.36 6.68 -7.14
C SER A 18 -6.01 6.93 -6.46
N VAL A 19 -4.93 6.56 -7.14
CA VAL A 19 -3.59 6.74 -6.58
C VAL A 19 -2.58 7.11 -7.65
N LYS A 20 -1.36 7.40 -7.21
CA LYS A 20 -0.27 7.76 -8.12
C LYS A 20 0.90 6.82 -7.92
N TYR A 21 0.66 5.53 -8.17
CA TYR A 21 1.70 4.51 -8.01
C TYR A 21 2.94 4.87 -8.81
N LEU A 22 3.91 5.48 -8.14
CA LEU A 22 5.15 5.88 -8.80
C LEU A 22 5.91 4.67 -9.33
N GLY A 23 5.77 3.54 -8.63
CA GLY A 23 6.46 2.33 -9.05
C GLY A 23 7.04 1.56 -7.88
N CYS A 24 8.29 1.16 -8.01
CA CYS A 24 8.97 0.41 -6.95
C CYS A 24 10.48 0.53 -7.09
N VAL A 25 11.15 0.87 -5.99
CA VAL A 25 12.60 1.01 -5.99
C VAL A 25 13.24 0.05 -4.99
N GLU A 26 14.32 -0.59 -5.40
CA GLU A 26 15.02 -1.53 -4.53
C GLU A 26 15.71 -0.79 -3.39
N VAL A 27 15.22 -1.03 -2.18
CA VAL A 27 15.77 -0.39 -0.99
C VAL A 27 16.64 -1.35 -0.20
N PHE A 28 17.31 -0.83 0.83
CA PHE A 28 18.17 -1.65 1.67
C PHE A 28 17.72 -1.60 3.13
N GLU A 29 16.52 -2.11 3.40
CA GLU A 29 15.98 -2.12 4.75
C GLU A 29 15.06 -3.32 4.96
N SER A 30 13.77 -3.14 4.67
CA SER A 30 12.78 -4.20 4.83
C SER A 30 12.65 -4.65 6.28
N ARG A 31 13.28 -3.90 7.18
CA ARG A 31 13.21 -4.22 8.61
C ARG A 31 13.72 -3.05 9.44
N GLY A 32 13.22 -1.85 9.14
CA GLY A 32 13.63 -0.67 9.88
C GLY A 32 12.44 0.08 10.44
N MET A 33 12.39 1.40 10.20
CA MET A 33 11.29 2.22 10.67
C MET A 33 10.04 1.99 9.84
N GLN A 34 10.06 2.52 8.61
CA GLN A 34 8.93 2.38 7.71
C GLN A 34 9.41 2.30 6.25
N VAL A 35 10.59 2.86 5.99
CA VAL A 35 11.21 2.83 4.66
C VAL A 35 10.51 3.77 3.69
N CYS A 36 9.21 3.99 3.88
CA CYS A 36 8.45 4.87 2.99
C CYS A 36 8.97 6.30 3.06
N GLU A 37 9.54 6.66 4.20
CA GLU A 37 10.05 8.00 4.43
C GLU A 37 11.14 8.37 3.42
N GLU A 38 11.71 7.36 2.77
CA GLU A 38 12.78 7.59 1.79
C GLU A 38 12.38 7.07 0.41
N ALA A 39 11.82 5.87 0.38
CA ALA A 39 11.42 5.24 -0.89
C ALA A 39 10.48 6.15 -1.69
N LEU A 40 9.48 6.71 -1.02
CA LEU A 40 8.51 7.59 -1.67
C LEU A 40 9.20 8.72 -2.42
N LYS A 41 10.32 9.19 -1.87
CA LYS A 41 11.07 10.28 -2.48
C LYS A 41 11.84 9.80 -3.71
N VAL A 42 12.52 8.66 -3.58
CA VAL A 42 13.30 8.11 -4.67
C VAL A 42 12.45 7.90 -5.92
N LEU A 43 11.17 7.64 -5.74
CA LEU A 43 10.25 7.42 -6.85
C LEU A 43 9.66 8.75 -7.33
N ARG A 44 9.65 9.74 -6.45
CA ARG A 44 9.12 11.06 -6.80
C ARG A 44 10.17 11.88 -7.52
N GLN A 45 11.40 11.37 -7.54
CA GLN A 45 12.50 12.04 -8.21
C GLN A 45 12.39 11.89 -9.72
N SER A 46 12.48 10.64 -10.18
CA SER A 46 12.37 10.36 -11.61
C SER A 46 12.43 8.85 -11.89
N ARG A 47 12.59 8.50 -13.17
CA ARG A 47 12.67 7.11 -13.60
C ARG A 47 11.32 6.41 -13.48
N ARG A 48 10.89 6.19 -12.25
CA ARG A 48 9.62 5.53 -12.00
C ARG A 48 8.46 6.52 -12.05
N ARG A 49 7.86 6.66 -13.23
CA ARG A 49 6.74 7.57 -13.43
C ARG A 49 5.50 7.06 -12.70
N PRO A 50 4.71 7.98 -12.09
CA PRO A 50 3.49 7.61 -11.36
C PRO A 50 2.33 7.30 -12.27
N VAL A 51 1.65 6.19 -12.00
CA VAL A 51 0.49 5.77 -12.80
C VAL A 51 -0.81 6.20 -12.13
N ARG A 52 -1.79 6.59 -12.95
CA ARG A 52 -3.09 7.01 -12.43
C ARG A 52 -4.12 5.90 -12.59
N GLY A 53 -4.50 5.29 -11.47
CA GLY A 53 -5.48 4.22 -11.51
C GLY A 53 -6.28 4.13 -10.23
N LEU A 54 -7.22 3.19 -10.18
CA LEU A 54 -8.07 3.00 -9.01
C LEU A 54 -7.56 1.85 -8.14
N LEU A 55 -7.19 2.19 -6.91
CA LEU A 55 -6.70 1.18 -5.97
C LEU A 55 -7.84 0.65 -5.11
N HIS A 56 -7.84 -0.67 -4.90
CA HIS A 56 -8.88 -1.32 -4.10
C HIS A 56 -8.27 -2.10 -2.93
N VAL A 57 -8.37 -1.53 -1.73
CA VAL A 57 -7.85 -2.19 -0.54
C VAL A 57 -8.71 -3.39 -0.16
N SER A 58 -8.23 -4.58 -0.49
CA SER A 58 -8.95 -5.81 -0.18
C SER A 58 -8.29 -6.54 0.99
N GLY A 59 -9.03 -6.69 2.07
CA GLY A 59 -8.50 -7.37 3.25
C GLY A 59 -7.92 -8.73 2.92
N ASP A 60 -8.26 -9.25 1.76
CA ASP A 60 -7.77 -10.55 1.33
C ASP A 60 -6.81 -10.41 0.15
N GLY A 61 -6.03 -9.33 0.14
CA GLY A 61 -5.09 -9.10 -0.93
C GLY A 61 -5.44 -7.88 -1.76
N LEU A 62 -4.61 -6.85 -1.66
CA LEU A 62 -4.84 -5.61 -2.39
C LEU A 62 -4.86 -5.85 -3.90
N ARG A 63 -5.42 -4.88 -4.64
CA ARG A 63 -5.49 -4.98 -6.09
C ARG A 63 -5.54 -3.58 -6.71
N VAL A 64 -4.56 -3.28 -7.55
CA VAL A 64 -4.47 -1.98 -8.19
C VAL A 64 -4.83 -2.05 -9.67
N VAL A 65 -5.77 -1.20 -10.09
CA VAL A 65 -6.18 -1.16 -11.49
C VAL A 65 -5.84 0.20 -12.10
N ASP A 66 -5.72 0.24 -13.42
CA ASP A 66 -5.39 1.48 -14.11
C ASP A 66 -6.66 2.25 -14.48
N ASP A 67 -6.55 3.57 -14.50
CA ASP A 67 -7.68 4.43 -14.84
C ASP A 67 -7.60 4.88 -16.30
N GLU A 68 -6.82 4.15 -17.10
CA GLU A 68 -6.66 4.47 -18.50
C GLU A 68 -6.67 3.21 -19.37
N THR A 69 -6.63 2.05 -18.70
CA THR A 69 -6.63 0.78 -19.40
C THR A 69 -7.20 -0.32 -18.51
N LYS A 70 -7.39 0.00 -17.23
CA LYS A 70 -7.94 -0.96 -16.28
C LYS A 70 -7.04 -2.20 -16.18
N GLY A 71 -5.76 -2.01 -16.45
CA GLY A 71 -4.82 -3.12 -16.38
C GLY A 71 -4.50 -3.52 -14.95
N LEU A 72 -3.39 -4.20 -14.77
CA LEU A 72 -2.97 -4.65 -13.45
C LEU A 72 -1.59 -4.10 -13.09
N ILE A 73 -1.54 -3.31 -12.03
CA ILE A 73 -0.28 -2.71 -11.58
C ILE A 73 0.36 -3.54 -10.47
N VAL A 74 -0.40 -3.77 -9.41
CA VAL A 74 0.09 -4.54 -8.26
C VAL A 74 -0.99 -5.48 -7.73
N ASP A 75 -0.72 -6.78 -7.78
CA ASP A 75 -1.67 -7.78 -7.30
C ASP A 75 -1.02 -8.64 -6.22
N GLN A 76 -0.87 -8.07 -5.03
CA GLN A 76 -0.26 -8.78 -3.91
C GLN A 76 -1.23 -8.90 -2.74
N THR A 77 -0.69 -9.24 -1.58
CA THR A 77 -1.50 -9.39 -0.37
C THR A 77 -1.12 -8.35 0.68
N ILE A 78 -1.83 -8.37 1.80
CA ILE A 78 -1.57 -7.43 2.89
C ILE A 78 -0.68 -8.07 3.95
N GLU A 79 -0.95 -9.33 4.27
CA GLU A 79 -0.17 -10.07 5.25
C GLU A 79 1.12 -10.61 4.62
N LYS A 80 1.19 -10.53 3.29
CA LYS A 80 2.35 -11.00 2.57
C LYS A 80 3.51 -10.01 2.69
N VAL A 81 3.19 -8.73 2.55
CA VAL A 81 4.21 -7.68 2.64
C VAL A 81 4.70 -7.53 4.08
N SER A 82 5.93 -7.05 4.21
CA SER A 82 6.53 -6.86 5.53
C SER A 82 5.62 -6.02 6.43
N PHE A 83 5.47 -4.75 6.10
CA PHE A 83 4.64 -3.84 6.86
C PHE A 83 4.15 -2.68 6.01
N CYS A 84 2.83 -2.45 6.04
CA CYS A 84 2.23 -1.36 5.27
C CYS A 84 2.29 -0.05 6.06
N ALA A 85 3.20 0.83 5.65
CA ALA A 85 3.37 2.11 6.31
C ALA A 85 3.10 3.27 5.36
N PRO A 86 2.31 4.27 5.80
CA PRO A 86 1.97 5.44 4.98
C PRO A 86 3.18 6.36 4.78
N ASP A 87 3.38 7.29 5.71
CA ASP A 87 4.49 8.23 5.62
C ASP A 87 5.03 8.57 7.02
N ARG A 88 5.84 9.62 7.09
CA ARG A 88 6.42 10.04 8.36
C ARG A 88 5.36 10.66 9.27
N ASN A 89 4.21 10.97 8.69
CA ASN A 89 3.11 11.56 9.45
C ASN A 89 1.81 11.52 8.66
N HIS A 90 1.80 12.22 7.53
CA HIS A 90 0.61 12.28 6.68
C HIS A 90 0.85 13.18 5.47
N GLU A 91 1.91 12.88 4.72
CA GLU A 91 2.24 13.67 3.53
C GLU A 91 1.48 13.16 2.31
N ARG A 92 0.29 12.62 2.55
CA ARG A 92 -0.54 12.10 1.46
C ARG A 92 0.21 11.05 0.66
N GLY A 93 1.26 10.48 1.24
CA GLY A 93 2.05 9.48 0.56
C GLY A 93 2.19 8.20 1.35
N PHE A 94 2.01 7.07 0.69
CA PHE A 94 2.11 5.77 1.35
C PHE A 94 2.99 4.83 0.54
N SER A 95 3.78 4.01 1.25
CA SER A 95 4.67 3.07 0.60
C SER A 95 4.95 1.86 1.48
N TYR A 96 4.81 0.68 0.88
CA TYR A 96 5.06 -0.56 1.60
C TYR A 96 6.33 -1.24 1.10
N ILE A 97 6.83 -2.20 1.86
CA ILE A 97 8.06 -2.90 1.48
C ILE A 97 7.85 -4.41 1.48
N CYS A 98 8.78 -5.11 0.82
CA CYS A 98 8.71 -6.57 0.74
C CYS A 98 10.05 -7.14 0.30
N ARG A 99 10.73 -7.83 1.22
CA ARG A 99 12.04 -8.41 0.94
C ARG A 99 11.92 -9.62 0.02
N ASP A 100 12.97 -10.42 -0.04
CA ASP A 100 12.99 -11.61 -0.89
C ASP A 100 11.90 -12.60 -0.49
N GLY A 101 11.90 -13.76 -1.13
CA GLY A 101 10.88 -14.75 -0.85
C GLY A 101 9.62 -14.51 -1.65
N THR A 102 9.64 -13.42 -2.42
CA THR A 102 8.49 -13.04 -3.24
C THR A 102 8.89 -11.95 -4.23
N THR A 103 10.06 -11.36 -4.01
CA THR A 103 10.55 -10.30 -4.87
C THR A 103 12.04 -10.50 -5.18
N ARG A 104 12.60 -11.58 -4.65
CA ARG A 104 14.01 -11.90 -4.86
C ARG A 104 14.93 -10.85 -4.23
N ARG A 105 14.33 -9.85 -3.59
CA ARG A 105 15.10 -8.79 -2.93
C ARG A 105 14.18 -7.85 -2.17
N TRP A 106 14.77 -6.83 -1.53
CA TRP A 106 14.00 -5.86 -0.77
C TRP A 106 13.50 -4.73 -1.67
N MET A 107 12.27 -4.88 -2.16
CA MET A 107 11.66 -3.86 -3.03
C MET A 107 10.58 -3.08 -2.29
N CYS A 108 10.66 -1.76 -2.35
CA CYS A 108 9.69 -0.89 -1.68
C CYS A 108 8.86 -0.12 -2.70
N HIS A 109 7.57 -0.46 -2.78
CA HIS A 109 6.67 0.21 -3.71
C HIS A 109 6.09 1.48 -3.08
N GLY A 110 6.23 2.60 -3.79
CA GLY A 110 5.72 3.86 -3.30
C GLY A 110 4.59 4.40 -4.13
N PHE A 111 3.72 5.21 -3.52
CA PHE A 111 2.58 5.78 -4.22
C PHE A 111 1.96 6.92 -3.41
N LEU A 112 0.96 7.57 -3.99
CA LEU A 112 0.27 8.67 -3.33
C LEU A 112 -1.25 8.58 -3.54
N ALA A 113 -1.98 9.48 -2.90
CA ALA A 113 -3.44 9.50 -3.02
C ALA A 113 -3.89 10.66 -3.91
N CYS A 114 -4.57 10.32 -5.00
CA CYS A 114 -5.07 11.33 -5.93
C CYS A 114 -6.23 12.09 -5.32
N LYS A 115 -6.77 11.57 -4.22
CA LYS A 115 -7.88 12.21 -3.53
C LYS A 115 -7.39 13.31 -2.59
N ASP A 116 -6.18 13.12 -2.06
CA ASP A 116 -5.58 14.09 -1.16
C ASP A 116 -6.47 14.36 0.05
N SER A 117 -6.24 13.62 1.13
CA SER A 117 -7.02 13.78 2.35
C SER A 117 -6.39 13.00 3.51
N GLY A 118 -5.87 11.82 3.20
CA GLY A 118 -5.24 11.00 4.21
C GLY A 118 -6.25 10.29 5.10
N GLU A 119 -7.25 9.68 4.49
CA GLU A 119 -8.29 8.97 5.24
C GLU A 119 -8.94 7.90 4.36
N ARG A 120 -9.11 8.20 3.08
CA ARG A 120 -9.71 7.26 2.15
C ARG A 120 -8.83 6.03 1.95
N LEU A 121 -7.52 6.23 2.10
CA LEU A 121 -6.57 5.13 1.93
C LEU A 121 -5.79 4.87 3.21
N SER A 122 -5.36 5.96 3.86
CA SER A 122 -4.58 5.85 5.09
C SER A 122 -5.32 5.04 6.16
N HIS A 123 -6.33 5.67 6.77
CA HIS A 123 -7.10 5.02 7.82
C HIS A 123 -7.77 3.75 7.31
N ALA A 124 -7.99 3.68 6.00
CA ALA A 124 -8.62 2.52 5.39
C ALA A 124 -7.72 1.29 5.50
N VAL A 125 -6.50 1.40 4.98
CA VAL A 125 -5.54 0.31 5.04
C VAL A 125 -5.25 -0.10 6.48
N GLY A 126 -5.26 0.88 7.38
CA GLY A 126 -4.99 0.60 8.78
C GLY A 126 -5.98 -0.36 9.38
N CYS A 127 -7.11 -0.57 8.69
CA CYS A 127 -8.14 -1.48 9.18
C CYS A 127 -8.09 -2.81 8.43
N ALA A 128 -7.33 -2.85 7.34
CA ALA A 128 -7.20 -4.06 6.53
C ALA A 128 -6.67 -5.22 7.36
N PHE A 129 -5.86 -4.89 8.38
CA PHE A 129 -5.27 -5.92 9.23
C PHE A 129 -6.28 -6.37 10.30
N ALA A 130 -7.19 -5.47 10.66
CA ALA A 130 -8.21 -5.78 11.66
C ALA A 130 -9.10 -6.93 11.21
N VAL A 131 -9.00 -7.28 9.93
CA VAL A 131 -9.79 -8.36 9.36
C VAL A 131 -8.93 -9.57 9.04
N CYS A 132 -7.68 -9.31 8.69
CA CYS A 132 -6.74 -10.37 8.37
C CYS A 132 -6.30 -11.12 9.63
N LEU A 133 -6.81 -10.67 10.77
CA LEU A 133 -6.48 -11.28 12.06
C LEU A 133 -7.21 -12.60 12.24
N GLU A 134 -8.15 -12.87 11.32
CA GLU A 134 -8.93 -14.11 11.38
C GLU A 134 -8.03 -15.34 11.28
N ARG A 135 -6.87 -15.16 10.65
CA ARG A 135 -5.91 -16.26 10.49
C ARG A 135 -5.20 -16.54 11.80
N GLY B 1 4.27 3.82 10.65
CA GLY B 1 2.81 3.90 10.35
C GLY B 1 2.00 2.97 11.24
N PHE B 2 1.19 2.13 10.62
CA PHE B 2 0.37 1.18 11.37
C PHE B 2 0.91 -0.24 11.20
N SER B 3 1.15 -0.63 9.95
CA SER B 3 1.68 -1.95 9.62
C SER B 3 0.70 -3.05 10.05
N ASN B 4 0.79 -4.19 9.37
CA ASN B 4 -0.09 -5.32 9.66
C ASN B 4 0.26 -5.96 11.00
N MET B 5 -0.72 -6.59 11.62
CA MET B 5 -0.51 -7.25 12.91
C MET B 5 -0.53 -8.77 12.75
N SER B 6 -1.13 -9.24 11.67
CA SER B 6 -1.21 -10.67 11.40
C SER B 6 -0.08 -11.11 10.46
N PHE B 7 0.98 -10.31 10.42
CA PHE B 7 2.13 -10.62 9.58
C PHE B 7 2.77 -11.93 10.00
N GLU B 8 3.36 -12.63 9.04
CA GLU B 8 4.01 -13.91 9.30
C GLU B 8 5.52 -13.75 9.32
N ASP B 9 6.00 -12.55 9.00
CA ASP B 9 7.42 -12.25 8.99
C ASP B 9 8.17 -13.23 8.09
N PHE B 10 8.19 -12.94 6.79
CA PHE B 10 8.86 -13.80 5.82
C PHE B 10 10.33 -13.98 6.18
N PRO B 11 10.90 -15.17 5.93
CA PRO B 11 12.30 -15.46 6.24
C PRO B 11 13.27 -14.49 5.57
N HIS A 1 -24.08 4.70 6.21
CA HIS A 1 -24.06 5.21 4.84
C HIS A 1 -22.66 5.20 4.27
N GLN A 2 -21.76 5.94 4.90
CA GLN A 2 -20.37 6.03 4.46
C GLN A 2 -19.55 4.87 5.03
N TRP A 3 -19.82 4.51 6.28
CA TRP A 3 -19.11 3.42 6.94
C TRP A 3 -19.52 2.08 6.38
N GLN A 4 -20.75 2.01 5.86
CA GLN A 4 -21.27 0.77 5.30
C GLN A 4 -20.62 0.47 3.95
N ALA A 5 -19.76 1.38 3.49
CA ALA A 5 -19.07 1.20 2.22
C ALA A 5 -17.56 1.35 2.39
N ASP A 6 -17.15 1.83 3.56
CA ASP A 6 -15.74 2.02 3.84
C ASP A 6 -15.18 0.84 4.63
N GLU A 7 -15.93 0.38 5.62
CA GLU A 7 -15.52 -0.74 6.46
C GLU A 7 -15.79 -2.07 5.75
N GLU A 8 -17.00 -2.19 5.19
CA GLU A 8 -17.39 -3.41 4.49
C GLU A 8 -16.54 -3.61 3.24
N ALA A 9 -15.98 -2.53 2.72
CA ALA A 9 -15.15 -2.58 1.52
C ALA A 9 -13.99 -3.57 1.70
N VAL A 10 -13.24 -3.41 2.78
CA VAL A 10 -12.12 -4.29 3.06
C VAL A 10 -12.60 -5.72 3.28
N ARG A 11 -13.70 -5.86 4.03
CA ARG A 11 -14.27 -7.17 4.30
C ARG A 11 -14.53 -7.91 2.99
N SER A 12 -14.91 -7.16 1.96
CA SER A 12 -15.17 -7.74 0.66
C SER A 12 -13.86 -8.02 -0.07
N ALA A 13 -13.39 -7.04 -0.83
CA ALA A 13 -12.14 -7.16 -1.57
C ALA A 13 -11.86 -5.92 -2.41
N THR A 14 -12.22 -4.75 -1.90
CA THR A 14 -12.01 -3.50 -2.62
C THR A 14 -12.27 -2.28 -1.75
N CYS A 15 -11.21 -1.66 -1.27
CA CYS A 15 -11.30 -0.45 -0.45
C CYS A 15 -10.40 0.64 -1.02
N SER A 16 -9.86 1.48 -0.15
CA SER A 16 -8.96 2.57 -0.57
C SER A 16 -9.60 3.44 -1.64
N PHE A 17 -8.76 4.22 -2.34
CA PHE A 17 -9.25 5.12 -3.38
C PHE A 17 -8.14 5.49 -4.36
N SER A 18 -8.40 6.47 -5.21
CA SER A 18 -7.44 6.91 -6.22
C SER A 18 -6.03 7.01 -5.65
N VAL A 19 -5.03 6.66 -6.48
CA VAL A 19 -3.64 6.68 -6.06
C VAL A 19 -2.73 7.24 -7.15
N LYS A 20 -1.42 7.11 -6.94
CA LYS A 20 -0.43 7.58 -7.90
C LYS A 20 0.84 6.74 -7.82
N TYR A 21 0.77 5.52 -8.34
CA TYR A 21 1.91 4.61 -8.33
C TYR A 21 3.10 5.22 -9.05
N LEU A 22 4.02 5.79 -8.28
CA LEU A 22 5.21 6.42 -8.83
C LEU A 22 6.09 5.39 -9.52
N GLY A 23 6.10 4.17 -8.97
CA GLY A 23 6.90 3.10 -9.55
C GLY A 23 7.40 2.13 -8.51
N CYS A 24 8.53 1.50 -8.78
CA CYS A 24 9.12 0.54 -7.87
C CYS A 24 10.63 0.76 -7.74
N VAL A 25 11.11 0.84 -6.51
CA VAL A 25 12.54 1.05 -6.25
C VAL A 25 13.11 -0.04 -5.36
N GLU A 26 14.41 -0.30 -5.50
CA GLU A 26 15.08 -1.33 -4.71
C GLU A 26 15.51 -0.76 -3.36
N VAL A 27 15.45 -1.60 -2.34
CA VAL A 27 15.83 -1.19 -0.98
C VAL A 27 16.81 -2.19 -0.37
N PHE A 28 17.11 -2.01 0.90
CA PHE A 28 18.04 -2.90 1.61
C PHE A 28 17.68 -3.00 3.09
N GLU A 29 16.47 -3.46 3.38
CA GLU A 29 16.01 -3.60 4.76
C GLU A 29 14.70 -4.37 4.82
N SER A 30 13.60 -3.70 4.49
CA SER A 30 12.28 -4.31 4.51
C SER A 30 11.92 -4.77 5.92
N ARG A 31 12.53 -4.14 6.92
CA ARG A 31 12.27 -4.49 8.31
C ARG A 31 12.11 -3.24 9.16
N GLY A 32 11.47 -2.22 8.58
CA GLY A 32 11.25 -0.97 9.30
C GLY A 32 10.13 -0.14 8.70
N MET A 33 9.61 0.79 9.48
CA MET A 33 8.53 1.65 9.03
C MET A 33 9.06 2.84 8.23
N GLN A 34 10.21 3.36 8.67
CA GLN A 34 10.82 4.51 8.01
C GLN A 34 11.39 4.12 6.65
N VAL A 35 11.41 2.82 6.36
CA VAL A 35 11.91 2.33 5.08
C VAL A 35 11.11 2.90 3.92
N CYS A 36 9.80 3.04 4.13
CA CYS A 36 8.91 3.58 3.11
C CYS A 36 9.01 5.10 3.04
N GLU A 37 9.41 5.72 4.16
CA GLU A 37 9.54 7.17 4.23
C GLU A 37 10.74 7.64 3.42
N GLU A 38 11.54 6.71 2.93
CA GLU A 38 12.71 7.04 2.13
C GLU A 38 12.53 6.59 0.68
N ALA A 39 12.12 5.34 0.50
CA ALA A 39 11.91 4.80 -0.84
C ALA A 39 10.90 5.64 -1.62
N LEU A 40 9.83 6.04 -0.94
CA LEU A 40 8.79 6.87 -1.56
C LEU A 40 9.38 8.16 -2.11
N LYS A 41 10.36 8.71 -1.38
CA LYS A 41 11.02 9.94 -1.79
C LYS A 41 11.85 9.71 -3.05
N VAL A 42 12.48 8.55 -3.14
CA VAL A 42 13.29 8.20 -4.30
C VAL A 42 12.43 8.18 -5.56
N LEU A 43 11.18 7.78 -5.40
CA LEU A 43 10.23 7.73 -6.52
C LEU A 43 9.74 9.13 -6.87
N ARG A 44 9.74 10.00 -5.88
CA ARG A 44 9.29 11.39 -6.07
C ARG A 44 10.39 12.21 -6.71
N GLN A 45 11.63 11.74 -6.58
CA GLN A 45 12.78 12.44 -7.14
C GLN A 45 13.19 11.82 -8.48
N SER A 46 12.44 10.81 -8.92
CA SER A 46 12.73 10.15 -10.18
C SER A 46 11.45 9.93 -10.99
N ARG A 47 11.61 9.48 -12.22
CA ARG A 47 10.47 9.22 -13.10
C ARG A 47 10.29 7.73 -13.34
N ARG A 48 9.78 7.04 -12.34
CA ARG A 48 9.56 5.60 -12.44
C ARG A 48 8.20 5.28 -13.06
N ARG A 49 7.81 6.11 -14.02
CA ARG A 49 6.54 5.92 -14.74
C ARG A 49 5.36 5.87 -13.78
N PRO A 50 4.79 7.04 -13.43
CA PRO A 50 3.62 7.14 -12.54
C PRO A 50 2.33 6.74 -13.25
N VAL A 51 1.71 5.66 -12.78
CA VAL A 51 0.46 5.18 -13.37
C VAL A 51 -0.74 5.91 -12.78
N ARG A 52 -1.76 6.13 -13.60
CA ARG A 52 -2.96 6.84 -13.16
C ARG A 52 -4.12 5.86 -12.94
N GLY A 53 -4.39 5.55 -11.68
CA GLY A 53 -5.48 4.64 -11.36
C GLY A 53 -5.95 4.81 -9.92
N LEU A 54 -6.20 3.69 -9.25
CA LEU A 54 -6.64 3.73 -7.87
C LEU A 54 -6.29 2.44 -7.14
N LEU A 55 -6.46 2.45 -5.82
CA LEU A 55 -6.16 1.29 -4.99
C LEU A 55 -7.43 0.69 -4.39
N HIS A 56 -7.48 -0.63 -4.36
CA HIS A 56 -8.63 -1.34 -3.79
C HIS A 56 -8.16 -2.25 -2.66
N VAL A 57 -8.07 -1.68 -1.45
CA VAL A 57 -7.61 -2.43 -0.29
C VAL A 57 -8.52 -3.61 0.00
N SER A 58 -8.15 -4.76 -0.54
CA SER A 58 -8.91 -5.99 -0.32
C SER A 58 -8.41 -6.66 0.96
N GLY A 59 -9.34 -7.24 1.72
CA GLY A 59 -8.97 -7.92 2.94
C GLY A 59 -8.33 -9.27 2.70
N ASP A 60 -7.77 -9.44 1.50
CA ASP A 60 -7.11 -10.69 1.13
C ASP A 60 -6.08 -10.45 0.03
N GLY A 61 -5.53 -9.23 0.01
CA GLY A 61 -4.54 -8.88 -1.00
C GLY A 61 -4.90 -7.61 -1.74
N LEU A 62 -4.11 -6.57 -1.53
CA LEU A 62 -4.35 -5.28 -2.17
C LEU A 62 -4.31 -5.42 -3.70
N ARG A 63 -4.91 -4.46 -4.39
CA ARG A 63 -4.96 -4.47 -5.85
C ARG A 63 -5.11 -3.07 -6.41
N VAL A 64 -4.11 -2.61 -7.15
CA VAL A 64 -4.14 -1.27 -7.75
C VAL A 64 -4.50 -1.35 -9.23
N VAL A 65 -5.74 -0.95 -9.55
CA VAL A 65 -6.21 -0.96 -10.93
C VAL A 65 -6.18 0.44 -11.52
N ASP A 66 -5.57 0.57 -12.70
CA ASP A 66 -5.49 1.85 -13.39
C ASP A 66 -6.88 2.35 -13.78
N ASP A 67 -6.94 3.55 -14.33
CA ASP A 67 -8.20 4.14 -14.75
C ASP A 67 -8.25 4.30 -16.27
N GLU A 68 -7.14 3.99 -16.92
CA GLU A 68 -7.05 4.07 -18.38
C GLU A 68 -6.80 2.69 -18.98
N THR A 69 -5.88 1.96 -18.37
CA THR A 69 -5.55 0.62 -18.83
C THR A 69 -6.38 -0.42 -18.09
N LYS A 70 -6.84 -0.05 -16.89
CA LYS A 70 -7.65 -0.94 -16.08
C LYS A 70 -6.93 -2.27 -15.86
N GLY A 71 -5.60 -2.21 -15.80
CA GLY A 71 -4.81 -3.41 -15.61
C GLY A 71 -4.31 -3.55 -14.18
N LEU A 72 -3.55 -4.61 -13.93
CA LEU A 72 -3.00 -4.86 -12.61
C LEU A 72 -1.66 -4.14 -12.43
N ILE A 73 -1.48 -3.51 -11.28
CA ILE A 73 -0.26 -2.78 -10.99
C ILE A 73 0.48 -3.39 -9.80
N VAL A 74 -0.23 -3.57 -8.70
CA VAL A 74 0.35 -4.15 -7.49
C VAL A 74 -0.34 -5.46 -7.14
N ASP A 75 0.32 -6.58 -7.43
CA ASP A 75 -0.23 -7.90 -7.14
C ASP A 75 0.29 -8.43 -5.81
N GLN A 76 0.53 -7.52 -4.87
CA GLN A 76 1.04 -7.89 -3.56
C GLN A 76 -0.08 -8.46 -2.69
N THR A 77 0.23 -8.71 -1.42
CA THR A 77 -0.73 -9.26 -0.49
C THR A 77 -0.45 -8.78 0.94
N ILE A 78 -1.51 -8.64 1.73
CA ILE A 78 -1.37 -8.20 3.12
C ILE A 78 -0.56 -9.21 3.92
N GLU A 79 -0.80 -10.50 3.66
CA GLU A 79 -0.10 -11.56 4.35
C GLU A 79 1.24 -11.85 3.66
N LYS A 80 1.65 -10.95 2.79
CA LYS A 80 2.91 -11.09 2.07
C LYS A 80 3.89 -10.00 2.45
N VAL A 81 3.42 -8.75 2.44
CA VAL A 81 4.27 -7.62 2.78
C VAL A 81 4.62 -7.62 4.26
N SER A 82 5.83 -7.16 4.59
CA SER A 82 6.28 -7.10 5.98
C SER A 82 5.25 -6.34 6.82
N PHE A 83 5.07 -5.06 6.51
CA PHE A 83 4.11 -4.23 7.22
C PHE A 83 3.94 -2.88 6.51
N CYS A 84 2.72 -2.34 6.56
CA CYS A 84 2.42 -1.07 5.92
C CYS A 84 3.10 0.09 6.65
N ALA A 85 3.15 1.24 6.00
CA ALA A 85 3.77 2.43 6.58
C ALA A 85 3.43 3.69 5.79
N PRO A 86 2.46 4.48 6.28
CA PRO A 86 2.03 5.71 5.61
C PRO A 86 3.02 6.86 5.79
N ASP A 87 4.30 6.52 5.92
CA ASP A 87 5.34 7.52 6.11
C ASP A 87 5.12 8.32 7.39
N ARG A 88 4.45 9.47 7.27
CA ARG A 88 4.19 10.32 8.42
C ARG A 88 2.72 10.74 8.45
N ASN A 89 1.97 10.36 7.42
CA ASN A 89 0.56 10.70 7.33
C ASN A 89 0.36 12.22 7.39
N HIS A 90 1.19 12.95 6.66
CA HIS A 90 1.12 14.41 6.63
C HIS A 90 1.34 14.93 5.21
N GLU A 91 2.02 14.14 4.40
CA GLU A 91 2.30 14.52 3.02
C GLU A 91 1.43 13.73 2.05
N ARG A 92 0.44 13.03 2.58
CA ARG A 92 -0.48 12.24 1.77
C ARG A 92 0.28 11.20 0.94
N GLY A 93 1.43 10.78 1.45
CA GLY A 93 2.23 9.79 0.74
C GLY A 93 2.32 8.47 1.50
N PHE A 94 2.05 7.38 0.79
CA PHE A 94 2.08 6.05 1.41
C PHE A 94 2.93 5.09 0.59
N SER A 95 3.52 4.10 1.25
CA SER A 95 4.36 3.12 0.59
C SER A 95 4.53 1.87 1.45
N TYR A 96 4.67 0.72 0.80
CA TYR A 96 4.84 -0.55 1.51
C TYR A 96 6.10 -1.27 1.05
N ILE A 97 6.57 -2.22 1.85
CA ILE A 97 7.77 -2.97 1.53
C ILE A 97 7.49 -4.47 1.40
N CYS A 98 8.28 -5.14 0.58
CA CYS A 98 8.14 -6.57 0.38
C CYS A 98 9.49 -7.19 0.02
N ARG A 99 9.70 -8.44 0.43
CA ARG A 99 10.96 -9.13 0.17
C ARG A 99 10.83 -10.07 -1.03
N ASP A 100 11.73 -11.06 -1.10
CA ASP A 100 11.74 -12.02 -2.19
C ASP A 100 10.40 -12.75 -2.31
N GLY A 101 10.35 -13.69 -3.25
CA GLY A 101 9.12 -14.43 -3.50
C GLY A 101 8.51 -14.01 -4.82
N THR A 102 9.04 -12.92 -5.38
CA THR A 102 8.58 -12.39 -6.65
C THR A 102 9.61 -11.42 -7.21
N THR A 103 10.42 -10.86 -6.31
CA THR A 103 11.45 -9.91 -6.68
C THR A 103 12.85 -10.51 -6.44
N ARG A 104 12.88 -11.62 -5.71
CA ARG A 104 14.14 -12.31 -5.40
C ARG A 104 15.03 -11.45 -4.52
N ARG A 105 14.44 -10.43 -3.89
CA ARG A 105 15.18 -9.54 -2.99
C ARG A 105 14.24 -8.58 -2.28
N TRP A 106 14.82 -7.59 -1.60
CA TRP A 106 14.03 -6.61 -0.85
C TRP A 106 13.73 -5.39 -1.71
N MET A 107 12.46 -5.20 -2.04
CA MET A 107 12.02 -4.06 -2.83
C MET A 107 10.94 -3.27 -2.08
N CYS A 108 10.55 -2.13 -2.64
CA CYS A 108 9.54 -1.29 -2.00
C CYS A 108 8.82 -0.42 -3.03
N HIS A 109 7.49 -0.45 -2.99
CA HIS A 109 6.69 0.35 -3.91
C HIS A 109 6.18 1.61 -3.21
N GLY A 110 5.89 2.64 -4.00
CA GLY A 110 5.42 3.89 -3.44
C GLY A 110 4.27 4.49 -4.24
N PHE A 111 3.47 5.31 -3.58
CA PHE A 111 2.32 5.96 -4.22
C PHE A 111 1.78 7.09 -3.35
N LEU A 112 0.78 7.80 -3.87
CA LEU A 112 0.17 8.89 -3.14
C LEU A 112 -1.31 9.00 -3.47
N ALA A 113 -2.10 9.51 -2.52
CA ALA A 113 -3.53 9.67 -2.72
C ALA A 113 -3.83 10.77 -3.74
N CYS A 114 -4.38 10.38 -4.88
CA CYS A 114 -4.69 11.33 -5.95
C CYS A 114 -5.64 12.41 -5.45
N LYS A 115 -6.63 12.02 -4.65
CA LYS A 115 -7.59 12.97 -4.11
C LYS A 115 -6.95 13.80 -3.01
N ASP A 116 -5.87 13.27 -2.43
CA ASP A 116 -5.14 13.96 -1.36
C ASP A 116 -6.03 14.16 -0.14
N SER A 117 -5.80 13.35 0.88
CA SER A 117 -6.58 13.42 2.12
C SER A 117 -5.90 12.69 3.26
N GLY A 118 -5.37 11.50 2.97
CA GLY A 118 -4.70 10.71 3.98
C GLY A 118 -5.67 10.05 4.93
N GLU A 119 -6.93 9.96 4.51
CA GLU A 119 -7.97 9.34 5.32
C GLU A 119 -8.77 8.32 4.52
N ARG A 120 -8.81 8.52 3.20
CA ARG A 120 -9.53 7.63 2.30
C ARG A 120 -8.71 6.37 2.00
N LEU A 121 -7.42 6.45 2.25
CA LEU A 121 -6.52 5.33 1.99
C LEU A 121 -5.83 4.86 3.27
N SER A 122 -5.32 5.81 4.03
CA SER A 122 -4.61 5.49 5.27
C SER A 122 -5.53 4.80 6.27
N HIS A 123 -6.64 5.45 6.62
CA HIS A 123 -7.58 4.90 7.58
C HIS A 123 -8.29 3.66 7.04
N ALA A 124 -8.05 3.35 5.77
CA ALA A 124 -8.70 2.20 5.13
C ALA A 124 -7.79 0.97 5.16
N VAL A 125 -6.54 1.15 4.75
CA VAL A 125 -5.58 0.06 4.72
C VAL A 125 -5.18 -0.38 6.12
N GLY A 126 -5.35 0.53 7.08
CA GLY A 126 -5.01 0.21 8.46
C GLY A 126 -6.05 -0.65 9.14
N CYS A 127 -7.09 -1.01 8.38
CA CYS A 127 -8.17 -1.84 8.91
C CYS A 127 -8.27 -3.14 8.13
N ALA A 128 -7.35 -3.35 7.19
CA ALA A 128 -7.34 -4.55 6.37
C ALA A 128 -6.77 -5.73 7.14
N PHE A 129 -5.58 -5.55 7.72
CA PHE A 129 -4.93 -6.61 8.48
C PHE A 129 -5.76 -6.98 9.70
N ALA A 130 -6.55 -6.03 10.19
CA ALA A 130 -7.40 -6.24 11.35
C ALA A 130 -8.44 -7.33 11.06
N VAL A 131 -8.72 -7.53 9.77
CA VAL A 131 -9.68 -8.55 9.35
C VAL A 131 -8.96 -9.82 8.91
N CYS A 132 -7.66 -9.88 9.19
CA CYS A 132 -6.85 -11.04 8.82
C CYS A 132 -6.32 -11.76 10.06
N LEU A 133 -6.42 -11.10 11.22
CA LEU A 133 -5.96 -11.69 12.47
C LEU A 133 -7.11 -11.83 13.47
N GLU A 134 -8.30 -11.42 13.06
CA GLU A 134 -9.47 -11.49 13.92
C GLU A 134 -10.38 -12.65 13.52
N ARG A 135 -10.67 -12.76 12.23
CA ARG A 135 -11.53 -13.82 11.71
C ARG A 135 -10.70 -15.02 11.27
N GLY B 1 3.33 6.81 10.87
CA GLY B 1 2.15 5.98 10.49
C GLY B 1 2.05 4.73 11.34
N PHE B 2 1.47 3.67 10.76
CA PHE B 2 1.30 2.41 11.45
C PHE B 2 1.96 1.27 10.67
N SER B 3 1.49 0.04 10.92
CA SER B 3 2.02 -1.14 10.24
C SER B 3 1.12 -2.34 10.46
N ASN B 4 1.10 -3.24 9.48
CA ASN B 4 0.27 -4.45 9.57
C ASN B 4 0.68 -5.29 10.78
N MET B 5 -0.29 -5.96 11.39
CA MET B 5 -0.03 -6.80 12.55
C MET B 5 -0.32 -8.27 12.26
N SER B 6 -1.05 -8.51 11.17
CA SER B 6 -1.41 -9.87 10.78
C SER B 6 -0.30 -10.52 9.97
N PHE B 7 0.92 -10.00 10.10
CA PHE B 7 2.06 -10.54 9.39
C PHE B 7 2.37 -11.97 9.83
N GLU B 8 2.91 -12.77 8.90
CA GLU B 8 3.24 -14.15 9.20
C GLU B 8 4.68 -14.27 9.71
N ASP B 9 5.27 -13.12 10.03
CA ASP B 9 6.65 -13.07 10.53
C ASP B 9 7.59 -13.74 9.53
N PHE B 10 8.04 -12.97 8.55
CA PHE B 10 8.94 -13.48 7.52
C PHE B 10 10.41 -13.24 7.90
N PRO B 11 10.79 -11.99 8.25
CA PRO B 11 12.17 -11.67 8.61
C PRO B 11 12.61 -12.40 9.88
N HIS A 1 -20.16 7.89 10.23
CA HIS A 1 -21.03 8.07 9.06
C HIS A 1 -20.33 7.57 7.80
N GLN A 2 -19.08 7.95 7.63
CA GLN A 2 -18.30 7.54 6.47
C GLN A 2 -17.58 6.22 6.76
N TRP A 3 -17.17 6.03 8.00
CA TRP A 3 -16.48 4.80 8.40
C TRP A 3 -17.42 3.61 8.28
N GLN A 4 -18.70 3.85 8.48
CA GLN A 4 -19.68 2.79 8.39
C GLN A 4 -19.79 2.26 6.97
N ALA A 5 -19.30 3.06 6.02
CA ALA A 5 -19.34 2.69 4.61
C ALA A 5 -17.99 2.11 4.17
N ASP A 6 -16.96 2.34 4.98
CA ASP A 6 -15.62 1.84 4.68
C ASP A 6 -15.34 0.56 5.45
N GLU A 7 -16.13 0.30 6.49
CA GLU A 7 -15.98 -0.89 7.30
C GLU A 7 -16.22 -2.14 6.46
N GLU A 8 -17.21 -2.05 5.57
CA GLU A 8 -17.54 -3.17 4.69
C GLU A 8 -16.79 -3.05 3.37
N ALA A 9 -16.11 -1.92 3.19
CA ALA A 9 -15.34 -1.67 1.98
C ALA A 9 -14.17 -2.64 1.87
N VAL A 10 -13.41 -2.77 2.95
CA VAL A 10 -12.28 -3.68 2.99
C VAL A 10 -12.75 -5.11 2.78
N ARG A 11 -13.92 -5.41 3.32
CA ARG A 11 -14.52 -6.74 3.17
C ARG A 11 -14.89 -6.99 1.71
N SER A 12 -15.30 -5.92 1.03
CA SER A 12 -15.69 -6.01 -0.37
C SER A 12 -14.46 -5.99 -1.27
N ALA A 13 -13.28 -6.01 -0.65
CA ALA A 13 -12.02 -5.99 -1.37
C ALA A 13 -11.81 -4.68 -2.11
N THR A 14 -12.13 -3.58 -1.44
CA THR A 14 -11.96 -2.25 -2.03
C THR A 14 -12.34 -1.15 -1.04
N CYS A 15 -11.37 -0.75 -0.22
CA CYS A 15 -11.59 0.29 0.78
C CYS A 15 -10.74 1.53 0.50
N SER A 16 -10.01 1.52 -0.61
CA SER A 16 -9.16 2.65 -0.97
C SER A 16 -9.79 3.49 -2.08
N PHE A 17 -8.99 4.39 -2.66
CA PHE A 17 -9.49 5.29 -3.70
C PHE A 17 -8.36 5.71 -4.63
N SER A 18 -8.65 6.67 -5.52
CA SER A 18 -7.68 7.17 -6.50
C SER A 18 -6.28 7.27 -5.90
N VAL A 19 -5.27 6.93 -6.71
CA VAL A 19 -3.88 6.97 -6.27
C VAL A 19 -2.94 7.29 -7.42
N LYS A 20 -1.65 7.06 -7.21
CA LYS A 20 -0.63 7.30 -8.23
C LYS A 20 0.56 6.38 -8.02
N TYR A 21 0.36 5.10 -8.30
CA TYR A 21 1.43 4.10 -8.16
C TYR A 21 2.59 4.43 -9.09
N LEU A 22 3.77 4.65 -8.50
CA LEU A 22 4.95 4.99 -9.27
C LEU A 22 5.57 3.74 -9.90
N GLY A 23 6.25 2.94 -9.09
CA GLY A 23 6.88 1.74 -9.59
C GLY A 23 7.45 0.88 -8.48
N CYS A 24 8.77 0.69 -8.49
CA CYS A 24 9.44 -0.12 -7.48
C CYS A 24 10.92 0.24 -7.41
N VAL A 25 11.40 0.53 -6.20
CA VAL A 25 12.80 0.88 -6.01
C VAL A 25 13.47 -0.04 -5.00
N GLU A 26 14.81 -0.12 -5.07
CA GLU A 26 15.57 -0.96 -4.16
C GLU A 26 15.74 -0.28 -2.81
N VAL A 27 15.88 -1.07 -1.77
CA VAL A 27 16.05 -0.54 -0.42
C VAL A 27 17.06 -1.35 0.39
N PHE A 28 17.73 -0.67 1.31
CA PHE A 28 18.71 -1.33 2.17
C PHE A 28 18.29 -1.23 3.63
N GLU A 29 17.11 -1.77 3.94
CA GLU A 29 16.58 -1.73 5.29
C GLU A 29 15.61 -2.88 5.52
N SER A 30 14.46 -2.82 4.84
CA SER A 30 13.45 -3.86 4.95
C SER A 30 13.01 -4.05 6.41
N ARG A 31 13.36 -3.09 7.26
CA ARG A 31 13.02 -3.15 8.67
C ARG A 31 12.62 -1.78 9.20
N GLY A 32 11.37 -1.65 9.63
CA GLY A 32 10.89 -0.38 10.15
C GLY A 32 9.69 0.15 9.39
N MET A 33 9.30 1.39 9.70
CA MET A 33 8.16 2.01 9.05
C MET A 33 8.59 3.22 8.22
N GLN A 34 9.71 3.82 8.62
CA GLN A 34 10.23 5.00 7.92
C GLN A 34 10.75 4.63 6.54
N VAL A 35 10.89 3.33 6.28
CA VAL A 35 11.37 2.87 4.98
C VAL A 35 10.48 3.34 3.85
N CYS A 36 9.20 3.55 4.17
CA CYS A 36 8.23 4.00 3.18
C CYS A 36 8.35 5.50 2.92
N GLU A 37 8.59 6.26 3.98
CA GLU A 37 8.71 7.71 3.87
C GLU A 37 9.97 8.09 3.08
N GLU A 38 10.87 7.14 2.91
CA GLU A 38 12.11 7.39 2.17
C GLU A 38 12.04 6.79 0.77
N ALA A 39 11.62 5.53 0.70
CA ALA A 39 11.51 4.84 -0.58
C ALA A 39 10.54 5.55 -1.52
N LEU A 40 9.49 6.14 -0.95
CA LEU A 40 8.50 6.85 -1.74
C LEU A 40 9.15 7.97 -2.55
N LYS A 41 10.04 8.72 -1.90
CA LYS A 41 10.74 9.82 -2.56
C LYS A 41 11.73 9.27 -3.60
N VAL A 42 12.31 8.12 -3.30
CA VAL A 42 13.25 7.49 -4.22
C VAL A 42 12.54 7.14 -5.53
N LEU A 43 11.25 6.85 -5.43
CA LEU A 43 10.46 6.51 -6.60
C LEU A 43 10.03 7.76 -7.35
N ARG A 44 9.86 8.85 -6.62
CA ARG A 44 9.47 10.12 -7.22
C ARG A 44 10.68 10.81 -7.84
N GLN A 45 11.86 10.43 -7.38
CA GLN A 45 13.10 11.01 -7.88
C GLN A 45 13.68 10.15 -9.00
N SER A 46 13.25 8.88 -9.07
CA SER A 46 13.73 7.96 -10.08
C SER A 46 12.73 7.83 -11.22
N ARG A 47 11.73 8.72 -11.22
CA ARG A 47 10.70 8.74 -12.26
C ARG A 47 10.38 7.35 -12.80
N ARG A 48 9.60 6.59 -12.04
CA ARG A 48 9.22 5.25 -12.45
C ARG A 48 7.87 5.26 -13.16
N ARG A 49 7.50 6.41 -13.68
CA ARG A 49 6.25 6.59 -14.41
C ARG A 49 5.04 6.17 -13.57
N PRO A 50 4.27 7.16 -13.07
CA PRO A 50 3.07 6.89 -12.26
C PRO A 50 1.89 6.46 -13.14
N VAL A 51 1.02 5.62 -12.59
CA VAL A 51 -0.14 5.12 -13.32
C VAL A 51 -1.42 5.83 -12.86
N ARG A 52 -2.25 6.21 -13.83
CA ARG A 52 -3.50 6.90 -13.53
C ARG A 52 -4.60 5.91 -13.17
N GLY A 53 -4.61 5.47 -11.91
CA GLY A 53 -5.62 4.53 -11.46
C GLY A 53 -5.92 4.69 -9.98
N LEU A 54 -6.82 3.86 -9.47
CA LEU A 54 -7.19 3.92 -8.05
C LEU A 54 -6.84 2.61 -7.34
N LEU A 55 -6.71 2.69 -6.02
CA LEU A 55 -6.35 1.54 -5.20
C LEU A 55 -7.59 0.88 -4.61
N HIS A 56 -7.53 -0.43 -4.46
CA HIS A 56 -8.63 -1.20 -3.91
C HIS A 56 -8.18 -2.01 -2.70
N VAL A 57 -8.02 -1.35 -1.55
CA VAL A 57 -7.60 -2.02 -0.33
C VAL A 57 -8.51 -3.21 -0.04
N SER A 58 -7.99 -4.40 -0.30
CA SER A 58 -8.74 -5.63 -0.08
C SER A 58 -8.15 -6.41 1.08
N GLY A 59 -8.99 -6.74 2.06
CA GLY A 59 -8.52 -7.48 3.22
C GLY A 59 -7.83 -8.78 2.85
N ASP A 60 -8.01 -9.20 1.60
CA ASP A 60 -7.39 -10.43 1.12
C ASP A 60 -6.25 -10.12 0.15
N GLY A 61 -5.59 -8.99 0.36
CA GLY A 61 -4.48 -8.59 -0.50
C GLY A 61 -4.78 -7.34 -1.29
N LEU A 62 -3.90 -6.36 -1.17
CA LEU A 62 -4.06 -5.09 -1.88
C LEU A 62 -4.04 -5.29 -3.39
N ARG A 63 -4.50 -4.29 -4.12
CA ARG A 63 -4.54 -4.36 -5.58
C ARG A 63 -4.88 -3.00 -6.18
N VAL A 64 -4.12 -2.59 -7.19
CA VAL A 64 -4.35 -1.31 -7.84
C VAL A 64 -4.91 -1.48 -9.25
N VAL A 65 -6.04 -0.84 -9.51
CA VAL A 65 -6.67 -0.90 -10.83
C VAL A 65 -6.64 0.46 -11.50
N ASP A 66 -6.23 0.49 -12.77
CA ASP A 66 -6.16 1.74 -13.52
C ASP A 66 -7.54 2.37 -13.66
N ASP A 67 -7.62 3.45 -14.44
CA ASP A 67 -8.87 4.15 -14.66
C ASP A 67 -9.14 4.29 -16.16
N GLU A 68 -8.12 4.08 -16.97
CA GLU A 68 -8.25 4.18 -18.41
C GLU A 68 -8.25 2.79 -19.05
N THR A 69 -7.70 1.83 -18.32
CA THR A 69 -7.66 0.45 -18.79
C THR A 69 -8.10 -0.50 -17.69
N LYS A 70 -8.07 0.00 -16.46
CA LYS A 70 -8.48 -0.78 -15.31
C LYS A 70 -7.64 -2.06 -15.20
N GLY A 71 -6.38 -1.96 -15.59
CA GLY A 71 -5.49 -3.11 -15.53
C GLY A 71 -4.87 -3.29 -14.17
N LEU A 72 -4.66 -4.53 -13.78
CA LEU A 72 -4.06 -4.84 -12.48
C LEU A 72 -2.56 -4.56 -12.49
N ILE A 73 -2.09 -3.80 -11.51
CA ILE A 73 -0.67 -3.45 -11.41
C ILE A 73 -0.03 -4.14 -10.22
N VAL A 74 -0.65 -4.01 -9.05
CA VAL A 74 -0.13 -4.62 -7.83
C VAL A 74 -0.93 -5.87 -7.46
N ASP A 75 -0.28 -7.02 -7.51
CA ASP A 75 -0.92 -8.28 -7.15
C ASP A 75 -0.26 -8.91 -5.94
N GLN A 76 -0.23 -8.17 -4.83
CA GLN A 76 0.38 -8.65 -3.60
C GLN A 76 -0.66 -8.85 -2.51
N THR A 77 -0.19 -9.21 -1.32
CA THR A 77 -1.08 -9.44 -0.17
C THR A 77 -0.71 -8.52 0.98
N ILE A 78 -1.57 -8.46 1.99
CA ILE A 78 -1.33 -7.62 3.16
C ILE A 78 -0.44 -8.34 4.17
N GLU A 79 -0.59 -9.66 4.25
CA GLU A 79 0.20 -10.47 5.16
C GLU A 79 1.55 -10.80 4.55
N LYS A 80 1.67 -10.57 3.24
CA LYS A 80 2.92 -10.84 2.53
C LYS A 80 3.86 -9.66 2.61
N VAL A 81 3.31 -8.45 2.44
CA VAL A 81 4.12 -7.24 2.49
C VAL A 81 4.77 -7.08 3.86
N SER A 82 6.08 -6.91 3.86
CA SER A 82 6.84 -6.75 5.10
C SER A 82 6.25 -5.61 5.94
N PHE A 83 5.81 -4.54 5.27
CA PHE A 83 5.25 -3.39 5.96
C PHE A 83 4.24 -2.66 5.09
N CYS A 84 3.48 -1.77 5.72
CA CYS A 84 2.50 -0.95 5.02
C CYS A 84 2.37 0.40 5.71
N ALA A 85 3.47 1.15 5.71
CA ALA A 85 3.53 2.45 6.36
C ALA A 85 3.12 3.58 5.42
N PRO A 86 2.30 4.53 5.92
CA PRO A 86 1.87 5.69 5.14
C PRO A 86 2.95 6.77 5.10
N ASP A 87 2.90 7.70 6.06
CA ASP A 87 3.89 8.77 6.14
C ASP A 87 4.34 8.97 7.59
N ARG A 88 5.02 10.08 7.85
CA ARG A 88 5.50 10.39 9.19
C ARG A 88 4.85 11.66 9.72
N ASN A 89 3.85 12.16 9.00
CA ASN A 89 3.14 13.37 9.40
C ASN A 89 1.87 13.55 8.58
N HIS A 90 2.05 13.79 7.28
CA HIS A 90 0.92 14.00 6.38
C HIS A 90 1.42 14.31 4.97
N GLU A 91 2.48 13.63 4.55
CA GLU A 91 3.05 13.84 3.23
C GLU A 91 2.10 13.35 2.14
N ARG A 92 0.95 12.84 2.55
CA ARG A 92 -0.05 12.33 1.62
C ARG A 92 0.54 11.22 0.75
N GLY A 93 1.61 10.61 1.23
CA GLY A 93 2.25 9.54 0.48
C GLY A 93 2.43 8.29 1.31
N PHE A 94 1.89 7.17 0.82
CA PHE A 94 2.00 5.89 1.52
C PHE A 94 2.82 4.90 0.69
N SER A 95 3.30 3.85 1.34
CA SER A 95 4.10 2.85 0.66
C SER A 95 4.12 1.52 1.42
N TYR A 96 4.86 0.56 0.90
CA TYR A 96 4.97 -0.76 1.52
C TYR A 96 6.27 -1.42 1.08
N ILE A 97 6.75 -2.39 1.86
CA ILE A 97 8.00 -3.06 1.56
C ILE A 97 7.84 -4.57 1.45
N CYS A 98 8.85 -5.22 0.89
CA CYS A 98 8.86 -6.67 0.71
C CYS A 98 10.25 -7.17 0.37
N ARG A 99 10.68 -8.26 1.01
CA ARG A 99 12.00 -8.81 0.78
C ARG A 99 11.97 -9.88 -0.31
N ASP A 100 13.00 -10.72 -0.32
CA ASP A 100 13.11 -11.79 -1.32
C ASP A 100 11.93 -12.75 -1.24
N GLY A 101 11.97 -13.81 -2.04
CA GLY A 101 10.88 -14.76 -2.08
C GLY A 101 9.93 -14.45 -3.22
N THR A 102 10.16 -13.30 -3.85
CA THR A 102 9.34 -12.86 -4.97
C THR A 102 10.01 -11.68 -5.66
N THR A 103 11.03 -11.12 -5.01
CA THR A 103 11.78 -9.99 -5.55
C THR A 103 13.27 -10.28 -5.57
N ARG A 104 13.65 -11.40 -4.94
CA ARG A 104 15.05 -11.82 -4.88
C ARG A 104 15.90 -10.83 -4.09
N ARG A 105 15.24 -9.88 -3.42
CA ARG A 105 15.94 -8.87 -2.62
C ARG A 105 14.96 -7.96 -1.89
N TRP A 106 15.50 -6.94 -1.24
CA TRP A 106 14.67 -5.98 -0.51
C TRP A 106 14.25 -4.84 -1.43
N MET A 107 12.97 -4.82 -1.78
CA MET A 107 12.42 -3.78 -2.64
C MET A 107 11.19 -3.15 -2.02
N CYS A 108 11.14 -1.82 -2.04
CA CYS A 108 10.01 -1.09 -1.48
C CYS A 108 9.23 -0.36 -2.57
N HIS A 109 7.91 -0.50 -2.54
CA HIS A 109 7.06 0.14 -3.52
C HIS A 109 6.45 1.43 -2.95
N GLY A 110 6.03 2.32 -3.84
CA GLY A 110 5.46 3.58 -3.40
C GLY A 110 4.26 4.01 -4.22
N PHE A 111 3.34 4.73 -3.58
CA PHE A 111 2.14 5.22 -4.24
C PHE A 111 1.56 6.43 -3.51
N LEU A 112 1.16 7.43 -4.28
CA LEU A 112 0.60 8.65 -3.69
C LEU A 112 -0.93 8.63 -3.75
N ALA A 113 -1.55 9.44 -2.91
CA ALA A 113 -3.02 9.52 -2.86
C ALA A 113 -3.53 10.68 -3.71
N CYS A 114 -4.32 10.35 -4.73
CA CYS A 114 -4.88 11.36 -5.62
C CYS A 114 -5.98 12.15 -4.92
N LYS A 115 -6.34 11.71 -3.71
CA LYS A 115 -7.38 12.37 -2.93
C LYS A 115 -6.79 13.46 -2.06
N ASP A 116 -5.51 13.30 -1.70
CA ASP A 116 -4.82 14.27 -0.86
C ASP A 116 -5.59 14.53 0.43
N SER A 117 -5.51 13.59 1.36
CA SER A 117 -6.20 13.71 2.64
C SER A 117 -5.67 12.68 3.64
N GLY A 118 -5.27 11.52 3.13
CA GLY A 118 -4.75 10.48 3.99
C GLY A 118 -5.79 9.96 4.97
N GLU A 119 -7.04 9.87 4.52
CA GLU A 119 -8.13 9.40 5.36
C GLU A 119 -8.98 8.36 4.63
N ARG A 120 -9.08 8.52 3.31
CA ARG A 120 -9.87 7.60 2.49
C ARG A 120 -9.02 6.40 2.05
N LEU A 121 -7.74 6.45 2.37
CA LEU A 121 -6.81 5.40 1.99
C LEU A 121 -6.02 4.89 3.20
N SER A 122 -5.30 5.81 3.84
CA SER A 122 -4.48 5.47 4.99
C SER A 122 -5.31 4.80 6.09
N HIS A 123 -6.28 5.53 6.61
CA HIS A 123 -7.14 5.01 7.66
C HIS A 123 -7.86 3.74 7.22
N ALA A 124 -7.94 3.52 5.92
CA ALA A 124 -8.59 2.34 5.37
C ALA A 124 -7.71 1.11 5.53
N VAL A 125 -6.43 1.25 5.19
CA VAL A 125 -5.48 0.15 5.30
C VAL A 125 -5.26 -0.24 6.75
N GLY A 126 -5.41 0.73 7.65
CA GLY A 126 -5.22 0.46 9.07
C GLY A 126 -6.19 -0.58 9.58
N CYS A 127 -7.27 -0.82 8.83
CA CYS A 127 -8.27 -1.81 9.20
C CYS A 127 -8.22 -3.01 8.27
N ALA A 128 -7.44 -2.89 7.20
CA ALA A 128 -7.31 -3.95 6.23
C ALA A 128 -6.72 -5.21 6.86
N PHE A 129 -5.74 -5.02 7.74
CA PHE A 129 -5.09 -6.15 8.40
C PHE A 129 -6.04 -6.79 9.42
N ALA A 130 -6.94 -5.98 9.97
CA ALA A 130 -7.90 -6.47 10.95
C ALA A 130 -8.76 -7.59 10.37
N VAL A 131 -8.84 -7.63 9.04
CA VAL A 131 -9.61 -8.67 8.36
C VAL A 131 -8.69 -9.74 7.80
N CYS A 132 -7.42 -9.39 7.62
CA CYS A 132 -6.43 -10.33 7.13
C CYS A 132 -6.23 -11.47 8.12
N LEU A 133 -6.45 -11.17 9.40
CA LEU A 133 -6.32 -12.17 10.45
C LEU A 133 -7.69 -12.67 10.89
N GLU A 134 -8.54 -13.00 9.92
CA GLU A 134 -9.88 -13.49 10.21
C GLU A 134 -9.84 -14.75 11.06
N ARG A 135 -8.82 -15.58 10.84
CA ARG A 135 -8.66 -16.81 11.59
C ARG A 135 -8.23 -16.52 13.03
N GLY B 1 1.40 6.31 11.58
CA GLY B 1 1.88 5.13 10.82
C GLY B 1 1.39 3.82 11.41
N PHE B 2 1.33 2.79 10.58
CA PHE B 2 0.88 1.47 11.01
C PHE B 2 1.37 0.38 10.07
N SER B 3 1.12 -0.87 10.43
CA SER B 3 1.54 -2.00 9.61
C SER B 3 0.69 -3.23 9.89
N ASN B 4 0.79 -4.23 9.01
CA ASN B 4 0.03 -5.47 9.15
C ASN B 4 0.55 -6.29 10.33
N MET B 5 -0.37 -6.67 11.22
CA MET B 5 -0.01 -7.47 12.39
C MET B 5 -0.22 -8.95 12.14
N SER B 6 -1.03 -9.26 11.13
CA SER B 6 -1.32 -10.65 10.77
C SER B 6 -0.14 -11.28 10.04
N PHE B 7 0.97 -10.56 9.98
CA PHE B 7 2.16 -11.06 9.30
C PHE B 7 2.61 -12.38 9.90
N GLU B 8 3.18 -13.24 9.05
CA GLU B 8 3.65 -14.55 9.50
C GLU B 8 5.17 -14.51 9.72
N ASP B 9 5.74 -13.32 9.71
CA ASP B 9 7.17 -13.14 9.91
C ASP B 9 7.96 -13.99 8.90
N PHE B 10 7.95 -13.55 7.65
CA PHE B 10 8.67 -14.27 6.60
C PHE B 10 10.18 -14.22 6.83
N PRO B 11 10.88 -15.34 6.56
CA PRO B 11 12.34 -15.43 6.75
C PRO B 11 13.09 -14.44 5.86
N HIS A 1 -22.05 8.86 4.64
CA HIS A 1 -22.39 8.82 3.22
C HIS A 1 -21.34 8.05 2.41
N GLN A 2 -20.08 8.20 2.83
CA GLN A 2 -18.98 7.52 2.14
C GLN A 2 -18.31 6.50 3.05
N TRP A 3 -18.11 6.88 4.31
CA TRP A 3 -17.48 6.01 5.29
C TRP A 3 -18.30 4.75 5.50
N GLN A 4 -19.60 4.86 5.29
CA GLN A 4 -20.49 3.73 5.48
C GLN A 4 -20.26 2.67 4.40
N ALA A 5 -19.71 3.10 3.27
CA ALA A 5 -19.43 2.20 2.16
C ALA A 5 -17.95 1.83 2.12
N ASP A 6 -17.13 2.61 2.80
CA ASP A 6 -15.69 2.37 2.84
C ASP A 6 -15.34 1.41 3.96
N GLU A 7 -16.14 1.42 5.02
CA GLU A 7 -15.92 0.54 6.17
C GLU A 7 -16.21 -0.92 5.79
N GLU A 8 -17.24 -1.12 4.98
CA GLU A 8 -17.60 -2.45 4.52
C GLU A 8 -16.78 -2.86 3.30
N ALA A 9 -16.07 -1.89 2.73
CA ALA A 9 -15.24 -2.13 1.56
C ALA A 9 -14.17 -3.18 1.86
N VAL A 10 -13.38 -2.94 2.90
CA VAL A 10 -12.33 -3.87 3.29
C VAL A 10 -12.92 -5.25 3.59
N ARG A 11 -14.08 -5.26 4.25
CA ARG A 11 -14.75 -6.51 4.58
C ARG A 11 -15.06 -7.29 3.31
N SER A 12 -15.43 -6.58 2.26
CA SER A 12 -15.74 -7.20 0.98
C SER A 12 -14.45 -7.63 0.27
N ALA A 13 -13.92 -6.74 -0.56
CA ALA A 13 -12.68 -7.02 -1.29
C ALA A 13 -12.28 -5.85 -2.19
N THR A 14 -12.54 -4.63 -1.73
CA THR A 14 -12.19 -3.45 -2.51
C THR A 14 -12.43 -2.16 -1.72
N CYS A 15 -11.36 -1.61 -1.15
CA CYS A 15 -11.44 -0.37 -0.40
C CYS A 15 -10.53 0.69 -1.03
N SER A 16 -10.00 1.60 -0.21
CA SER A 16 -9.10 2.65 -0.69
C SER A 16 -9.72 3.43 -1.84
N PHE A 17 -8.87 4.08 -2.63
CA PHE A 17 -9.31 4.88 -3.76
C PHE A 17 -8.19 5.06 -4.78
N SER A 18 -8.37 5.99 -5.71
CA SER A 18 -7.36 6.26 -6.73
C SER A 18 -6.00 6.50 -6.10
N VAL A 19 -4.94 6.23 -6.86
CA VAL A 19 -3.57 6.40 -6.36
C VAL A 19 -2.64 6.88 -7.48
N LYS A 20 -1.35 6.95 -7.15
CA LYS A 20 -0.35 7.38 -8.11
C LYS A 20 0.94 6.56 -7.94
N TYR A 21 0.84 5.26 -8.19
CA TYR A 21 1.99 4.38 -8.06
C TYR A 21 3.12 4.84 -8.98
N LEU A 22 4.13 5.47 -8.37
CA LEU A 22 5.26 6.00 -9.13
C LEU A 22 6.11 4.88 -9.72
N GLY A 23 6.19 3.75 -9.02
CA GLY A 23 6.98 2.63 -9.51
C GLY A 23 7.60 1.83 -8.38
N CYS A 24 8.53 0.95 -8.73
CA CYS A 24 9.20 0.12 -7.74
C CYS A 24 10.69 0.45 -7.66
N VAL A 25 11.17 0.70 -6.44
CA VAL A 25 12.57 1.03 -6.22
C VAL A 25 13.24 0.01 -5.31
N GLU A 26 14.51 -0.28 -5.57
CA GLU A 26 15.25 -1.25 -4.78
C GLU A 26 15.65 -0.66 -3.43
N VAL A 27 15.59 -1.48 -2.39
CA VAL A 27 15.95 -1.05 -1.04
C VAL A 27 16.76 -2.12 -0.31
N PHE A 28 17.55 -1.69 0.65
CA PHE A 28 18.37 -2.62 1.43
C PHE A 28 18.04 -2.54 2.91
N GLU A 29 16.79 -2.84 3.26
CA GLU A 29 16.34 -2.80 4.64
C GLU A 29 15.19 -3.77 4.88
N SER A 30 13.99 -3.40 4.44
CA SER A 30 12.80 -4.23 4.62
C SER A 30 12.49 -4.41 6.11
N ARG A 31 12.86 -3.41 6.90
CA ARG A 31 12.62 -3.45 8.34
C ARG A 31 12.45 -2.03 8.89
N GLY A 32 11.22 -1.68 9.24
CA GLY A 32 10.95 -0.35 9.77
C GLY A 32 9.95 0.41 8.92
N MET A 33 9.14 1.24 9.56
CA MET A 33 8.13 2.02 8.85
C MET A 33 8.76 3.23 8.17
N GLN A 34 9.90 3.66 8.68
CA GLN A 34 10.61 4.81 8.13
C GLN A 34 11.20 4.48 6.76
N VAL A 35 11.38 3.19 6.49
CA VAL A 35 11.93 2.76 5.21
C VAL A 35 11.07 3.22 4.04
N CYS A 36 9.75 3.17 4.23
CA CYS A 36 8.81 3.59 3.20
C CYS A 36 8.84 5.10 3.01
N GLU A 37 9.00 5.82 4.12
CA GLU A 37 9.06 7.27 4.08
C GLU A 37 10.28 7.77 3.31
N GLU A 38 11.18 6.84 2.97
CA GLU A 38 12.39 7.19 2.23
C GLU A 38 12.23 6.87 0.75
N ALA A 39 11.90 5.62 0.45
CA ALA A 39 11.73 5.17 -0.93
C ALA A 39 10.67 6.01 -1.64
N LEU A 40 9.67 6.46 -0.89
CA LEU A 40 8.59 7.29 -1.45
C LEU A 40 9.15 8.55 -2.08
N LYS A 41 10.05 9.22 -1.36
CA LYS A 41 10.65 10.45 -1.85
C LYS A 41 11.56 10.16 -3.05
N VAL A 42 12.17 8.98 -3.05
CA VAL A 42 13.05 8.58 -4.14
C VAL A 42 12.32 8.60 -5.47
N LEU A 43 11.15 7.96 -5.50
CA LEU A 43 10.34 7.91 -6.72
C LEU A 43 9.87 9.30 -7.11
N ARG A 44 9.83 10.20 -6.12
CA ARG A 44 9.40 11.57 -6.35
C ARG A 44 10.55 12.41 -6.92
N GLN A 45 11.77 12.03 -6.57
CA GLN A 45 12.95 12.73 -7.04
C GLN A 45 13.56 12.04 -8.26
N SER A 46 12.97 10.92 -8.65
CA SER A 46 13.45 10.16 -9.80
C SER A 46 12.50 10.31 -10.98
N ARG A 47 12.83 9.61 -12.08
CA ARG A 47 12.01 9.67 -13.28
C ARG A 47 10.89 8.64 -13.24
N ARG A 48 10.62 8.12 -12.05
CA ARG A 48 9.56 7.12 -11.89
C ARG A 48 8.20 7.73 -12.13
N ARG A 49 7.66 7.50 -13.33
CA ARG A 49 6.35 8.04 -13.69
C ARG A 49 5.23 7.28 -12.98
N PRO A 50 4.23 8.01 -12.44
CA PRO A 50 3.10 7.40 -11.73
C PRO A 50 2.07 6.80 -12.69
N VAL A 51 1.23 5.92 -12.15
CA VAL A 51 0.18 5.28 -12.95
C VAL A 51 -1.18 5.51 -12.32
N ARG A 52 -1.99 6.34 -12.97
CA ARG A 52 -3.33 6.65 -12.48
C ARG A 52 -4.20 5.40 -12.45
N GLY A 53 -4.29 4.76 -11.28
CA GLY A 53 -5.09 3.56 -11.15
C GLY A 53 -5.86 3.52 -9.85
N LEU A 54 -6.89 2.68 -9.80
CA LEU A 54 -7.71 2.55 -8.60
C LEU A 54 -7.15 1.50 -7.65
N LEU A 55 -7.00 1.87 -6.39
CA LEU A 55 -6.48 0.95 -5.38
C LEU A 55 -7.63 0.39 -4.53
N HIS A 56 -7.74 -0.93 -4.50
CA HIS A 56 -8.79 -1.60 -3.73
C HIS A 56 -8.20 -2.37 -2.56
N VAL A 57 -8.07 -1.70 -1.42
CA VAL A 57 -7.52 -2.33 -0.23
C VAL A 57 -8.48 -3.39 0.32
N SER A 58 -8.34 -4.62 -0.16
CA SER A 58 -9.17 -5.71 0.30
C SER A 58 -8.61 -6.31 1.57
N GLY A 59 -9.48 -6.87 2.41
CA GLY A 59 -9.03 -7.46 3.66
C GLY A 59 -8.50 -8.87 3.46
N ASP A 60 -7.87 -9.11 2.32
CA ASP A 60 -7.31 -10.42 2.01
C ASP A 60 -6.32 -10.33 0.86
N GLY A 61 -5.81 -9.12 0.61
CA GLY A 61 -4.86 -8.92 -0.46
C GLY A 61 -5.19 -7.70 -1.32
N LEU A 62 -4.35 -6.68 -1.24
CA LEU A 62 -4.56 -5.45 -2.00
C LEU A 62 -4.45 -5.71 -3.50
N ARG A 63 -5.12 -4.87 -4.29
CA ARG A 63 -5.10 -5.01 -5.74
C ARG A 63 -5.31 -3.64 -6.41
N VAL A 64 -4.37 -3.27 -7.28
CA VAL A 64 -4.44 -1.98 -7.97
C VAL A 64 -4.69 -2.16 -9.46
N VAL A 65 -5.85 -1.73 -9.92
CA VAL A 65 -6.21 -1.81 -11.33
C VAL A 65 -6.16 -0.43 -11.98
N ASP A 66 -5.28 -0.27 -12.95
CA ASP A 66 -5.14 1.01 -13.66
C ASP A 66 -6.49 1.48 -14.18
N ASP A 67 -6.61 2.78 -14.43
CA ASP A 67 -7.85 3.35 -14.93
C ASP A 67 -7.73 3.77 -16.39
N GLU A 68 -6.56 3.54 -16.96
CA GLU A 68 -6.30 3.87 -18.36
C GLU A 68 -5.98 2.60 -19.14
N THR A 69 -5.58 1.57 -18.42
CA THR A 69 -5.25 0.27 -19.02
C THR A 69 -6.10 -0.83 -18.39
N LYS A 70 -6.55 -0.58 -17.16
CA LYS A 70 -7.37 -1.54 -16.44
C LYS A 70 -6.68 -2.89 -16.35
N GLY A 71 -5.35 -2.87 -16.40
CA GLY A 71 -4.59 -4.10 -16.33
C GLY A 71 -4.26 -4.49 -14.90
N LEU A 72 -2.97 -4.38 -14.54
CA LEU A 72 -2.53 -4.72 -13.20
C LEU A 72 -1.19 -4.06 -12.88
N ILE A 73 -1.11 -3.43 -11.71
CA ILE A 73 0.12 -2.77 -11.28
C ILE A 73 0.72 -3.46 -10.07
N VAL A 74 -0.11 -3.72 -9.06
CA VAL A 74 0.34 -4.37 -7.84
C VAL A 74 -0.65 -5.43 -7.38
N ASP A 75 -0.24 -6.69 -7.45
CA ASP A 75 -1.09 -7.80 -7.03
C ASP A 75 -0.47 -8.56 -5.87
N GLN A 76 -0.36 -7.89 -4.72
CA GLN A 76 0.23 -8.49 -3.53
C GLN A 76 -0.82 -8.68 -2.44
N THR A 77 -0.38 -9.07 -1.25
CA THR A 77 -1.28 -9.29 -0.13
C THR A 77 -0.84 -8.46 1.08
N ILE A 78 -1.78 -8.21 1.99
CA ILE A 78 -1.50 -7.43 3.19
C ILE A 78 -0.52 -8.18 4.10
N GLU A 79 -0.79 -9.45 4.34
CA GLU A 79 0.07 -10.27 5.19
C GLU A 79 1.35 -10.64 4.46
N LYS A 80 1.30 -10.60 3.13
CA LYS A 80 2.46 -10.92 2.30
C LYS A 80 3.58 -9.93 2.55
N VAL A 81 3.28 -8.65 2.45
CA VAL A 81 4.28 -7.61 2.68
C VAL A 81 4.69 -7.57 4.13
N SER A 82 5.98 -7.31 4.36
CA SER A 82 6.53 -7.26 5.71
C SER A 82 5.62 -6.47 6.64
N PHE A 83 5.52 -5.16 6.40
CA PHE A 83 4.68 -4.29 7.22
C PHE A 83 4.46 -2.94 6.53
N CYS A 84 3.19 -2.59 6.35
CA CYS A 84 2.84 -1.32 5.71
C CYS A 84 3.33 -0.14 6.55
N ALA A 85 3.45 1.01 5.91
CA ALA A 85 3.92 2.21 6.60
C ALA A 85 3.48 3.48 5.87
N PRO A 86 2.98 4.49 6.62
CA PRO A 86 2.54 5.76 6.05
C PRO A 86 3.71 6.69 5.75
N ASP A 87 3.51 7.98 5.98
CA ASP A 87 4.56 8.98 5.75
C ASP A 87 5.05 9.57 7.06
N ARG A 88 5.55 10.80 7.00
CA ARG A 88 6.06 11.47 8.19
C ARG A 88 4.92 11.93 9.08
N ASN A 89 3.82 12.35 8.47
CA ASN A 89 2.66 12.83 9.23
C ASN A 89 1.39 12.72 8.40
N HIS A 90 1.38 13.39 7.26
CA HIS A 90 0.21 13.40 6.39
C HIS A 90 0.55 13.97 5.02
N GLU A 91 1.74 13.63 4.53
CA GLU A 91 2.19 14.08 3.22
C GLU A 91 1.45 13.34 2.11
N ARG A 92 0.40 12.60 2.50
CA ARG A 92 -0.40 11.83 1.55
C ARG A 92 0.48 10.84 0.78
N GLY A 93 1.59 10.44 1.38
CA GLY A 93 2.48 9.50 0.74
C GLY A 93 2.65 8.22 1.52
N PHE A 94 2.14 7.11 0.98
CA PHE A 94 2.24 5.82 1.64
C PHE A 94 3.01 4.83 0.78
N SER A 95 3.67 3.87 1.43
CA SER A 95 4.44 2.86 0.72
C SER A 95 4.67 1.63 1.61
N TYR A 96 5.18 0.57 1.00
CA TYR A 96 5.45 -0.67 1.74
C TYR A 96 6.67 -1.39 1.18
N ILE A 97 7.20 -2.34 1.95
CA ILE A 97 8.36 -3.11 1.54
C ILE A 97 8.04 -4.60 1.44
N CYS A 98 8.43 -5.22 0.33
CA CYS A 98 8.18 -6.63 0.12
C CYS A 98 9.47 -7.44 0.17
N ARG A 99 9.34 -8.72 0.53
CA ARG A 99 10.50 -9.60 0.62
C ARG A 99 10.36 -10.78 -0.35
N ASP A 100 10.94 -10.62 -1.53
CA ASP A 100 10.91 -11.65 -2.57
C ASP A 100 9.50 -12.18 -2.79
N GLY A 101 8.51 -11.33 -2.55
CA GLY A 101 7.13 -11.73 -2.76
C GLY A 101 6.84 -11.99 -4.22
N THR A 102 7.77 -11.55 -5.07
CA THR A 102 7.65 -11.72 -6.52
C THR A 102 8.81 -11.02 -7.21
N THR A 103 9.84 -10.69 -6.43
CA THR A 103 11.01 -9.99 -6.96
C THR A 103 12.29 -10.76 -6.65
N ARG A 104 12.17 -11.77 -5.78
CA ARG A 104 13.32 -12.59 -5.39
C ARG A 104 14.39 -11.73 -4.73
N ARG A 105 13.96 -10.67 -4.05
CA ARG A 105 14.88 -9.77 -3.36
C ARG A 105 14.11 -8.71 -2.59
N TRP A 106 14.81 -7.68 -2.12
CA TRP A 106 14.18 -6.62 -1.36
C TRP A 106 13.80 -5.45 -2.25
N MET A 107 12.53 -5.07 -2.18
CA MET A 107 12.02 -3.96 -2.99
C MET A 107 11.01 -3.13 -2.19
N CYS A 108 10.76 -1.90 -2.64
CA CYS A 108 9.82 -1.03 -1.95
C CYS A 108 8.99 -0.23 -2.95
N HIS A 109 7.68 -0.47 -2.95
CA HIS A 109 6.78 0.23 -3.85
C HIS A 109 6.21 1.48 -3.19
N GLY A 110 6.22 2.59 -3.93
CA GLY A 110 5.71 3.84 -3.41
C GLY A 110 4.52 4.35 -4.19
N PHE A 111 3.57 4.96 -3.48
CA PHE A 111 2.37 5.49 -4.12
C PHE A 111 1.83 6.69 -3.35
N LEU A 112 1.11 7.56 -4.06
CA LEU A 112 0.54 8.76 -3.46
C LEU A 112 -0.96 8.83 -3.75
N ALA A 113 -1.74 9.16 -2.73
CA ALA A 113 -3.19 9.25 -2.88
C ALA A 113 -3.56 10.31 -3.93
N CYS A 114 -4.22 9.86 -5.00
CA CYS A 114 -4.63 10.76 -6.07
C CYS A 114 -5.69 11.75 -5.57
N LYS A 115 -6.28 11.43 -4.41
CA LYS A 115 -7.30 12.29 -3.83
C LYS A 115 -6.68 13.33 -2.92
N ASP A 116 -5.50 13.01 -2.37
CA ASP A 116 -4.78 13.92 -1.49
C ASP A 116 -5.64 14.32 -0.28
N SER A 117 -5.58 13.51 0.76
CA SER A 117 -6.35 13.76 1.98
C SER A 117 -5.80 12.97 3.15
N GLY A 118 -5.23 11.80 2.86
CA GLY A 118 -4.67 10.97 3.91
C GLY A 118 -5.74 10.36 4.79
N GLU A 119 -6.96 10.31 4.28
CA GLU A 119 -8.08 9.75 5.03
C GLU A 119 -8.96 8.86 4.13
N ARG A 120 -8.55 8.73 2.88
CA ARG A 120 -9.29 7.90 1.93
C ARG A 120 -8.57 6.59 1.65
N LEU A 121 -7.30 6.53 2.05
CA LEU A 121 -6.49 5.34 1.83
C LEU A 121 -5.71 4.97 3.09
N SER A 122 -5.19 5.99 3.78
CA SER A 122 -4.41 5.78 4.98
C SER A 122 -5.24 5.07 6.05
N HIS A 123 -6.35 5.69 6.45
CA HIS A 123 -7.22 5.11 7.45
C HIS A 123 -7.93 3.87 6.90
N ALA A 124 -7.94 3.74 5.58
CA ALA A 124 -8.58 2.59 4.93
C ALA A 124 -7.75 1.33 5.11
N VAL A 125 -6.43 1.48 4.97
CA VAL A 125 -5.51 0.36 5.13
C VAL A 125 -5.38 -0.02 6.59
N GLY A 126 -5.53 0.96 7.48
CA GLY A 126 -5.44 0.71 8.90
C GLY A 126 -6.54 -0.21 9.39
N CYS A 127 -7.49 -0.52 8.51
CA CYS A 127 -8.59 -1.40 8.86
C CYS A 127 -8.46 -2.74 8.16
N ALA A 128 -7.65 -2.76 7.09
CA ALA A 128 -7.44 -3.98 6.33
C ALA A 128 -6.86 -5.09 7.21
N PHE A 129 -5.68 -4.84 7.77
CA PHE A 129 -5.03 -5.82 8.63
C PHE A 129 -5.85 -6.05 9.89
N ALA A 130 -6.53 -5.01 10.35
CA ALA A 130 -7.37 -5.09 11.55
C ALA A 130 -8.43 -6.18 11.40
N VAL A 131 -8.66 -6.61 10.17
CA VAL A 131 -9.65 -7.63 9.88
C VAL A 131 -8.99 -8.96 9.56
N CYS A 132 -7.78 -8.89 8.99
CA CYS A 132 -7.04 -10.09 8.65
C CYS A 132 -6.52 -10.79 9.90
N LEU A 133 -6.66 -10.12 11.05
CA LEU A 133 -6.21 -10.68 12.32
C LEU A 133 -7.25 -11.63 12.89
N GLU A 134 -7.30 -12.84 12.35
CA GLU A 134 -8.24 -13.85 12.81
C GLU A 134 -7.65 -14.69 13.94
N ARG A 135 -6.74 -15.58 13.58
CA ARG A 135 -6.09 -16.44 14.56
C ARG A 135 -4.78 -15.83 15.05
N GLY B 1 1.13 5.14 11.70
CA GLY B 1 1.77 3.83 11.43
C GLY B 1 0.85 2.66 11.68
N PHE B 2 0.70 1.80 10.68
CA PHE B 2 -0.17 0.62 10.81
C PHE B 2 0.65 -0.64 11.00
N SER B 3 1.41 -1.02 9.96
CA SER B 3 2.23 -2.21 9.99
C SER B 3 1.43 -3.43 10.43
N ASN B 4 0.93 -4.18 9.45
CA ASN B 4 0.13 -5.38 9.73
C ASN B 4 0.84 -6.31 10.69
N MET B 5 0.06 -7.00 11.54
CA MET B 5 0.62 -7.93 12.50
C MET B 5 0.21 -9.36 12.17
N SER B 6 -0.49 -9.53 11.05
CA SER B 6 -0.95 -10.85 10.62
C SER B 6 0.05 -11.48 9.65
N PHE B 7 1.28 -10.97 9.66
CA PHE B 7 2.33 -11.48 8.79
C PHE B 7 2.64 -12.95 9.09
N GLU B 8 3.10 -13.68 8.08
CA GLU B 8 3.45 -15.08 8.24
C GLU B 8 4.88 -15.24 8.77
N ASP B 9 5.46 -14.12 9.22
CA ASP B 9 6.82 -14.12 9.74
C ASP B 9 7.81 -14.66 8.71
N PHE B 10 8.20 -13.80 7.78
CA PHE B 10 9.15 -14.17 6.73
C PHE B 10 10.59 -13.90 7.16
N PRO B 11 10.89 -12.68 7.64
CA PRO B 11 12.25 -12.33 8.09
C PRO B 11 12.78 -13.27 9.16
#